data_7BQQ
#
_entry.id   7BQQ
#
_entity_poly.entity_id   1
_entity_poly.type   'polypeptide(L)'
_entity_poly.pdbx_seq_one_letter_code
;GDERKLEEVTEEMRKMAENMDGQDPEKVKEIVRRALQQMANDNPEVSEQLRELAKRKGTSPSEVIKDLAEQVWRAMERAR
EGDKDTARELIRKFADDLGISPEQVKKFIKIMREVQRKEDGSLEHHHHHH
;
_entity_poly.pdbx_strand_id   A
#
# COMPACT_ATOMS: atom_id res chain seq x y z
N GLY A 1 14.40 15.71 9.50
CA GLY A 1 13.63 14.83 10.40
C GLY A 1 13.51 13.42 9.83
N ASP A 2 12.54 13.21 8.92
CA ASP A 2 12.23 11.90 8.31
C ASP A 2 11.78 11.97 6.83
N GLU A 3 11.74 13.16 6.25
CA GLU A 3 11.30 13.40 4.84
C GLU A 3 12.16 12.63 3.85
N ARG A 4 13.47 12.62 4.15
CA ARG A 4 14.52 11.91 3.41
C ARG A 4 14.34 10.39 3.43
N LYS A 5 13.89 9.84 4.57
CA LYS A 5 13.56 8.41 4.74
C LYS A 5 12.24 8.05 4.06
N LEU A 6 11.27 8.96 4.09
CA LEU A 6 9.99 8.82 3.36
C LEU A 6 10.21 8.81 1.84
N GLU A 7 11.25 9.50 1.35
CA GLU A 7 11.60 9.44 -0.07
C GLU A 7 11.93 8.01 -0.54
N GLU A 8 12.54 7.19 0.31
CA GLU A 8 12.89 5.79 0.01
C GLU A 8 11.67 4.88 -0.21
N VAL A 9 10.62 5.03 0.61
CA VAL A 9 9.35 4.31 0.40
C VAL A 9 8.62 4.86 -0.83
N THR A 10 8.70 6.16 -1.08
CA THR A 10 8.06 6.78 -2.25
C THR A 10 8.66 6.28 -3.58
N GLU A 11 9.95 5.91 -3.61
CA GLU A 11 10.52 5.21 -4.78
C GLU A 11 9.74 3.94 -5.14
N GLU A 12 9.27 3.16 -4.16
CA GLU A 12 8.46 1.98 -4.46
C GLU A 12 7.11 2.34 -5.09
N MET A 13 6.49 3.47 -4.74
CA MET A 13 5.23 3.89 -5.35
C MET A 13 5.40 4.23 -6.83
N ARG A 14 6.58 4.74 -7.22
CA ARG A 14 6.95 4.97 -8.63
C ARG A 14 7.12 3.64 -9.37
N LYS A 15 7.89 2.72 -8.78
CA LYS A 15 8.17 1.38 -9.32
C LYS A 15 6.90 0.54 -9.48
N MET A 16 6.00 0.56 -8.49
CA MET A 16 4.80 -0.27 -8.50
C MET A 16 3.78 0.24 -9.52
N ALA A 17 3.62 1.56 -9.63
CA ALA A 17 2.64 2.16 -10.53
C ALA A 17 2.95 1.89 -12.01
N GLU A 18 4.22 1.92 -12.44
CA GLU A 18 4.61 1.48 -13.79
C GLU A 18 4.55 -0.05 -13.98
N ASN A 19 4.72 -0.83 -12.91
CA ASN A 19 4.53 -2.29 -12.92
C ASN A 19 3.06 -2.69 -13.16
N MET A 20 2.11 -1.85 -12.72
CA MET A 20 0.67 -2.09 -12.85
C MET A 20 -0.03 -1.22 -13.91
N ASP A 21 0.73 -0.42 -14.68
CA ASP A 21 0.19 0.46 -15.72
C ASP A 21 -0.61 -0.30 -16.79
N GLY A 22 -1.73 0.28 -17.23
CA GLY A 22 -2.66 -0.28 -18.21
C GLY A 22 -3.83 -1.10 -17.63
N GLN A 23 -3.87 -1.35 -16.32
CA GLN A 23 -5.04 -1.93 -15.64
C GLN A 23 -6.10 -0.86 -15.28
N ASP A 24 -7.27 -1.31 -14.81
CA ASP A 24 -8.34 -0.42 -14.36
C ASP A 24 -8.02 0.20 -12.98
N PRO A 25 -8.15 1.52 -12.80
CA PRO A 25 -7.72 2.22 -11.58
C PRO A 25 -8.52 1.81 -10.33
N GLU A 26 -9.76 1.37 -10.51
CA GLU A 26 -10.61 0.91 -9.39
C GLU A 26 -10.15 -0.46 -8.86
N LYS A 27 -9.58 -1.30 -9.74
CA LYS A 27 -9.03 -2.62 -9.37
C LYS A 27 -7.78 -2.47 -8.51
N VAL A 28 -6.96 -1.45 -8.79
CA VAL A 28 -5.78 -1.13 -7.97
C VAL A 28 -6.18 -0.95 -6.51
N LYS A 29 -7.28 -0.24 -6.24
CA LYS A 29 -7.80 -0.06 -4.88
C LYS A 29 -8.13 -1.39 -4.21
N GLU A 30 -8.75 -2.32 -4.94
CA GLU A 30 -9.15 -3.65 -4.44
C GLU A 30 -7.94 -4.58 -4.21
N ILE A 31 -6.87 -4.41 -4.98
CA ILE A 31 -5.60 -5.14 -4.80
C ILE A 31 -4.82 -4.57 -3.61
N VAL A 32 -4.77 -3.24 -3.47
CA VAL A 32 -4.15 -2.55 -2.32
C VAL A 32 -4.90 -2.88 -1.03
N ARG A 33 -6.25 -2.96 -1.07
CA ARG A 33 -7.09 -3.26 0.09
C ARG A 33 -6.62 -4.52 0.81
N ARG A 34 -6.45 -5.62 0.08
CA ARG A 34 -5.98 -6.91 0.64
C ARG A 34 -4.47 -6.94 0.91
N ALA A 35 -3.69 -6.20 0.14
CA ALA A 35 -2.24 -6.05 0.35
C ALA A 35 -1.89 -5.28 1.64
N LEU A 36 -2.58 -4.18 1.94
CA LEU A 36 -2.36 -3.40 3.18
C LEU A 36 -2.90 -4.15 4.41
N GLN A 37 -4.00 -4.89 4.20
CA GLN A 37 -4.69 -5.76 5.15
C GLN A 37 -3.86 -6.98 5.56
N GLN A 38 -3.00 -7.50 4.68
CA GLN A 38 -2.14 -8.66 4.96
C GLN A 38 -1.18 -8.35 6.12
N MET A 39 -0.65 -7.13 6.21
CA MET A 39 0.17 -6.70 7.34
C MET A 39 -0.52 -6.86 8.70
N ALA A 40 -1.84 -6.64 8.79
CA ALA A 40 -2.62 -6.89 10.01
C ALA A 40 -2.90 -8.39 10.26
N ASN A 41 -2.99 -9.18 9.19
CA ASN A 41 -3.11 -10.64 9.30
C ASN A 41 -1.78 -11.28 9.75
N ASP A 42 -0.65 -10.69 9.36
CA ASP A 42 0.71 -11.10 9.73
C ASP A 42 1.18 -10.55 11.10
N ASN A 43 0.74 -9.34 11.49
CA ASN A 43 1.20 -8.64 12.70
C ASN A 43 0.03 -8.02 13.50
N PRO A 44 -0.07 -8.29 14.82
CA PRO A 44 -1.14 -7.76 15.67
C PRO A 44 -1.02 -6.24 15.90
N GLU A 45 0.19 -5.67 15.82
CA GLU A 45 0.43 -4.23 16.03
C GLU A 45 -0.18 -3.34 14.94
N VAL A 46 -0.36 -3.86 13.72
CA VAL A 46 -1.09 -3.19 12.62
C VAL A 46 -2.59 -3.36 12.84
N SER A 47 -3.03 -4.60 13.12
CA SER A 47 -4.44 -4.94 13.37
C SER A 47 -5.06 -4.20 14.55
N GLU A 48 -4.31 -3.93 15.62
CA GLU A 48 -4.82 -3.11 16.74
C GLU A 48 -4.99 -1.64 16.33
N GLN A 49 -4.22 -1.15 15.36
CA GLN A 49 -4.44 0.19 14.79
C GLN A 49 -5.66 0.22 13.86
N LEU A 50 -5.90 -0.84 13.07
CA LEU A 50 -7.16 -0.98 12.31
C LEU A 50 -8.40 -0.83 13.23
N ARG A 51 -8.35 -1.46 14.41
CA ARG A 51 -9.38 -1.31 15.45
C ARG A 51 -9.51 0.12 15.97
N GLU A 52 -8.41 0.84 16.20
CA GLU A 52 -8.48 2.25 16.66
C GLU A 52 -9.19 3.15 15.63
N LEU A 53 -8.86 3.03 14.34
CA LEU A 53 -9.49 3.83 13.29
C LEU A 53 -10.99 3.50 13.16
N ALA A 54 -11.32 2.21 13.15
CA ALA A 54 -12.69 1.74 13.07
C ALA A 54 -13.55 2.15 14.28
N LYS A 55 -12.99 2.08 15.50
CA LYS A 55 -13.66 2.55 16.74
C LYS A 55 -13.84 4.06 16.81
N ARG A 56 -12.91 4.85 16.23
CA ARG A 56 -13.07 6.31 16.08
C ARG A 56 -14.17 6.69 15.07
N LYS A 57 -14.37 5.86 14.03
CA LYS A 57 -15.36 6.04 12.96
C LYS A 57 -16.73 5.38 13.22
N GLY A 58 -16.81 4.47 14.18
CA GLY A 58 -18.03 3.72 14.54
C GLY A 58 -18.33 2.54 13.59
N THR A 59 -17.29 1.91 13.05
CA THR A 59 -17.35 0.83 12.03
C THR A 59 -16.47 -0.38 12.41
N SER A 60 -16.26 -1.32 11.49
CA SER A 60 -15.42 -2.52 11.62
C SER A 60 -13.99 -2.31 11.09
N PRO A 61 -12.96 -3.00 11.62
CA PRO A 61 -11.56 -2.87 11.18
C PRO A 61 -11.32 -3.30 9.72
N SER A 62 -12.18 -4.14 9.16
CA SER A 62 -12.22 -4.49 7.73
C SER A 62 -12.71 -3.35 6.83
N GLU A 63 -13.59 -2.50 7.34
CA GLU A 63 -14.23 -1.41 6.58
C GLU A 63 -13.34 -0.18 6.36
N VAL A 64 -12.50 0.20 7.34
CA VAL A 64 -11.51 1.28 7.17
C VAL A 64 -10.46 0.99 6.10
N ILE A 65 -10.26 -0.28 5.71
CA ILE A 65 -9.30 -0.69 4.68
C ILE A 65 -9.63 -0.08 3.31
N LYS A 66 -10.92 0.06 2.97
CA LYS A 66 -11.38 0.72 1.73
C LYS A 66 -10.84 2.15 1.63
N ASP A 67 -10.83 2.88 2.75
CA ASP A 67 -10.31 4.25 2.85
C ASP A 67 -8.78 4.30 2.85
N LEU A 68 -8.11 3.37 3.55
CA LEU A 68 -6.65 3.23 3.61
C LEU A 68 -6.04 2.91 2.24
N ALA A 69 -6.73 2.09 1.44
CA ALA A 69 -6.28 1.66 0.12
C ALA A 69 -6.33 2.76 -0.95
N GLU A 70 -7.31 3.65 -0.86
CA GLU A 70 -7.36 4.87 -1.69
C GLU A 70 -6.08 5.70 -1.49
N GLN A 71 -5.59 5.84 -0.25
CA GLN A 71 -4.49 6.78 0.05
C GLN A 71 -3.19 6.34 -0.62
N VAL A 72 -2.95 5.03 -0.61
CA VAL A 72 -1.82 4.39 -1.28
C VAL A 72 -1.95 4.47 -2.81
N TRP A 73 -3.13 4.17 -3.36
CA TRP A 73 -3.33 4.24 -4.80
C TRP A 73 -3.12 5.65 -5.34
N ARG A 74 -3.66 6.67 -4.67
CA ARG A 74 -3.39 8.07 -5.01
C ARG A 74 -1.90 8.44 -4.94
N ALA A 75 -1.12 7.84 -4.04
CA ALA A 75 0.34 8.00 -4.03
C ALA A 75 1.01 7.34 -5.25
N MET A 76 0.54 6.17 -5.70
CA MET A 76 1.07 5.47 -6.88
C MET A 76 0.78 6.23 -8.18
N GLU A 77 -0.47 6.65 -8.43
CA GLU A 77 -0.80 7.38 -9.67
C GLU A 77 -0.11 8.76 -9.74
N ARG A 78 0.03 9.46 -8.62
CA ARG A 78 0.85 10.68 -8.53
C ARG A 78 2.33 10.42 -8.81
N ALA A 79 2.88 9.35 -8.24
CA ALA A 79 4.25 8.92 -8.51
C ALA A 79 4.46 8.52 -9.98
N ARG A 80 3.40 8.04 -10.67
CA ARG A 80 3.45 7.69 -12.10
C ARG A 80 3.43 8.93 -12.98
N GLU A 81 2.72 9.97 -12.54
CA GLU A 81 2.67 11.28 -13.20
C GLU A 81 3.96 12.11 -12.95
N GLY A 82 4.85 11.63 -12.08
CA GLY A 82 6.16 12.22 -11.77
C GLY A 82 6.15 13.12 -10.54
N ASP A 83 5.07 13.06 -9.74
CA ASP A 83 4.85 13.91 -8.58
C ASP A 83 5.21 13.17 -7.29
N LYS A 84 6.53 13.02 -7.08
CA LYS A 84 7.10 12.29 -5.93
C LYS A 84 6.83 13.00 -4.61
N ASP A 85 6.67 14.33 -4.64
CA ASP A 85 6.37 15.11 -3.44
C ASP A 85 4.93 14.93 -2.95
N THR A 86 3.90 15.02 -3.81
CA THR A 86 2.53 14.68 -3.37
C THR A 86 2.40 13.20 -3.05
N ALA A 87 3.11 12.31 -3.75
CA ALA A 87 3.15 10.90 -3.38
C ALA A 87 3.70 10.69 -1.96
N ARG A 88 4.81 11.36 -1.59
CA ARG A 88 5.33 11.39 -0.21
C ARG A 88 4.31 11.91 0.80
N GLU A 89 3.65 13.03 0.51
CA GLU A 89 2.62 13.59 1.40
C GLU A 89 1.39 12.68 1.53
N LEU A 90 1.06 11.90 0.49
CA LEU A 90 -0.02 10.92 0.51
C LEU A 90 0.34 9.64 1.30
N ILE A 91 1.58 9.15 1.25
CA ILE A 91 2.04 8.05 2.11
C ILE A 91 2.14 8.50 3.57
N ARG A 92 2.51 9.75 3.86
CA ARG A 92 2.61 10.26 5.24
C ARG A 92 1.33 9.97 6.02
N LYS A 93 0.16 10.11 5.37
CA LYS A 93 -1.17 9.89 5.95
C LYS A 93 -1.44 8.40 6.17
N PHE A 94 -1.01 7.56 5.23
CA PHE A 94 -1.23 6.10 5.25
C PHE A 94 -0.35 5.40 6.29
N ALA A 95 0.96 5.64 6.27
CA ALA A 95 1.86 5.08 7.28
C ALA A 95 1.53 5.59 8.70
N ASP A 96 1.08 6.84 8.83
CA ASP A 96 0.65 7.42 10.11
C ASP A 96 -0.68 6.82 10.61
N ASP A 97 -1.63 6.55 9.72
CA ASP A 97 -2.91 5.95 10.05
C ASP A 97 -2.74 4.56 10.68
N LEU A 98 -1.85 3.72 10.14
CA LEU A 98 -1.53 2.38 10.64
C LEU A 98 -0.42 2.38 11.69
N GLY A 99 0.21 3.52 11.96
CA GLY A 99 1.28 3.68 12.95
C GLY A 99 2.56 2.89 12.60
N ILE A 100 2.85 2.74 11.30
CA ILE A 100 3.93 1.90 10.75
C ILE A 100 5.10 2.74 10.22
N SER A 101 6.26 2.08 10.06
CA SER A 101 7.50 2.70 9.58
C SER A 101 7.60 2.69 8.05
N PRO A 102 8.31 3.64 7.39
CA PRO A 102 8.44 3.66 5.93
C PRO A 102 9.06 2.36 5.36
N GLU A 103 9.98 1.72 6.06
CA GLU A 103 10.51 0.38 5.69
C GLU A 103 9.46 -0.74 5.78
N GLN A 104 8.44 -0.60 6.62
CA GLN A 104 7.31 -1.53 6.72
C GLN A 104 6.35 -1.35 5.53
N VAL A 105 6.15 -0.13 5.05
CA VAL A 105 5.44 0.15 3.78
C VAL A 105 6.24 -0.40 2.58
N LYS A 106 7.57 -0.24 2.62
CA LYS A 106 8.53 -0.82 1.65
C LYS A 106 8.43 -2.36 1.61
N LYS A 107 7.95 -2.99 2.69
CA LYS A 107 7.55 -4.42 2.78
C LYS A 107 6.16 -4.67 2.20
N PHE A 108 5.17 -3.81 2.49
CA PHE A 108 3.80 -3.91 1.96
C PHE A 108 3.73 -3.94 0.43
N ILE A 109 4.42 -3.03 -0.26
CA ILE A 109 4.48 -3.02 -1.74
C ILE A 109 4.93 -4.39 -2.30
N LYS A 110 5.77 -5.13 -1.58
CA LYS A 110 6.26 -6.47 -1.95
C LYS A 110 5.15 -7.54 -1.85
N ILE A 111 4.17 -7.33 -0.98
CA ILE A 111 2.93 -8.14 -0.94
C ILE A 111 2.01 -7.74 -2.09
N MET A 112 1.90 -6.44 -2.40
CA MET A 112 1.04 -5.93 -3.48
C MET A 112 1.37 -6.61 -4.82
N ARG A 113 2.64 -6.70 -5.20
CA ARG A 113 3.06 -7.41 -6.43
C ARG A 113 2.81 -8.92 -6.39
N GLU A 114 2.86 -9.54 -5.22
CA GLU A 114 2.60 -10.99 -5.04
C GLU A 114 1.11 -11.33 -5.15
N VAL A 115 0.22 -10.43 -4.72
CA VAL A 115 -1.25 -10.59 -4.87
C VAL A 115 -1.79 -10.08 -6.22
N GLN A 116 -1.13 -9.12 -6.88
CA GLN A 116 -1.47 -8.68 -8.25
C GLN A 116 -1.52 -9.85 -9.24
N ARG A 117 -0.47 -10.68 -9.27
CA ARG A 117 -0.33 -11.83 -10.19
C ARG A 117 -1.31 -12.97 -9.89
N LYS A 118 -1.76 -13.05 -8.63
CA LYS A 118 -2.65 -14.09 -8.09
C LYS A 118 -4.08 -14.01 -8.63
N GLU A 119 -4.48 -12.84 -9.17
CA GLU A 119 -5.72 -12.66 -9.93
C GLU A 119 -5.76 -13.55 -11.20
N ASP A 120 -4.60 -13.87 -11.77
CA ASP A 120 -4.44 -14.78 -12.92
C ASP A 120 -3.70 -16.09 -12.56
N GLY A 121 -3.09 -16.17 -11.38
CA GLY A 121 -2.18 -17.25 -10.96
C GLY A 121 -0.85 -17.27 -11.73
N SER A 122 -0.42 -16.12 -12.23
CA SER A 122 0.84 -15.95 -12.98
C SER A 122 2.06 -15.84 -12.05
N LEU A 123 3.27 -15.83 -12.61
CA LEU A 123 4.55 -15.64 -11.91
C LEU A 123 5.42 -14.60 -12.63
N GLU A 124 6.16 -13.80 -11.85
CA GLU A 124 7.05 -12.75 -12.38
C GLU A 124 8.33 -13.32 -13.02
N HIS A 125 8.85 -12.62 -14.04
CA HIS A 125 10.08 -12.98 -14.76
C HIS A 125 11.34 -12.60 -13.96
N HIS A 126 11.52 -13.26 -12.81
CA HIS A 126 12.59 -13.07 -11.82
C HIS A 126 13.97 -13.61 -12.26
N HIS A 127 14.24 -13.63 -13.57
CA HIS A 127 15.39 -14.28 -14.22
C HIS A 127 16.73 -13.55 -14.02
N HIS A 128 16.74 -12.40 -13.34
CA HIS A 128 17.93 -11.63 -12.98
C HIS A 128 18.81 -12.30 -11.91
N HIS A 129 18.28 -13.33 -11.22
CA HIS A 129 18.95 -14.06 -10.13
C HIS A 129 18.92 -15.58 -10.37
N HIS A 130 19.85 -16.31 -9.72
CA HIS A 130 20.05 -17.77 -9.81
C HIS A 130 20.17 -18.27 -11.27
N GLY A 1 14.16 14.11 10.89
CA GLY A 1 13.51 12.85 11.31
C GLY A 1 13.42 11.86 10.15
N ASP A 2 12.31 11.12 10.07
CA ASP A 2 12.07 10.06 9.06
C ASP A 2 11.76 10.56 7.64
N GLU A 3 11.77 11.88 7.43
CA GLU A 3 11.51 12.58 6.17
C GLU A 3 12.43 12.10 5.04
N ARG A 4 13.70 11.87 5.40
CA ARG A 4 14.76 11.37 4.53
C ARG A 4 14.55 9.89 4.14
N LYS A 5 14.05 9.07 5.08
CA LYS A 5 13.65 7.68 4.82
C LYS A 5 12.36 7.56 4.01
N LEU A 6 11.43 8.52 4.13
CA LEU A 6 10.20 8.54 3.34
C LEU A 6 10.48 8.61 1.83
N GLU A 7 11.58 9.25 1.43
CA GLU A 7 11.99 9.30 0.02
C GLU A 7 12.36 7.92 -0.57
N GLU A 8 12.84 7.00 0.27
CA GLU A 8 13.03 5.58 -0.09
C GLU A 8 11.70 4.86 -0.38
N VAL A 9 10.59 5.31 0.23
CA VAL A 9 9.26 4.70 0.05
C VAL A 9 8.68 5.08 -1.32
N THR A 10 8.82 6.35 -1.71
CA THR A 10 8.34 6.86 -2.99
C THR A 10 8.97 6.17 -4.18
N GLU A 11 10.21 5.68 -4.06
CA GLU A 11 10.79 4.82 -5.09
C GLU A 11 9.91 3.60 -5.38
N GLU A 12 9.35 2.94 -4.36
CA GLU A 12 8.47 1.81 -4.61
C GLU A 12 7.12 2.25 -5.20
N MET A 13 6.56 3.40 -4.81
CA MET A 13 5.32 3.90 -5.40
C MET A 13 5.47 4.24 -6.89
N ARG A 14 6.63 4.80 -7.29
CA ARG A 14 7.02 4.99 -8.69
C ARG A 14 7.11 3.65 -9.43
N LYS A 15 7.89 2.70 -8.90
CA LYS A 15 8.14 1.37 -9.48
C LYS A 15 6.87 0.54 -9.61
N MET A 16 5.97 0.61 -8.62
CA MET A 16 4.75 -0.20 -8.60
C MET A 16 3.74 0.32 -9.62
N ALA A 17 3.58 1.63 -9.74
CA ALA A 17 2.65 2.23 -10.70
C ALA A 17 3.01 1.91 -12.16
N GLU A 18 4.31 1.89 -12.52
CA GLU A 18 4.75 1.45 -13.85
C GLU A 18 4.69 -0.08 -14.05
N ASN A 19 4.81 -0.88 -12.98
CA ASN A 19 4.65 -2.34 -13.03
C ASN A 19 3.18 -2.76 -13.22
N MET A 20 2.24 -2.06 -12.58
CA MET A 20 0.81 -2.40 -12.59
C MET A 20 0.02 -1.73 -13.73
N ASP A 21 0.71 -0.96 -14.58
CA ASP A 21 0.12 -0.12 -15.63
C ASP A 21 -0.75 -0.92 -16.62
N GLY A 22 -1.91 -0.35 -16.99
CA GLY A 22 -2.90 -0.94 -17.88
C GLY A 22 -4.06 -1.65 -17.16
N GLN A 23 -3.99 -1.79 -15.83
CA GLN A 23 -5.12 -2.26 -15.01
C GLN A 23 -6.11 -1.13 -14.73
N ASP A 24 -7.36 -1.49 -14.42
CA ASP A 24 -8.42 -0.54 -14.10
C ASP A 24 -8.17 0.11 -12.73
N PRO A 25 -8.24 1.45 -12.59
CA PRO A 25 -7.85 2.16 -11.36
C PRO A 25 -8.72 1.78 -10.15
N GLU A 26 -9.97 1.37 -10.38
CA GLU A 26 -10.88 0.90 -9.32
C GLU A 26 -10.47 -0.47 -8.76
N LYS A 27 -9.78 -1.30 -9.57
CA LYS A 27 -9.22 -2.60 -9.18
C LYS A 27 -7.95 -2.43 -8.37
N VAL A 28 -7.15 -1.41 -8.71
CA VAL A 28 -5.96 -1.05 -7.93
C VAL A 28 -6.34 -0.78 -6.47
N LYS A 29 -7.48 -0.13 -6.22
CA LYS A 29 -8.04 0.00 -4.85
C LYS A 29 -8.30 -1.36 -4.19
N GLU A 30 -8.89 -2.33 -4.89
CA GLU A 30 -9.18 -3.70 -4.38
C GLU A 30 -7.90 -4.53 -4.11
N ILE A 31 -6.84 -4.31 -4.89
CA ILE A 31 -5.52 -4.94 -4.75
C ILE A 31 -4.75 -4.31 -3.57
N VAL A 32 -4.73 -2.99 -3.46
CA VAL A 32 -4.11 -2.28 -2.32
C VAL A 32 -4.87 -2.60 -1.03
N ARG A 33 -6.21 -2.69 -1.08
CA ARG A 33 -7.06 -3.06 0.07
C ARG A 33 -6.58 -4.35 0.72
N ARG A 34 -6.43 -5.43 -0.05
CA ARG A 34 -5.98 -6.74 0.48
C ARG A 34 -4.47 -6.77 0.81
N ALA A 35 -3.66 -5.98 0.12
CA ALA A 35 -2.23 -5.84 0.38
C ALA A 35 -1.94 -5.08 1.69
N LEU A 36 -2.65 -3.97 1.96
CA LEU A 36 -2.48 -3.21 3.21
C LEU A 36 -3.07 -3.96 4.41
N GLN A 37 -4.15 -4.71 4.15
CA GLN A 37 -4.80 -5.62 5.08
C GLN A 37 -3.90 -6.78 5.50
N GLN A 38 -3.04 -7.28 4.60
CA GLN A 38 -2.14 -8.40 4.90
C GLN A 38 -1.18 -8.08 6.03
N MET A 39 -0.69 -6.84 6.09
CA MET A 39 0.15 -6.32 7.18
C MET A 39 -0.47 -6.51 8.57
N ALA A 40 -1.81 -6.41 8.69
CA ALA A 40 -2.55 -6.70 9.92
C ALA A 40 -2.75 -8.20 10.18
N ASN A 41 -2.84 -8.98 9.12
CA ASN A 41 -2.86 -10.45 9.21
C ASN A 41 -1.48 -11.01 9.65
N ASP A 42 -0.38 -10.35 9.28
CA ASP A 42 0.98 -10.67 9.71
C ASP A 42 1.35 -10.11 11.09
N ASN A 43 1.00 -8.85 11.38
CA ASN A 43 1.47 -8.11 12.56
C ASN A 43 0.31 -7.55 13.42
N PRO A 44 0.30 -7.78 14.75
CA PRO A 44 -0.73 -7.29 15.65
C PRO A 44 -0.69 -5.77 15.85
N GLU A 45 0.47 -5.13 15.64
CA GLU A 45 0.66 -3.68 15.76
C GLU A 45 -0.13 -2.88 14.69
N VAL A 46 -0.33 -3.47 13.51
CA VAL A 46 -1.16 -2.88 12.45
C VAL A 46 -2.63 -3.15 12.76
N SER A 47 -3.00 -4.41 13.05
CA SER A 47 -4.39 -4.80 13.32
C SER A 47 -5.01 -4.08 14.53
N GLU A 48 -4.24 -3.80 15.58
CA GLU A 48 -4.74 -3.02 16.72
C GLU A 48 -5.00 -1.55 16.33
N GLN A 49 -4.26 -1.03 15.35
CA GLN A 49 -4.47 0.32 14.83
C GLN A 49 -5.67 0.39 13.88
N LEU A 50 -5.85 -0.58 12.98
CA LEU A 50 -7.07 -0.72 12.15
C LEU A 50 -8.35 -0.73 13.00
N ARG A 51 -8.32 -1.40 14.16
CA ARG A 51 -9.42 -1.46 15.13
C ARG A 51 -9.70 -0.10 15.77
N GLU A 52 -8.66 0.69 16.06
CA GLU A 52 -8.78 2.03 16.62
C GLU A 52 -9.47 2.99 15.63
N LEU A 53 -9.12 2.89 14.35
CA LEU A 53 -9.74 3.70 13.30
C LEU A 53 -11.22 3.31 13.11
N ALA A 54 -11.49 2.02 12.98
CA ALA A 54 -12.84 1.48 12.82
C ALA A 54 -13.77 1.79 14.01
N LYS A 55 -13.28 1.66 15.25
CA LYS A 55 -14.04 2.00 16.47
C LYS A 55 -14.40 3.49 16.57
N ARG A 56 -13.53 4.40 16.09
CA ARG A 56 -13.81 5.84 16.00
C ARG A 56 -14.86 6.17 14.93
N LYS A 57 -14.83 5.43 13.81
CA LYS A 57 -15.76 5.57 12.68
C LYS A 57 -17.10 4.81 12.87
N GLY A 58 -17.18 3.92 13.86
CA GLY A 58 -18.38 3.14 14.20
C GLY A 58 -18.61 1.92 13.30
N THR A 59 -17.52 1.36 12.75
CA THR A 59 -17.50 0.28 11.75
C THR A 59 -16.53 -0.86 12.13
N SER A 60 -16.35 -1.83 11.22
CA SER A 60 -15.44 -2.97 11.34
C SER A 60 -14.03 -2.67 10.81
N PRO A 61 -12.96 -3.30 11.33
CA PRO A 61 -11.57 -3.08 10.89
C PRO A 61 -11.33 -3.44 9.41
N SER A 62 -12.15 -4.32 8.83
CA SER A 62 -12.19 -4.65 7.40
C SER A 62 -12.71 -3.52 6.51
N GLU A 63 -13.58 -2.66 7.05
CA GLU A 63 -14.28 -1.61 6.30
C GLU A 63 -13.49 -0.31 6.14
N VAL A 64 -12.65 0.08 7.11
CA VAL A 64 -11.76 1.25 6.97
C VAL A 64 -10.72 1.08 5.85
N ILE A 65 -10.41 -0.18 5.47
CA ILE A 65 -9.40 -0.55 4.49
C ILE A 65 -9.63 0.07 3.11
N LYS A 66 -10.89 0.23 2.69
CA LYS A 66 -11.25 0.88 1.42
C LYS A 66 -10.68 2.30 1.33
N ASP A 67 -10.70 3.04 2.44
CA ASP A 67 -10.19 4.40 2.56
C ASP A 67 -8.66 4.46 2.66
N LEU A 68 -8.07 3.56 3.45
CA LEU A 68 -6.62 3.38 3.57
C LEU A 68 -5.98 3.05 2.21
N ALA A 69 -6.68 2.28 1.38
CA ALA A 69 -6.19 1.88 0.06
C ALA A 69 -6.20 3.03 -0.95
N GLU A 70 -7.16 3.95 -0.84
CA GLU A 70 -7.21 5.16 -1.67
C GLU A 70 -6.02 6.09 -1.41
N GLN A 71 -5.47 6.11 -0.19
CA GLN A 71 -4.33 6.98 0.15
C GLN A 71 -3.06 6.49 -0.56
N VAL A 72 -2.86 5.17 -0.54
CA VAL A 72 -1.73 4.50 -1.18
C VAL A 72 -1.86 4.53 -2.71
N TRP A 73 -3.04 4.22 -3.26
CA TRP A 73 -3.26 4.31 -4.70
C TRP A 73 -3.04 5.73 -5.23
N ARG A 74 -3.56 6.74 -4.53
CA ARG A 74 -3.21 8.15 -4.82
C ARG A 74 -1.70 8.41 -4.80
N ALA A 75 -0.93 7.81 -3.89
CA ALA A 75 0.53 7.96 -3.90
C ALA A 75 1.18 7.34 -5.14
N MET A 76 0.69 6.18 -5.60
CA MET A 76 1.15 5.54 -6.84
C MET A 76 0.82 6.38 -8.09
N GLU A 77 -0.43 6.80 -8.30
CA GLU A 77 -0.76 7.61 -9.50
C GLU A 77 -0.11 8.99 -9.48
N ARG A 78 0.11 9.59 -8.31
CA ARG A 78 0.94 10.80 -8.19
C ARG A 78 2.38 10.57 -8.62
N ALA A 79 3.00 9.49 -8.17
CA ALA A 79 4.34 9.09 -8.61
C ALA A 79 4.37 8.69 -10.10
N ARG A 80 3.22 8.29 -10.66
CA ARG A 80 3.08 7.91 -12.07
C ARG A 80 3.03 9.15 -12.98
N GLU A 81 2.44 10.22 -12.47
CA GLU A 81 2.43 11.55 -13.13
C GLU A 81 3.71 12.34 -12.89
N GLY A 82 4.59 11.87 -11.98
CA GLY A 82 5.91 12.43 -11.70
C GLY A 82 5.96 13.34 -10.47
N ASP A 83 4.92 13.32 -9.64
CA ASP A 83 4.76 14.17 -8.46
C ASP A 83 5.16 13.40 -7.20
N LYS A 84 6.47 13.29 -6.98
CA LYS A 84 7.10 12.51 -5.91
C LYS A 84 6.77 13.10 -4.54
N ASP A 85 6.70 14.42 -4.44
CA ASP A 85 6.45 15.08 -3.16
C ASP A 85 4.99 15.01 -2.71
N THR A 86 3.99 15.05 -3.60
CA THR A 86 2.61 14.74 -3.19
C THR A 86 2.46 13.25 -2.89
N ALA A 87 3.16 12.37 -3.63
CA ALA A 87 3.19 10.94 -3.33
C ALA A 87 3.74 10.65 -1.93
N ARG A 88 4.85 11.30 -1.52
CA ARG A 88 5.38 11.25 -0.16
C ARG A 88 4.37 11.74 0.88
N GLU A 89 3.71 12.88 0.66
CA GLU A 89 2.68 13.40 1.56
C GLU A 89 1.47 12.46 1.69
N LEU A 90 1.11 11.76 0.60
CA LEU A 90 0.02 10.78 0.58
C LEU A 90 0.38 9.48 1.32
N ILE A 91 1.64 9.02 1.27
CA ILE A 91 2.10 7.92 2.13
C ILE A 91 2.21 8.37 3.59
N ARG A 92 2.66 9.60 3.89
CA ARG A 92 2.90 9.99 5.29
C ARG A 92 1.61 9.92 6.11
N LYS A 93 0.46 10.16 5.49
CA LYS A 93 -0.86 9.95 6.11
C LYS A 93 -1.15 8.46 6.37
N PHE A 94 -0.83 7.60 5.42
CA PHE A 94 -1.05 6.15 5.46
C PHE A 94 -0.14 5.45 6.48
N ALA A 95 1.18 5.69 6.40
CA ALA A 95 2.13 5.16 7.37
C ALA A 95 1.82 5.65 8.79
N ASP A 96 1.36 6.90 8.94
CA ASP A 96 0.99 7.47 10.24
C ASP A 96 -0.32 6.91 10.80
N ASP A 97 -1.34 6.72 9.94
CA ASP A 97 -2.65 6.18 10.33
C ASP A 97 -2.55 4.78 10.96
N LEU A 98 -1.67 3.92 10.43
CA LEU A 98 -1.41 2.55 10.88
C LEU A 98 -0.22 2.48 11.85
N GLY A 99 0.46 3.60 12.10
CA GLY A 99 1.55 3.71 13.08
C GLY A 99 2.81 2.91 12.72
N ILE A 100 3.12 2.80 11.42
CA ILE A 100 4.20 1.97 10.85
C ILE A 100 5.39 2.81 10.37
N SER A 101 6.54 2.16 10.17
CA SER A 101 7.76 2.75 9.63
C SER A 101 7.71 2.89 8.09
N PRO A 102 8.47 3.82 7.48
CA PRO A 102 8.66 3.86 6.03
C PRO A 102 9.21 2.54 5.47
N GLU A 103 10.06 1.86 6.24
CA GLU A 103 10.64 0.56 5.88
C GLU A 103 9.58 -0.55 5.79
N GLN A 104 8.56 -0.53 6.64
CA GLN A 104 7.42 -1.47 6.60
C GLN A 104 6.49 -1.22 5.40
N VAL A 105 6.33 0.02 4.93
CA VAL A 105 5.65 0.28 3.65
C VAL A 105 6.43 -0.34 2.48
N LYS A 106 7.77 -0.25 2.51
CA LYS A 106 8.66 -0.89 1.53
C LYS A 106 8.53 -2.43 1.49
N LYS A 107 8.09 -3.06 2.59
CA LYS A 107 7.68 -4.49 2.62
C LYS A 107 6.29 -4.69 2.01
N PHE A 108 5.33 -3.82 2.34
CA PHE A 108 3.94 -3.90 1.89
C PHE A 108 3.79 -3.91 0.36
N ILE A 109 4.49 -3.03 -0.35
CA ILE A 109 4.48 -3.01 -1.83
C ILE A 109 4.87 -4.38 -2.44
N LYS A 110 5.70 -5.18 -1.74
CA LYS A 110 6.11 -6.52 -2.16
C LYS A 110 4.95 -7.54 -2.05
N ILE A 111 4.00 -7.30 -1.15
CA ILE A 111 2.72 -8.05 -1.11
C ILE A 111 1.79 -7.53 -2.21
N MET A 112 1.72 -6.21 -2.42
CA MET A 112 0.87 -5.58 -3.44
C MET A 112 1.13 -6.09 -4.85
N ARG A 113 2.39 -6.36 -5.24
CA ARG A 113 2.69 -7.00 -6.53
C ARG A 113 2.30 -8.48 -6.59
N GLU A 114 2.32 -9.20 -5.48
CA GLU A 114 2.00 -10.63 -5.41
C GLU A 114 0.49 -10.89 -5.54
N VAL A 115 -0.34 -10.15 -4.80
CA VAL A 115 -1.81 -10.35 -4.80
C VAL A 115 -2.45 -10.21 -6.20
N GLN A 116 -1.84 -9.42 -7.09
CA GLN A 116 -2.28 -9.22 -8.47
C GLN A 116 -2.27 -10.54 -9.27
N ARG A 117 -1.27 -11.40 -9.03
CA ARG A 117 -1.07 -12.69 -9.70
C ARG A 117 -1.53 -13.92 -8.91
N LYS A 118 -1.62 -13.85 -7.57
CA LYS A 118 -2.06 -14.96 -6.70
C LYS A 118 -3.54 -15.35 -6.90
N GLU A 119 -4.37 -14.45 -7.42
CA GLU A 119 -5.74 -14.76 -7.86
C GLU A 119 -5.77 -15.75 -9.05
N ASP A 120 -4.73 -15.76 -9.88
CA ASP A 120 -4.52 -16.73 -10.98
C ASP A 120 -3.50 -17.84 -10.62
N GLY A 121 -2.73 -17.64 -9.54
CA GLY A 121 -1.59 -18.49 -9.16
C GLY A 121 -0.44 -18.46 -10.17
N SER A 122 -0.28 -17.36 -10.90
CA SER A 122 0.71 -17.25 -12.00
C SER A 122 2.17 -17.16 -11.49
N LEU A 123 3.11 -17.56 -12.34
CA LEU A 123 4.53 -17.77 -12.01
C LEU A 123 5.42 -16.57 -12.40
N GLU A 124 6.66 -16.58 -11.90
CA GLU A 124 7.71 -15.59 -12.21
C GLU A 124 8.99 -16.25 -12.74
N HIS A 125 9.53 -17.24 -12.01
CA HIS A 125 10.71 -18.07 -12.30
C HIS A 125 12.08 -17.35 -12.42
N HIS A 126 12.12 -16.12 -12.93
CA HIS A 126 13.33 -15.32 -13.17
C HIS A 126 13.16 -13.87 -12.67
N HIS A 127 14.16 -13.35 -11.95
CA HIS A 127 14.20 -11.99 -11.41
C HIS A 127 15.64 -11.50 -11.17
N HIS A 128 15.80 -10.18 -10.98
CA HIS A 128 17.07 -9.57 -10.56
C HIS A 128 17.34 -9.77 -9.05
N HIS A 129 18.59 -9.62 -8.63
CA HIS A 129 19.05 -9.77 -7.23
C HIS A 129 20.20 -8.79 -6.90
N HIS A 130 20.55 -8.72 -5.61
CA HIS A 130 21.72 -7.98 -5.10
C HIS A 130 23.05 -8.61 -5.57
N GLY A 1 14.79 15.23 10.43
CA GLY A 1 13.39 14.82 10.27
C GLY A 1 13.25 13.62 9.34
N ASP A 2 12.12 12.92 9.42
CA ASP A 2 11.88 11.64 8.71
C ASP A 2 11.42 11.81 7.24
N GLU A 3 11.35 13.03 6.72
CA GLU A 3 10.83 13.31 5.37
C GLU A 3 11.73 12.76 4.26
N ARG A 4 13.05 12.68 4.53
CA ARG A 4 14.04 12.03 3.67
C ARG A 4 13.92 10.49 3.70
N LYS A 5 13.53 9.91 4.85
CA LYS A 5 13.17 8.48 4.95
C LYS A 5 11.85 8.19 4.21
N LEU A 6 10.94 9.16 4.19
CA LEU A 6 9.70 9.10 3.42
C LEU A 6 9.97 9.12 1.89
N GLU A 7 10.99 9.82 1.44
CA GLU A 7 11.40 9.80 0.03
C GLU A 7 11.92 8.41 -0.40
N GLU A 8 12.57 7.67 0.50
CA GLU A 8 13.06 6.30 0.23
C GLU A 8 11.92 5.26 0.12
N VAL A 9 10.81 5.41 0.87
CA VAL A 9 9.59 4.60 0.67
C VAL A 9 8.81 5.04 -0.57
N THR A 10 8.75 6.34 -0.86
CA THR A 10 8.06 6.90 -2.05
C THR A 10 8.64 6.37 -3.35
N GLU A 11 9.94 6.02 -3.38
CA GLU A 11 10.54 5.32 -4.51
C GLU A 11 9.83 4.00 -4.86
N GLU A 12 9.28 3.25 -3.92
CA GLU A 12 8.50 2.05 -4.25
C GLU A 12 7.18 2.38 -4.95
N MET A 13 6.51 3.49 -4.62
CA MET A 13 5.26 3.88 -5.27
C MET A 13 5.47 4.21 -6.75
N ARG A 14 6.63 4.78 -7.10
CA ARG A 14 7.06 5.04 -8.49
C ARG A 14 7.24 3.71 -9.25
N LYS A 15 7.99 2.78 -8.66
CA LYS A 15 8.27 1.44 -9.22
C LYS A 15 6.99 0.60 -9.37
N MET A 16 6.11 0.64 -8.37
CA MET A 16 4.84 -0.08 -8.39
C MET A 16 3.87 0.43 -9.46
N ALA A 17 3.75 1.75 -9.63
CA ALA A 17 2.82 2.34 -10.57
C ALA A 17 3.15 2.01 -12.05
N GLU A 18 4.42 1.97 -12.43
CA GLU A 18 4.86 1.46 -13.74
C GLU A 18 4.82 -0.08 -13.86
N ASN A 19 4.97 -0.81 -12.74
CA ASN A 19 4.86 -2.27 -12.69
C ASN A 19 3.41 -2.75 -12.90
N MET A 20 2.42 -1.99 -12.41
CA MET A 20 0.99 -2.31 -12.49
C MET A 20 0.24 -1.63 -13.65
N ASP A 21 0.96 -0.89 -14.50
CA ASP A 21 0.43 0.00 -15.54
C ASP A 21 -0.58 -0.69 -16.48
N GLY A 22 -1.71 -0.01 -16.74
CA GLY A 22 -2.76 -0.46 -17.67
C GLY A 22 -3.94 -1.19 -17.01
N GLN A 23 -3.93 -1.39 -15.68
CA GLN A 23 -5.07 -1.94 -14.93
C GLN A 23 -6.11 -0.88 -14.60
N ASP A 24 -7.35 -1.31 -14.29
CA ASP A 24 -8.44 -0.43 -13.94
C ASP A 24 -8.24 0.17 -12.53
N PRO A 25 -8.41 1.50 -12.34
CA PRO A 25 -8.02 2.17 -11.09
C PRO A 25 -8.82 1.70 -9.87
N GLU A 26 -10.05 1.25 -10.07
CA GLU A 26 -10.91 0.71 -9.01
C GLU A 26 -10.39 -0.65 -8.51
N LYS A 27 -9.74 -1.41 -9.39
CA LYS A 27 -9.09 -2.70 -9.08
C LYS A 27 -7.81 -2.46 -8.29
N VAL A 28 -7.08 -1.39 -8.61
CA VAL A 28 -5.89 -1.01 -7.85
C VAL A 28 -6.25 -0.75 -6.39
N LYS A 29 -7.38 -0.09 -6.12
CA LYS A 29 -7.93 0.02 -4.76
C LYS A 29 -8.18 -1.36 -4.14
N GLU A 30 -8.82 -2.30 -4.86
CA GLU A 30 -9.11 -3.67 -4.37
C GLU A 30 -7.84 -4.50 -4.09
N ILE A 31 -6.78 -4.32 -4.89
CA ILE A 31 -5.48 -4.99 -4.74
C ILE A 31 -4.75 -4.44 -3.51
N VAL A 32 -4.75 -3.11 -3.30
CA VAL A 32 -4.18 -2.49 -2.11
C VAL A 32 -5.00 -2.85 -0.86
N ARG A 33 -6.33 -2.92 -0.96
CA ARG A 33 -7.27 -3.24 0.14
C ARG A 33 -7.02 -4.62 0.73
N ARG A 34 -6.56 -5.60 -0.03
CA ARG A 34 -6.08 -6.91 0.51
C ARG A 34 -4.60 -6.90 0.91
N ALA A 35 -3.74 -6.15 0.21
CA ALA A 35 -2.30 -6.09 0.48
C ALA A 35 -1.94 -5.34 1.77
N LEU A 36 -2.62 -4.22 2.07
CA LEU A 36 -2.41 -3.47 3.34
C LEU A 36 -2.99 -4.23 4.54
N GLN A 37 -4.06 -4.99 4.29
CA GLN A 37 -4.71 -5.90 5.24
C GLN A 37 -3.83 -7.11 5.60
N GLN A 38 -3.00 -7.60 4.67
CA GLN A 38 -2.11 -8.74 4.92
C GLN A 38 -1.13 -8.42 6.07
N MET A 39 -0.63 -7.18 6.14
CA MET A 39 0.19 -6.73 7.28
C MET A 39 -0.53 -6.89 8.63
N ALA A 40 -1.84 -6.66 8.73
CA ALA A 40 -2.61 -6.87 9.95
C ALA A 40 -2.85 -8.35 10.27
N ASN A 41 -2.95 -9.18 9.24
CA ASN A 41 -3.04 -10.64 9.41
C ASN A 41 -1.71 -11.27 9.84
N ASP A 42 -0.58 -10.68 9.41
CA ASP A 42 0.77 -11.08 9.78
C ASP A 42 1.26 -10.46 11.11
N ASN A 43 0.81 -9.24 11.48
CA ASN A 43 1.30 -8.47 12.62
C ASN A 43 0.16 -7.87 13.48
N PRO A 44 0.02 -8.26 14.77
CA PRO A 44 -1.05 -7.78 15.65
C PRO A 44 -0.93 -6.28 16.00
N GLU A 45 0.26 -5.68 15.90
CA GLU A 45 0.46 -4.24 16.08
C GLU A 45 -0.19 -3.38 14.96
N VAL A 46 -0.34 -3.93 13.75
CA VAL A 46 -1.07 -3.29 12.65
C VAL A 46 -2.57 -3.49 12.86
N SER A 47 -3.01 -4.73 13.11
CA SER A 47 -4.43 -5.04 13.36
C SER A 47 -5.03 -4.31 14.57
N GLU A 48 -4.26 -4.01 15.62
CA GLU A 48 -4.78 -3.20 16.72
C GLU A 48 -4.97 -1.73 16.31
N GLN A 49 -4.22 -1.23 15.34
CA GLN A 49 -4.41 0.13 14.81
C GLN A 49 -5.62 0.20 13.88
N LEU A 50 -5.90 -0.84 13.08
CA LEU A 50 -7.15 -0.94 12.29
C LEU A 50 -8.40 -0.77 13.16
N ARG A 51 -8.40 -1.34 14.38
CA ARG A 51 -9.48 -1.16 15.37
C ARG A 51 -9.61 0.27 15.89
N GLU A 52 -8.50 0.99 16.12
CA GLU A 52 -8.56 2.40 16.55
C GLU A 52 -9.24 3.28 15.50
N LEU A 53 -8.91 3.10 14.21
CA LEU A 53 -9.50 3.89 13.12
C LEU A 53 -10.99 3.56 12.94
N ALA A 54 -11.34 2.27 12.98
CA ALA A 54 -12.72 1.82 12.90
C ALA A 54 -13.59 2.32 14.06
N LYS A 55 -13.09 2.31 15.30
CA LYS A 55 -13.78 2.89 16.47
C LYS A 55 -13.96 4.41 16.36
N ARG A 56 -13.03 5.13 15.73
CA ARG A 56 -13.15 6.59 15.47
C ARG A 56 -14.17 6.90 14.38
N LYS A 57 -14.25 6.07 13.34
CA LYS A 57 -15.18 6.21 12.21
C LYS A 57 -16.57 5.57 12.43
N GLY A 58 -16.73 4.78 13.50
CA GLY A 58 -17.99 4.12 13.88
C GLY A 58 -18.33 2.89 13.02
N THR A 59 -17.29 2.19 12.56
CA THR A 59 -17.37 1.08 11.58
C THR A 59 -16.51 -0.13 12.01
N SER A 60 -16.21 -1.05 11.09
CA SER A 60 -15.40 -2.25 11.28
C SER A 60 -13.91 -2.07 10.89
N PRO A 61 -12.99 -2.81 11.53
CA PRO A 61 -11.56 -2.81 11.17
C PRO A 61 -11.30 -3.31 9.74
N SER A 62 -12.18 -4.13 9.16
CA SER A 62 -12.11 -4.51 7.74
C SER A 62 -12.72 -3.45 6.80
N GLU A 63 -13.61 -2.59 7.30
CA GLU A 63 -14.29 -1.55 6.51
C GLU A 63 -13.43 -0.29 6.29
N VAL A 64 -12.60 0.13 7.26
CA VAL A 64 -11.65 1.24 7.09
C VAL A 64 -10.60 0.98 6.01
N ILE A 65 -10.39 -0.27 5.63
CA ILE A 65 -9.35 -0.70 4.68
C ILE A 65 -9.58 -0.14 3.28
N LYS A 66 -10.84 0.01 2.85
CA LYS A 66 -11.21 0.62 1.56
C LYS A 66 -10.66 2.05 1.43
N ASP A 67 -10.71 2.80 2.53
CA ASP A 67 -10.23 4.18 2.65
C ASP A 67 -8.70 4.27 2.72
N LEU A 68 -8.08 3.46 3.59
CA LEU A 68 -6.63 3.28 3.70
C LEU A 68 -6.00 2.90 2.36
N ALA A 69 -6.69 2.05 1.60
CA ALA A 69 -6.21 1.58 0.30
C ALA A 69 -6.19 2.68 -0.77
N GLU A 70 -7.18 3.57 -0.74
CA GLU A 70 -7.26 4.67 -1.69
C GLU A 70 -6.10 5.66 -1.48
N GLN A 71 -5.59 5.83 -0.25
CA GLN A 71 -4.49 6.77 0.03
C GLN A 71 -3.18 6.34 -0.64
N VAL A 72 -2.87 5.05 -0.59
CA VAL A 72 -1.66 4.51 -1.23
C VAL A 72 -1.81 4.52 -2.75
N TRP A 73 -3.02 4.24 -3.26
CA TRP A 73 -3.28 4.31 -4.70
C TRP A 73 -3.07 5.72 -5.24
N ARG A 74 -3.57 6.75 -4.55
CA ARG A 74 -3.23 8.15 -4.87
C ARG A 74 -1.71 8.38 -4.90
N ALA A 75 -0.92 7.76 -4.03
CA ALA A 75 0.53 7.91 -4.04
C ALA A 75 1.17 7.25 -5.27
N MET A 76 0.65 6.10 -5.74
CA MET A 76 1.09 5.47 -6.99
C MET A 76 0.72 6.32 -8.21
N GLU A 77 -0.55 6.71 -8.40
CA GLU A 77 -0.93 7.51 -9.58
C GLU A 77 -0.24 8.89 -9.64
N ARG A 78 -0.01 9.52 -8.48
CA ARG A 78 0.85 10.70 -8.38
C ARG A 78 2.28 10.44 -8.81
N ALA A 79 2.89 9.37 -8.33
CA ALA A 79 4.22 8.95 -8.73
C ALA A 79 4.29 8.54 -10.22
N ARG A 80 3.15 8.16 -10.83
CA ARG A 80 3.03 7.77 -12.24
C ARG A 80 2.97 9.01 -13.13
N GLU A 81 2.37 10.08 -12.62
CA GLU A 81 2.36 11.42 -13.23
C GLU A 81 3.68 12.19 -13.01
N GLY A 82 4.56 11.69 -12.12
CA GLY A 82 5.88 12.26 -11.81
C GLY A 82 5.87 13.20 -10.59
N ASP A 83 4.80 13.17 -9.80
CA ASP A 83 4.54 14.07 -8.67
C ASP A 83 4.94 13.42 -7.35
N LYS A 84 6.26 13.26 -7.17
CA LYS A 84 6.89 12.53 -6.06
C LYS A 84 6.57 13.16 -4.70
N ASP A 85 6.44 14.48 -4.64
CA ASP A 85 6.20 15.18 -3.38
C ASP A 85 4.76 15.04 -2.87
N THR A 86 3.74 15.04 -3.73
CA THR A 86 2.38 14.67 -3.29
C THR A 86 2.32 13.19 -2.96
N ALA A 87 3.04 12.33 -3.70
CA ALA A 87 3.14 10.90 -3.37
C ALA A 87 3.74 10.67 -1.96
N ARG A 88 4.78 11.42 -1.58
CA ARG A 88 5.32 11.43 -0.20
C ARG A 88 4.28 11.86 0.83
N GLU A 89 3.56 12.97 0.58
CA GLU A 89 2.49 13.44 1.47
C GLU A 89 1.35 12.41 1.62
N LEU A 90 1.06 11.66 0.55
CA LEU A 90 0.03 10.63 0.52
C LEU A 90 0.44 9.33 1.24
N ILE A 91 1.71 8.88 1.14
CA ILE A 91 2.19 7.78 1.99
C ILE A 91 2.28 8.20 3.45
N ARG A 92 2.72 9.43 3.76
CA ARG A 92 2.90 9.83 5.17
C ARG A 92 1.60 9.73 5.96
N LYS A 93 0.44 9.97 5.32
CA LYS A 93 -0.87 9.75 5.92
C LYS A 93 -1.16 8.26 6.17
N PHE A 94 -0.80 7.41 5.21
CA PHE A 94 -1.03 5.96 5.25
C PHE A 94 -0.15 5.24 6.29
N ALA A 95 1.17 5.46 6.25
CA ALA A 95 2.06 4.89 7.23
C ALA A 95 1.76 5.41 8.66
N ASP A 96 1.34 6.68 8.79
CA ASP A 96 0.96 7.27 10.08
C ASP A 96 -0.36 6.72 10.62
N ASP A 97 -1.35 6.48 9.76
CA ASP A 97 -2.65 5.93 10.14
C ASP A 97 -2.52 4.55 10.79
N LEU A 98 -1.66 3.68 10.25
CA LEU A 98 -1.38 2.34 10.75
C LEU A 98 -0.24 2.30 11.78
N GLY A 99 0.44 3.43 12.01
CA GLY A 99 1.55 3.54 12.96
C GLY A 99 2.77 2.70 12.60
N ILE A 100 3.06 2.55 11.29
CA ILE A 100 4.12 1.70 10.73
C ILE A 100 5.31 2.52 10.21
N SER A 101 6.46 1.87 10.06
CA SER A 101 7.70 2.48 9.55
C SER A 101 7.71 2.58 8.03
N PRO A 102 8.42 3.55 7.41
CA PRO A 102 8.59 3.59 5.95
C PRO A 102 9.28 2.32 5.42
N GLU A 103 10.20 1.74 6.20
CA GLU A 103 10.86 0.45 5.90
C GLU A 103 9.87 -0.73 5.84
N GLN A 104 8.79 -0.69 6.64
CA GLN A 104 7.72 -1.69 6.65
C GLN A 104 6.78 -1.54 5.44
N VAL A 105 6.51 -0.31 4.99
CA VAL A 105 5.75 -0.05 3.75
C VAL A 105 6.48 -0.62 2.52
N LYS A 106 7.81 -0.58 2.48
CA LYS A 106 8.63 -1.23 1.43
C LYS A 106 8.43 -2.76 1.38
N LYS A 107 7.99 -3.40 2.47
CA LYS A 107 7.57 -4.81 2.51
C LYS A 107 6.11 -5.00 2.07
N PHE A 108 5.21 -4.08 2.42
CA PHE A 108 3.83 -4.10 1.94
C PHE A 108 3.72 -4.04 0.41
N ILE A 109 4.41 -3.10 -0.26
CA ILE A 109 4.41 -3.00 -1.73
C ILE A 109 4.80 -4.33 -2.39
N LYS A 110 5.70 -5.10 -1.75
CA LYS A 110 6.15 -6.41 -2.25
C LYS A 110 5.00 -7.41 -2.29
N ILE A 111 4.05 -7.35 -1.35
CA ILE A 111 2.81 -8.16 -1.38
C ILE A 111 1.84 -7.63 -2.44
N MET A 112 1.80 -6.30 -2.62
CA MET A 112 0.80 -5.61 -3.44
C MET A 112 0.99 -5.89 -4.92
N ARG A 113 2.23 -6.00 -5.38
CA ARG A 113 2.51 -6.49 -6.75
C ARG A 113 2.30 -7.99 -6.90
N GLU A 114 2.53 -8.78 -5.85
CA GLU A 114 2.61 -10.24 -5.93
C GLU A 114 1.27 -10.97 -5.74
N VAL A 115 0.26 -10.28 -5.19
CA VAL A 115 -1.14 -10.76 -5.14
C VAL A 115 -1.90 -10.57 -6.46
N GLN A 116 -1.53 -9.58 -7.29
CA GLN A 116 -2.19 -9.28 -8.59
C GLN A 116 -2.19 -10.49 -9.54
N ARG A 117 -1.04 -11.15 -9.63
CA ARG A 117 -0.81 -12.38 -10.42
C ARG A 117 -1.57 -13.60 -9.88
N LYS A 118 -1.96 -13.58 -8.61
CA LYS A 118 -2.48 -14.74 -7.85
C LYS A 118 -3.93 -15.09 -8.18
N GLU A 119 -4.70 -14.12 -8.69
CA GLU A 119 -6.04 -14.38 -9.27
C GLU A 119 -5.96 -15.12 -10.62
N ASP A 120 -4.89 -14.92 -11.39
CA ASP A 120 -4.57 -15.67 -12.62
C ASP A 120 -3.77 -16.95 -12.34
N GLY A 121 -3.13 -17.05 -11.17
CA GLY A 121 -2.32 -18.19 -10.73
C GLY A 121 -0.94 -18.28 -11.39
N SER A 122 -0.35 -17.15 -11.80
CA SER A 122 0.92 -17.14 -12.54
C SER A 122 2.13 -17.54 -11.66
N LEU A 123 3.12 -18.17 -12.29
CA LEU A 123 4.26 -18.83 -11.65
C LEU A 123 5.22 -17.86 -10.94
N GLU A 124 6.06 -18.42 -10.06
CA GLU A 124 7.10 -17.72 -9.28
C GLU A 124 8.45 -18.45 -9.32
N HIS A 125 9.51 -17.70 -9.59
CA HIS A 125 10.90 -18.20 -9.70
C HIS A 125 11.91 -17.33 -8.92
N HIS A 126 11.44 -16.36 -8.14
CA HIS A 126 12.25 -15.43 -7.35
C HIS A 126 12.82 -16.09 -6.08
N HIS A 127 14.03 -15.67 -5.68
CA HIS A 127 14.71 -16.07 -4.44
C HIS A 127 15.61 -14.93 -3.91
N HIS A 128 15.82 -14.90 -2.59
CA HIS A 128 16.65 -13.88 -1.92
C HIS A 128 17.35 -14.41 -0.65
N HIS A 129 16.64 -15.18 0.18
CA HIS A 129 17.17 -15.83 1.39
C HIS A 129 16.48 -17.19 1.66
N HIS A 130 16.97 -17.90 2.69
CA HIS A 130 16.38 -19.13 3.24
C HIS A 130 16.05 -18.99 4.75
N GLY A 1 15.13 15.14 9.77
CA GLY A 1 14.24 14.15 10.40
C GLY A 1 14.16 12.89 9.55
N ASP A 2 12.94 12.51 9.15
CA ASP A 2 12.65 11.26 8.42
C ASP A 2 12.34 11.45 6.93
N GLU A 3 12.47 12.68 6.38
CA GLU A 3 12.17 12.99 4.97
C GLU A 3 13.05 12.17 4.03
N ARG A 4 14.31 12.04 4.44
CA ARG A 4 15.35 11.22 3.78
C ARG A 4 14.94 9.74 3.66
N LYS A 5 14.23 9.19 4.65
CA LYS A 5 13.66 7.83 4.64
C LYS A 5 12.36 7.76 3.85
N LEU A 6 11.54 8.82 3.90
CA LEU A 6 10.26 8.90 3.16
C LEU A 6 10.47 8.98 1.63
N GLU A 7 11.58 9.56 1.19
CA GLU A 7 12.04 9.52 -0.20
C GLU A 7 12.22 8.07 -0.70
N GLU A 8 12.78 7.19 0.12
CA GLU A 8 13.08 5.80 -0.23
C GLU A 8 11.85 4.89 -0.30
N VAL A 9 10.83 5.10 0.54
CA VAL A 9 9.54 4.37 0.41
C VAL A 9 8.78 4.83 -0.83
N THR A 10 8.86 6.12 -1.17
CA THR A 10 8.15 6.68 -2.34
C THR A 10 8.72 6.16 -3.66
N GLU A 11 10.00 5.76 -3.69
CA GLU A 11 10.57 5.04 -4.83
C GLU A 11 9.84 3.72 -5.11
N GLU A 12 9.34 3.00 -4.10
CA GLU A 12 8.52 1.82 -4.35
C GLU A 12 7.20 2.16 -5.06
N MET A 13 6.59 3.31 -4.76
CA MET A 13 5.33 3.74 -5.39
C MET A 13 5.53 4.08 -6.87
N ARG A 14 6.69 4.68 -7.22
CA ARG A 14 7.09 4.94 -8.60
C ARG A 14 7.26 3.64 -9.38
N LYS A 15 8.01 2.69 -8.81
CA LYS A 15 8.27 1.36 -9.39
C LYS A 15 7.02 0.48 -9.48
N MET A 16 6.10 0.56 -8.50
CA MET A 16 4.82 -0.14 -8.53
C MET A 16 3.90 0.40 -9.62
N ALA A 17 3.72 1.72 -9.72
CA ALA A 17 2.76 2.34 -10.64
C ALA A 17 3.07 2.07 -12.12
N GLU A 18 4.35 2.07 -12.50
CA GLU A 18 4.81 1.68 -13.86
C GLU A 18 4.76 0.16 -14.10
N ASN A 19 4.87 -0.67 -13.05
CA ASN A 19 4.74 -2.12 -13.14
C ASN A 19 3.28 -2.57 -13.30
N MET A 20 2.34 -1.87 -12.65
CA MET A 20 0.89 -2.13 -12.71
C MET A 20 0.16 -1.32 -13.80
N ASP A 21 0.90 -0.66 -14.69
CA ASP A 21 0.36 0.29 -15.67
C ASP A 21 -0.64 -0.35 -16.65
N GLY A 22 -1.73 0.35 -16.93
CA GLY A 22 -2.83 -0.10 -17.80
C GLY A 22 -3.97 -0.84 -17.08
N GLN A 23 -3.84 -1.05 -15.76
CA GLN A 23 -4.89 -1.63 -14.91
C GLN A 23 -5.94 -0.58 -14.52
N ASP A 24 -7.16 -1.03 -14.26
CA ASP A 24 -8.29 -0.16 -13.90
C ASP A 24 -8.17 0.34 -12.45
N PRO A 25 -8.37 1.64 -12.16
CA PRO A 25 -8.10 2.21 -10.84
C PRO A 25 -8.95 1.59 -9.73
N GLU A 26 -10.18 1.17 -10.04
CA GLU A 26 -11.11 0.55 -9.09
C GLU A 26 -10.63 -0.85 -8.65
N LYS A 27 -9.84 -1.50 -9.51
CA LYS A 27 -9.16 -2.77 -9.20
C LYS A 27 -7.98 -2.51 -8.29
N VAL A 28 -7.18 -1.46 -8.57
CA VAL A 28 -6.02 -1.07 -7.76
C VAL A 28 -6.41 -0.82 -6.31
N LYS A 29 -7.50 -0.11 -6.05
CA LYS A 29 -8.03 0.09 -4.68
C LYS A 29 -8.28 -1.24 -3.98
N GLU A 30 -8.88 -2.22 -4.66
CA GLU A 30 -9.19 -3.54 -4.07
C GLU A 30 -7.97 -4.48 -3.93
N ILE A 31 -6.98 -4.38 -4.81
CA ILE A 31 -5.67 -5.06 -4.69
C ILE A 31 -4.92 -4.50 -3.46
N VAL A 32 -4.85 -3.17 -3.33
CA VAL A 32 -4.23 -2.50 -2.17
C VAL A 32 -5.01 -2.81 -0.89
N ARG A 33 -6.35 -2.89 -0.94
CA ARG A 33 -7.20 -3.24 0.21
C ARG A 33 -6.72 -4.53 0.87
N ARG A 34 -6.54 -5.61 0.11
CA ARG A 34 -6.07 -6.90 0.65
C ARG A 34 -4.58 -6.92 0.98
N ALA A 35 -3.76 -6.17 0.26
CA ALA A 35 -2.33 -6.05 0.51
C ALA A 35 -2.02 -5.28 1.80
N LEU A 36 -2.73 -4.17 2.09
CA LEU A 36 -2.57 -3.40 3.33
C LEU A 36 -3.16 -4.15 4.54
N GLN A 37 -4.23 -4.89 4.30
CA GLN A 37 -4.87 -5.81 5.23
C GLN A 37 -3.97 -7.00 5.61
N GLN A 38 -3.12 -7.46 4.69
CA GLN A 38 -2.20 -8.58 4.95
C GLN A 38 -1.17 -8.20 6.02
N MET A 39 -0.69 -6.96 6.05
CA MET A 39 0.16 -6.41 7.11
C MET A 39 -0.45 -6.59 8.50
N ALA A 40 -1.77 -6.48 8.65
CA ALA A 40 -2.48 -6.72 9.91
C ALA A 40 -2.68 -8.21 10.23
N ASN A 41 -2.78 -9.04 9.20
CA ASN A 41 -2.76 -10.50 9.35
C ASN A 41 -1.35 -11.03 9.72
N ASP A 42 -0.30 -10.31 9.35
CA ASP A 42 1.11 -10.62 9.61
C ASP A 42 1.65 -9.98 10.92
N ASN A 43 1.18 -8.78 11.28
CA ASN A 43 1.69 -7.99 12.42
C ASN A 43 0.54 -7.44 13.30
N PRO A 44 0.53 -7.68 14.62
CA PRO A 44 -0.54 -7.24 15.52
C PRO A 44 -0.55 -5.73 15.75
N GLU A 45 0.57 -5.05 15.54
CA GLU A 45 0.70 -3.58 15.67
C GLU A 45 -0.12 -2.81 14.61
N VAL A 46 -0.32 -3.41 13.42
CA VAL A 46 -1.17 -2.84 12.38
C VAL A 46 -2.63 -3.15 12.71
N SER A 47 -2.96 -4.41 13.02
CA SER A 47 -4.34 -4.82 13.31
C SER A 47 -4.96 -4.11 14.52
N GLU A 48 -4.17 -3.81 15.56
CA GLU A 48 -4.70 -3.03 16.70
C GLU A 48 -5.03 -1.58 16.29
N GLN A 49 -4.30 -1.03 15.30
CA GLN A 49 -4.56 0.31 14.78
C GLN A 49 -5.74 0.34 13.80
N LEU A 50 -5.90 -0.68 12.93
CA LEU A 50 -7.10 -0.83 12.09
C LEU A 50 -8.40 -0.82 12.94
N ARG A 51 -8.37 -1.47 14.12
CA ARG A 51 -9.47 -1.48 15.08
C ARG A 51 -9.72 -0.12 15.73
N GLU A 52 -8.67 0.65 16.03
CA GLU A 52 -8.78 2.02 16.54
C GLU A 52 -9.54 2.92 15.56
N LEU A 53 -9.13 2.92 14.28
CA LEU A 53 -9.75 3.76 13.26
C LEU A 53 -11.22 3.37 13.05
N ALA A 54 -11.51 2.08 12.89
CA ALA A 54 -12.86 1.58 12.70
C ALA A 54 -13.78 1.88 13.89
N LYS A 55 -13.36 1.63 15.13
CA LYS A 55 -14.18 1.88 16.33
C LYS A 55 -14.39 3.37 16.62
N ARG A 56 -13.45 4.24 16.24
CA ARG A 56 -13.62 5.71 16.30
C ARG A 56 -14.56 6.26 15.21
N LYS A 57 -14.65 5.56 14.07
CA LYS A 57 -15.63 5.83 12.98
C LYS A 57 -17.00 5.13 13.18
N GLY A 58 -17.07 4.15 14.09
CA GLY A 58 -18.30 3.40 14.42
C GLY A 58 -18.59 2.21 13.49
N THR A 59 -17.54 1.60 12.92
CA THR A 59 -17.60 0.53 11.92
C THR A 59 -16.68 -0.66 12.25
N SER A 60 -16.62 -1.66 11.36
CA SER A 60 -15.76 -2.84 11.45
C SER A 60 -14.33 -2.60 10.92
N PRO A 61 -13.31 -3.31 11.45
CA PRO A 61 -11.91 -3.13 11.05
C PRO A 61 -11.65 -3.40 9.56
N SER A 62 -12.45 -4.26 8.91
CA SER A 62 -12.38 -4.51 7.47
C SER A 62 -12.91 -3.37 6.59
N GLU A 63 -13.76 -2.47 7.13
CA GLU A 63 -14.45 -1.43 6.35
C GLU A 63 -13.61 -0.17 6.12
N VAL A 64 -12.76 0.24 7.07
CA VAL A 64 -11.83 1.36 6.90
C VAL A 64 -10.78 1.11 5.81
N ILE A 65 -10.50 -0.17 5.52
CA ILE A 65 -9.47 -0.62 4.58
C ILE A 65 -9.70 -0.09 3.16
N LYS A 66 -10.95 0.05 2.73
CA LYS A 66 -11.32 0.62 1.42
C LYS A 66 -10.78 2.05 1.26
N ASP A 67 -10.81 2.83 2.34
CA ASP A 67 -10.31 4.21 2.38
C ASP A 67 -8.79 4.28 2.52
N LEU A 68 -8.20 3.49 3.44
CA LEU A 68 -6.75 3.31 3.61
C LEU A 68 -6.07 2.94 2.28
N ALA A 69 -6.75 2.11 1.49
CA ALA A 69 -6.23 1.66 0.20
C ALA A 69 -6.20 2.76 -0.86
N GLU A 70 -7.20 3.65 -0.85
CA GLU A 70 -7.25 4.76 -1.79
C GLU A 70 -6.10 5.76 -1.53
N GLN A 71 -5.63 5.92 -0.28
CA GLN A 71 -4.52 6.83 0.05
C GLN A 71 -3.20 6.35 -0.56
N VAL A 72 -2.96 5.04 -0.49
CA VAL A 72 -1.81 4.38 -1.12
C VAL A 72 -1.93 4.45 -2.64
N TRP A 73 -3.12 4.19 -3.20
CA TRP A 73 -3.33 4.29 -4.65
C TRP A 73 -3.04 5.71 -5.16
N ARG A 74 -3.53 6.74 -4.47
CA ARG A 74 -3.15 8.14 -4.74
C ARG A 74 -1.63 8.37 -4.73
N ALA A 75 -0.86 7.65 -3.90
CA ALA A 75 0.60 7.74 -3.93
C ALA A 75 1.19 7.16 -5.22
N MET A 76 0.72 6.00 -5.67
CA MET A 76 1.15 5.39 -6.94
C MET A 76 0.79 6.26 -8.15
N GLU A 77 -0.47 6.69 -8.32
CA GLU A 77 -0.86 7.48 -9.48
C GLU A 77 -0.17 8.84 -9.54
N ARG A 78 0.03 9.52 -8.41
CA ARG A 78 0.84 10.76 -8.35
C ARG A 78 2.29 10.53 -8.74
N ALA A 79 2.90 9.48 -8.21
CA ALA A 79 4.25 9.06 -8.58
C ALA A 79 4.38 8.66 -10.06
N ARG A 80 3.29 8.17 -10.68
CA ARG A 80 3.24 7.79 -12.10
C ARG A 80 3.20 9.03 -13.00
N GLU A 81 2.47 10.06 -12.56
CA GLU A 81 2.39 11.35 -13.25
C GLU A 81 3.65 12.21 -13.02
N GLY A 82 4.55 11.76 -12.13
CA GLY A 82 5.86 12.36 -11.87
C GLY A 82 5.88 13.27 -10.64
N ASP A 83 4.82 13.23 -9.82
CA ASP A 83 4.64 14.07 -8.64
C ASP A 83 5.04 13.30 -7.38
N LYS A 84 6.35 13.05 -7.28
CA LYS A 84 6.99 12.29 -6.21
C LYS A 84 6.80 12.98 -4.85
N ASP A 85 6.76 14.30 -4.84
CA ASP A 85 6.51 15.09 -3.63
C ASP A 85 5.08 14.92 -3.10
N THR A 86 4.04 14.94 -3.94
CA THR A 86 2.68 14.63 -3.47
C THR A 86 2.56 13.15 -3.11
N ALA A 87 3.25 12.25 -3.81
CA ALA A 87 3.29 10.82 -3.46
C ALA A 87 3.90 10.58 -2.07
N ARG A 88 4.97 11.30 -1.70
CA ARG A 88 5.52 11.32 -0.34
C ARG A 88 4.47 11.78 0.69
N GLU A 89 3.80 12.89 0.43
CA GLU A 89 2.77 13.44 1.32
C GLU A 89 1.54 12.52 1.42
N LEU A 90 1.22 11.73 0.39
CA LEU A 90 0.20 10.69 0.43
C LEU A 90 0.59 9.54 1.38
N ILE A 91 1.80 8.98 1.26
CA ILE A 91 2.23 7.88 2.16
C ILE A 91 2.33 8.37 3.60
N ARG A 92 2.74 9.62 3.84
CA ARG A 92 2.84 10.15 5.22
C ARG A 92 1.52 10.03 5.97
N LYS A 93 0.36 10.14 5.28
CA LYS A 93 -0.96 9.97 5.87
C LYS A 93 -1.25 8.49 6.18
N PHE A 94 -0.87 7.59 5.28
CA PHE A 94 -1.12 6.14 5.37
C PHE A 94 -0.24 5.46 6.42
N ALA A 95 1.08 5.67 6.35
CA ALA A 95 2.01 5.16 7.35
C ALA A 95 1.68 5.69 8.76
N ASP A 96 1.22 6.95 8.86
CA ASP A 96 0.82 7.56 10.13
C ASP A 96 -0.50 7.02 10.69
N ASP A 97 -1.50 6.79 9.83
CA ASP A 97 -2.80 6.23 10.22
C ASP A 97 -2.65 4.88 10.94
N LEU A 98 -1.77 4.00 10.42
CA LEU A 98 -1.50 2.65 10.92
C LEU A 98 -0.33 2.62 11.93
N GLY A 99 0.35 3.75 12.13
CA GLY A 99 1.44 3.90 13.12
C GLY A 99 2.70 3.09 12.78
N ILE A 100 2.97 2.91 11.49
CA ILE A 100 4.06 2.06 10.95
C ILE A 100 5.23 2.87 10.40
N SER A 101 6.37 2.20 10.21
CA SER A 101 7.56 2.77 9.57
C SER A 101 7.47 2.73 8.03
N PRO A 102 8.15 3.63 7.32
CA PRO A 102 8.31 3.53 5.86
C PRO A 102 9.01 2.24 5.41
N GLU A 103 9.85 1.65 6.28
CA GLU A 103 10.48 0.35 6.03
C GLU A 103 9.49 -0.82 6.08
N GLN A 104 8.40 -0.71 6.86
CA GLN A 104 7.29 -1.66 6.82
C GLN A 104 6.43 -1.46 5.56
N VAL A 105 6.27 -0.22 5.06
CA VAL A 105 5.61 0.06 3.78
C VAL A 105 6.40 -0.52 2.59
N LYS A 106 7.75 -0.47 2.62
CA LYS A 106 8.63 -1.16 1.66
C LYS A 106 8.40 -2.69 1.59
N LYS A 107 7.96 -3.33 2.69
CA LYS A 107 7.53 -4.75 2.71
C LYS A 107 6.13 -4.92 2.10
N PHE A 108 5.22 -3.99 2.39
CA PHE A 108 3.84 -4.03 1.91
C PHE A 108 3.72 -3.99 0.38
N ILE A 109 4.43 -3.08 -0.29
CA ILE A 109 4.44 -3.04 -1.77
C ILE A 109 4.84 -4.39 -2.39
N LYS A 110 5.72 -5.15 -1.72
CA LYS A 110 6.15 -6.50 -2.15
C LYS A 110 5.01 -7.51 -2.03
N ILE A 111 4.07 -7.32 -1.10
CA ILE A 111 2.81 -8.08 -1.03
C ILE A 111 1.84 -7.59 -2.11
N MET A 112 1.75 -6.28 -2.34
CA MET A 112 0.88 -5.67 -3.35
C MET A 112 1.15 -6.21 -4.76
N ARG A 113 2.41 -6.41 -5.15
CA ARG A 113 2.70 -7.07 -6.44
C ARG A 113 2.39 -8.58 -6.46
N GLU A 114 2.46 -9.26 -5.31
CA GLU A 114 2.18 -10.70 -5.22
C GLU A 114 0.69 -11.02 -5.32
N VAL A 115 -0.21 -10.22 -4.73
CA VAL A 115 -1.67 -10.41 -4.90
C VAL A 115 -2.12 -10.20 -6.36
N GLN A 116 -1.46 -9.29 -7.09
CA GLN A 116 -1.80 -8.99 -8.50
C GLN A 116 -1.60 -10.20 -9.41
N ARG A 117 -0.48 -10.91 -9.26
CA ARG A 117 -0.19 -12.14 -10.03
C ARG A 117 -1.03 -13.32 -9.56
N LYS A 118 -1.35 -13.38 -8.27
CA LYS A 118 -2.01 -14.50 -7.58
C LYS A 118 -3.52 -14.59 -7.84
N GLU A 119 -4.17 -13.46 -8.08
CA GLU A 119 -5.56 -13.41 -8.57
C GLU A 119 -5.69 -13.92 -10.02
N ASP A 120 -4.66 -13.71 -10.85
CA ASP A 120 -4.54 -14.29 -12.19
C ASP A 120 -3.98 -15.73 -12.19
N GLY A 121 -3.23 -16.10 -11.14
CA GLY A 121 -2.49 -17.35 -11.01
C GLY A 121 -1.26 -17.48 -11.92
N SER A 122 -0.60 -16.35 -12.21
CA SER A 122 0.64 -16.32 -13.00
C SER A 122 1.82 -16.97 -12.26
N LEU A 123 2.51 -17.89 -12.94
CA LEU A 123 3.63 -18.69 -12.46
C LEU A 123 4.66 -18.89 -13.59
N GLU A 124 5.96 -18.80 -13.28
CA GLU A 124 7.07 -19.10 -14.20
C GLU A 124 8.21 -19.84 -13.48
N HIS A 125 8.87 -19.18 -12.52
CA HIS A 125 9.94 -19.73 -11.69
C HIS A 125 10.04 -18.98 -10.35
N HIS A 126 10.58 -19.61 -9.30
CA HIS A 126 10.84 -18.99 -8.00
C HIS A 126 12.10 -18.10 -8.02
N HIS A 127 12.16 -17.12 -7.11
CA HIS A 127 13.36 -16.31 -6.88
C HIS A 127 14.47 -17.13 -6.23
N HIS A 128 15.73 -16.85 -6.58
CA HIS A 128 16.92 -17.56 -6.10
C HIS A 128 18.18 -16.68 -6.24
N HIS A 129 19.15 -16.86 -5.32
CA HIS A 129 20.38 -16.06 -5.27
C HIS A 129 21.59 -16.73 -5.94
N HIS A 130 21.68 -18.06 -5.86
CA HIS A 130 22.78 -18.90 -6.37
C HIS A 130 22.24 -20.14 -7.12
N GLY A 1 11.39 17.03 9.78
CA GLY A 1 10.64 15.75 9.71
C GLY A 1 11.41 14.68 8.95
N ASP A 2 10.90 13.44 8.97
CA ASP A 2 11.56 12.24 8.42
C ASP A 2 11.40 12.06 6.88
N GLU A 3 11.19 13.17 6.17
CA GLU A 3 10.86 13.20 4.74
C GLU A 3 11.95 12.58 3.86
N ARG A 4 13.21 12.74 4.26
CA ARG A 4 14.39 12.16 3.60
C ARG A 4 14.36 10.63 3.56
N LYS A 5 13.79 9.98 4.59
CA LYS A 5 13.52 8.54 4.60
C LYS A 5 12.20 8.19 3.89
N LEU A 6 11.19 9.06 3.97
CA LEU A 6 9.90 8.91 3.28
C LEU A 6 10.08 8.86 1.74
N GLU A 7 11.06 9.56 1.18
CA GLU A 7 11.40 9.46 -0.24
C GLU A 7 11.77 8.02 -0.67
N GLU A 8 12.34 7.20 0.22
CA GLU A 8 12.71 5.80 -0.08
C GLU A 8 11.48 4.87 -0.18
N VAL A 9 10.45 5.10 0.64
CA VAL A 9 9.15 4.40 0.50
C VAL A 9 8.35 4.94 -0.69
N THR A 10 8.44 6.25 -0.95
CA THR A 10 7.84 6.89 -2.14
C THR A 10 8.44 6.31 -3.43
N GLU A 11 9.71 5.89 -3.40
CA GLU A 11 10.35 5.17 -4.51
C GLU A 11 9.62 3.88 -4.88
N GLU A 12 9.10 3.11 -3.92
CA GLU A 12 8.34 1.90 -4.23
C GLU A 12 6.97 2.20 -4.85
N MET A 13 6.35 3.35 -4.55
CA MET A 13 5.08 3.75 -5.18
C MET A 13 5.28 4.08 -6.66
N ARG A 14 6.44 4.64 -7.04
CA ARG A 14 6.85 4.83 -8.45
C ARG A 14 6.97 3.48 -9.16
N LYS A 15 7.75 2.57 -8.56
CA LYS A 15 8.08 1.23 -9.09
C LYS A 15 6.82 0.37 -9.25
N MET A 16 5.91 0.41 -8.28
CA MET A 16 4.63 -0.32 -8.35
C MET A 16 3.72 0.22 -9.44
N ALA A 17 3.49 1.53 -9.48
CA ALA A 17 2.57 2.17 -10.42
C ALA A 17 2.98 1.96 -11.89
N GLU A 18 4.27 2.12 -12.22
CA GLU A 18 4.78 1.86 -13.58
C GLU A 18 4.81 0.36 -13.95
N ASN A 19 4.94 -0.55 -12.96
CA ASN A 19 4.88 -2.00 -13.16
C ASN A 19 3.42 -2.49 -13.39
N MET A 20 2.43 -1.85 -12.75
CA MET A 20 1.01 -2.17 -12.91
C MET A 20 0.31 -1.41 -14.07
N ASP A 21 1.05 -0.59 -14.82
CA ASP A 21 0.53 0.32 -15.84
C ASP A 21 -0.39 -0.36 -16.88
N GLY A 22 -1.54 0.26 -17.16
CA GLY A 22 -2.54 -0.21 -18.12
C GLY A 22 -3.70 -1.04 -17.55
N GLN A 23 -3.68 -1.42 -16.26
CA GLN A 23 -4.83 -2.04 -15.58
C GLN A 23 -5.85 -0.99 -15.10
N ASP A 24 -7.02 -1.45 -14.67
CA ASP A 24 -8.14 -0.59 -14.29
C ASP A 24 -7.95 -0.01 -12.87
N PRO A 25 -8.12 1.32 -12.67
CA PRO A 25 -7.85 1.99 -11.40
C PRO A 25 -8.77 1.51 -10.26
N GLU A 26 -9.98 1.05 -10.57
CA GLU A 26 -10.93 0.53 -9.58
C GLU A 26 -10.49 -0.84 -9.01
N LYS A 27 -9.69 -1.60 -9.78
CA LYS A 27 -9.11 -2.89 -9.36
C LYS A 27 -7.94 -2.64 -8.42
N VAL A 28 -7.13 -1.61 -8.70
CA VAL A 28 -5.99 -1.22 -7.85
C VAL A 28 -6.43 -0.99 -6.41
N LYS A 29 -7.56 -0.30 -6.18
CA LYS A 29 -8.11 -0.10 -4.83
C LYS A 29 -8.36 -1.41 -4.08
N GLU A 30 -8.91 -2.42 -4.76
CA GLU A 30 -9.21 -3.75 -4.18
C GLU A 30 -7.96 -4.63 -4.01
N ILE A 31 -6.93 -4.44 -4.84
CA ILE A 31 -5.61 -5.07 -4.68
C ILE A 31 -4.86 -4.46 -3.48
N VAL A 32 -4.81 -3.13 -3.38
CA VAL A 32 -4.18 -2.43 -2.25
C VAL A 32 -4.93 -2.74 -0.95
N ARG A 33 -6.26 -2.82 -0.99
CA ARG A 33 -7.10 -3.19 0.17
C ARG A 33 -6.60 -4.48 0.81
N ARG A 34 -6.50 -5.57 0.04
CA ARG A 34 -6.05 -6.89 0.56
C ARG A 34 -4.55 -6.93 0.88
N ALA A 35 -3.73 -6.15 0.16
CA ALA A 35 -2.30 -6.05 0.38
C ALA A 35 -1.98 -5.29 1.70
N LEU A 36 -2.67 -4.18 1.99
CA LEU A 36 -2.48 -3.44 3.24
C LEU A 36 -3.09 -4.19 4.44
N GLN A 37 -4.18 -4.90 4.20
CA GLN A 37 -4.85 -5.80 5.14
C GLN A 37 -3.98 -7.00 5.54
N GLN A 38 -3.11 -7.49 4.66
CA GLN A 38 -2.20 -8.60 4.95
C GLN A 38 -1.22 -8.21 6.06
N MET A 39 -0.76 -6.96 6.10
CA MET A 39 0.08 -6.41 7.17
C MET A 39 -0.55 -6.58 8.56
N ALA A 40 -1.87 -6.47 8.70
CA ALA A 40 -2.59 -6.74 9.95
C ALA A 40 -2.78 -8.24 10.24
N ASN A 41 -2.87 -9.06 9.19
CA ASN A 41 -2.86 -10.52 9.34
C ASN A 41 -1.46 -11.06 9.71
N ASP A 42 -0.39 -10.34 9.34
CA ASP A 42 1.01 -10.65 9.62
C ASP A 42 1.54 -10.05 10.94
N ASN A 43 1.07 -8.85 11.33
CA ASN A 43 1.60 -8.10 12.49
C ASN A 43 0.46 -7.55 13.38
N PRO A 44 0.48 -7.80 14.71
CA PRO A 44 -0.56 -7.33 15.63
C PRO A 44 -0.54 -5.81 15.85
N GLU A 45 0.61 -5.17 15.63
CA GLU A 45 0.79 -3.71 15.73
C GLU A 45 0.02 -2.92 14.67
N VAL A 46 -0.23 -3.51 13.49
CA VAL A 46 -1.09 -2.94 12.45
C VAL A 46 -2.55 -3.20 12.80
N SER A 47 -2.91 -4.46 13.10
CA SER A 47 -4.30 -4.85 13.40
C SER A 47 -4.89 -4.14 14.61
N GLU A 48 -4.08 -3.84 15.64
CA GLU A 48 -4.56 -3.05 16.78
C GLU A 48 -4.86 -1.59 16.40
N GLN A 49 -4.15 -1.05 15.39
CA GLN A 49 -4.39 0.32 14.92
C GLN A 49 -5.59 0.39 13.97
N LEU A 50 -5.81 -0.60 13.10
CA LEU A 50 -7.02 -0.70 12.27
C LEU A 50 -8.30 -0.62 13.12
N ARG A 51 -8.30 -1.24 14.31
CA ARG A 51 -9.39 -1.16 15.31
C ARG A 51 -9.58 0.25 15.86
N GLU A 52 -8.52 1.00 16.14
CA GLU A 52 -8.66 2.40 16.61
C GLU A 52 -9.31 3.31 15.55
N LEU A 53 -8.98 3.10 14.27
CA LEU A 53 -9.61 3.84 13.17
C LEU A 53 -11.08 3.44 13.01
N ALA A 54 -11.38 2.13 13.05
CA ALA A 54 -12.75 1.63 13.01
C ALA A 54 -13.64 2.16 14.14
N LYS A 55 -13.13 2.21 15.39
CA LYS A 55 -13.82 2.80 16.55
C LYS A 55 -14.18 4.28 16.33
N ARG A 56 -13.25 5.07 15.76
CA ARG A 56 -13.46 6.51 15.48
C ARG A 56 -14.37 6.76 14.27
N LYS A 57 -14.34 5.87 13.27
CA LYS A 57 -15.22 5.91 12.08
C LYS A 57 -16.61 5.29 12.32
N GLY A 58 -16.80 4.56 13.43
CA GLY A 58 -18.07 3.94 13.82
C GLY A 58 -18.40 2.66 13.04
N THR A 59 -17.36 1.91 12.63
CA THR A 59 -17.44 0.77 11.71
C THR A 59 -16.54 -0.40 12.15
N SER A 60 -16.31 -1.39 11.28
CA SER A 60 -15.42 -2.55 11.47
C SER A 60 -14.01 -2.31 10.88
N PRO A 61 -12.95 -2.93 11.42
CA PRO A 61 -11.57 -2.76 10.93
C PRO A 61 -11.37 -3.23 9.48
N SER A 62 -12.19 -4.16 8.98
CA SER A 62 -12.27 -4.55 7.56
C SER A 62 -12.79 -3.44 6.64
N GLU A 63 -13.68 -2.60 7.15
CA GLU A 63 -14.29 -1.46 6.42
C GLU A 63 -13.38 -0.23 6.35
N VAL A 64 -12.51 -0.01 7.36
CA VAL A 64 -11.44 1.00 7.35
C VAL A 64 -10.54 0.87 6.10
N ILE A 65 -10.31 -0.37 5.67
CA ILE A 65 -9.32 -0.71 4.63
C ILE A 65 -9.61 -0.06 3.27
N LYS A 66 -10.87 0.10 2.88
CA LYS A 66 -11.25 0.79 1.62
C LYS A 66 -10.69 2.22 1.56
N ASP A 67 -10.68 2.91 2.70
CA ASP A 67 -10.20 4.29 2.86
C ASP A 67 -8.67 4.36 2.88
N LEU A 68 -8.03 3.43 3.60
CA LEU A 68 -6.58 3.25 3.68
C LEU A 68 -5.97 2.92 2.31
N ALA A 69 -6.68 2.12 1.51
CA ALA A 69 -6.23 1.70 0.20
C ALA A 69 -6.23 2.84 -0.82
N GLU A 70 -7.19 3.77 -0.70
CA GLU A 70 -7.23 4.96 -1.55
C GLU A 70 -6.03 5.88 -1.30
N GLN A 71 -5.46 5.92 -0.09
CA GLN A 71 -4.33 6.80 0.22
C GLN A 71 -3.06 6.34 -0.53
N VAL A 72 -2.82 5.03 -0.55
CA VAL A 72 -1.67 4.46 -1.27
C VAL A 72 -1.88 4.48 -2.78
N TRP A 73 -3.10 4.18 -3.28
CA TRP A 73 -3.35 4.26 -4.73
C TRP A 73 -3.17 5.69 -5.27
N ARG A 74 -3.72 6.69 -4.57
CA ARG A 74 -3.45 8.11 -4.87
C ARG A 74 -1.96 8.44 -4.83
N ALA A 75 -1.16 7.83 -3.95
CA ALA A 75 0.29 8.02 -3.92
C ALA A 75 0.98 7.38 -5.15
N MET A 76 0.53 6.19 -5.56
CA MET A 76 1.02 5.48 -6.75
C MET A 76 0.75 6.26 -8.05
N GLU A 77 -0.49 6.68 -8.30
CA GLU A 77 -0.81 7.45 -9.52
C GLU A 77 -0.13 8.82 -9.56
N ARG A 78 0.03 9.49 -8.41
CA ARG A 78 0.82 10.71 -8.29
C ARG A 78 2.30 10.52 -8.60
N ALA A 79 2.92 9.51 -8.00
CA ALA A 79 4.31 9.16 -8.26
C ALA A 79 4.56 8.79 -9.73
N ARG A 80 3.52 8.33 -10.43
CA ARG A 80 3.59 7.87 -11.84
C ARG A 80 3.26 8.98 -12.84
N GLU A 81 2.67 10.08 -12.37
CA GLU A 81 2.55 11.34 -13.10
C GLU A 81 3.78 12.24 -12.86
N GLY A 82 4.69 11.83 -11.95
CA GLY A 82 5.96 12.50 -11.65
C GLY A 82 5.90 13.40 -10.42
N ASP A 83 4.86 13.27 -9.59
CA ASP A 83 4.58 14.11 -8.43
C ASP A 83 4.98 13.39 -7.13
N LYS A 84 6.29 13.22 -6.96
CA LYS A 84 6.92 12.62 -5.77
C LYS A 84 6.54 13.36 -4.48
N ASP A 85 6.31 14.67 -4.57
CA ASP A 85 5.99 15.50 -3.41
C ASP A 85 4.59 15.24 -2.84
N THR A 86 3.57 15.12 -3.70
CA THR A 86 2.23 14.72 -3.26
C THR A 86 2.18 13.23 -2.92
N ALA A 87 2.94 12.38 -3.62
CA ALA A 87 3.07 10.96 -3.28
C ALA A 87 3.64 10.76 -1.86
N ARG A 88 4.67 11.54 -1.47
CA ARG A 88 5.22 11.54 -0.10
C ARG A 88 4.18 11.97 0.94
N GLU A 89 3.46 13.05 0.67
CA GLU A 89 2.34 13.55 1.51
C GLU A 89 1.23 12.50 1.68
N LEU A 90 0.96 11.72 0.63
CA LEU A 90 -0.07 10.66 0.63
C LEU A 90 0.37 9.37 1.35
N ILE A 91 1.63 8.93 1.21
CA ILE A 91 2.13 7.81 2.03
C ILE A 91 2.26 8.21 3.49
N ARG A 92 2.75 9.42 3.81
CA ARG A 92 3.01 9.75 5.22
C ARG A 92 1.74 9.68 6.04
N LYS A 93 0.58 9.99 5.45
CA LYS A 93 -0.73 9.81 6.07
C LYS A 93 -1.08 8.33 6.30
N PHE A 94 -0.75 7.47 5.34
CA PHE A 94 -0.99 6.03 5.37
C PHE A 94 -0.10 5.31 6.39
N ALA A 95 1.22 5.52 6.33
CA ALA A 95 2.15 5.01 7.32
C ALA A 95 1.84 5.53 8.73
N ASP A 96 1.42 6.79 8.85
CA ASP A 96 1.08 7.39 10.15
C ASP A 96 -0.24 6.87 10.73
N ASP A 97 -1.27 6.67 9.89
CA ASP A 97 -2.58 6.19 10.31
C ASP A 97 -2.51 4.79 10.95
N LEU A 98 -1.64 3.91 10.43
CA LEU A 98 -1.40 2.54 10.94
C LEU A 98 -0.22 2.50 11.92
N GLY A 99 0.47 3.63 12.13
CA GLY A 99 1.57 3.76 13.11
C GLY A 99 2.81 2.92 12.77
N ILE A 100 3.10 2.75 11.49
CA ILE A 100 4.16 1.89 10.94
C ILE A 100 5.37 2.69 10.41
N SER A 101 6.49 1.99 10.24
CA SER A 101 7.75 2.52 9.71
C SER A 101 7.82 2.36 8.19
N PRO A 102 8.49 3.26 7.44
CA PRO A 102 8.53 3.21 5.96
C PRO A 102 9.15 1.91 5.41
N GLU A 103 10.08 1.27 6.11
CA GLU A 103 10.64 -0.05 5.73
C GLU A 103 9.61 -1.19 5.83
N GLN A 104 8.58 -1.09 6.67
CA GLN A 104 7.45 -2.04 6.65
C GLN A 104 6.52 -1.79 5.46
N VAL A 105 6.37 -0.53 5.01
CA VAL A 105 5.66 -0.21 3.76
C VAL A 105 6.43 -0.73 2.53
N LYS A 106 7.78 -0.66 2.52
CA LYS A 106 8.63 -1.32 1.51
C LYS A 106 8.42 -2.84 1.45
N LYS A 107 7.99 -3.48 2.55
CA LYS A 107 7.59 -4.89 2.62
C LYS A 107 6.16 -5.13 2.13
N PHE A 108 5.25 -4.19 2.41
CA PHE A 108 3.85 -4.21 1.93
C PHE A 108 3.74 -4.17 0.40
N ILE A 109 4.42 -3.25 -0.28
CA ILE A 109 4.42 -3.18 -1.74
C ILE A 109 4.84 -4.54 -2.37
N LYS A 110 5.73 -5.29 -1.71
CA LYS A 110 6.19 -6.61 -2.14
C LYS A 110 5.07 -7.66 -2.08
N ILE A 111 4.10 -7.51 -1.16
CA ILE A 111 2.88 -8.33 -1.14
C ILE A 111 1.93 -7.93 -2.27
N MET A 112 1.79 -6.62 -2.53
CA MET A 112 0.90 -6.09 -3.58
C MET A 112 1.22 -6.72 -4.95
N ARG A 113 2.50 -6.77 -5.34
CA ARG A 113 2.92 -7.43 -6.61
C ARG A 113 2.73 -8.95 -6.64
N GLU A 114 2.70 -9.61 -5.48
CA GLU A 114 2.46 -11.07 -5.37
C GLU A 114 0.96 -11.41 -5.42
N VAL A 115 0.09 -10.52 -4.93
CA VAL A 115 -1.37 -10.71 -4.97
C VAL A 115 -2.01 -10.22 -6.28
N GLN A 116 -1.40 -9.25 -6.98
CA GLN A 116 -1.86 -8.80 -8.32
C GLN A 116 -2.00 -9.95 -9.33
N ARG A 117 -0.97 -10.80 -9.41
CA ARG A 117 -0.89 -11.95 -10.34
C ARG A 117 -1.79 -13.13 -9.95
N LYS A 118 -2.13 -13.22 -8.67
CA LYS A 118 -2.88 -14.32 -8.04
C LYS A 118 -4.34 -14.40 -8.49
N GLU A 119 -4.88 -13.28 -8.99
CA GLU A 119 -6.19 -13.21 -9.68
C GLU A 119 -6.25 -14.08 -10.95
N ASP A 120 -5.09 -14.30 -11.61
CA ASP A 120 -4.94 -15.14 -12.81
C ASP A 120 -4.10 -16.41 -12.56
N GLY A 121 -3.36 -16.46 -11.44
CA GLY A 121 -2.47 -17.59 -11.08
C GLY A 121 -1.27 -17.78 -12.01
N SER A 122 -0.89 -16.74 -12.76
CA SER A 122 0.12 -16.78 -13.84
C SER A 122 1.40 -16.00 -13.49
N LEU A 123 2.48 -16.25 -14.23
CA LEU A 123 3.75 -15.52 -14.10
C LEU A 123 3.68 -14.14 -14.77
N GLU A 124 4.42 -13.17 -14.23
CA GLU A 124 4.58 -11.82 -14.79
C GLU A 124 5.94 -11.23 -14.38
N HIS A 125 6.72 -10.74 -15.35
CA HIS A 125 8.10 -10.26 -15.15
C HIS A 125 8.41 -9.02 -16.03
N HIS A 126 9.24 -8.11 -15.51
CA HIS A 126 9.76 -6.94 -16.20
C HIS A 126 11.25 -6.72 -15.90
N HIS A 127 11.98 -6.06 -16.81
CA HIS A 127 13.39 -5.71 -16.64
C HIS A 127 13.55 -4.38 -15.89
N HIS A 128 14.53 -4.32 -14.98
CA HIS A 128 14.83 -3.15 -14.13
C HIS A 128 16.35 -2.94 -13.95
N HIS A 129 16.75 -1.71 -13.64
CA HIS A 129 18.13 -1.32 -13.30
C HIS A 129 18.16 -0.17 -12.27
N HIS A 130 19.34 0.09 -11.70
CA HIS A 130 19.61 1.24 -10.81
C HIS A 130 19.76 2.58 -11.57
N GLY A 1 8.86 8.64 13.68
CA GLY A 1 9.04 9.82 12.81
C GLY A 1 9.35 9.38 11.39
N ASP A 2 10.64 9.33 11.03
CA ASP A 2 11.16 8.72 9.79
C ASP A 2 10.66 9.36 8.47
N GLU A 3 10.20 10.61 8.51
CA GLU A 3 9.57 11.29 7.36
C GLU A 3 10.58 11.64 6.25
N ARG A 4 11.83 11.88 6.63
CA ARG A 4 12.97 11.99 5.71
C ARG A 4 13.19 10.65 4.98
N LYS A 5 13.23 9.56 5.74
CA LYS A 5 13.39 8.18 5.25
C LYS A 5 12.21 7.71 4.40
N LEU A 6 11.04 8.35 4.53
CA LEU A 6 9.86 8.10 3.70
C LEU A 6 10.04 8.39 2.21
N GLU A 7 10.94 9.32 1.88
CA GLU A 7 11.37 9.54 0.49
C GLU A 7 11.92 8.25 -0.14
N GLU A 8 12.52 7.36 0.67
CA GLU A 8 12.96 6.04 0.23
C GLU A 8 11.80 5.09 -0.08
N VAL A 9 10.62 5.16 0.59
CA VAL A 9 9.48 4.29 0.19
C VAL A 9 8.60 4.91 -0.90
N THR A 10 8.59 6.23 -0.99
CA THR A 10 7.99 6.96 -2.13
C THR A 10 8.60 6.48 -3.46
N GLU A 11 9.87 6.04 -3.45
CA GLU A 11 10.50 5.36 -4.58
C GLU A 11 9.78 4.08 -5.02
N GLU A 12 9.27 3.24 -4.11
CA GLU A 12 8.52 2.04 -4.49
C GLU A 12 7.22 2.39 -5.22
N MET A 13 6.52 3.47 -4.85
CA MET A 13 5.26 3.85 -5.50
C MET A 13 5.46 4.21 -6.98
N ARG A 14 6.64 4.72 -7.34
CA ARG A 14 7.04 5.01 -8.74
C ARG A 14 7.21 3.71 -9.51
N LYS A 15 7.93 2.75 -8.92
CA LYS A 15 8.17 1.41 -9.50
C LYS A 15 6.89 0.59 -9.61
N MET A 16 6.03 0.59 -8.59
CA MET A 16 4.82 -0.24 -8.56
C MET A 16 3.78 0.28 -9.56
N ALA A 17 3.62 1.59 -9.69
CA ALA A 17 2.67 2.20 -10.62
C ALA A 17 2.98 1.88 -12.09
N GLU A 18 4.26 1.90 -12.50
CA GLU A 18 4.65 1.50 -13.86
C GLU A 18 4.61 -0.03 -14.07
N ASN A 19 4.80 -0.82 -13.00
CA ASN A 19 4.69 -2.28 -13.03
C ASN A 19 3.23 -2.76 -13.19
N MET A 20 2.26 -2.07 -12.58
CA MET A 20 0.84 -2.41 -12.68
C MET A 20 0.09 -1.80 -13.88
N ASP A 21 0.76 -0.93 -14.65
CA ASP A 21 0.15 -0.10 -15.69
C ASP A 21 -0.58 -0.91 -16.78
N GLY A 22 -1.70 -0.37 -17.29
CA GLY A 22 -2.59 -0.99 -18.27
C GLY A 22 -3.81 -1.71 -17.68
N GLN A 23 -3.87 -1.93 -16.35
CA GLN A 23 -5.06 -2.44 -15.66
C GLN A 23 -6.00 -1.33 -15.17
N ASP A 24 -7.19 -1.71 -14.70
CA ASP A 24 -8.22 -0.77 -14.25
C ASP A 24 -7.88 -0.17 -12.86
N PRO A 25 -7.91 1.15 -12.68
CA PRO A 25 -7.77 1.81 -11.38
C PRO A 25 -8.73 1.29 -10.30
N GLU A 26 -9.90 0.74 -10.68
CA GLU A 26 -10.87 0.21 -9.71
C GLU A 26 -10.43 -1.15 -9.13
N LYS A 27 -9.64 -1.92 -9.88
CA LYS A 27 -8.97 -3.14 -9.40
C LYS A 27 -7.85 -2.78 -8.45
N VAL A 28 -7.10 -1.70 -8.74
CA VAL A 28 -5.98 -1.24 -7.91
C VAL A 28 -6.44 -0.96 -6.47
N LYS A 29 -7.59 -0.32 -6.27
CA LYS A 29 -8.15 -0.08 -4.92
C LYS A 29 -8.36 -1.39 -4.14
N GLU A 30 -8.87 -2.44 -4.79
CA GLU A 30 -9.11 -3.76 -4.20
C GLU A 30 -7.81 -4.55 -3.93
N ILE A 31 -6.83 -4.46 -4.84
CA ILE A 31 -5.48 -5.02 -4.68
C ILE A 31 -4.77 -4.36 -3.49
N VAL A 32 -4.74 -3.03 -3.42
CA VAL A 32 -4.13 -2.29 -2.30
C VAL A 32 -4.87 -2.59 -1.00
N ARG A 33 -6.21 -2.66 -1.01
CA ARG A 33 -7.02 -3.03 0.16
C ARG A 33 -6.54 -4.33 0.79
N ARG A 34 -6.40 -5.43 0.03
CA ARG A 34 -5.92 -6.72 0.58
C ARG A 34 -4.42 -6.74 0.88
N ALA A 35 -3.63 -5.97 0.14
CA ALA A 35 -2.19 -5.83 0.35
C ALA A 35 -1.86 -5.07 1.65
N LEU A 36 -2.56 -3.97 1.96
CA LEU A 36 -2.35 -3.19 3.19
C LEU A 36 -2.89 -3.95 4.41
N GLN A 37 -4.00 -4.66 4.19
CA GLN A 37 -4.65 -5.56 5.13
C GLN A 37 -3.77 -6.75 5.53
N GLN A 38 -2.91 -7.26 4.63
CA GLN A 38 -2.04 -8.40 4.89
C GLN A 38 -1.06 -8.12 6.04
N MET A 39 -0.52 -6.91 6.13
CA MET A 39 0.33 -6.49 7.25
C MET A 39 -0.34 -6.67 8.63
N ALA A 40 -1.67 -6.55 8.73
CA ALA A 40 -2.44 -6.83 9.95
C ALA A 40 -2.68 -8.32 10.18
N ASN A 41 -2.78 -9.08 9.09
CA ASN A 41 -2.86 -10.54 9.14
C ASN A 41 -1.51 -11.17 9.59
N ASP A 42 -0.39 -10.54 9.24
CA ASP A 42 0.97 -10.91 9.68
C ASP A 42 1.31 -10.38 11.08
N ASN A 43 0.96 -9.12 11.40
CA ASN A 43 1.38 -8.41 12.62
C ASN A 43 0.19 -7.83 13.42
N PRO A 44 0.07 -8.14 14.73
CA PRO A 44 -1.02 -7.64 15.56
C PRO A 44 -0.94 -6.12 15.82
N GLU A 45 0.25 -5.53 15.77
CA GLU A 45 0.48 -4.09 15.98
C GLU A 45 -0.13 -3.20 14.88
N VAL A 46 -0.28 -3.73 13.66
CA VAL A 46 -1.00 -3.07 12.55
C VAL A 46 -2.51 -3.26 12.75
N SER A 47 -2.93 -4.50 13.02
CA SER A 47 -4.33 -4.87 13.25
C SER A 47 -4.99 -4.11 14.40
N GLU A 48 -4.26 -3.84 15.50
CA GLU A 48 -4.80 -3.01 16.59
C GLU A 48 -4.99 -1.55 16.15
N GLN A 49 -4.19 -1.05 15.20
CA GLN A 49 -4.40 0.28 14.62
C GLN A 49 -5.60 0.30 13.67
N LEU A 50 -5.80 -0.74 12.85
CA LEU A 50 -7.05 -0.90 12.06
C LEU A 50 -8.29 -0.80 12.95
N ARG A 51 -8.25 -1.46 14.12
CA ARG A 51 -9.30 -1.38 15.14
C ARG A 51 -9.48 0.03 15.69
N GLU A 52 -8.42 0.78 16.00
CA GLU A 52 -8.56 2.15 16.52
C GLU A 52 -9.28 3.09 15.53
N LEU A 53 -8.94 3.01 14.25
CA LEU A 53 -9.59 3.86 13.23
C LEU A 53 -11.06 3.49 13.05
N ALA A 54 -11.36 2.19 12.99
CA ALA A 54 -12.73 1.68 12.90
C ALA A 54 -13.58 2.00 14.15
N LYS A 55 -13.01 1.87 15.36
CA LYS A 55 -13.65 2.24 16.64
C LYS A 55 -14.00 3.73 16.71
N ARG A 56 -13.14 4.62 16.20
CA ARG A 56 -13.39 6.07 16.11
C ARG A 56 -14.54 6.42 15.16
N LYS A 57 -14.71 5.62 14.10
CA LYS A 57 -15.76 5.77 13.07
C LYS A 57 -17.05 5.00 13.38
N GLY A 58 -17.03 4.06 14.33
CA GLY A 58 -18.17 3.24 14.73
C GLY A 58 -18.43 2.05 13.79
N THR A 59 -17.38 1.49 13.19
CA THR A 59 -17.41 0.43 12.17
C THR A 59 -16.42 -0.71 12.48
N SER A 60 -16.30 -1.68 11.56
CA SER A 60 -15.39 -2.84 11.63
C SER A 60 -13.99 -2.53 11.04
N PRO A 61 -12.92 -3.19 11.54
CA PRO A 61 -11.53 -2.96 11.09
C PRO A 61 -11.31 -3.25 9.60
N SER A 62 -12.11 -4.15 9.00
CA SER A 62 -12.11 -4.44 7.55
C SER A 62 -12.63 -3.30 6.68
N GLU A 63 -13.47 -2.42 7.23
CA GLU A 63 -14.23 -1.42 6.48
C GLU A 63 -13.44 -0.12 6.23
N VAL A 64 -12.59 0.30 7.17
CA VAL A 64 -11.68 1.44 6.99
C VAL A 64 -10.62 1.22 5.91
N ILE A 65 -10.33 -0.04 5.57
CA ILE A 65 -9.30 -0.45 4.61
C ILE A 65 -9.54 0.14 3.21
N LYS A 66 -10.80 0.29 2.79
CA LYS A 66 -11.16 0.94 1.51
C LYS A 66 -10.58 2.37 1.42
N ASP A 67 -10.61 3.11 2.53
CA ASP A 67 -10.09 4.47 2.62
C ASP A 67 -8.56 4.52 2.70
N LEU A 68 -7.95 3.65 3.52
CA LEU A 68 -6.50 3.45 3.63
C LEU A 68 -5.89 3.10 2.27
N ALA A 69 -6.59 2.31 1.47
CA ALA A 69 -6.14 1.89 0.15
C ALA A 69 -6.18 3.01 -0.89
N GLU A 70 -7.16 3.90 -0.82
CA GLU A 70 -7.25 5.07 -1.70
C GLU A 70 -6.08 6.03 -1.49
N GLN A 71 -5.52 6.13 -0.27
CA GLN A 71 -4.36 7.01 -0.01
C GLN A 71 -3.12 6.52 -0.76
N VAL A 72 -2.91 5.21 -0.72
CA VAL A 72 -1.80 4.53 -1.40
C VAL A 72 -2.00 4.51 -2.92
N TRP A 73 -3.22 4.28 -3.41
CA TRP A 73 -3.47 4.32 -4.85
C TRP A 73 -3.23 5.73 -5.42
N ARG A 74 -3.78 6.76 -4.77
CA ARG A 74 -3.44 8.16 -5.09
C ARG A 74 -1.93 8.43 -5.05
N ALA A 75 -1.18 7.82 -4.13
CA ALA A 75 0.28 7.95 -4.08
C ALA A 75 0.97 7.30 -5.30
N MET A 76 0.51 6.12 -5.74
CA MET A 76 1.00 5.44 -6.94
C MET A 76 0.73 6.24 -8.22
N GLU A 77 -0.51 6.69 -8.47
CA GLU A 77 -0.80 7.45 -9.69
C GLU A 77 -0.07 8.80 -9.74
N ARG A 78 0.11 9.46 -8.59
CA ARG A 78 0.98 10.65 -8.47
C ARG A 78 2.44 10.36 -8.77
N ALA A 79 2.98 9.28 -8.21
CA ALA A 79 4.33 8.81 -8.50
C ALA A 79 4.50 8.37 -9.96
N ARG A 80 3.40 8.01 -10.64
CA ARG A 80 3.41 7.63 -12.07
C ARG A 80 3.48 8.88 -12.95
N GLU A 81 2.82 9.95 -12.52
CA GLU A 81 2.84 11.25 -13.19
C GLU A 81 4.13 12.07 -12.89
N GLY A 82 4.98 11.57 -11.99
CA GLY A 82 6.28 12.15 -11.63
C GLY A 82 6.21 13.11 -10.43
N ASP A 83 5.12 13.04 -9.66
CA ASP A 83 4.81 13.92 -8.54
C ASP A 83 5.19 13.25 -7.22
N LYS A 84 6.51 13.16 -6.99
CA LYS A 84 7.11 12.59 -5.78
C LYS A 84 6.70 13.37 -4.53
N ASP A 85 6.53 14.68 -4.65
CA ASP A 85 6.12 15.58 -3.58
C ASP A 85 4.72 15.24 -3.03
N THR A 86 3.70 15.07 -3.89
CA THR A 86 2.38 14.66 -3.43
C THR A 86 2.34 13.17 -3.07
N ALA A 87 3.09 12.30 -3.76
CA ALA A 87 3.20 10.88 -3.39
C ALA A 87 3.77 10.70 -1.96
N ARG A 88 4.81 11.46 -1.59
CA ARG A 88 5.37 11.54 -0.23
C ARG A 88 4.31 11.96 0.79
N GLU A 89 3.57 13.03 0.50
CA GLU A 89 2.48 13.53 1.35
C GLU A 89 1.34 12.50 1.51
N LEU A 90 1.04 11.74 0.46
CA LEU A 90 0.00 10.71 0.45
C LEU A 90 0.40 9.43 1.21
N ILE A 91 1.66 8.98 1.10
CA ILE A 91 2.14 7.89 1.96
C ILE A 91 2.30 8.35 3.41
N ARG A 92 2.77 9.56 3.70
CA ARG A 92 3.00 9.96 5.10
C ARG A 92 1.72 9.89 5.92
N LYS A 93 0.56 10.16 5.30
CA LYS A 93 -0.77 9.98 5.90
C LYS A 93 -1.07 8.50 6.18
N PHE A 94 -0.74 7.63 5.24
CA PHE A 94 -0.98 6.18 5.29
C PHE A 94 -0.08 5.47 6.31
N ALA A 95 1.24 5.67 6.22
CA ALA A 95 2.16 5.12 7.21
C ALA A 95 1.88 5.67 8.63
N ASP A 96 1.45 6.93 8.75
CA ASP A 96 1.05 7.51 10.04
C ASP A 96 -0.27 6.93 10.58
N ASP A 97 -1.26 6.70 9.70
CA ASP A 97 -2.57 6.13 10.08
C ASP A 97 -2.43 4.73 10.69
N LEU A 98 -1.57 3.88 10.14
CA LEU A 98 -1.27 2.53 10.62
C LEU A 98 -0.13 2.50 11.66
N GLY A 99 0.54 3.63 11.90
CA GLY A 99 1.64 3.75 12.88
C GLY A 99 2.89 2.93 12.51
N ILE A 100 3.17 2.78 11.21
CA ILE A 100 4.24 1.93 10.65
C ILE A 100 5.42 2.75 10.11
N SER A 101 6.56 2.07 9.90
CA SER A 101 7.81 2.66 9.37
C SER A 101 7.85 2.59 7.83
N PRO A 102 8.57 3.49 7.12
CA PRO A 102 8.69 3.44 5.67
C PRO A 102 9.33 2.14 5.16
N GLU A 103 10.26 1.56 5.92
CA GLU A 103 10.85 0.24 5.64
C GLU A 103 9.84 -0.92 5.78
N GLN A 104 8.80 -0.76 6.59
CA GLN A 104 7.65 -1.68 6.65
C GLN A 104 6.68 -1.46 5.47
N VAL A 105 6.52 -0.22 4.99
CA VAL A 105 5.76 0.07 3.75
C VAL A 105 6.47 -0.51 2.51
N LYS A 106 7.82 -0.52 2.47
CA LYS A 106 8.60 -1.24 1.45
C LYS A 106 8.32 -2.75 1.45
N LYS A 107 7.81 -3.33 2.55
CA LYS A 107 7.30 -4.72 2.63
C LYS A 107 5.84 -4.84 2.22
N PHE A 108 4.99 -3.85 2.52
CA PHE A 108 3.63 -3.80 2.00
C PHE A 108 3.58 -3.81 0.45
N ILE A 109 4.34 -2.93 -0.21
CA ILE A 109 4.42 -2.94 -1.68
C ILE A 109 4.90 -4.30 -2.21
N LYS A 110 5.75 -5.00 -1.44
CA LYS A 110 6.27 -6.34 -1.77
C LYS A 110 5.17 -7.41 -1.69
N ILE A 111 4.10 -7.19 -0.92
CA ILE A 111 2.87 -8.01 -0.96
C ILE A 111 1.98 -7.59 -2.14
N MET A 112 1.91 -6.29 -2.44
CA MET A 112 1.05 -5.74 -3.50
C MET A 112 1.34 -6.37 -4.87
N ARG A 113 2.61 -6.46 -5.28
CA ARG A 113 3.00 -7.18 -6.51
C ARG A 113 2.56 -8.66 -6.53
N GLU A 114 2.47 -9.30 -5.37
CA GLU A 114 2.09 -10.72 -5.23
C GLU A 114 0.58 -10.94 -5.33
N VAL A 115 -0.24 -10.02 -4.79
CA VAL A 115 -1.71 -10.09 -4.91
C VAL A 115 -2.22 -9.68 -6.30
N GLN A 116 -1.47 -8.86 -7.05
CA GLN A 116 -1.87 -8.43 -8.41
C GLN A 116 -2.18 -9.61 -9.34
N ARG A 117 -1.36 -10.68 -9.33
CA ARG A 117 -1.65 -11.91 -10.10
C ARG A 117 -2.68 -12.83 -9.44
N LYS A 118 -2.78 -12.77 -8.11
CA LYS A 118 -3.57 -13.69 -7.25
C LYS A 118 -5.08 -13.62 -7.46
N GLU A 119 -5.57 -12.49 -7.98
CA GLU A 119 -6.95 -12.34 -8.48
C GLU A 119 -7.28 -13.35 -9.61
N ASP A 120 -6.27 -13.76 -10.37
CA ASP A 120 -6.31 -14.80 -11.43
C ASP A 120 -5.50 -16.06 -11.07
N GLY A 121 -5.03 -16.18 -9.82
CA GLY A 121 -4.14 -17.26 -9.36
C GLY A 121 -2.66 -16.97 -9.65
N SER A 122 -2.07 -17.65 -10.63
CA SER A 122 -0.70 -17.40 -11.09
C SER A 122 -0.48 -17.74 -12.57
N LEU A 123 0.23 -16.86 -13.28
CA LEU A 123 0.60 -16.96 -14.70
C LEU A 123 2.05 -16.52 -14.97
N GLU A 124 2.84 -16.58 -13.91
CA GLU A 124 4.20 -16.03 -13.78
C GLU A 124 5.03 -16.81 -12.76
N HIS A 125 6.32 -17.03 -13.06
CA HIS A 125 7.28 -17.74 -12.21
C HIS A 125 7.88 -16.81 -11.12
N HIS A 126 7.02 -16.25 -10.27
CA HIS A 126 7.40 -15.28 -9.23
C HIS A 126 8.29 -15.89 -8.12
N HIS A 127 9.08 -15.03 -7.46
CA HIS A 127 10.02 -15.38 -6.39
C HIS A 127 10.01 -14.33 -5.27
N HIS A 128 10.25 -14.75 -4.02
CA HIS A 128 10.07 -13.93 -2.82
C HIS A 128 11.14 -14.23 -1.76
N HIS A 129 11.60 -13.21 -1.03
CA HIS A 129 12.55 -13.31 0.10
C HIS A 129 12.20 -12.32 1.23
N HIS A 130 12.48 -12.73 2.48
CA HIS A 130 12.42 -11.94 3.73
C HIS A 130 11.17 -11.05 3.91
N GLY A 1 15.34 14.37 10.38
CA GLY A 1 14.12 14.50 9.56
C GLY A 1 13.86 13.23 8.76
N ASP A 2 12.70 12.60 8.95
CA ASP A 2 12.35 11.30 8.35
C ASP A 2 11.99 11.34 6.84
N GLU A 3 11.89 12.54 6.28
CA GLU A 3 11.66 12.79 4.85
C GLU A 3 12.72 12.12 3.97
N ARG A 4 13.97 12.07 4.48
CA ARG A 4 15.11 11.39 3.85
C ARG A 4 14.84 9.90 3.59
N LYS A 5 14.15 9.23 4.52
CA LYS A 5 13.69 7.83 4.37
C LYS A 5 12.35 7.73 3.62
N LEU A 6 11.45 8.70 3.79
CA LEU A 6 10.16 8.72 3.05
C LEU A 6 10.36 8.82 1.52
N GLU A 7 11.43 9.48 1.08
CA GLU A 7 11.89 9.50 -0.32
C GLU A 7 12.17 8.07 -0.86
N GLU A 8 12.67 7.15 -0.01
CA GLU A 8 12.92 5.75 -0.36
C GLU A 8 11.62 4.94 -0.45
N VAL A 9 10.63 5.20 0.42
CA VAL A 9 9.29 4.59 0.35
C VAL A 9 8.61 4.96 -0.96
N THR A 10 8.75 6.24 -1.34
CA THR A 10 8.12 6.81 -2.53
C THR A 10 8.72 6.20 -3.80
N GLU A 11 9.99 5.78 -3.77
CA GLU A 11 10.58 4.98 -4.84
C GLU A 11 9.86 3.64 -5.05
N GLU A 12 9.31 2.98 -4.02
CA GLU A 12 8.46 1.82 -4.26
C GLU A 12 7.15 2.22 -4.95
N MET A 13 6.51 3.34 -4.57
CA MET A 13 5.26 3.79 -5.22
C MET A 13 5.47 4.12 -6.70
N ARG A 14 6.63 4.70 -7.05
CA ARG A 14 7.07 4.92 -8.44
C ARG A 14 7.18 3.61 -9.21
N LYS A 15 7.96 2.65 -8.68
CA LYS A 15 8.19 1.34 -9.31
C LYS A 15 6.90 0.54 -9.43
N MET A 16 6.04 0.54 -8.41
CA MET A 16 4.80 -0.24 -8.41
C MET A 16 3.80 0.30 -9.45
N ALA A 17 3.66 1.62 -9.58
CA ALA A 17 2.75 2.23 -10.55
C ALA A 17 3.11 1.88 -12.00
N GLU A 18 4.40 1.93 -12.36
CA GLU A 18 4.91 1.47 -13.67
C GLU A 18 4.75 -0.05 -13.87
N ASN A 19 4.95 -0.83 -12.81
CA ASN A 19 4.82 -2.29 -12.85
C ASN A 19 3.36 -2.75 -13.05
N MET A 20 2.38 -2.00 -12.52
CA MET A 20 0.95 -2.27 -12.66
C MET A 20 0.27 -1.54 -13.83
N ASP A 21 1.02 -0.74 -14.60
CA ASP A 21 0.49 0.19 -15.60
C ASP A 21 -0.45 -0.44 -16.65
N GLY A 22 -1.51 0.29 -16.99
CA GLY A 22 -2.51 -0.10 -17.99
C GLY A 22 -3.72 -0.89 -17.47
N GLN A 23 -3.76 -1.26 -16.18
CA GLN A 23 -4.94 -1.86 -15.54
C GLN A 23 -5.98 -0.81 -15.11
N ASP A 24 -7.17 -1.26 -14.70
CA ASP A 24 -8.25 -0.38 -14.29
C ASP A 24 -8.01 0.21 -12.88
N PRO A 25 -8.18 1.53 -12.68
CA PRO A 25 -7.87 2.21 -11.42
C PRO A 25 -8.75 1.74 -10.25
N GLU A 26 -9.98 1.28 -10.53
CA GLU A 26 -10.90 0.77 -9.51
C GLU A 26 -10.44 -0.56 -8.92
N LYS A 27 -9.71 -1.36 -9.72
CA LYS A 27 -9.12 -2.65 -9.31
C LYS A 27 -7.95 -2.43 -8.37
N VAL A 28 -7.14 -1.40 -8.65
CA VAL A 28 -5.99 -1.02 -7.81
C VAL A 28 -6.42 -0.77 -6.37
N LYS A 29 -7.54 -0.07 -6.16
CA LYS A 29 -8.08 0.19 -4.82
C LYS A 29 -8.29 -1.12 -4.03
N GLU A 30 -8.88 -2.14 -4.66
CA GLU A 30 -9.16 -3.43 -4.03
C GLU A 30 -7.91 -4.32 -3.87
N ILE A 31 -6.96 -4.24 -4.79
CA ILE A 31 -5.65 -4.90 -4.66
C ILE A 31 -4.88 -4.32 -3.46
N VAL A 32 -4.82 -2.98 -3.34
CA VAL A 32 -4.20 -2.32 -2.19
C VAL A 32 -4.96 -2.65 -0.91
N ARG A 33 -6.30 -2.70 -0.94
CA ARG A 33 -7.16 -3.03 0.21
C ARG A 33 -6.73 -4.35 0.84
N ARG A 34 -6.58 -5.43 0.07
CA ARG A 34 -6.13 -6.74 0.58
C ARG A 34 -4.62 -6.83 0.86
N ALA A 35 -3.80 -6.04 0.16
CA ALA A 35 -2.36 -5.96 0.40
C ALA A 35 -1.98 -5.22 1.70
N LEU A 36 -2.63 -4.09 2.01
CA LEU A 36 -2.38 -3.34 3.26
C LEU A 36 -2.92 -4.09 4.48
N GLN A 37 -4.02 -4.80 4.26
CA GLN A 37 -4.70 -5.70 5.19
C GLN A 37 -3.85 -6.91 5.57
N GLN A 38 -2.99 -7.41 4.67
CA GLN A 38 -2.15 -8.58 4.93
C GLN A 38 -1.12 -8.30 6.03
N MET A 39 -0.57 -7.10 6.09
CA MET A 39 0.28 -6.68 7.21
C MET A 39 -0.39 -6.79 8.58
N ALA A 40 -1.72 -6.61 8.67
CA ALA A 40 -2.48 -6.83 9.91
C ALA A 40 -2.73 -8.32 10.21
N ASN A 41 -2.86 -9.12 9.16
CA ASN A 41 -2.92 -10.58 9.29
C ASN A 41 -1.57 -11.16 9.80
N ASP A 42 -0.45 -10.51 9.44
CA ASP A 42 0.91 -10.92 9.79
C ASP A 42 1.46 -10.27 11.09
N ASN A 43 1.06 -9.04 11.42
CA ASN A 43 1.59 -8.26 12.56
C ASN A 43 0.48 -7.68 13.47
N PRO A 44 0.59 -7.81 14.80
CA PRO A 44 -0.43 -7.33 15.74
C PRO A 44 -0.46 -5.79 15.87
N GLU A 45 0.64 -5.10 15.57
CA GLU A 45 0.75 -3.64 15.66
C GLU A 45 -0.09 -2.90 14.60
N VAL A 46 -0.29 -3.53 13.44
CA VAL A 46 -1.14 -3.00 12.37
C VAL A 46 -2.60 -3.30 12.69
N SER A 47 -2.92 -4.57 13.02
CA SER A 47 -4.29 -4.99 13.35
C SER A 47 -4.90 -4.27 14.56
N GLU A 48 -4.10 -3.93 15.59
CA GLU A 48 -4.62 -3.11 16.69
C GLU A 48 -4.95 -1.68 16.26
N GLN A 49 -4.25 -1.15 15.24
CA GLN A 49 -4.53 0.18 14.69
C GLN A 49 -5.76 0.16 13.75
N LEU A 50 -5.95 -0.90 12.95
CA LEU A 50 -7.19 -1.09 12.18
C LEU A 50 -8.45 -1.04 13.07
N ARG A 51 -8.39 -1.65 14.27
CA ARG A 51 -9.47 -1.61 15.26
C ARG A 51 -9.65 -0.23 15.90
N GLU A 52 -8.57 0.52 16.13
CA GLU A 52 -8.64 1.89 16.65
C GLU A 52 -9.44 2.79 15.70
N LEU A 53 -9.09 2.81 14.42
CA LEU A 53 -9.75 3.67 13.43
C LEU A 53 -11.23 3.28 13.27
N ALA A 54 -11.51 1.99 13.12
CA ALA A 54 -12.87 1.49 12.93
C ALA A 54 -13.79 1.75 14.14
N LYS A 55 -13.33 1.48 15.36
CA LYS A 55 -14.13 1.73 16.58
C LYS A 55 -14.33 3.22 16.88
N ARG A 56 -13.40 4.10 16.47
CA ARG A 56 -13.55 5.56 16.55
C ARG A 56 -14.56 6.10 15.51
N LYS A 57 -14.66 5.46 14.35
CA LYS A 57 -15.64 5.77 13.29
C LYS A 57 -17.00 5.05 13.45
N GLY A 58 -17.08 4.03 14.31
CA GLY A 58 -18.31 3.27 14.59
C GLY A 58 -18.59 2.15 13.57
N THR A 59 -17.54 1.57 12.99
CA THR A 59 -17.59 0.55 11.93
C THR A 59 -16.68 -0.66 12.23
N SER A 60 -16.59 -1.62 11.31
CA SER A 60 -15.74 -2.82 11.38
C SER A 60 -14.30 -2.57 10.93
N PRO A 61 -13.29 -3.30 11.46
CA PRO A 61 -11.87 -3.13 11.10
C PRO A 61 -11.57 -3.39 9.62
N SER A 62 -12.39 -4.20 8.95
CA SER A 62 -12.35 -4.45 7.50
C SER A 62 -12.81 -3.26 6.64
N GLU A 63 -13.69 -2.43 7.16
CA GLU A 63 -14.35 -1.35 6.42
C GLU A 63 -13.48 -0.09 6.24
N VAL A 64 -12.64 0.26 7.23
CA VAL A 64 -11.69 1.37 7.12
C VAL A 64 -10.61 1.14 6.06
N ILE A 65 -10.33 -0.12 5.72
CA ILE A 65 -9.29 -0.54 4.77
C ILE A 65 -9.52 0.02 3.37
N LYS A 66 -10.78 0.12 2.93
CA LYS A 66 -11.16 0.69 1.62
C LYS A 66 -10.66 2.13 1.49
N ASP A 67 -10.69 2.90 2.58
CA ASP A 67 -10.20 4.28 2.63
C ASP A 67 -8.67 4.37 2.72
N LEU A 68 -8.05 3.54 3.57
CA LEU A 68 -6.60 3.38 3.70
C LEU A 68 -5.95 3.03 2.36
N ALA A 69 -6.64 2.22 1.56
CA ALA A 69 -6.17 1.76 0.26
C ALA A 69 -6.14 2.85 -0.81
N GLU A 70 -7.14 3.75 -0.78
CA GLU A 70 -7.20 4.87 -1.70
C GLU A 70 -6.05 5.87 -1.48
N GLN A 71 -5.53 5.98 -0.25
CA GLN A 71 -4.41 6.89 0.06
C GLN A 71 -3.13 6.45 -0.65
N VAL A 72 -2.86 5.14 -0.70
CA VAL A 72 -1.67 4.61 -1.36
C VAL A 72 -1.84 4.61 -2.88
N TRP A 73 -3.04 4.33 -3.40
CA TRP A 73 -3.29 4.42 -4.84
C TRP A 73 -3.08 5.86 -5.34
N ARG A 74 -3.59 6.86 -4.62
CA ARG A 74 -3.29 8.27 -4.87
C ARG A 74 -1.79 8.59 -4.82
N ALA A 75 -0.98 7.89 -4.01
CA ALA A 75 0.48 8.01 -4.04
C ALA A 75 1.08 7.43 -5.33
N MET A 76 0.64 6.23 -5.74
CA MET A 76 1.11 5.54 -6.95
C MET A 76 0.80 6.33 -8.23
N GLU A 77 -0.44 6.78 -8.44
CA GLU A 77 -0.78 7.56 -9.63
C GLU A 77 -0.05 8.91 -9.69
N ARG A 78 0.13 9.59 -8.55
CA ARG A 78 0.92 10.82 -8.49
C ARG A 78 2.38 10.59 -8.86
N ALA A 79 2.98 9.55 -8.31
CA ALA A 79 4.34 9.13 -8.65
C ALA A 79 4.48 8.71 -10.12
N ARG A 80 3.40 8.21 -10.74
CA ARG A 80 3.38 7.80 -12.16
C ARG A 80 3.33 9.02 -13.09
N GLU A 81 2.60 10.03 -12.66
CA GLU A 81 2.52 11.32 -13.37
C GLU A 81 3.77 12.20 -13.16
N GLY A 82 4.67 11.78 -12.27
CA GLY A 82 5.97 12.39 -12.00
C GLY A 82 5.96 13.31 -10.78
N ASP A 83 4.90 13.28 -9.98
CA ASP A 83 4.71 14.12 -8.80
C ASP A 83 5.07 13.35 -7.53
N LYS A 84 6.37 13.09 -7.42
CA LYS A 84 7.01 12.32 -6.34
C LYS A 84 6.83 13.01 -4.98
N ASP A 85 6.81 14.34 -4.95
CA ASP A 85 6.63 15.10 -3.71
C ASP A 85 5.18 15.04 -3.18
N THR A 86 4.15 15.01 -4.04
CA THR A 86 2.77 14.73 -3.59
C THR A 86 2.61 13.26 -3.22
N ALA A 87 3.28 12.34 -3.93
CA ALA A 87 3.26 10.92 -3.60
C ALA A 87 3.83 10.64 -2.20
N ARG A 88 4.95 11.26 -1.83
CA ARG A 88 5.49 11.26 -0.46
C ARG A 88 4.48 11.77 0.56
N GLU A 89 3.83 12.91 0.29
CA GLU A 89 2.83 13.48 1.22
C GLU A 89 1.61 12.57 1.39
N LEU A 90 1.20 11.87 0.34
CA LEU A 90 0.12 10.87 0.38
C LEU A 90 0.45 9.69 1.30
N ILE A 91 1.67 9.14 1.22
CA ILE A 91 2.10 8.03 2.08
C ILE A 91 2.20 8.48 3.54
N ARG A 92 2.61 9.72 3.81
CA ARG A 92 2.75 10.22 5.19
C ARG A 92 1.45 10.00 5.99
N LYS A 93 0.29 10.17 5.34
CA LYS A 93 -1.03 9.97 5.95
C LYS A 93 -1.34 8.48 6.16
N PHE A 94 -0.93 7.62 5.22
CA PHE A 94 -1.16 6.17 5.24
C PHE A 94 -0.30 5.46 6.30
N ALA A 95 1.02 5.68 6.28
CA ALA A 95 1.90 5.12 7.30
C ALA A 95 1.57 5.66 8.71
N ASP A 96 1.13 6.91 8.83
CA ASP A 96 0.70 7.51 10.10
C ASP A 96 -0.62 6.92 10.62
N ASP A 97 -1.59 6.67 9.73
CA ASP A 97 -2.89 6.09 10.09
C ASP A 97 -2.75 4.70 10.70
N LEU A 98 -1.84 3.86 10.17
CA LEU A 98 -1.52 2.52 10.68
C LEU A 98 -0.44 2.52 11.75
N GLY A 99 0.17 3.68 12.04
CA GLY A 99 1.21 3.85 13.07
C GLY A 99 2.48 3.04 12.81
N ILE A 100 2.82 2.81 11.53
CA ILE A 100 3.94 1.96 11.09
C ILE A 100 5.17 2.78 10.72
N SER A 101 6.33 2.11 10.63
CA SER A 101 7.56 2.70 10.10
C SER A 101 7.48 2.89 8.58
N PRO A 102 8.19 3.87 8.01
CA PRO A 102 8.33 3.99 6.54
C PRO A 102 9.00 2.76 5.93
N GLU A 103 9.91 2.11 6.66
CA GLU A 103 10.60 0.88 6.23
C GLU A 103 9.65 -0.32 6.10
N GLN A 104 8.58 -0.38 6.90
CA GLN A 104 7.55 -1.43 6.80
C GLN A 104 6.65 -1.29 5.56
N VAL A 105 6.40 -0.08 5.07
CA VAL A 105 5.65 0.13 3.80
C VAL A 105 6.37 -0.51 2.60
N LYS A 106 7.71 -0.52 2.59
CA LYS A 106 8.54 -1.20 1.57
C LYS A 106 8.31 -2.73 1.55
N LYS A 107 7.84 -3.34 2.66
CA LYS A 107 7.38 -4.74 2.71
C LYS A 107 5.97 -4.92 2.17
N PHE A 108 5.06 -3.98 2.47
CA PHE A 108 3.67 -3.99 1.99
C PHE A 108 3.58 -4.01 0.45
N ILE A 109 4.31 -3.13 -0.23
CA ILE A 109 4.33 -3.10 -1.71
C ILE A 109 4.73 -4.45 -2.31
N LYS A 110 5.58 -5.24 -1.63
CA LYS A 110 6.01 -6.58 -2.07
C LYS A 110 4.85 -7.58 -2.03
N ILE A 111 3.90 -7.41 -1.12
CA ILE A 111 2.64 -8.17 -1.09
C ILE A 111 1.71 -7.67 -2.21
N MET A 112 1.65 -6.36 -2.45
CA MET A 112 0.81 -5.75 -3.50
C MET A 112 1.10 -6.33 -4.89
N ARG A 113 2.36 -6.54 -5.28
CA ARG A 113 2.66 -7.22 -6.56
C ARG A 113 2.38 -8.73 -6.56
N GLU A 114 2.43 -9.40 -5.41
CA GLU A 114 2.15 -10.85 -5.32
C GLU A 114 0.65 -11.13 -5.43
N VAL A 115 -0.18 -10.35 -4.75
CA VAL A 115 -1.64 -10.53 -4.78
C VAL A 115 -2.25 -10.17 -6.14
N GLN A 116 -1.62 -9.26 -6.91
CA GLN A 116 -1.97 -8.99 -8.31
C GLN A 116 -1.84 -10.25 -9.18
N ARG A 117 -0.71 -10.96 -9.10
CA ARG A 117 -0.48 -12.18 -9.91
C ARG A 117 -1.28 -13.39 -9.41
N LYS A 118 -1.63 -13.44 -8.11
CA LYS A 118 -2.42 -14.54 -7.51
C LYS A 118 -3.82 -14.67 -8.11
N GLU A 119 -4.39 -13.56 -8.61
CA GLU A 119 -5.67 -13.55 -9.32
C GLU A 119 -5.60 -14.21 -10.71
N ASP A 120 -4.44 -14.16 -11.36
CA ASP A 120 -4.17 -14.90 -12.61
C ASP A 120 -3.59 -16.31 -12.35
N GLY A 121 -3.04 -16.55 -11.15
CA GLY A 121 -2.44 -17.79 -10.68
C GLY A 121 -1.07 -18.14 -11.31
N SER A 122 -0.87 -17.79 -12.58
CA SER A 122 0.38 -17.94 -13.35
C SER A 122 0.73 -16.65 -14.08
N LEU A 123 2.03 -16.32 -14.16
CA LEU A 123 2.56 -15.10 -14.78
C LEU A 123 3.87 -15.40 -15.53
N GLU A 124 4.21 -14.54 -16.50
CA GLU A 124 5.34 -14.69 -17.44
C GLU A 124 6.31 -13.48 -17.40
N HIS A 125 6.69 -13.06 -16.19
CA HIS A 125 7.59 -11.93 -15.95
C HIS A 125 8.93 -12.07 -16.71
N HIS A 126 9.36 -10.98 -17.36
CA HIS A 126 10.61 -10.91 -18.15
C HIS A 126 11.16 -9.46 -18.17
N HIS A 127 12.33 -9.25 -18.81
CA HIS A 127 13.05 -7.96 -18.89
C HIS A 127 13.42 -7.37 -17.50
N HIS A 128 13.65 -8.22 -16.50
CA HIS A 128 13.88 -7.83 -15.10
C HIS A 128 15.20 -7.05 -14.89
N HIS A 129 16.24 -7.34 -15.69
CA HIS A 129 17.53 -6.65 -15.70
C HIS A 129 18.17 -6.66 -17.11
N HIS A 130 19.35 -6.06 -17.23
CA HIS A 130 20.24 -6.13 -18.41
C HIS A 130 21.63 -6.73 -18.07
N GLY A 1 9.98 12.59 12.82
CA GLY A 1 10.48 13.31 11.63
C GLY A 1 10.46 12.39 10.42
N ASP A 2 11.61 11.86 10.04
CA ASP A 2 11.80 10.83 9.00
C ASP A 2 11.34 11.22 7.58
N GLU A 3 11.18 12.52 7.29
CA GLU A 3 10.71 13.05 5.98
C GLU A 3 11.66 12.65 4.84
N ARG A 4 12.95 12.77 5.15
CA ARG A 4 14.07 12.37 4.28
C ARG A 4 14.08 10.86 3.98
N LYS A 5 13.66 10.02 4.93
CA LYS A 5 13.48 8.57 4.77
C LYS A 5 12.21 8.24 3.98
N LEU A 6 11.16 9.04 4.10
CA LEU A 6 9.89 8.87 3.39
C LEU A 6 10.05 8.96 1.86
N GLU A 7 10.97 9.81 1.39
CA GLU A 7 11.35 9.86 -0.04
C GLU A 7 11.85 8.50 -0.57
N GLU A 8 12.45 7.67 0.28
CA GLU A 8 12.89 6.32 -0.10
C GLU A 8 11.74 5.30 -0.23
N VAL A 9 10.67 5.39 0.59
CA VAL A 9 9.47 4.54 0.42
C VAL A 9 8.60 5.01 -0.73
N THR A 10 8.59 6.32 -1.00
CA THR A 10 7.94 6.91 -2.19
C THR A 10 8.51 6.31 -3.48
N GLU A 11 9.78 5.90 -3.48
CA GLU A 11 10.40 5.14 -4.57
C GLU A 11 9.68 3.82 -4.89
N GLU A 12 9.15 3.07 -3.91
CA GLU A 12 8.37 1.87 -4.22
C GLU A 12 7.02 2.20 -4.89
N MET A 13 6.41 3.36 -4.60
CA MET A 13 5.16 3.78 -5.26
C MET A 13 5.40 4.09 -6.74
N ARG A 14 6.55 4.68 -7.08
CA ARG A 14 6.98 4.90 -8.47
C ARG A 14 7.17 3.57 -9.19
N LYS A 15 7.88 2.62 -8.55
CA LYS A 15 8.18 1.30 -9.10
C LYS A 15 6.94 0.42 -9.24
N MET A 16 6.01 0.45 -8.29
CA MET A 16 4.76 -0.31 -8.37
C MET A 16 3.85 0.23 -9.46
N ALA A 17 3.69 1.55 -9.55
CA ALA A 17 2.81 2.18 -10.54
C ALA A 17 3.27 1.96 -12.00
N GLU A 18 4.59 1.96 -12.26
CA GLU A 18 5.12 1.59 -13.59
C GLU A 18 5.07 0.07 -13.87
N ASN A 19 5.11 -0.78 -12.83
CA ASN A 19 4.94 -2.24 -12.97
C ASN A 19 3.49 -2.62 -13.28
N MET A 20 2.50 -1.93 -12.70
CA MET A 20 1.07 -2.16 -12.94
C MET A 20 0.46 -1.30 -14.06
N ASP A 21 1.30 -0.60 -14.84
CA ASP A 21 0.87 0.33 -15.89
C ASP A 21 -0.07 -0.33 -16.92
N GLY A 22 -1.18 0.34 -17.23
CA GLY A 22 -2.18 -0.10 -18.21
C GLY A 22 -3.34 -0.96 -17.65
N GLN A 23 -3.33 -1.32 -16.36
CA GLN A 23 -4.51 -1.95 -15.72
C GLN A 23 -5.58 -0.92 -15.33
N ASP A 24 -6.77 -1.38 -14.96
CA ASP A 24 -7.87 -0.52 -14.57
C ASP A 24 -7.66 0.07 -13.16
N PRO A 25 -7.75 1.39 -12.95
CA PRO A 25 -7.67 2.04 -11.65
C PRO A 25 -8.62 1.46 -10.60
N GLU A 26 -9.78 0.92 -11.00
CA GLU A 26 -10.74 0.35 -10.05
C GLU A 26 -10.25 -0.97 -9.44
N LYS A 27 -9.43 -1.74 -10.18
CA LYS A 27 -8.78 -2.95 -9.68
C LYS A 27 -7.73 -2.60 -8.64
N VAL A 28 -6.95 -1.53 -8.89
CA VAL A 28 -5.85 -1.09 -8.02
C VAL A 28 -6.34 -0.86 -6.60
N LYS A 29 -7.48 -0.18 -6.43
CA LYS A 29 -8.07 0.08 -5.11
C LYS A 29 -8.28 -1.21 -4.32
N GLU A 30 -8.81 -2.25 -4.96
CA GLU A 30 -9.07 -3.55 -4.33
C GLU A 30 -7.82 -4.41 -4.12
N ILE A 31 -6.83 -4.32 -5.01
CA ILE A 31 -5.52 -4.97 -4.84
C ILE A 31 -4.79 -4.35 -3.63
N VAL A 32 -4.78 -3.01 -3.50
CA VAL A 32 -4.20 -2.32 -2.34
C VAL A 32 -4.99 -2.65 -1.07
N ARG A 33 -6.32 -2.69 -1.13
CA ARG A 33 -7.21 -2.99 0.02
C ARG A 33 -6.80 -4.31 0.68
N ARG A 34 -6.63 -5.39 -0.08
CA ARG A 34 -6.20 -6.71 0.46
C ARG A 34 -4.70 -6.78 0.78
N ALA A 35 -3.87 -6.04 0.05
CA ALA A 35 -2.43 -5.95 0.28
C ALA A 35 -2.06 -5.23 1.59
N LEU A 36 -2.71 -4.10 1.90
CA LEU A 36 -2.47 -3.35 3.14
C LEU A 36 -3.05 -4.10 4.36
N GLN A 37 -4.15 -4.80 4.13
CA GLN A 37 -4.85 -5.69 5.06
C GLN A 37 -4.02 -6.93 5.44
N GLN A 38 -3.18 -7.45 4.55
CA GLN A 38 -2.35 -8.61 4.81
C GLN A 38 -1.35 -8.33 5.93
N MET A 39 -0.79 -7.12 6.00
CA MET A 39 0.06 -6.70 7.12
C MET A 39 -0.62 -6.81 8.48
N ALA A 40 -1.92 -6.57 8.59
CA ALA A 40 -2.69 -6.80 9.83
C ALA A 40 -2.97 -8.28 10.11
N ASN A 41 -3.08 -9.09 9.05
CA ASN A 41 -3.17 -10.55 9.19
C ASN A 41 -1.82 -11.18 9.61
N ASP A 42 -0.70 -10.57 9.22
CA ASP A 42 0.67 -11.00 9.51
C ASP A 42 1.25 -10.40 10.83
N ASN A 43 0.85 -9.18 11.22
CA ASN A 43 1.43 -8.44 12.35
C ASN A 43 0.34 -7.85 13.29
N PRO A 44 0.40 -8.10 14.61
CA PRO A 44 -0.60 -7.62 15.57
C PRO A 44 -0.55 -6.11 15.82
N GLU A 45 0.61 -5.48 15.59
CA GLU A 45 0.81 -4.03 15.74
C GLU A 45 0.04 -3.20 14.68
N VAL A 46 -0.22 -3.78 13.50
CA VAL A 46 -1.03 -3.18 12.44
C VAL A 46 -2.51 -3.39 12.74
N SER A 47 -2.91 -4.63 13.04
CA SER A 47 -4.31 -4.97 13.36
C SER A 47 -4.86 -4.25 14.61
N GLU A 48 -4.03 -3.98 15.62
CA GLU A 48 -4.47 -3.18 16.77
C GLU A 48 -4.70 -1.71 16.39
N GLN A 49 -4.01 -1.20 15.37
CA GLN A 49 -4.23 0.15 14.85
C GLN A 49 -5.51 0.22 14.00
N LEU A 50 -5.78 -0.78 13.15
CA LEU A 50 -7.05 -0.88 12.41
C LEU A 50 -8.28 -0.78 13.32
N ARG A 51 -8.23 -1.39 14.51
CA ARG A 51 -9.29 -1.34 15.52
C ARG A 51 -9.44 0.06 16.14
N GLU A 52 -8.34 0.79 16.34
CA GLU A 52 -8.34 2.16 16.85
C GLU A 52 -9.00 3.11 15.85
N LEU A 53 -8.72 2.94 14.54
CA LEU A 53 -9.34 3.74 13.49
C LEU A 53 -10.84 3.44 13.39
N ALA A 54 -11.19 2.15 13.29
CA ALA A 54 -12.57 1.69 13.15
C ALA A 54 -13.46 2.07 14.36
N LYS A 55 -12.95 1.97 15.59
CA LYS A 55 -13.66 2.40 16.80
C LYS A 55 -13.93 3.91 16.85
N ARG A 56 -13.00 4.74 16.34
CA ARG A 56 -13.21 6.20 16.22
C ARG A 56 -14.23 6.56 15.12
N LYS A 57 -14.23 5.80 14.02
CA LYS A 57 -15.11 5.98 12.86
C LYS A 57 -16.50 5.32 13.03
N GLY A 58 -16.67 4.46 14.04
CA GLY A 58 -17.94 3.78 14.36
C GLY A 58 -18.24 2.57 13.45
N THR A 59 -17.20 1.90 12.97
CA THR A 59 -17.26 0.83 11.95
C THR A 59 -16.37 -0.38 12.33
N SER A 60 -16.19 -1.33 11.41
CA SER A 60 -15.35 -2.54 11.55
C SER A 60 -13.90 -2.31 11.08
N PRO A 61 -12.91 -3.03 11.65
CA PRO A 61 -11.49 -2.91 11.26
C PRO A 61 -11.22 -3.32 9.81
N SER A 62 -12.05 -4.18 9.22
CA SER A 62 -12.03 -4.51 7.78
C SER A 62 -12.54 -3.38 6.88
N GLU A 63 -13.37 -2.48 7.39
CA GLU A 63 -14.09 -1.49 6.61
C GLU A 63 -13.30 -0.19 6.39
N VAL A 64 -12.49 0.26 7.37
CA VAL A 64 -11.57 1.40 7.22
C VAL A 64 -10.54 1.19 6.11
N ILE A 65 -10.25 -0.07 5.76
CA ILE A 65 -9.26 -0.47 4.75
C ILE A 65 -9.52 0.11 3.37
N LYS A 66 -10.80 0.27 2.98
CA LYS A 66 -11.18 0.86 1.69
C LYS A 66 -10.63 2.28 1.54
N ASP A 67 -10.65 3.05 2.64
CA ASP A 67 -10.12 4.42 2.70
C ASP A 67 -8.60 4.46 2.74
N LEU A 68 -7.97 3.59 3.55
CA LEU A 68 -6.52 3.40 3.64
C LEU A 68 -5.92 3.05 2.27
N ALA A 69 -6.65 2.27 1.47
CA ALA A 69 -6.21 1.85 0.14
C ALA A 69 -6.24 2.97 -0.90
N GLU A 70 -7.23 3.87 -0.81
CA GLU A 70 -7.31 5.03 -1.70
C GLU A 70 -6.15 6.01 -1.49
N GLN A 71 -5.59 6.10 -0.27
CA GLN A 71 -4.44 6.98 0.00
C GLN A 71 -3.20 6.50 -0.76
N VAL A 72 -2.98 5.18 -0.71
CA VAL A 72 -1.88 4.51 -1.40
C VAL A 72 -2.08 4.51 -2.91
N TRP A 73 -3.30 4.30 -3.41
CA TRP A 73 -3.55 4.38 -4.85
C TRP A 73 -3.29 5.79 -5.40
N ARG A 74 -3.82 6.82 -4.73
CA ARG A 74 -3.49 8.22 -5.04
C ARG A 74 -1.98 8.49 -4.99
N ALA A 75 -1.23 7.88 -4.06
CA ALA A 75 0.22 8.00 -4.01
C ALA A 75 0.91 7.34 -5.23
N MET A 76 0.44 6.15 -5.64
CA MET A 76 0.94 5.45 -6.83
C MET A 76 0.67 6.24 -8.12
N GLU A 77 -0.55 6.67 -8.40
CA GLU A 77 -0.85 7.42 -9.64
C GLU A 77 -0.14 8.77 -9.72
N ARG A 78 0.00 9.48 -8.59
CA ARG A 78 0.81 10.70 -8.50
C ARG A 78 2.27 10.43 -8.83
N ALA A 79 2.86 9.39 -8.25
CA ALA A 79 4.21 8.96 -8.57
C ALA A 79 4.36 8.50 -10.04
N ARG A 80 3.28 8.04 -10.67
CA ARG A 80 3.26 7.62 -12.09
C ARG A 80 3.23 8.84 -13.01
N GLU A 81 2.57 9.92 -12.58
CA GLU A 81 2.55 11.21 -13.29
C GLU A 81 3.82 12.04 -13.04
N GLY A 82 4.67 11.64 -12.08
CA GLY A 82 5.94 12.27 -11.74
C GLY A 82 5.85 13.23 -10.54
N ASP A 83 4.75 13.16 -9.79
CA ASP A 83 4.45 14.00 -8.62
C ASP A 83 4.88 13.30 -7.34
N LYS A 84 6.20 13.18 -7.17
CA LYS A 84 6.88 12.46 -6.09
C LYS A 84 6.61 13.12 -4.74
N ASP A 85 6.47 14.44 -4.72
CA ASP A 85 6.25 15.21 -3.50
C ASP A 85 4.82 15.09 -2.97
N THR A 86 3.78 15.07 -3.81
CA THR A 86 2.42 14.73 -3.35
C THR A 86 2.31 13.24 -3.03
N ALA A 87 3.01 12.36 -3.75
CA ALA A 87 3.07 10.93 -3.41
C ALA A 87 3.64 10.71 -1.99
N ARG A 88 4.72 11.42 -1.60
CA ARG A 88 5.22 11.43 -0.21
C ARG A 88 4.14 11.90 0.77
N GLU A 89 3.50 13.04 0.51
CA GLU A 89 2.45 13.59 1.38
C GLU A 89 1.26 12.63 1.55
N LEU A 90 0.94 11.85 0.52
CA LEU A 90 -0.12 10.84 0.52
C LEU A 90 0.26 9.54 1.28
N ILE A 91 1.52 9.08 1.22
CA ILE A 91 2.01 7.99 2.08
C ILE A 91 2.13 8.44 3.52
N ARG A 92 2.54 9.68 3.79
CA ARG A 92 2.79 10.16 5.16
C ARG A 92 1.56 9.92 6.04
N LYS A 93 0.34 10.10 5.50
CA LYS A 93 -0.91 9.83 6.22
C LYS A 93 -1.24 8.33 6.34
N PHE A 94 -0.89 7.54 5.33
CA PHE A 94 -1.11 6.09 5.31
C PHE A 94 -0.22 5.37 6.34
N ALA A 95 1.09 5.63 6.31
CA ALA A 95 1.99 5.07 7.32
C ALA A 95 1.67 5.60 8.74
N ASP A 96 1.23 6.86 8.86
CA ASP A 96 0.78 7.46 10.11
C ASP A 96 -0.50 6.81 10.67
N ASP A 97 -1.48 6.54 9.79
CA ASP A 97 -2.77 5.94 10.16
C ASP A 97 -2.60 4.55 10.75
N LEU A 98 -1.71 3.72 10.18
CA LEU A 98 -1.37 2.38 10.65
C LEU A 98 -0.24 2.37 11.69
N GLY A 99 0.37 3.52 11.96
CA GLY A 99 1.43 3.69 12.97
C GLY A 99 2.72 2.93 12.65
N ILE A 100 3.05 2.80 11.36
CA ILE A 100 4.12 1.94 10.82
C ILE A 100 5.32 2.73 10.28
N SER A 101 6.44 2.02 10.08
CA SER A 101 7.67 2.55 9.48
C SER A 101 7.62 2.56 7.94
N PRO A 102 8.41 3.40 7.26
CA PRO A 102 8.57 3.32 5.80
C PRO A 102 9.11 1.95 5.34
N GLU A 103 9.91 1.28 6.16
CA GLU A 103 10.43 -0.08 5.86
C GLU A 103 9.32 -1.15 5.92
N GLN A 104 8.33 -1.01 6.81
CA GLN A 104 7.15 -1.88 6.84
C GLN A 104 6.27 -1.68 5.59
N VAL A 105 6.19 -0.44 5.09
CA VAL A 105 5.51 -0.12 3.82
C VAL A 105 6.27 -0.68 2.61
N LYS A 106 7.61 -0.66 2.60
CA LYS A 106 8.44 -1.37 1.60
C LYS A 106 8.19 -2.90 1.61
N LYS A 107 7.71 -3.46 2.74
CA LYS A 107 7.20 -4.84 2.86
C LYS A 107 5.80 -4.98 2.27
N PHE A 108 4.91 -4.02 2.53
CA PHE A 108 3.54 -4.00 1.98
C PHE A 108 3.52 -4.00 0.45
N ILE A 109 4.28 -3.12 -0.21
CA ILE A 109 4.35 -3.09 -1.69
C ILE A 109 4.78 -4.46 -2.26
N LYS A 110 5.63 -5.21 -1.54
CA LYS A 110 6.08 -6.56 -1.93
C LYS A 110 4.93 -7.58 -1.89
N ILE A 111 3.95 -7.39 -1.01
CA ILE A 111 2.69 -8.15 -1.01
C ILE A 111 1.79 -7.69 -2.17
N MET A 112 1.71 -6.38 -2.42
CA MET A 112 0.87 -5.81 -3.48
C MET A 112 1.17 -6.42 -4.85
N ARG A 113 2.45 -6.48 -5.25
CA ARG A 113 2.86 -7.13 -6.51
C ARG A 113 2.59 -8.64 -6.55
N GLU A 114 2.54 -9.31 -5.41
CA GLU A 114 2.31 -10.76 -5.30
C GLU A 114 0.83 -11.14 -5.23
N VAL A 115 -0.07 -10.33 -4.68
CA VAL A 115 -1.52 -10.59 -4.74
C VAL A 115 -2.12 -10.27 -6.12
N GLN A 116 -1.50 -9.40 -6.92
CA GLN A 116 -1.87 -9.17 -8.33
C GLN A 116 -1.91 -10.48 -9.15
N ARG A 117 -0.93 -11.37 -8.96
CA ARG A 117 -0.83 -12.65 -9.70
C ARG A 117 -1.83 -13.71 -9.25
N LYS A 118 -2.42 -13.60 -8.05
CA LYS A 118 -3.36 -14.59 -7.49
C LYS A 118 -4.73 -14.57 -8.17
N GLU A 119 -5.18 -13.40 -8.63
CA GLU A 119 -6.48 -13.25 -9.33
C GLU A 119 -6.46 -13.74 -10.78
N ASP A 120 -5.32 -13.58 -11.48
CA ASP A 120 -5.15 -14.05 -12.87
C ASP A 120 -4.39 -15.39 -12.97
N GLY A 121 -3.88 -15.90 -11.85
CA GLY A 121 -3.11 -17.16 -11.77
C GLY A 121 -1.73 -17.11 -12.46
N SER A 122 -1.10 -15.92 -12.53
CA SER A 122 0.11 -15.68 -13.33
C SER A 122 1.34 -16.43 -12.82
N LEU A 123 2.07 -17.07 -13.74
CA LEU A 123 3.28 -17.87 -13.46
C LEU A 123 4.49 -16.99 -13.08
N GLU A 124 5.47 -17.59 -12.41
CA GLU A 124 6.77 -16.96 -12.10
C GLU A 124 7.80 -17.20 -13.22
N HIS A 125 8.66 -16.23 -13.49
CA HIS A 125 9.84 -16.36 -14.34
C HIS A 125 11.03 -15.60 -13.73
N HIS A 126 12.23 -16.19 -13.79
CA HIS A 126 13.48 -15.60 -13.30
C HIS A 126 14.67 -15.97 -14.18
N HIS A 127 15.66 -15.08 -14.29
CA HIS A 127 16.78 -15.21 -15.23
C HIS A 127 18.04 -15.86 -14.62
N HIS A 128 18.20 -15.78 -13.28
CA HIS A 128 19.34 -16.31 -12.51
C HIS A 128 20.74 -15.81 -13.01
N HIS A 129 20.76 -14.64 -13.67
CA HIS A 129 21.87 -14.03 -14.41
C HIS A 129 22.38 -14.87 -15.62
N HIS A 130 22.48 -14.22 -16.78
CA HIS A 130 22.96 -14.82 -18.04
C HIS A 130 24.50 -14.73 -18.19
N GLY A 1 9.24 12.24 13.55
CA GLY A 1 8.99 11.95 12.11
C GLY A 1 10.20 11.34 11.43
N ASP A 2 9.99 10.66 10.30
CA ASP A 2 11.03 9.95 9.55
C ASP A 2 10.92 10.18 8.02
N GLU A 3 10.58 11.43 7.64
CA GLU A 3 10.26 11.84 6.26
C GLU A 3 11.42 11.61 5.29
N ARG A 4 12.66 11.77 5.78
CA ARG A 4 13.91 11.51 5.04
C ARG A 4 14.01 10.05 4.58
N LYS A 5 13.57 9.10 5.41
CA LYS A 5 13.45 7.67 5.07
C LYS A 5 12.19 7.38 4.25
N LEU A 6 11.09 8.08 4.51
CA LEU A 6 9.82 7.90 3.79
C LEU A 6 9.89 8.25 2.31
N GLU A 7 10.72 9.22 1.93
CA GLU A 7 11.00 9.52 0.51
C GLU A 7 11.53 8.29 -0.26
N GLU A 8 12.16 7.34 0.43
CA GLU A 8 12.53 6.04 -0.15
C GLU A 8 11.32 5.09 -0.33
N VAL A 9 10.22 5.24 0.43
CA VAL A 9 8.97 4.50 0.15
C VAL A 9 8.27 5.08 -1.07
N THR A 10 8.36 6.40 -1.26
CA THR A 10 7.90 7.08 -2.48
C THR A 10 8.60 6.52 -3.72
N GLU A 11 9.86 6.09 -3.60
CA GLU A 11 10.55 5.33 -4.64
C GLU A 11 9.88 3.99 -4.96
N GLU A 12 9.37 3.23 -3.98
CA GLU A 12 8.59 2.03 -4.28
C GLU A 12 7.26 2.39 -4.98
N MET A 13 6.58 3.48 -4.61
CA MET A 13 5.35 3.89 -5.27
C MET A 13 5.57 4.27 -6.75
N ARG A 14 6.72 4.88 -7.07
CA ARG A 14 7.16 5.13 -8.46
C ARG A 14 7.36 3.82 -9.23
N LYS A 15 8.12 2.89 -8.65
CA LYS A 15 8.42 1.58 -9.26
C LYS A 15 7.13 0.77 -9.49
N MET A 16 6.26 0.70 -8.49
CA MET A 16 5.07 -0.16 -8.54
C MET A 16 4.01 0.37 -9.49
N ALA A 17 3.78 1.69 -9.55
CA ALA A 17 2.77 2.28 -10.43
C ALA A 17 3.04 2.00 -11.92
N GLU A 18 4.29 2.08 -12.37
CA GLU A 18 4.70 1.72 -13.72
C GLU A 18 4.66 0.20 -13.95
N ASN A 19 4.99 -0.60 -12.93
CA ASN A 19 4.95 -2.06 -13.01
C ASN A 19 3.51 -2.62 -13.10
N MET A 20 2.53 -1.96 -12.47
CA MET A 20 1.11 -2.34 -12.54
C MET A 20 0.32 -1.69 -13.68
N ASP A 21 0.97 -0.83 -14.48
CA ASP A 21 0.31 0.02 -15.47
C ASP A 21 -0.50 -0.75 -16.54
N GLY A 22 -1.65 -0.19 -16.93
CA GLY A 22 -2.62 -0.78 -17.87
C GLY A 22 -3.78 -1.52 -17.20
N GLN A 23 -3.77 -1.68 -15.88
CA GLN A 23 -4.90 -2.18 -15.09
C GLN A 23 -5.91 -1.06 -14.79
N ASP A 24 -7.17 -1.44 -14.51
CA ASP A 24 -8.23 -0.48 -14.20
C ASP A 24 -8.04 0.14 -12.80
N PRO A 25 -8.23 1.46 -12.64
CA PRO A 25 -8.00 2.14 -11.37
C PRO A 25 -8.87 1.61 -10.24
N GLU A 26 -10.06 1.04 -10.53
CA GLU A 26 -10.96 0.52 -9.49
C GLU A 26 -10.48 -0.83 -8.95
N LYS A 27 -9.79 -1.60 -9.79
CA LYS A 27 -9.15 -2.88 -9.42
C LYS A 27 -7.93 -2.61 -8.56
N VAL A 28 -7.15 -1.56 -8.86
CA VAL A 28 -5.99 -1.16 -8.05
C VAL A 28 -6.38 -0.90 -6.59
N LYS A 29 -7.52 -0.21 -6.34
CA LYS A 29 -8.05 -0.02 -4.98
C LYS A 29 -8.30 -1.35 -4.26
N GLU A 30 -8.90 -2.33 -4.95
CA GLU A 30 -9.21 -3.67 -4.41
C GLU A 30 -7.97 -4.54 -4.18
N ILE A 31 -6.91 -4.36 -4.97
CA ILE A 31 -5.59 -5.00 -4.81
C ILE A 31 -4.83 -4.36 -3.62
N VAL A 32 -4.79 -3.04 -3.51
CA VAL A 32 -4.15 -2.34 -2.37
C VAL A 32 -4.90 -2.66 -1.09
N ARG A 33 -6.24 -2.72 -1.11
CA ARG A 33 -7.10 -3.06 0.04
C ARG A 33 -6.63 -4.36 0.69
N ARG A 34 -6.49 -5.45 -0.07
CA ARG A 34 -6.06 -6.76 0.46
C ARG A 34 -4.57 -6.82 0.79
N ALA A 35 -3.74 -6.04 0.09
CA ALA A 35 -2.30 -5.94 0.33
C ALA A 35 -1.99 -5.19 1.64
N LEU A 36 -2.67 -4.07 1.93
CA LEU A 36 -2.48 -3.32 3.18
C LEU A 36 -3.08 -4.07 4.37
N GLN A 37 -4.15 -4.81 4.11
CA GLN A 37 -4.85 -5.68 5.04
C GLN A 37 -4.00 -6.89 5.46
N GLN A 38 -3.16 -7.43 4.57
CA GLN A 38 -2.30 -8.58 4.85
C GLN A 38 -1.29 -8.27 5.97
N MET A 39 -0.79 -7.03 6.03
CA MET A 39 0.04 -6.53 7.12
C MET A 39 -0.59 -6.72 8.50
N ALA A 40 -1.92 -6.59 8.63
CA ALA A 40 -2.66 -6.80 9.88
C ALA A 40 -2.95 -8.28 10.16
N ASN A 41 -3.10 -9.07 9.10
CA ASN A 41 -3.20 -10.53 9.20
C ASN A 41 -1.86 -11.16 9.67
N ASP A 42 -0.73 -10.54 9.29
CA ASP A 42 0.62 -10.98 9.63
C ASP A 42 1.18 -10.38 10.94
N ASN A 43 0.84 -9.12 11.26
CA ASN A 43 1.38 -8.38 12.40
C ASN A 43 0.26 -7.76 13.28
N PRO A 44 0.24 -8.01 14.61
CA PRO A 44 -0.80 -7.50 15.51
C PRO A 44 -0.70 -5.98 15.76
N GLU A 45 0.47 -5.39 15.57
CA GLU A 45 0.72 -3.95 15.68
C GLU A 45 -0.02 -3.11 14.63
N VAL A 46 -0.30 -3.69 13.45
CA VAL A 46 -1.13 -3.08 12.41
C VAL A 46 -2.61 -3.29 12.72
N SER A 47 -3.01 -4.52 13.03
CA SER A 47 -4.42 -4.86 13.33
C SER A 47 -4.98 -4.10 14.55
N GLU A 48 -4.16 -3.81 15.56
CA GLU A 48 -4.61 -2.97 16.70
C GLU A 48 -4.86 -1.51 16.27
N GLN A 49 -4.14 -1.02 15.25
CA GLN A 49 -4.39 0.32 14.69
C GLN A 49 -5.61 0.33 13.76
N LEU A 50 -5.82 -0.71 12.93
CA LEU A 50 -7.08 -0.85 12.17
C LEU A 50 -8.31 -0.77 13.08
N ARG A 51 -8.25 -1.42 14.26
CA ARG A 51 -9.28 -1.36 15.30
C ARG A 51 -9.47 0.04 15.88
N GLU A 52 -8.41 0.81 16.09
CA GLU A 52 -8.52 2.21 16.52
C GLU A 52 -9.27 3.05 15.49
N LEU A 53 -8.84 3.02 14.22
CA LEU A 53 -9.47 3.84 13.16
C LEU A 53 -10.94 3.47 12.99
N ALA A 54 -11.24 2.18 12.96
CA ALA A 54 -12.61 1.67 12.86
C ALA A 54 -13.49 2.04 14.06
N LYS A 55 -13.01 1.87 15.30
CA LYS A 55 -13.77 2.19 16.52
C LYS A 55 -13.95 3.70 16.75
N ARG A 56 -13.02 4.54 16.27
CA ARG A 56 -13.18 6.01 16.24
C ARG A 56 -14.31 6.43 15.28
N LYS A 57 -14.49 5.69 14.18
CA LYS A 57 -15.55 5.91 13.17
C LYS A 57 -16.86 5.16 13.45
N GLY A 58 -16.85 4.18 14.36
CA GLY A 58 -18.02 3.38 14.74
C GLY A 58 -18.30 2.17 13.83
N THR A 59 -17.25 1.59 13.23
CA THR A 59 -17.29 0.51 12.23
C THR A 59 -16.33 -0.64 12.56
N SER A 60 -16.19 -1.61 11.64
CA SER A 60 -15.31 -2.78 11.72
C SER A 60 -13.93 -2.53 11.09
N PRO A 61 -12.85 -3.18 11.55
CA PRO A 61 -11.47 -2.98 11.06
C PRO A 61 -11.29 -3.30 9.58
N SER A 62 -12.13 -4.18 9.02
CA SER A 62 -12.21 -4.49 7.59
C SER A 62 -12.73 -3.35 6.71
N GLU A 63 -13.58 -2.48 7.27
CA GLU A 63 -14.28 -1.43 6.53
C GLU A 63 -13.46 -0.15 6.32
N VAL A 64 -12.56 0.21 7.24
CA VAL A 64 -11.64 1.34 7.05
C VAL A 64 -10.63 1.11 5.91
N ILE A 65 -10.36 -0.15 5.56
CA ILE A 65 -9.34 -0.54 4.57
C ILE A 65 -9.58 0.08 3.19
N LYS A 66 -10.85 0.24 2.78
CA LYS A 66 -11.22 0.91 1.52
C LYS A 66 -10.61 2.33 1.44
N ASP A 67 -10.61 3.05 2.55
CA ASP A 67 -10.08 4.42 2.68
C ASP A 67 -8.56 4.47 2.78
N LEU A 68 -7.95 3.52 3.50
CA LEU A 68 -6.50 3.33 3.58
C LEU A 68 -5.92 3.00 2.19
N ALA A 69 -6.66 2.23 1.39
CA ALA A 69 -6.22 1.81 0.07
C ALA A 69 -6.24 2.94 -0.96
N GLU A 70 -7.19 3.87 -0.84
CA GLU A 70 -7.23 5.09 -1.66
C GLU A 70 -5.95 5.91 -1.48
N GLN A 71 -5.35 5.93 -0.29
CA GLN A 71 -4.19 6.81 -0.01
C GLN A 71 -2.95 6.35 -0.74
N VAL A 72 -2.68 5.04 -0.72
CA VAL A 72 -1.54 4.46 -1.45
C VAL A 72 -1.79 4.46 -2.95
N TRP A 73 -3.03 4.23 -3.40
CA TRP A 73 -3.32 4.32 -4.83
C TRP A 73 -3.12 5.74 -5.37
N ARG A 74 -3.65 6.75 -4.68
CA ARG A 74 -3.36 8.16 -4.99
C ARG A 74 -1.85 8.45 -4.97
N ALA A 75 -1.07 7.86 -4.07
CA ALA A 75 0.39 8.01 -4.06
C ALA A 75 1.05 7.36 -5.29
N MET A 76 0.60 6.17 -5.70
CA MET A 76 1.07 5.48 -6.91
C MET A 76 0.77 6.27 -8.19
N GLU A 77 -0.48 6.69 -8.42
CA GLU A 77 -0.81 7.45 -9.64
C GLU A 77 -0.11 8.81 -9.68
N ARG A 78 0.04 9.50 -8.55
CA ARG A 78 0.84 10.73 -8.48
C ARG A 78 2.29 10.52 -8.85
N ALA A 79 2.91 9.47 -8.33
CA ALA A 79 4.27 9.08 -8.68
C ALA A 79 4.41 8.65 -10.16
N ARG A 80 3.30 8.19 -10.77
CA ARG A 80 3.26 7.78 -12.18
C ARG A 80 3.25 9.00 -13.10
N GLU A 81 2.54 10.04 -12.66
CA GLU A 81 2.47 11.33 -13.36
C GLU A 81 3.71 12.20 -13.12
N GLY A 82 4.62 11.77 -12.24
CA GLY A 82 5.90 12.41 -11.93
C GLY A 82 5.84 13.37 -10.75
N ASP A 83 4.76 13.30 -9.95
CA ASP A 83 4.52 14.17 -8.80
C ASP A 83 4.97 13.46 -7.53
N LYS A 84 6.30 13.40 -7.37
CA LYS A 84 6.98 12.72 -6.25
C LYS A 84 6.59 13.38 -4.93
N ASP A 85 6.50 14.71 -4.91
CA ASP A 85 6.21 15.48 -3.70
C ASP A 85 4.80 15.22 -3.13
N THR A 86 3.76 15.10 -3.97
CA THR A 86 2.42 14.72 -3.48
C THR A 86 2.38 13.24 -3.11
N ALA A 87 3.06 12.37 -3.87
CA ALA A 87 3.16 10.95 -3.52
C ALA A 87 3.84 10.74 -2.14
N ARG A 88 4.89 11.51 -1.85
CA ARG A 88 5.58 11.55 -0.54
C ARG A 88 4.61 11.95 0.57
N GLU A 89 3.86 13.03 0.38
CA GLU A 89 2.91 13.52 1.39
C GLU A 89 1.72 12.55 1.60
N LEU A 90 1.29 11.86 0.54
CA LEU A 90 0.20 10.89 0.57
C LEU A 90 0.58 9.61 1.34
N ILE A 91 1.80 9.08 1.20
CA ILE A 91 2.25 7.95 2.03
C ILE A 91 2.43 8.39 3.48
N ARG A 92 2.88 9.62 3.75
CA ARG A 92 3.03 10.11 5.14
C ARG A 92 1.73 9.96 5.92
N LYS A 93 0.58 10.12 5.26
CA LYS A 93 -0.76 9.95 5.86
C LYS A 93 -1.09 8.46 6.08
N PHE A 94 -0.69 7.58 5.15
CA PHE A 94 -0.94 6.14 5.19
C PHE A 94 -0.09 5.42 6.25
N ALA A 95 1.24 5.63 6.24
CA ALA A 95 2.10 5.07 7.27
C ALA A 95 1.77 5.61 8.67
N ASP A 96 1.34 6.88 8.77
CA ASP A 96 0.91 7.48 10.03
C ASP A 96 -0.42 6.93 10.54
N ASP A 97 -1.39 6.69 9.64
CA ASP A 97 -2.70 6.13 10.00
C ASP A 97 -2.58 4.74 10.63
N LEU A 98 -1.70 3.87 10.10
CA LEU A 98 -1.41 2.53 10.61
C LEU A 98 -0.32 2.52 11.69
N GLY A 99 0.31 3.66 11.96
CA GLY A 99 1.33 3.81 13.01
C GLY A 99 2.61 2.98 12.75
N ILE A 100 2.97 2.80 11.48
CA ILE A 100 4.07 1.94 11.01
C ILE A 100 5.29 2.75 10.56
N SER A 101 6.43 2.07 10.44
CA SER A 101 7.66 2.63 9.88
C SER A 101 7.58 2.72 8.34
N PRO A 102 8.31 3.65 7.69
CA PRO A 102 8.46 3.65 6.23
C PRO A 102 9.03 2.32 5.71
N GLU A 103 9.96 1.70 6.44
CA GLU A 103 10.58 0.42 6.08
C GLU A 103 9.56 -0.74 6.06
N GLN A 104 8.50 -0.69 6.88
CA GLN A 104 7.40 -1.64 6.82
C GLN A 104 6.50 -1.44 5.59
N VAL A 105 6.36 -0.21 5.09
CA VAL A 105 5.66 0.04 3.81
C VAL A 105 6.46 -0.51 2.61
N LYS A 106 7.80 -0.45 2.63
CA LYS A 106 8.66 -1.11 1.62
C LYS A 106 8.42 -2.64 1.55
N LYS A 107 8.00 -3.30 2.65
CA LYS A 107 7.58 -4.72 2.66
C LYS A 107 6.18 -4.91 2.05
N PHE A 108 5.26 -3.99 2.33
CA PHE A 108 3.87 -4.04 1.85
C PHE A 108 3.76 -4.00 0.32
N ILE A 109 4.48 -3.10 -0.35
CA ILE A 109 4.50 -3.04 -1.83
C ILE A 109 4.89 -4.38 -2.46
N LYS A 110 5.75 -5.16 -1.79
CA LYS A 110 6.16 -6.52 -2.21
C LYS A 110 5.02 -7.54 -2.12
N ILE A 111 4.07 -7.35 -1.19
CA ILE A 111 2.82 -8.11 -1.13
C ILE A 111 1.85 -7.63 -2.22
N MET A 112 1.77 -6.31 -2.44
CA MET A 112 0.89 -5.71 -3.46
C MET A 112 1.17 -6.22 -4.88
N ARG A 113 2.43 -6.47 -5.25
CA ARG A 113 2.71 -7.16 -6.54
C ARG A 113 2.35 -8.65 -6.57
N GLU A 114 2.36 -9.34 -5.43
CA GLU A 114 2.02 -10.78 -5.35
C GLU A 114 0.53 -11.03 -5.51
N VAL A 115 -0.32 -10.24 -4.84
CA VAL A 115 -1.79 -10.40 -4.93
C VAL A 115 -2.33 -10.22 -6.35
N GLN A 116 -1.66 -9.41 -7.18
CA GLN A 116 -2.04 -9.17 -8.59
C GLN A 116 -2.01 -10.46 -9.43
N ARG A 117 -0.97 -11.30 -9.23
CA ARG A 117 -0.83 -12.61 -9.88
C ARG A 117 -1.59 -13.75 -9.17
N LYS A 118 -1.81 -13.64 -7.86
CA LYS A 118 -2.38 -14.70 -7.00
C LYS A 118 -3.82 -15.09 -7.36
N GLU A 119 -4.59 -14.16 -7.95
CA GLU A 119 -5.94 -14.42 -8.47
C GLU A 119 -5.93 -15.38 -9.67
N ASP A 120 -4.85 -15.41 -10.44
CA ASP A 120 -4.67 -16.27 -11.62
C ASP A 120 -3.69 -17.44 -11.38
N GLY A 121 -2.86 -17.36 -10.33
CA GLY A 121 -1.76 -18.29 -10.05
C GLY A 121 -0.58 -18.20 -11.03
N SER A 122 -0.58 -17.20 -11.92
CA SER A 122 0.40 -17.01 -13.01
C SER A 122 0.43 -15.55 -13.49
N LEU A 123 1.47 -15.17 -14.22
CA LEU A 123 1.65 -13.84 -14.83
C LEU A 123 2.36 -13.96 -16.20
N GLU A 124 2.01 -13.07 -17.14
CA GLU A 124 2.57 -13.07 -18.50
C GLU A 124 3.92 -12.34 -18.63
N HIS A 125 4.25 -11.48 -17.66
CA HIS A 125 5.52 -10.74 -17.57
C HIS A 125 6.62 -11.56 -16.88
N HIS A 126 7.88 -11.31 -17.22
CA HIS A 126 9.06 -11.97 -16.66
C HIS A 126 10.24 -10.99 -16.45
N HIS A 127 11.08 -11.28 -15.45
CA HIS A 127 12.18 -10.42 -14.98
C HIS A 127 13.58 -11.08 -15.09
N HIS A 128 13.72 -12.10 -15.94
CA HIS A 128 14.90 -12.99 -16.01
C HIS A 128 15.23 -13.60 -14.63
N HIS A 129 16.45 -14.11 -14.43
CA HIS A 129 16.98 -14.63 -13.15
C HIS A 129 16.25 -15.87 -12.57
N HIS A 130 15.46 -16.56 -13.40
CA HIS A 130 14.70 -17.79 -13.11
C HIS A 130 13.87 -17.72 -11.80
N GLY A 1 8.50 13.72 11.17
CA GLY A 1 9.05 14.35 9.95
C GLY A 1 9.54 13.29 8.98
N ASP A 2 10.85 13.04 8.96
CA ASP A 2 11.50 11.90 8.26
C ASP A 2 11.27 11.85 6.74
N GLU A 3 11.00 12.99 6.09
CA GLU A 3 10.65 13.10 4.67
C GLU A 3 11.73 12.54 3.73
N ARG A 4 12.99 12.70 4.15
CA ARG A 4 14.19 12.17 3.48
C ARG A 4 14.22 10.63 3.45
N LYS A 5 13.80 9.99 4.55
CA LYS A 5 13.64 8.52 4.66
C LYS A 5 12.40 8.03 3.91
N LEU A 6 11.31 8.80 3.95
CA LEU A 6 10.07 8.52 3.24
C LEU A 6 10.28 8.49 1.72
N GLU A 7 11.17 9.34 1.19
CA GLU A 7 11.48 9.39 -0.25
C GLU A 7 11.95 8.03 -0.80
N GLU A 8 12.60 7.20 0.03
CA GLU A 8 13.02 5.84 -0.32
C GLU A 8 11.84 4.85 -0.46
N VAL A 9 10.72 5.06 0.25
CA VAL A 9 9.47 4.32 0.00
C VAL A 9 8.65 4.93 -1.14
N THR A 10 8.71 6.25 -1.34
CA THR A 10 8.16 6.88 -2.56
C THR A 10 8.79 6.31 -3.83
N GLU A 11 10.07 5.93 -3.78
CA GLU A 11 10.74 5.16 -4.83
C GLU A 11 10.08 3.80 -5.10
N GLU A 12 9.55 3.07 -4.10
CA GLU A 12 8.72 1.89 -4.39
C GLU A 12 7.43 2.29 -5.11
N MET A 13 6.74 3.36 -4.70
CA MET A 13 5.46 3.77 -5.33
C MET A 13 5.64 4.16 -6.80
N ARG A 14 6.77 4.78 -7.14
CA ARG A 14 7.17 5.06 -8.54
C ARG A 14 7.32 3.78 -9.35
N LYS A 15 8.08 2.81 -8.84
CA LYS A 15 8.36 1.51 -9.48
C LYS A 15 7.11 0.63 -9.58
N MET A 16 6.25 0.66 -8.57
CA MET A 16 5.01 -0.13 -8.53
C MET A 16 3.99 0.39 -9.53
N ALA A 17 3.83 1.72 -9.64
CA ALA A 17 2.88 2.32 -10.57
C ALA A 17 3.17 1.97 -12.04
N GLU A 18 4.43 2.06 -12.48
CA GLU A 18 4.83 1.63 -13.83
C GLU A 18 4.82 0.10 -14.03
N ASN A 19 5.02 -0.69 -12.96
CA ASN A 19 4.87 -2.16 -12.97
C ASN A 19 3.40 -2.58 -13.18
N MET A 20 2.44 -1.85 -12.60
CA MET A 20 1.00 -2.14 -12.69
C MET A 20 0.26 -1.46 -13.84
N ASP A 21 0.92 -0.55 -14.57
CA ASP A 21 0.28 0.34 -15.55
C ASP A 21 -0.52 -0.39 -16.65
N GLY A 22 -1.65 0.20 -17.02
CA GLY A 22 -2.58 -0.31 -18.06
C GLY A 22 -3.76 -1.14 -17.53
N GLN A 23 -3.77 -1.52 -16.24
CA GLN A 23 -4.95 -2.13 -15.59
C GLN A 23 -5.94 -1.07 -15.09
N ASP A 24 -7.14 -1.50 -14.68
CA ASP A 24 -8.23 -0.61 -14.27
C ASP A 24 -7.97 -0.02 -12.86
N PRO A 25 -8.15 1.30 -12.65
CA PRO A 25 -7.80 1.97 -11.40
C PRO A 25 -8.64 1.50 -10.21
N GLU A 26 -9.87 1.04 -10.44
CA GLU A 26 -10.76 0.54 -9.38
C GLU A 26 -10.29 -0.83 -8.87
N LYS A 27 -9.65 -1.63 -9.74
CA LYS A 27 -9.03 -2.91 -9.36
C LYS A 27 -7.83 -2.67 -8.46
N VAL A 28 -7.04 -1.63 -8.75
CA VAL A 28 -5.89 -1.23 -7.91
C VAL A 28 -6.33 -1.01 -6.47
N LYS A 29 -7.45 -0.32 -6.24
CA LYS A 29 -7.99 -0.11 -4.89
C LYS A 29 -8.27 -1.44 -4.17
N GLU A 30 -8.84 -2.42 -4.87
CA GLU A 30 -9.16 -3.74 -4.31
C GLU A 30 -7.91 -4.61 -4.06
N ILE A 31 -6.89 -4.52 -4.92
CA ILE A 31 -5.58 -5.16 -4.73
C ILE A 31 -4.88 -4.56 -3.50
N VAL A 32 -4.86 -3.23 -3.39
CA VAL A 32 -4.27 -2.52 -2.25
C VAL A 32 -5.05 -2.82 -0.97
N ARG A 33 -6.39 -2.89 -1.00
CA ARG A 33 -7.20 -3.25 0.19
C ARG A 33 -6.66 -4.53 0.85
N ARG A 34 -6.52 -5.61 0.09
CA ARG A 34 -6.08 -6.92 0.63
C ARG A 34 -4.59 -6.98 0.92
N ALA A 35 -3.78 -6.20 0.20
CA ALA A 35 -2.35 -6.05 0.46
C ALA A 35 -2.07 -5.28 1.77
N LEU A 36 -2.78 -4.17 2.03
CA LEU A 36 -2.61 -3.39 3.28
C LEU A 36 -3.20 -4.13 4.48
N GLN A 37 -4.28 -4.88 4.24
CA GLN A 37 -4.94 -5.78 5.18
C GLN A 37 -4.06 -6.98 5.60
N GLN A 38 -3.20 -7.48 4.70
CA GLN A 38 -2.32 -8.62 4.99
C GLN A 38 -1.34 -8.29 6.13
N MET A 39 -0.84 -7.06 6.19
CA MET A 39 0.01 -6.56 7.28
C MET A 39 -0.65 -6.74 8.66
N ALA A 40 -1.96 -6.56 8.78
CA ALA A 40 -2.73 -6.79 10.01
C ALA A 40 -3.03 -8.27 10.28
N ASN A 41 -3.14 -9.08 9.23
CA ASN A 41 -3.27 -10.54 9.37
C ASN A 41 -1.94 -11.18 9.81
N ASP A 42 -0.80 -10.60 9.42
CA ASP A 42 0.55 -11.04 9.77
C ASP A 42 1.09 -10.44 11.09
N ASN A 43 0.72 -9.19 11.43
CA ASN A 43 1.26 -8.45 12.59
C ASN A 43 0.13 -7.83 13.46
N PRO A 44 0.11 -8.06 14.78
CA PRO A 44 -0.92 -7.53 15.67
C PRO A 44 -0.81 -6.01 15.90
N GLU A 45 0.38 -5.43 15.69
CA GLU A 45 0.64 -3.99 15.83
C GLU A 45 -0.10 -3.13 14.78
N VAL A 46 -0.38 -3.70 13.60
CA VAL A 46 -1.18 -3.07 12.54
C VAL A 46 -2.66 -3.26 12.84
N SER A 47 -3.09 -4.50 13.14
CA SER A 47 -4.51 -4.81 13.44
C SER A 47 -5.06 -4.05 14.64
N GLU A 48 -4.26 -3.81 15.68
CA GLU A 48 -4.72 -2.99 16.81
C GLU A 48 -4.94 -1.52 16.41
N GLN A 49 -4.20 -1.01 15.42
CA GLN A 49 -4.42 0.34 14.89
C GLN A 49 -5.62 0.40 13.93
N LEU A 50 -5.83 -0.60 13.07
CA LEU A 50 -7.06 -0.71 12.27
C LEU A 50 -8.32 -0.66 13.17
N ARG A 51 -8.27 -1.34 14.33
CA ARG A 51 -9.32 -1.30 15.37
C ARG A 51 -9.49 0.08 15.97
N GLU A 52 -8.43 0.85 16.24
CA GLU A 52 -8.55 2.24 16.71
C GLU A 52 -9.29 3.11 15.70
N LEU A 53 -8.90 3.08 14.42
CA LEU A 53 -9.55 3.88 13.38
C LEU A 53 -11.03 3.51 13.23
N ALA A 54 -11.32 2.21 13.15
CA ALA A 54 -12.68 1.71 13.02
C ALA A 54 -13.58 2.05 14.22
N LYS A 55 -13.10 1.87 15.46
CA LYS A 55 -13.86 2.20 16.68
C LYS A 55 -14.05 3.70 16.90
N ARG A 56 -13.12 4.55 16.42
CA ARG A 56 -13.28 6.02 16.39
C ARG A 56 -14.33 6.47 15.37
N LYS A 57 -14.44 5.76 14.23
CA LYS A 57 -15.41 6.01 13.16
C LYS A 57 -16.78 5.32 13.35
N GLY A 58 -16.86 4.34 14.25
CA GLY A 58 -18.09 3.58 14.55
C GLY A 58 -18.37 2.43 13.57
N THR A 59 -17.31 1.82 13.01
CA THR A 59 -17.35 0.77 11.98
C THR A 59 -16.44 -0.43 12.35
N SER A 60 -16.27 -1.38 11.43
CA SER A 60 -15.43 -2.58 11.55
C SER A 60 -13.99 -2.36 11.04
N PRO A 61 -12.98 -3.07 11.59
CA PRO A 61 -11.57 -2.93 11.18
C PRO A 61 -11.32 -3.30 9.71
N SER A 62 -12.15 -4.17 9.12
CA SER A 62 -12.15 -4.50 7.69
C SER A 62 -12.72 -3.38 6.79
N GLU A 63 -13.52 -2.46 7.33
CA GLU A 63 -14.20 -1.41 6.54
C GLU A 63 -13.37 -0.13 6.36
N VAL A 64 -12.56 0.27 7.33
CA VAL A 64 -11.61 1.40 7.18
C VAL A 64 -10.59 1.16 6.05
N ILE A 65 -10.33 -0.10 5.72
CA ILE A 65 -9.43 -0.56 4.65
C ILE A 65 -9.76 0.08 3.29
N LYS A 66 -11.04 0.32 3.01
CA LYS A 66 -11.49 0.97 1.76
C LYS A 66 -10.85 2.35 1.59
N ASP A 67 -10.78 3.12 2.67
CA ASP A 67 -10.17 4.45 2.72
C ASP A 67 -8.64 4.39 2.71
N LEU A 68 -8.05 3.48 3.51
CA LEU A 68 -6.61 3.26 3.59
C LEU A 68 -6.03 2.91 2.21
N ALA A 69 -6.76 2.13 1.42
CA ALA A 69 -6.32 1.72 0.08
C ALA A 69 -6.36 2.85 -0.94
N GLU A 70 -7.33 3.76 -0.84
CA GLU A 70 -7.41 4.95 -1.70
C GLU A 70 -6.15 5.80 -1.53
N GLN A 71 -5.58 5.91 -0.32
CA GLN A 71 -4.43 6.79 -0.04
C GLN A 71 -3.17 6.29 -0.74
N VAL A 72 -2.95 4.99 -0.68
CA VAL A 72 -1.82 4.31 -1.32
C VAL A 72 -1.96 4.31 -2.84
N TRP A 73 -3.19 4.15 -3.37
CA TRP A 73 -3.40 4.25 -4.81
C TRP A 73 -3.14 5.68 -5.32
N ARG A 74 -3.67 6.70 -4.64
CA ARG A 74 -3.30 8.10 -4.91
C ARG A 74 -1.78 8.33 -4.86
N ALA A 75 -1.04 7.64 -3.99
CA ALA A 75 0.43 7.73 -3.93
C ALA A 75 1.07 7.19 -5.22
N MET A 76 0.64 6.02 -5.67
CA MET A 76 1.13 5.38 -6.90
C MET A 76 0.82 6.22 -8.15
N GLU A 77 -0.43 6.67 -8.36
CA GLU A 77 -0.73 7.49 -9.55
C GLU A 77 -0.02 8.84 -9.54
N ARG A 78 0.13 9.49 -8.38
CA ARG A 78 0.94 10.71 -8.27
C ARG A 78 2.40 10.49 -8.63
N ALA A 79 2.99 9.41 -8.12
CA ALA A 79 4.33 8.99 -8.46
C ALA A 79 4.48 8.62 -9.94
N ARG A 80 3.39 8.21 -10.60
CA ARG A 80 3.36 7.85 -12.03
C ARG A 80 3.37 9.10 -12.90
N GLU A 81 2.66 10.14 -12.43
CA GLU A 81 2.62 11.45 -13.08
C GLU A 81 3.90 12.28 -12.82
N GLY A 82 4.80 11.78 -11.97
CA GLY A 82 6.11 12.35 -11.66
C GLY A 82 6.10 13.25 -10.42
N ASP A 83 5.02 13.18 -9.63
CA ASP A 83 4.78 14.05 -8.48
C ASP A 83 5.19 13.32 -7.19
N LYS A 84 6.50 13.19 -7.01
CA LYS A 84 7.15 12.52 -5.89
C LYS A 84 6.76 13.15 -4.56
N ASP A 85 6.61 14.46 -4.51
CA ASP A 85 6.33 15.19 -3.28
C ASP A 85 4.89 15.02 -2.79
N THR A 86 3.88 15.02 -3.67
CA THR A 86 2.51 14.66 -3.26
C THR A 86 2.39 13.16 -3.02
N ALA A 87 3.10 12.30 -3.76
CA ALA A 87 3.14 10.87 -3.48
C ALA A 87 3.68 10.57 -2.07
N ARG A 88 4.71 11.31 -1.62
CA ARG A 88 5.20 11.29 -0.23
C ARG A 88 4.13 11.77 0.76
N GLU A 89 3.44 12.87 0.46
CA GLU A 89 2.39 13.41 1.34
C GLU A 89 1.17 12.47 1.42
N LEU A 90 0.94 11.65 0.38
CA LEU A 90 -0.04 10.56 0.40
C LEU A 90 0.38 9.40 1.32
N ILE A 91 1.62 8.90 1.22
CA ILE A 91 2.09 7.82 2.11
C ILE A 91 2.21 8.31 3.55
N ARG A 92 2.61 9.56 3.80
CA ARG A 92 2.81 10.03 5.19
C ARG A 92 1.55 9.85 6.00
N LYS A 93 0.37 10.02 5.38
CA LYS A 93 -0.95 9.86 6.01
C LYS A 93 -1.26 8.37 6.26
N PHE A 94 -0.89 7.50 5.33
CA PHE A 94 -1.11 6.05 5.39
C PHE A 94 -0.21 5.36 6.42
N ALA A 95 1.10 5.60 6.35
CA ALA A 95 2.04 5.10 7.35
C ALA A 95 1.71 5.62 8.77
N ASP A 96 1.25 6.87 8.88
CA ASP A 96 0.85 7.47 10.16
C ASP A 96 -0.46 6.90 10.70
N ASP A 97 -1.46 6.68 9.85
CA ASP A 97 -2.77 6.12 10.22
C ASP A 97 -2.63 4.75 10.90
N LEU A 98 -1.75 3.88 10.38
CA LEU A 98 -1.48 2.52 10.88
C LEU A 98 -0.30 2.49 11.86
N GLY A 99 0.37 3.62 12.10
CA GLY A 99 1.43 3.76 13.10
C GLY A 99 2.70 2.97 12.76
N ILE A 100 3.00 2.81 11.47
CA ILE A 100 4.09 1.98 10.93
C ILE A 100 5.26 2.83 10.40
N SER A 101 6.41 2.17 10.25
CA SER A 101 7.62 2.75 9.64
C SER A 101 7.53 2.71 8.11
N PRO A 102 8.19 3.62 7.37
CA PRO A 102 8.28 3.56 5.90
C PRO A 102 8.91 2.25 5.42
N GLU A 103 9.83 1.67 6.20
CA GLU A 103 10.43 0.35 5.94
C GLU A 103 9.40 -0.80 5.90
N GLN A 104 8.32 -0.71 6.69
CA GLN A 104 7.20 -1.66 6.64
C GLN A 104 6.29 -1.42 5.44
N VAL A 105 6.18 -0.17 4.96
CA VAL A 105 5.51 0.12 3.68
C VAL A 105 6.31 -0.45 2.48
N LYS A 106 7.65 -0.40 2.50
CA LYS A 106 8.53 -1.09 1.51
C LYS A 106 8.33 -2.62 1.51
N LYS A 107 7.89 -3.22 2.63
CA LYS A 107 7.48 -4.64 2.72
C LYS A 107 6.09 -4.86 2.12
N PHE A 108 5.15 -3.95 2.38
CA PHE A 108 3.76 -4.01 1.90
C PHE A 108 3.64 -3.99 0.38
N ILE A 109 4.34 -3.08 -0.31
CA ILE A 109 4.36 -3.04 -1.78
C ILE A 109 4.72 -4.40 -2.40
N LYS A 110 5.58 -5.18 -1.72
CA LYS A 110 6.00 -6.53 -2.13
C LYS A 110 4.84 -7.55 -2.10
N ILE A 111 3.86 -7.37 -1.21
CA ILE A 111 2.62 -8.13 -1.20
C ILE A 111 1.67 -7.63 -2.31
N MET A 112 1.55 -6.31 -2.48
CA MET A 112 0.68 -5.73 -3.50
C MET A 112 1.03 -6.18 -4.93
N ARG A 113 2.32 -6.38 -5.27
CA ARG A 113 2.68 -7.00 -6.58
C ARG A 113 2.43 -8.51 -6.64
N GLU A 114 2.47 -9.21 -5.51
CA GLU A 114 2.19 -10.66 -5.45
C GLU A 114 0.72 -10.96 -5.71
N VAL A 115 -0.19 -10.19 -5.10
CA VAL A 115 -1.65 -10.29 -5.29
C VAL A 115 -2.02 -10.15 -6.78
N GLN A 116 -1.38 -9.22 -7.51
CA GLN A 116 -1.63 -8.96 -8.93
C GLN A 116 -1.35 -10.19 -9.81
N ARG A 117 -0.28 -10.94 -9.52
CA ARG A 117 -0.03 -12.23 -10.19
C ARG A 117 -0.88 -13.39 -9.65
N LYS A 118 -1.25 -13.34 -8.36
CA LYS A 118 -2.04 -14.34 -7.62
C LYS A 118 -3.40 -14.63 -8.24
N GLU A 119 -3.98 -13.65 -8.93
CA GLU A 119 -5.23 -13.78 -9.69
C GLU A 119 -5.11 -14.75 -10.88
N ASP A 120 -3.90 -14.90 -11.43
CA ASP A 120 -3.60 -15.80 -12.56
C ASP A 120 -2.74 -17.01 -12.14
N GLY A 121 -2.05 -16.92 -10.99
CA GLY A 121 -1.11 -17.93 -10.49
C GLY A 121 0.19 -17.32 -9.96
N SER A 122 1.34 -17.77 -10.47
CA SER A 122 2.67 -17.23 -10.10
C SER A 122 3.62 -16.97 -11.29
N LEU A 123 3.11 -16.99 -12.52
CA LEU A 123 3.83 -16.66 -13.78
C LEU A 123 5.19 -17.38 -13.95
N GLU A 124 5.22 -18.61 -13.49
CA GLU A 124 6.39 -19.50 -13.32
C GLU A 124 7.11 -19.88 -14.64
N HIS A 125 8.27 -20.54 -14.51
CA HIS A 125 9.17 -20.96 -15.61
C HIS A 125 9.68 -19.76 -16.45
N HIS A 126 10.36 -18.83 -15.77
CA HIS A 126 10.94 -17.62 -16.36
C HIS A 126 12.04 -17.93 -17.40
N HIS A 127 12.19 -17.09 -18.42
CA HIS A 127 13.12 -17.31 -19.54
C HIS A 127 14.57 -16.85 -19.27
N HIS A 128 14.78 -15.91 -18.33
CA HIS A 128 16.06 -15.29 -17.94
C HIS A 128 16.81 -14.54 -19.06
N HIS A 129 17.76 -13.67 -18.69
CA HIS A 129 18.42 -12.71 -19.59
C HIS A 129 19.93 -12.96 -19.80
N HIS A 130 20.59 -13.70 -18.89
CA HIS A 130 22.03 -14.00 -18.86
C HIS A 130 22.93 -12.76 -19.07
N GLY A 1 14.59 15.80 9.82
CA GLY A 1 13.29 15.73 9.11
C GLY A 1 13.12 14.39 8.41
N ASP A 2 12.02 13.67 8.69
CA ASP A 2 11.81 12.28 8.25
C ASP A 2 11.40 12.13 6.77
N GLU A 3 11.19 13.24 6.07
CA GLU A 3 10.87 13.26 4.63
C GLU A 3 11.92 12.54 3.79
N ARG A 4 13.19 12.69 4.18
CA ARG A 4 14.34 12.04 3.53
C ARG A 4 14.30 10.51 3.62
N LYS A 5 13.73 9.95 4.69
CA LYS A 5 13.41 8.52 4.81
C LYS A 5 12.14 8.14 4.05
N LEU A 6 11.14 9.02 4.03
CA LEU A 6 9.88 8.81 3.30
C LEU A 6 10.10 8.72 1.79
N GLU A 7 11.05 9.47 1.22
CA GLU A 7 11.41 9.37 -0.20
C GLU A 7 11.81 7.95 -0.64
N GLU A 8 12.36 7.14 0.26
CA GLU A 8 12.71 5.74 -0.02
C GLU A 8 11.47 4.83 -0.13
N VAL A 9 10.38 5.10 0.60
CA VAL A 9 9.09 4.41 0.39
C VAL A 9 8.32 4.99 -0.81
N THR A 10 8.44 6.29 -1.09
CA THR A 10 7.92 6.89 -2.34
C THR A 10 8.56 6.25 -3.57
N GLU A 11 9.82 5.79 -3.47
CA GLU A 11 10.49 4.98 -4.49
C GLU A 11 9.71 3.70 -4.82
N GLU A 12 9.16 2.98 -3.84
CA GLU A 12 8.30 1.84 -4.13
C GLU A 12 7.00 2.27 -4.83
N MET A 13 6.37 3.38 -4.42
CA MET A 13 5.14 3.86 -5.09
C MET A 13 5.37 4.22 -6.56
N ARG A 14 6.56 4.75 -6.90
CA ARG A 14 7.01 4.95 -8.29
C ARG A 14 7.13 3.63 -9.04
N LYS A 15 7.86 2.67 -8.46
CA LYS A 15 8.12 1.35 -9.06
C LYS A 15 6.84 0.53 -9.23
N MET A 16 5.93 0.56 -8.27
CA MET A 16 4.68 -0.23 -8.29
C MET A 16 3.69 0.29 -9.32
N ALA A 17 3.57 1.62 -9.46
CA ALA A 17 2.63 2.25 -10.39
C ALA A 17 2.94 1.92 -11.86
N GLU A 18 4.22 1.94 -12.26
CA GLU A 18 4.65 1.49 -13.59
C GLU A 18 4.45 -0.02 -13.80
N ASN A 19 4.65 -0.81 -12.74
CA ASN A 19 4.40 -2.26 -12.72
C ASN A 19 2.92 -2.62 -12.99
N MET A 20 1.99 -1.76 -12.56
CA MET A 20 0.55 -1.93 -12.76
C MET A 20 -0.06 -1.06 -13.88
N ASP A 21 0.77 -0.33 -14.63
CA ASP A 21 0.29 0.53 -15.73
C ASP A 21 -0.50 -0.27 -16.79
N GLY A 22 -1.67 0.24 -17.16
CA GLY A 22 -2.60 -0.38 -18.12
C GLY A 22 -3.74 -1.20 -17.50
N GLN A 23 -3.71 -1.52 -16.20
CA GLN A 23 -4.85 -2.13 -15.48
C GLN A 23 -5.83 -1.06 -14.95
N ASP A 24 -7.04 -1.47 -14.54
CA ASP A 24 -8.12 -0.56 -14.16
C ASP A 24 -7.91 0.03 -12.75
N PRO A 25 -8.12 1.35 -12.55
CA PRO A 25 -7.81 2.03 -11.28
C PRO A 25 -8.67 1.54 -10.11
N GLU A 26 -9.89 1.07 -10.36
CA GLU A 26 -10.79 0.56 -9.31
C GLU A 26 -10.33 -0.81 -8.79
N LYS A 27 -9.64 -1.58 -9.64
CA LYS A 27 -9.00 -2.85 -9.27
C LYS A 27 -7.81 -2.58 -8.36
N VAL A 28 -7.03 -1.53 -8.64
CA VAL A 28 -5.89 -1.12 -7.79
C VAL A 28 -6.34 -0.89 -6.35
N LYS A 29 -7.47 -0.21 -6.14
CA LYS A 29 -8.00 0.04 -4.79
C LYS A 29 -8.24 -1.28 -4.05
N GLU A 30 -8.81 -2.28 -4.70
CA GLU A 30 -9.08 -3.60 -4.08
C GLU A 30 -7.81 -4.45 -3.90
N ILE A 31 -6.84 -4.36 -4.81
CA ILE A 31 -5.52 -5.00 -4.67
C ILE A 31 -4.78 -4.41 -3.47
N VAL A 32 -4.75 -3.08 -3.34
CA VAL A 32 -4.14 -2.40 -2.19
C VAL A 32 -4.90 -2.74 -0.91
N ARG A 33 -6.24 -2.81 -0.94
CA ARG A 33 -7.09 -3.15 0.21
C ARG A 33 -6.66 -4.48 0.84
N ARG A 34 -6.52 -5.55 0.06
CA ARG A 34 -6.08 -6.88 0.57
C ARG A 34 -4.57 -6.96 0.85
N ALA A 35 -3.76 -6.16 0.15
CA ALA A 35 -2.31 -6.05 0.39
C ALA A 35 -1.96 -5.31 1.69
N LEU A 36 -2.61 -4.19 2.01
CA LEU A 36 -2.36 -3.42 3.25
C LEU A 36 -2.92 -4.17 4.47
N GLN A 37 -4.02 -4.87 4.25
CA GLN A 37 -4.68 -5.78 5.18
C GLN A 37 -3.80 -6.96 5.59
N GLN A 38 -2.97 -7.47 4.68
CA GLN A 38 -2.11 -8.63 4.95
C GLN A 38 -1.08 -8.31 6.04
N MET A 39 -0.56 -7.08 6.08
CA MET A 39 0.32 -6.63 7.18
C MET A 39 -0.33 -6.74 8.57
N ALA A 40 -1.65 -6.58 8.70
CA ALA A 40 -2.36 -6.81 9.96
C ALA A 40 -2.57 -8.31 10.27
N ASN A 41 -2.71 -9.12 9.23
CA ASN A 41 -2.73 -10.58 9.37
C ASN A 41 -1.34 -11.15 9.77
N ASP A 42 -0.26 -10.50 9.30
CA ASP A 42 1.14 -10.82 9.58
C ASP A 42 1.65 -10.24 10.92
N ASN A 43 1.18 -9.05 11.32
CA ASN A 43 1.67 -8.30 12.49
C ASN A 43 0.52 -7.71 13.34
N PRO A 44 0.49 -7.96 14.66
CA PRO A 44 -0.58 -7.47 15.54
C PRO A 44 -0.55 -5.95 15.75
N GLU A 45 0.63 -5.31 15.61
CA GLU A 45 0.82 -3.86 15.76
C GLU A 45 0.07 -3.02 14.71
N VAL A 46 -0.13 -3.58 13.51
CA VAL A 46 -0.94 -2.94 12.45
C VAL A 46 -2.42 -3.17 12.75
N SER A 47 -2.78 -4.43 13.03
CA SER A 47 -4.15 -4.87 13.32
C SER A 47 -4.79 -4.15 14.51
N GLU A 48 -4.02 -3.88 15.58
CA GLU A 48 -4.53 -3.11 16.72
C GLU A 48 -4.81 -1.65 16.36
N GLN A 49 -4.09 -1.09 15.38
CA GLN A 49 -4.35 0.27 14.88
C GLN A 49 -5.54 0.31 13.92
N LEU A 50 -5.75 -0.72 13.08
CA LEU A 50 -6.97 -0.86 12.25
C LEU A 50 -8.26 -0.75 13.09
N ARG A 51 -8.27 -1.34 14.30
CA ARG A 51 -9.37 -1.23 15.28
C ARG A 51 -9.57 0.18 15.82
N GLU A 52 -8.51 0.95 16.06
CA GLU A 52 -8.64 2.35 16.50
C GLU A 52 -9.32 3.23 15.44
N LEU A 53 -8.95 3.06 14.16
CA LEU A 53 -9.54 3.82 13.06
C LEU A 53 -11.01 3.44 12.86
N ALA A 54 -11.32 2.14 12.91
CA ALA A 54 -12.70 1.65 12.85
C ALA A 54 -13.59 2.16 13.99
N LYS A 55 -13.09 2.17 15.24
CA LYS A 55 -13.80 2.76 16.39
C LYS A 55 -13.96 4.28 16.27
N ARG A 56 -13.02 5.00 15.64
CA ARG A 56 -13.14 6.45 15.35
C ARG A 56 -14.19 6.74 14.27
N LYS A 57 -14.26 5.90 13.24
CA LYS A 57 -15.17 6.04 12.08
C LYS A 57 -16.55 5.39 12.30
N GLY A 58 -16.72 4.60 13.38
CA GLY A 58 -18.00 3.97 13.76
C GLY A 58 -18.34 2.72 12.94
N THR A 59 -17.31 2.00 12.47
CA THR A 59 -17.41 0.86 11.55
C THR A 59 -16.53 -0.32 12.01
N SER A 60 -16.34 -1.33 11.15
CA SER A 60 -15.51 -2.53 11.38
C SER A 60 -14.06 -2.35 10.91
N PRO A 61 -13.07 -3.05 11.51
CA PRO A 61 -11.66 -2.97 11.13
C PRO A 61 -11.37 -3.42 9.69
N SER A 62 -12.20 -4.30 9.12
CA SER A 62 -12.19 -4.70 7.70
C SER A 62 -12.70 -3.62 6.73
N GLU A 63 -13.57 -2.74 7.20
CA GLU A 63 -14.23 -1.69 6.40
C GLU A 63 -13.36 -0.44 6.22
N VAL A 64 -12.59 0.00 7.21
CA VAL A 64 -11.65 1.12 7.08
C VAL A 64 -10.56 0.86 6.04
N ILE A 65 -10.26 -0.40 5.73
CA ILE A 65 -9.21 -0.80 4.78
C ILE A 65 -9.46 -0.24 3.38
N LYS A 66 -10.72 -0.12 2.96
CA LYS A 66 -11.09 0.48 1.67
C LYS A 66 -10.61 1.94 1.58
N ASP A 67 -10.72 2.68 2.69
CA ASP A 67 -10.31 4.08 2.81
C ASP A 67 -8.79 4.25 2.91
N LEU A 68 -8.12 3.34 3.64
CA LEU A 68 -6.66 3.22 3.72
C LEU A 68 -6.05 2.93 2.34
N ALA A 69 -6.74 2.11 1.55
CA ALA A 69 -6.29 1.69 0.23
C ALA A 69 -6.36 2.81 -0.82
N GLU A 70 -7.38 3.69 -0.70
CA GLU A 70 -7.52 4.86 -1.55
C GLU A 70 -6.29 5.78 -1.42
N GLN A 71 -5.68 5.87 -0.23
CA GLN A 71 -4.59 6.83 0.04
C GLN A 71 -3.30 6.44 -0.71
N VAL A 72 -2.95 5.14 -0.64
CA VAL A 72 -1.74 4.62 -1.29
C VAL A 72 -1.90 4.64 -2.81
N TRP A 73 -3.10 4.36 -3.33
CA TRP A 73 -3.35 4.43 -4.77
C TRP A 73 -3.13 5.84 -5.32
N ARG A 74 -3.67 6.87 -4.64
CA ARG A 74 -3.35 8.27 -4.98
C ARG A 74 -1.83 8.54 -4.97
N ALA A 75 -1.07 7.96 -4.04
CA ALA A 75 0.38 8.11 -4.01
C ALA A 75 1.07 7.44 -5.21
N MET A 76 0.58 6.27 -5.64
CA MET A 76 1.07 5.56 -6.82
C MET A 76 0.80 6.33 -8.12
N GLU A 77 -0.43 6.77 -8.39
CA GLU A 77 -0.70 7.54 -9.61
C GLU A 77 0.04 8.88 -9.65
N ARG A 78 0.15 9.58 -8.51
CA ARG A 78 0.96 10.80 -8.41
C ARG A 78 2.44 10.57 -8.67
N ALA A 79 3.00 9.51 -8.12
CA ALA A 79 4.37 9.08 -8.40
C ALA A 79 4.58 8.70 -9.88
N ARG A 80 3.52 8.24 -10.57
CA ARG A 80 3.57 7.90 -12.00
C ARG A 80 3.49 9.14 -12.89
N GLU A 81 2.79 10.18 -12.43
CA GLU A 81 2.75 11.50 -13.06
C GLU A 81 4.03 12.33 -12.78
N GLY A 82 4.91 11.84 -11.90
CA GLY A 82 6.21 12.43 -11.58
C GLY A 82 6.19 13.35 -10.36
N ASP A 83 5.14 13.28 -9.55
CA ASP A 83 4.89 14.18 -8.42
C ASP A 83 5.24 13.49 -7.09
N LYS A 84 6.54 13.45 -6.81
CA LYS A 84 7.15 12.78 -5.65
C LYS A 84 6.75 13.45 -4.33
N ASP A 85 6.51 14.77 -4.36
CA ASP A 85 6.12 15.55 -3.20
C ASP A 85 4.67 15.27 -2.76
N THR A 86 3.70 15.24 -3.69
CA THR A 86 2.33 14.84 -3.36
C THR A 86 2.27 13.35 -3.01
N ALA A 87 3.03 12.50 -3.72
CA ALA A 87 3.10 11.06 -3.39
C ALA A 87 3.63 10.83 -1.97
N ARG A 88 4.69 11.55 -1.54
CA ARG A 88 5.20 11.54 -0.16
C ARG A 88 4.14 11.97 0.85
N GLU A 89 3.44 13.07 0.59
CA GLU A 89 2.35 13.56 1.45
C GLU A 89 1.15 12.60 1.52
N LEU A 90 0.92 11.80 0.46
CA LEU A 90 -0.13 10.78 0.42
C LEU A 90 0.26 9.48 1.15
N ILE A 91 1.53 9.05 1.11
CA ILE A 91 2.01 7.93 1.95
C ILE A 91 2.10 8.35 3.41
N ARG A 92 2.54 9.57 3.73
CA ARG A 92 2.76 9.94 5.14
C ARG A 92 1.48 9.79 5.96
N LYS A 93 0.31 10.03 5.37
CA LYS A 93 -0.99 9.81 6.01
C LYS A 93 -1.28 8.33 6.25
N PHE A 94 -0.94 7.48 5.28
CA PHE A 94 -1.15 6.02 5.31
C PHE A 94 -0.23 5.33 6.31
N ALA A 95 1.09 5.60 6.24
CA ALA A 95 2.04 5.09 7.22
C ALA A 95 1.72 5.60 8.64
N ASP A 96 1.28 6.86 8.77
CA ASP A 96 0.92 7.44 10.08
C ASP A 96 -0.39 6.89 10.67
N ASP A 97 -1.40 6.67 9.82
CA ASP A 97 -2.71 6.14 10.22
C ASP A 97 -2.58 4.76 10.89
N LEU A 98 -1.70 3.88 10.36
CA LEU A 98 -1.42 2.54 10.88
C LEU A 98 -0.23 2.53 11.87
N GLY A 99 0.45 3.67 12.05
CA GLY A 99 1.57 3.83 12.98
C GLY A 99 2.82 3.03 12.61
N ILE A 100 3.06 2.85 11.31
CA ILE A 100 4.11 1.97 10.74
C ILE A 100 5.29 2.75 10.16
N SER A 101 6.42 2.04 10.00
CA SER A 101 7.67 2.57 9.43
C SER A 101 7.73 2.41 7.91
N PRO A 102 8.47 3.27 7.17
CA PRO A 102 8.63 3.14 5.72
C PRO A 102 9.27 1.80 5.30
N GLU A 103 10.11 1.20 6.15
CA GLU A 103 10.67 -0.14 5.96
C GLU A 103 9.60 -1.25 5.98
N GLN A 104 8.52 -1.06 6.75
CA GLN A 104 7.37 -1.98 6.76
C GLN A 104 6.45 -1.75 5.55
N VAL A 105 6.29 -0.50 5.09
CA VAL A 105 5.57 -0.21 3.82
C VAL A 105 6.31 -0.79 2.61
N LYS A 106 7.66 -0.77 2.62
CA LYS A 106 8.52 -1.47 1.65
C LYS A 106 8.29 -3.00 1.64
N LYS A 107 7.77 -3.58 2.73
CA LYS A 107 7.27 -4.98 2.80
C LYS A 107 5.88 -5.10 2.16
N PHE A 108 4.98 -4.16 2.45
CA PHE A 108 3.60 -4.16 1.94
C PHE A 108 3.54 -4.16 0.41
N ILE A 109 4.28 -3.27 -0.26
CA ILE A 109 4.33 -3.22 -1.73
C ILE A 109 4.73 -4.57 -2.35
N LYS A 110 5.57 -5.35 -1.66
CA LYS A 110 5.99 -6.69 -2.11
C LYS A 110 4.82 -7.68 -2.09
N ILE A 111 3.85 -7.50 -1.19
CA ILE A 111 2.60 -8.26 -1.19
C ILE A 111 1.67 -7.76 -2.31
N MET A 112 1.61 -6.44 -2.55
CA MET A 112 0.78 -5.84 -3.60
C MET A 112 1.09 -6.45 -4.98
N ARG A 113 2.38 -6.56 -5.37
CA ARG A 113 2.75 -7.20 -6.65
C ARG A 113 2.48 -8.71 -6.71
N GLU A 114 2.48 -9.40 -5.56
CA GLU A 114 2.16 -10.83 -5.50
C GLU A 114 0.66 -11.09 -5.63
N VAL A 115 -0.17 -10.33 -4.91
CA VAL A 115 -1.63 -10.50 -4.96
C VAL A 115 -2.24 -10.05 -6.29
N GLN A 116 -1.57 -9.15 -7.04
CA GLN A 116 -1.93 -8.84 -8.44
C GLN A 116 -1.95 -10.11 -9.31
N ARG A 117 -0.91 -10.95 -9.22
CA ARG A 117 -0.78 -12.17 -10.03
C ARG A 117 -1.55 -13.38 -9.51
N LYS A 118 -1.83 -13.42 -8.21
CA LYS A 118 -2.39 -14.60 -7.49
C LYS A 118 -3.81 -14.96 -7.91
N GLU A 119 -4.55 -14.00 -8.45
CA GLU A 119 -5.88 -14.21 -9.07
C GLU A 119 -5.79 -15.01 -10.38
N ASP A 120 -4.67 -14.92 -11.10
CA ASP A 120 -4.38 -15.68 -12.33
C ASP A 120 -3.46 -16.89 -12.07
N GLY A 121 -2.74 -16.90 -10.95
CA GLY A 121 -1.75 -17.93 -10.59
C GLY A 121 -0.48 -17.89 -11.44
N SER A 122 -0.07 -16.71 -11.93
CA SER A 122 1.01 -16.56 -12.93
C SER A 122 2.35 -17.14 -12.45
N LEU A 123 2.95 -17.99 -13.27
CA LEU A 123 4.12 -18.82 -12.92
C LEU A 123 5.40 -18.01 -12.62
N GLU A 124 6.32 -18.63 -11.90
CA GLU A 124 7.68 -18.13 -11.66
C GLU A 124 8.58 -18.37 -12.89
N HIS A 125 8.21 -17.75 -14.02
CA HIS A 125 8.75 -18.00 -15.36
C HIS A 125 10.27 -17.78 -15.51
N HIS A 126 10.84 -16.83 -14.76
CA HIS A 126 12.28 -16.54 -14.75
C HIS A 126 12.77 -16.04 -13.37
N HIS A 127 14.07 -16.18 -13.12
CA HIS A 127 14.76 -15.68 -11.92
C HIS A 127 16.07 -14.99 -12.33
N HIS A 128 16.30 -13.75 -11.85
CA HIS A 128 17.49 -12.97 -12.18
C HIS A 128 17.88 -11.95 -11.10
N HIS A 129 16.91 -11.12 -10.65
CA HIS A 129 17.11 -9.94 -9.80
C HIS A 129 18.11 -8.89 -10.36
N HIS A 130 18.21 -7.74 -9.68
CA HIS A 130 19.03 -6.59 -10.08
C HIS A 130 19.66 -5.89 -8.86
N GLY A 1 9.85 13.72 12.26
CA GLY A 1 11.12 13.43 11.55
C GLY A 1 10.89 12.51 10.35
N ASP A 2 11.93 11.77 9.95
CA ASP A 2 11.91 10.75 8.87
C ASP A 2 11.54 11.26 7.46
N GLU A 3 11.53 12.56 7.22
CA GLU A 3 11.11 13.18 5.94
C GLU A 3 12.02 12.76 4.78
N ARG A 4 13.32 12.65 5.06
CA ARG A 4 14.36 12.14 4.13
C ARG A 4 14.18 10.65 3.81
N LYS A 5 13.78 9.85 4.80
CA LYS A 5 13.54 8.40 4.67
C LYS A 5 12.22 8.09 3.93
N LEU A 6 11.23 8.97 4.02
CA LEU A 6 9.97 8.85 3.29
C LEU A 6 10.16 8.79 1.75
N GLU A 7 11.23 9.40 1.23
CA GLU A 7 11.58 9.29 -0.20
C GLU A 7 11.91 7.82 -0.59
N GLU A 8 12.46 7.01 0.32
CA GLU A 8 12.80 5.60 0.06
C GLU A 8 11.54 4.73 -0.12
N VAL A 9 10.48 4.98 0.66
CA VAL A 9 9.19 4.29 0.47
C VAL A 9 8.44 4.86 -0.74
N THR A 10 8.56 6.16 -1.00
CA THR A 10 7.99 6.80 -2.20
C THR A 10 8.59 6.22 -3.48
N GLU A 11 9.85 5.77 -3.47
CA GLU A 11 10.46 5.00 -4.56
C GLU A 11 9.69 3.73 -4.90
N GLU A 12 9.18 2.97 -3.92
CA GLU A 12 8.37 1.79 -4.23
C GLU A 12 7.05 2.15 -4.91
N MET A 13 6.44 3.30 -4.60
CA MET A 13 5.21 3.77 -5.29
C MET A 13 5.48 4.13 -6.74
N ARG A 14 6.65 4.73 -7.04
CA ARG A 14 7.10 5.01 -8.42
C ARG A 14 7.30 3.72 -9.21
N LYS A 15 8.05 2.78 -8.63
CA LYS A 15 8.39 1.48 -9.23
C LYS A 15 7.18 0.56 -9.39
N MET A 16 6.25 0.58 -8.44
CA MET A 16 4.97 -0.16 -8.54
C MET A 16 4.05 0.44 -9.60
N ALA A 17 3.83 1.76 -9.61
CA ALA A 17 2.87 2.39 -10.51
C ALA A 17 3.22 2.23 -12.00
N GLU A 18 4.51 2.25 -12.36
CA GLU A 18 4.96 1.95 -13.73
C GLU A 18 4.89 0.45 -14.07
N ASN A 19 4.99 -0.44 -13.06
CA ASN A 19 4.90 -1.90 -13.22
C ASN A 19 3.43 -2.39 -13.32
N MET A 20 2.50 -1.74 -12.61
CA MET A 20 1.06 -2.06 -12.65
C MET A 20 0.28 -1.33 -13.77
N ASP A 21 0.99 -0.53 -14.59
CA ASP A 21 0.43 0.33 -15.64
C ASP A 21 -0.49 -0.43 -16.63
N GLY A 22 -1.64 0.19 -16.96
CA GLY A 22 -2.64 -0.34 -17.90
C GLY A 22 -3.79 -1.12 -17.25
N GLN A 23 -3.77 -1.32 -15.93
CA GLN A 23 -4.87 -1.91 -15.15
C GLN A 23 -5.93 -0.86 -14.78
N ASP A 24 -7.16 -1.33 -14.53
CA ASP A 24 -8.29 -0.48 -14.16
C ASP A 24 -8.15 0.03 -12.71
N PRO A 25 -8.34 1.33 -12.43
CA PRO A 25 -8.10 1.92 -11.10
C PRO A 25 -8.98 1.30 -10.02
N GLU A 26 -10.20 0.87 -10.37
CA GLU A 26 -11.17 0.25 -9.45
C GLU A 26 -10.68 -1.11 -8.93
N LYS A 27 -9.84 -1.78 -9.72
CA LYS A 27 -9.14 -3.02 -9.36
C LYS A 27 -7.98 -2.70 -8.43
N VAL A 28 -7.21 -1.65 -8.76
CA VAL A 28 -6.05 -1.20 -7.97
C VAL A 28 -6.44 -0.88 -6.53
N LYS A 29 -7.56 -0.18 -6.31
CA LYS A 29 -8.09 0.06 -4.94
C LYS A 29 -8.28 -1.23 -4.16
N GLU A 30 -8.87 -2.25 -4.76
CA GLU A 30 -9.12 -3.56 -4.13
C GLU A 30 -7.86 -4.42 -3.95
N ILE A 31 -6.91 -4.37 -4.89
CA ILE A 31 -5.58 -4.97 -4.76
C ILE A 31 -4.84 -4.37 -3.56
N VAL A 32 -4.79 -3.04 -3.46
CA VAL A 32 -4.17 -2.34 -2.32
C VAL A 32 -4.91 -2.66 -1.03
N ARG A 33 -6.25 -2.75 -1.06
CA ARG A 33 -7.09 -3.09 0.11
C ARG A 33 -6.64 -4.41 0.73
N ARG A 34 -6.52 -5.49 -0.05
CA ARG A 34 -6.09 -6.80 0.48
C ARG A 34 -4.58 -6.87 0.77
N ALA A 35 -3.78 -6.08 0.07
CA ALA A 35 -2.33 -5.98 0.29
C ALA A 35 -1.98 -5.23 1.59
N LEU A 36 -2.64 -4.11 1.91
CA LEU A 36 -2.38 -3.34 3.14
C LEU A 36 -2.93 -4.08 4.36
N GLN A 37 -4.06 -4.77 4.16
CA GLN A 37 -4.71 -5.66 5.10
C GLN A 37 -3.81 -6.83 5.53
N GLN A 38 -2.96 -7.33 4.63
CA GLN A 38 -2.09 -8.48 4.90
C GLN A 38 -1.09 -8.17 6.03
N MET A 39 -0.55 -6.95 6.08
CA MET A 39 0.32 -6.51 7.18
C MET A 39 -0.35 -6.60 8.56
N ALA A 40 -1.67 -6.44 8.68
CA ALA A 40 -2.40 -6.68 9.93
C ALA A 40 -2.63 -8.18 10.22
N ASN A 41 -2.75 -8.98 9.17
CA ASN A 41 -2.81 -10.43 9.29
C ASN A 41 -1.45 -11.03 9.72
N ASP A 42 -0.34 -10.42 9.31
CA ASP A 42 1.02 -10.79 9.71
C ASP A 42 1.45 -10.20 11.08
N ASN A 43 1.12 -8.94 11.34
CA ASN A 43 1.63 -8.17 12.49
C ASN A 43 0.48 -7.58 13.36
N PRO A 44 0.52 -7.79 14.70
CA PRO A 44 -0.53 -7.28 15.60
C PRO A 44 -0.51 -5.75 15.75
N GLU A 45 0.64 -5.10 15.57
CA GLU A 45 0.81 -3.64 15.71
C GLU A 45 0.02 -2.83 14.68
N VAL A 46 -0.19 -3.39 13.48
CA VAL A 46 -1.03 -2.79 12.42
C VAL A 46 -2.50 -3.04 12.74
N SER A 47 -2.82 -4.31 13.03
CA SER A 47 -4.19 -4.77 13.32
C SER A 47 -4.82 -4.09 14.54
N GLU A 48 -4.04 -3.82 15.59
CA GLU A 48 -4.55 -3.08 16.75
C GLU A 48 -4.85 -1.61 16.40
N GLN A 49 -4.15 -1.02 15.42
CA GLN A 49 -4.44 0.33 14.94
C GLN A 49 -5.64 0.37 13.99
N LEU A 50 -5.84 -0.65 13.14
CA LEU A 50 -7.04 -0.80 12.31
C LEU A 50 -8.33 -0.71 13.15
N ARG A 51 -8.35 -1.35 14.33
CA ARG A 51 -9.46 -1.27 15.31
C ARG A 51 -9.68 0.15 15.83
N GLU A 52 -8.63 0.91 16.14
CA GLU A 52 -8.80 2.28 16.64
C GLU A 52 -9.45 3.22 15.60
N LEU A 53 -9.11 3.04 14.32
CA LEU A 53 -9.73 3.80 13.24
C LEU A 53 -11.19 3.39 13.05
N ALA A 54 -11.48 2.09 13.07
CA ALA A 54 -12.84 1.54 13.00
C ALA A 54 -13.76 2.06 14.12
N LYS A 55 -13.28 2.09 15.37
CA LYS A 55 -13.98 2.66 16.53
C LYS A 55 -14.33 4.14 16.34
N ARG A 56 -13.43 4.92 15.71
CA ARG A 56 -13.60 6.36 15.43
C ARG A 56 -14.59 6.60 14.27
N LYS A 57 -14.55 5.73 13.25
CA LYS A 57 -15.43 5.77 12.06
C LYS A 57 -16.81 5.13 12.30
N GLY A 58 -16.97 4.37 13.39
CA GLY A 58 -18.23 3.71 13.77
C GLY A 58 -18.52 2.43 12.96
N THR A 59 -17.46 1.73 12.54
CA THR A 59 -17.49 0.59 11.61
C THR A 59 -16.57 -0.57 12.07
N SER A 60 -16.34 -1.56 11.21
CA SER A 60 -15.43 -2.70 11.41
C SER A 60 -14.02 -2.42 10.85
N PRO A 61 -12.95 -3.02 11.39
CA PRO A 61 -11.57 -2.81 10.91
C PRO A 61 -11.36 -3.26 9.46
N SER A 62 -12.13 -4.22 8.94
CA SER A 62 -12.11 -4.58 7.51
C SER A 62 -12.67 -3.47 6.59
N GLU A 63 -13.57 -2.63 7.09
CA GLU A 63 -14.15 -1.49 6.37
C GLU A 63 -13.24 -0.26 6.33
N VAL A 64 -12.41 -0.05 7.36
CA VAL A 64 -11.33 0.97 7.37
C VAL A 64 -10.40 0.83 6.16
N ILE A 65 -10.12 -0.40 5.76
CA ILE A 65 -9.13 -0.75 4.73
C ILE A 65 -9.43 -0.13 3.37
N LYS A 66 -10.70 -0.03 2.98
CA LYS A 66 -11.13 0.59 1.72
C LYS A 66 -10.67 2.05 1.63
N ASP A 67 -10.71 2.76 2.77
CA ASP A 67 -10.29 4.16 2.91
C ASP A 67 -8.75 4.31 2.95
N LEU A 68 -8.08 3.40 3.65
CA LEU A 68 -6.62 3.28 3.75
C LEU A 68 -5.99 2.97 2.38
N ALA A 69 -6.69 2.18 1.56
CA ALA A 69 -6.23 1.80 0.23
C ALA A 69 -6.29 2.96 -0.77
N GLU A 70 -7.27 3.87 -0.63
CA GLU A 70 -7.33 5.08 -1.46
C GLU A 70 -6.10 5.97 -1.24
N GLN A 71 -5.55 6.02 -0.03
CA GLN A 71 -4.41 6.92 0.29
C GLN A 71 -3.15 6.45 -0.43
N VAL A 72 -2.94 5.13 -0.44
CA VAL A 72 -1.86 4.47 -1.16
C VAL A 72 -2.07 4.52 -2.67
N TRP A 73 -3.30 4.32 -3.17
CA TRP A 73 -3.56 4.40 -4.60
C TRP A 73 -3.30 5.80 -5.16
N ARG A 74 -3.82 6.85 -4.50
CA ARG A 74 -3.45 8.24 -4.82
C ARG A 74 -1.92 8.45 -4.83
N ALA A 75 -1.17 7.82 -3.91
CA ALA A 75 0.29 7.93 -3.88
C ALA A 75 0.94 7.28 -5.11
N MET A 76 0.46 6.11 -5.54
CA MET A 76 0.93 5.44 -6.75
C MET A 76 0.63 6.26 -8.02
N GLU A 77 -0.62 6.70 -8.25
CA GLU A 77 -0.94 7.48 -9.46
C GLU A 77 -0.21 8.82 -9.52
N ARG A 78 0.03 9.48 -8.38
CA ARG A 78 0.88 10.67 -8.30
C ARG A 78 2.32 10.39 -8.66
N ALA A 79 2.89 9.31 -8.14
CA ALA A 79 4.22 8.84 -8.52
C ALA A 79 4.30 8.44 -10.01
N ARG A 80 3.19 8.00 -10.61
CA ARG A 80 3.09 7.63 -12.03
C ARG A 80 3.06 8.88 -12.92
N GLU A 81 2.46 9.96 -12.43
CA GLU A 81 2.44 11.28 -13.08
C GLU A 81 3.76 12.06 -12.88
N GLY A 82 4.64 11.58 -12.00
CA GLY A 82 5.96 12.14 -11.72
C GLY A 82 5.97 13.11 -10.52
N ASP A 83 4.92 13.07 -9.69
CA ASP A 83 4.72 13.97 -8.55
C ASP A 83 5.15 13.27 -7.25
N LYS A 84 6.47 13.18 -7.07
CA LYS A 84 7.14 12.51 -5.94
C LYS A 84 6.74 13.16 -4.61
N ASP A 85 6.65 14.49 -4.59
CA ASP A 85 6.26 15.25 -3.41
C ASP A 85 4.85 14.92 -2.93
N THR A 86 3.82 14.93 -3.79
CA THR A 86 2.47 14.56 -3.35
C THR A 86 2.38 13.08 -3.01
N ALA A 87 3.07 12.20 -3.75
CA ALA A 87 3.14 10.78 -3.43
C ALA A 87 3.71 10.55 -2.02
N ARG A 88 4.79 11.25 -1.64
CA ARG A 88 5.36 11.23 -0.28
C ARG A 88 4.37 11.71 0.77
N GLU A 89 3.71 12.84 0.55
CA GLU A 89 2.70 13.39 1.47
C GLU A 89 1.50 12.44 1.64
N LEU A 90 1.14 11.68 0.59
CA LEU A 90 0.06 10.71 0.62
C LEU A 90 0.43 9.42 1.35
N ILE A 91 1.67 8.91 1.21
CA ILE A 91 2.13 7.79 2.06
C ILE A 91 2.27 8.22 3.51
N ARG A 92 2.80 9.41 3.81
CA ARG A 92 3.08 9.75 5.21
C ARG A 92 1.80 9.77 6.05
N LYS A 93 0.65 10.05 5.45
CA LYS A 93 -0.67 9.97 6.08
C LYS A 93 -1.08 8.50 6.33
N PHE A 94 -0.77 7.61 5.39
CA PHE A 94 -1.04 6.16 5.45
C PHE A 94 -0.16 5.43 6.47
N ALA A 95 1.16 5.62 6.38
CA ALA A 95 2.10 5.07 7.36
C ALA A 95 1.79 5.60 8.78
N ASP A 96 1.38 6.86 8.89
CA ASP A 96 1.00 7.47 10.19
C ASP A 96 -0.32 6.93 10.75
N ASP A 97 -1.34 6.73 9.90
CA ASP A 97 -2.64 6.22 10.29
C ASP A 97 -2.56 4.83 10.97
N LEU A 98 -1.70 3.95 10.45
CA LEU A 98 -1.46 2.58 10.96
C LEU A 98 -0.26 2.54 11.93
N GLY A 99 0.45 3.66 12.14
CA GLY A 99 1.54 3.77 13.10
C GLY A 99 2.80 2.95 12.73
N ILE A 100 3.06 2.79 11.44
CA ILE A 100 4.14 1.96 10.87
C ILE A 100 5.30 2.80 10.32
N SER A 101 6.45 2.16 10.10
CA SER A 101 7.64 2.78 9.51
C SER A 101 7.60 2.76 7.98
N PRO A 102 8.27 3.71 7.28
CA PRO A 102 8.46 3.63 5.84
C PRO A 102 9.21 2.35 5.42
N GLU A 103 10.10 1.84 6.28
CA GLU A 103 10.84 0.58 6.06
C GLU A 103 9.90 -0.64 5.98
N GLN A 104 8.82 -0.66 6.77
CA GLN A 104 7.82 -1.73 6.76
C GLN A 104 6.87 -1.64 5.54
N VAL A 105 6.54 -0.43 5.07
CA VAL A 105 5.72 -0.25 3.84
C VAL A 105 6.42 -0.80 2.58
N LYS A 106 7.76 -0.79 2.52
CA LYS A 106 8.54 -1.48 1.47
C LYS A 106 8.28 -3.00 1.40
N LYS A 107 7.81 -3.63 2.50
CA LYS A 107 7.36 -5.04 2.53
C LYS A 107 5.91 -5.20 2.08
N PHE A 108 5.05 -4.23 2.37
CA PHE A 108 3.66 -4.20 1.89
C PHE A 108 3.56 -4.19 0.35
N ILE A 109 4.30 -3.30 -0.32
CA ILE A 109 4.32 -3.24 -1.79
C ILE A 109 4.72 -4.61 -2.40
N LYS A 110 5.57 -5.38 -1.70
CA LYS A 110 5.97 -6.74 -2.09
C LYS A 110 4.83 -7.75 -2.06
N ILE A 111 3.83 -7.55 -1.19
CA ILE A 111 2.56 -8.30 -1.21
C ILE A 111 1.65 -7.78 -2.33
N MET A 112 1.59 -6.47 -2.53
CA MET A 112 0.77 -5.83 -3.56
C MET A 112 1.09 -6.33 -4.98
N ARG A 113 2.37 -6.54 -5.32
CA ARG A 113 2.72 -7.15 -6.62
C ARG A 113 2.35 -8.63 -6.72
N GLU A 114 2.30 -9.36 -5.59
CA GLU A 114 1.89 -10.77 -5.58
C GLU A 114 0.39 -10.95 -5.78
N VAL A 115 -0.46 -10.22 -5.04
CA VAL A 115 -1.93 -10.36 -5.18
C VAL A 115 -2.42 -10.03 -6.59
N GLN A 116 -1.72 -9.14 -7.31
CA GLN A 116 -2.03 -8.81 -8.71
C GLN A 116 -1.99 -10.04 -9.62
N ARG A 117 -0.96 -10.89 -9.47
CA ARG A 117 -0.79 -12.13 -10.24
C ARG A 117 -1.56 -13.33 -9.65
N LYS A 118 -1.70 -13.39 -8.32
CA LYS A 118 -2.18 -14.59 -7.59
C LYS A 118 -3.68 -14.86 -7.77
N GLU A 119 -4.48 -13.84 -8.09
CA GLU A 119 -5.88 -14.01 -8.50
C GLU A 119 -6.03 -14.60 -9.92
N ASP A 120 -5.06 -14.35 -10.81
CA ASP A 120 -5.02 -14.88 -12.19
C ASP A 120 -4.14 -16.14 -12.34
N GLY A 121 -3.38 -16.49 -11.29
CA GLY A 121 -2.42 -17.60 -11.22
C GLY A 121 -1.08 -17.30 -11.90
N SER A 122 -1.10 -16.87 -13.17
CA SER A 122 0.09 -16.62 -14.02
C SER A 122 1.06 -17.83 -14.05
N LEU A 123 2.36 -17.61 -14.27
CA LEU A 123 3.41 -18.64 -14.32
C LEU A 123 4.70 -18.14 -13.65
N GLU A 124 5.47 -19.06 -13.06
CA GLU A 124 6.83 -18.82 -12.56
C GLU A 124 7.73 -20.07 -12.73
N HIS A 125 9.04 -19.85 -12.78
CA HIS A 125 10.10 -20.87 -12.80
C HIS A 125 11.21 -20.49 -11.81
N HIS A 126 11.97 -21.48 -11.33
CA HIS A 126 13.17 -21.24 -10.52
C HIS A 126 14.33 -20.70 -11.37
N HIS A 127 15.09 -19.72 -10.85
CA HIS A 127 16.18 -19.04 -11.57
C HIS A 127 17.56 -19.69 -11.37
N HIS A 128 17.77 -20.36 -10.22
CA HIS A 128 19.05 -20.95 -9.80
C HIS A 128 18.93 -22.43 -9.35
N HIS A 129 17.80 -23.07 -9.66
CA HIS A 129 17.46 -24.46 -9.29
C HIS A 129 16.58 -25.11 -10.38
N HIS A 130 16.41 -26.43 -10.31
CA HIS A 130 15.44 -27.19 -11.11
C HIS A 130 13.98 -26.92 -10.69
N GLY A 1 14.62 14.94 9.49
CA GLY A 1 13.99 13.95 10.38
C GLY A 1 13.56 12.72 9.59
N ASP A 2 12.35 12.22 9.86
CA ASP A 2 11.80 11.01 9.23
C ASP A 2 11.04 11.23 7.92
N GLU A 3 10.82 12.48 7.52
CA GLU A 3 10.29 12.84 6.19
C GLU A 3 11.33 12.62 5.08
N ARG A 4 12.62 12.83 5.40
CA ARG A 4 13.75 12.47 4.54
C ARG A 4 13.85 10.95 4.36
N LYS A 5 13.43 10.18 5.37
CA LYS A 5 13.34 8.71 5.32
C LYS A 5 12.11 8.23 4.55
N LEU A 6 10.98 8.92 4.68
CA LEU A 6 9.77 8.67 3.90
C LEU A 6 10.00 8.87 2.39
N GLU A 7 10.88 9.80 2.01
CA GLU A 7 11.28 10.00 0.61
C GLU A 7 11.90 8.74 -0.04
N GLU A 8 12.56 7.89 0.75
CA GLU A 8 13.06 6.58 0.30
C GLU A 8 11.94 5.55 0.05
N VAL A 9 10.76 5.73 0.67
CA VAL A 9 9.56 4.89 0.44
C VAL A 9 8.97 5.17 -0.93
N THR A 10 8.94 6.45 -1.34
CA THR A 10 8.30 6.89 -2.59
C THR A 10 8.85 6.22 -3.84
N GLU A 11 10.12 5.78 -3.83
CA GLU A 11 10.70 4.97 -4.91
C GLU A 11 9.91 3.67 -5.17
N GLU A 12 9.38 3.00 -4.13
CA GLU A 12 8.52 1.84 -4.38
C GLU A 12 7.19 2.24 -5.04
N MET A 13 6.57 3.37 -4.67
CA MET A 13 5.32 3.82 -5.30
C MET A 13 5.52 4.18 -6.77
N ARG A 14 6.66 4.79 -7.12
CA ARG A 14 7.07 5.05 -8.52
C ARG A 14 7.23 3.74 -9.30
N LYS A 15 7.98 2.79 -8.74
CA LYS A 15 8.26 1.48 -9.37
C LYS A 15 7.02 0.60 -9.49
N MET A 16 6.12 0.62 -8.51
CA MET A 16 4.92 -0.21 -8.53
C MET A 16 3.88 0.36 -9.50
N ALA A 17 3.71 1.69 -9.54
CA ALA A 17 2.79 2.34 -10.46
C ALA A 17 3.16 2.10 -11.94
N GLU A 18 4.44 2.11 -12.30
CA GLU A 18 4.87 1.76 -13.67
C GLU A 18 4.77 0.25 -13.98
N ASN A 19 4.83 -0.62 -12.96
CA ASN A 19 4.57 -2.06 -13.11
C ASN A 19 3.08 -2.37 -13.32
N MET A 20 2.17 -1.64 -12.65
CA MET A 20 0.71 -1.87 -12.73
C MET A 20 -0.04 -1.03 -13.77
N ASP A 21 0.64 -0.16 -14.51
CA ASP A 21 0.05 0.76 -15.49
C ASP A 21 -0.80 0.07 -16.56
N GLY A 22 -1.93 0.69 -16.92
CA GLY A 22 -2.88 0.21 -17.93
C GLY A 22 -4.02 -0.67 -17.40
N GLN A 23 -4.05 -0.96 -16.09
CA GLN A 23 -5.16 -1.63 -15.42
C GLN A 23 -6.27 -0.66 -15.02
N ASP A 24 -7.43 -1.20 -14.64
CA ASP A 24 -8.57 -0.42 -14.17
C ASP A 24 -8.32 0.10 -12.73
N PRO A 25 -8.49 1.40 -12.45
CA PRO A 25 -8.11 2.00 -11.16
C PRO A 25 -8.92 1.45 -9.99
N GLU A 26 -10.16 0.99 -10.23
CA GLU A 26 -11.03 0.41 -9.21
C GLU A 26 -10.52 -0.96 -8.74
N LYS A 27 -9.82 -1.69 -9.62
CA LYS A 27 -9.15 -2.96 -9.30
C LYS A 27 -7.93 -2.69 -8.42
N VAL A 28 -7.17 -1.63 -8.74
CA VAL A 28 -6.01 -1.20 -7.95
C VAL A 28 -6.39 -0.93 -6.49
N LYS A 29 -7.52 -0.26 -6.23
CA LYS A 29 -8.04 -0.09 -4.86
C LYS A 29 -8.26 -1.43 -4.15
N GLU A 30 -8.84 -2.41 -4.83
CA GLU A 30 -9.15 -3.75 -4.28
C GLU A 30 -7.90 -4.62 -4.05
N ILE A 31 -6.89 -4.51 -4.94
CA ILE A 31 -5.57 -5.15 -4.79
C ILE A 31 -4.83 -4.55 -3.58
N VAL A 32 -4.79 -3.22 -3.45
CA VAL A 32 -4.16 -2.53 -2.31
C VAL A 32 -4.91 -2.85 -1.02
N ARG A 33 -6.26 -2.94 -1.06
CA ARG A 33 -7.10 -3.27 0.10
C ARG A 33 -6.61 -4.55 0.78
N ARG A 34 -6.44 -5.65 0.03
CA ARG A 34 -5.98 -6.94 0.61
C ARG A 34 -4.48 -6.94 0.92
N ALA A 35 -3.68 -6.19 0.17
CA ALA A 35 -2.24 -6.07 0.39
C ALA A 35 -1.91 -5.31 1.68
N LEU A 36 -2.60 -4.20 1.97
CA LEU A 36 -2.40 -3.44 3.22
C LEU A 36 -2.98 -4.19 4.44
N GLN A 37 -4.06 -4.93 4.21
CA GLN A 37 -4.74 -5.79 5.16
C GLN A 37 -3.89 -7.00 5.58
N GLN A 38 -3.01 -7.50 4.72
CA GLN A 38 -2.13 -8.63 5.01
C GLN A 38 -1.21 -8.32 6.20
N MET A 39 -0.72 -7.08 6.31
CA MET A 39 0.10 -6.62 7.43
C MET A 39 -0.59 -6.81 8.78
N ALA A 40 -1.92 -6.63 8.87
CA ALA A 40 -2.71 -6.90 10.07
C ALA A 40 -2.99 -8.40 10.31
N ASN A 41 -3.04 -9.19 9.23
CA ASN A 41 -3.13 -10.65 9.33
C ASN A 41 -1.80 -11.27 9.80
N ASP A 42 -0.67 -10.67 9.44
CA ASP A 42 0.68 -11.07 9.81
C ASP A 42 1.17 -10.51 11.16
N ASN A 43 0.75 -9.29 11.54
CA ASN A 43 1.23 -8.57 12.74
C ASN A 43 0.09 -8.00 13.59
N PRO A 44 0.07 -8.24 14.92
CA PRO A 44 -0.99 -7.77 15.80
C PRO A 44 -0.96 -6.24 15.99
N GLU A 45 0.23 -5.62 15.92
CA GLU A 45 0.43 -4.17 16.10
C GLU A 45 -0.22 -3.31 15.00
N VAL A 46 -0.38 -3.87 13.79
CA VAL A 46 -1.14 -3.24 12.69
C VAL A 46 -2.63 -3.45 12.93
N SER A 47 -3.05 -4.69 13.24
CA SER A 47 -4.46 -5.03 13.51
C SER A 47 -5.09 -4.24 14.66
N GLU A 48 -4.33 -3.90 15.71
CA GLU A 48 -4.84 -3.05 16.80
C GLU A 48 -4.98 -1.58 16.37
N GLN A 49 -4.19 -1.14 15.38
CA GLN A 49 -4.34 0.20 14.80
C GLN A 49 -5.59 0.28 13.91
N LEU A 50 -5.87 -0.74 13.08
CA LEU A 50 -7.12 -0.83 12.32
C LEU A 50 -8.39 -0.65 13.18
N ARG A 51 -8.40 -1.24 14.39
CA ARG A 51 -9.49 -1.09 15.37
C ARG A 51 -9.60 0.34 15.90
N GLU A 52 -8.47 0.98 16.18
CA GLU A 52 -8.39 2.35 16.67
C GLU A 52 -9.00 3.35 15.68
N LEU A 53 -8.83 3.10 14.38
CA LEU A 53 -9.46 3.88 13.33
C LEU A 53 -10.96 3.56 13.24
N ALA A 54 -11.30 2.28 13.19
CA ALA A 54 -12.66 1.77 12.99
C ALA A 54 -13.68 2.31 14.00
N LYS A 55 -13.41 2.20 15.30
CA LYS A 55 -14.33 2.73 16.32
C LYS A 55 -14.33 4.26 16.44
N ARG A 56 -13.33 4.99 15.89
CA ARG A 56 -13.43 6.46 15.73
C ARG A 56 -14.33 6.83 14.55
N LYS A 57 -14.28 6.04 13.47
CA LYS A 57 -15.11 6.19 12.25
C LYS A 57 -16.53 5.60 12.39
N GLY A 58 -16.77 4.77 13.42
CA GLY A 58 -18.06 4.14 13.71
C GLY A 58 -18.34 2.89 12.86
N THR A 59 -17.28 2.19 12.44
CA THR A 59 -17.31 1.07 11.49
C THR A 59 -16.43 -0.11 11.96
N SER A 60 -16.18 -1.09 11.09
CA SER A 60 -15.38 -2.30 11.33
C SER A 60 -13.90 -2.14 10.91
N PRO A 61 -12.96 -2.89 11.52
CA PRO A 61 -11.54 -2.86 11.15
C PRO A 61 -11.25 -3.34 9.71
N SER A 62 -12.13 -4.16 9.14
CA SER A 62 -12.14 -4.54 7.73
C SER A 62 -12.61 -3.41 6.79
N GLU A 63 -13.49 -2.54 7.28
CA GLU A 63 -14.11 -1.46 6.51
C GLU A 63 -13.20 -0.22 6.36
N VAL A 64 -12.40 0.14 7.37
CA VAL A 64 -11.41 1.22 7.25
C VAL A 64 -10.34 0.98 6.19
N ILE A 65 -10.16 -0.27 5.77
CA ILE A 65 -9.19 -0.68 4.74
C ILE A 65 -9.47 -0.04 3.38
N LYS A 66 -10.74 0.17 3.02
CA LYS A 66 -11.12 0.85 1.76
C LYS A 66 -10.54 2.27 1.70
N ASP A 67 -10.56 2.97 2.83
CA ASP A 67 -10.04 4.33 2.99
C ASP A 67 -8.50 4.36 2.96
N LEU A 68 -7.86 3.42 3.65
CA LEU A 68 -6.41 3.21 3.66
C LEU A 68 -5.88 2.87 2.25
N ALA A 69 -6.63 2.08 1.48
CA ALA A 69 -6.22 1.65 0.16
C ALA A 69 -6.26 2.78 -0.88
N GLU A 70 -7.20 3.72 -0.72
CA GLU A 70 -7.24 4.93 -1.55
C GLU A 70 -5.99 5.79 -1.36
N GLN A 71 -5.37 5.80 -0.17
CA GLN A 71 -4.22 6.68 0.10
C GLN A 71 -2.98 6.23 -0.67
N VAL A 72 -2.70 4.93 -0.66
CA VAL A 72 -1.57 4.36 -1.41
C VAL A 72 -1.83 4.41 -2.91
N TRP A 73 -3.07 4.19 -3.36
CA TRP A 73 -3.39 4.28 -4.78
C TRP A 73 -3.19 5.71 -5.31
N ARG A 74 -3.71 6.72 -4.59
CA ARG A 74 -3.41 8.12 -4.87
C ARG A 74 -1.90 8.41 -4.88
N ALA A 75 -1.10 7.78 -4.00
CA ALA A 75 0.35 7.93 -4.02
C ALA A 75 0.99 7.32 -5.28
N MET A 76 0.52 6.15 -5.71
CA MET A 76 0.98 5.49 -6.94
C MET A 76 0.64 6.29 -8.20
N GLU A 77 -0.61 6.71 -8.40
CA GLU A 77 -0.97 7.48 -9.61
C GLU A 77 -0.30 8.86 -9.66
N ARG A 78 -0.07 9.50 -8.52
CA ARG A 78 0.75 10.72 -8.42
C ARG A 78 2.20 10.48 -8.84
N ALA A 79 2.81 9.41 -8.34
CA ALA A 79 4.16 9.02 -8.71
C ALA A 79 4.26 8.62 -10.20
N ARG A 80 3.18 8.10 -10.79
CA ARG A 80 3.11 7.72 -12.21
C ARG A 80 2.97 8.93 -13.13
N GLU A 81 2.30 9.98 -12.66
CA GLU A 81 2.18 11.27 -13.37
C GLU A 81 3.41 12.18 -13.16
N GLY A 82 4.34 11.78 -12.28
CA GLY A 82 5.64 12.42 -12.06
C GLY A 82 5.69 13.32 -10.83
N ASP A 83 4.71 13.21 -9.93
CA ASP A 83 4.55 14.03 -8.74
C ASP A 83 4.98 13.25 -7.48
N LYS A 84 6.30 13.09 -7.34
CA LYS A 84 6.94 12.40 -6.22
C LYS A 84 6.63 13.08 -4.91
N ASP A 85 6.56 14.41 -4.91
CA ASP A 85 6.33 15.22 -3.72
C ASP A 85 4.94 14.96 -3.10
N THR A 86 3.87 14.96 -3.90
CA THR A 86 2.53 14.61 -3.39
C THR A 86 2.45 13.13 -3.03
N ALA A 87 3.09 12.23 -3.80
CA ALA A 87 3.14 10.80 -3.47
C ALA A 87 3.78 10.54 -2.10
N ARG A 88 4.88 11.23 -1.78
CA ARG A 88 5.58 11.15 -0.49
C ARG A 88 4.69 11.61 0.66
N GLU A 89 3.97 12.71 0.47
CA GLU A 89 2.99 13.23 1.45
C GLU A 89 1.76 12.31 1.60
N LEU A 90 1.32 11.64 0.52
CA LEU A 90 0.21 10.70 0.56
C LEU A 90 0.56 9.39 1.29
N ILE A 91 1.80 8.89 1.16
CA ILE A 91 2.27 7.77 1.99
C ILE A 91 2.43 8.20 3.45
N ARG A 92 2.88 9.42 3.75
CA ARG A 92 3.08 9.84 5.14
C ARG A 92 1.79 9.66 5.95
N LYS A 93 0.62 9.88 5.34
CA LYS A 93 -0.69 9.65 5.97
C LYS A 93 -1.06 8.16 6.10
N PHE A 94 -0.66 7.34 5.12
CA PHE A 94 -0.90 5.89 5.13
C PHE A 94 -0.06 5.17 6.19
N ALA A 95 1.26 5.41 6.20
CA ALA A 95 2.13 4.86 7.25
C ALA A 95 1.75 5.38 8.66
N ASP A 96 1.30 6.64 8.74
CA ASP A 96 0.75 7.27 9.95
C ASP A 96 -0.53 6.57 10.46
N ASP A 97 -1.46 6.27 9.56
CA ASP A 97 -2.75 5.68 9.92
C ASP A 97 -2.59 4.29 10.53
N LEU A 98 -1.66 3.48 10.03
CA LEU A 98 -1.33 2.14 10.56
C LEU A 98 -0.22 2.18 11.64
N GLY A 99 0.38 3.34 11.89
CA GLY A 99 1.41 3.53 12.92
C GLY A 99 2.70 2.74 12.65
N ILE A 100 3.08 2.59 11.37
CA ILE A 100 4.18 1.74 10.90
C ILE A 100 5.41 2.55 10.47
N SER A 101 6.55 1.87 10.36
CA SER A 101 7.80 2.43 9.85
C SER A 101 7.76 2.66 8.33
N PRO A 102 8.56 3.59 7.77
CA PRO A 102 8.76 3.72 6.33
C PRO A 102 9.25 2.40 5.69
N GLU A 103 10.09 1.65 6.41
CA GLU A 103 10.64 0.37 5.93
C GLU A 103 9.56 -0.73 5.79
N GLN A 104 8.52 -0.72 6.63
CA GLN A 104 7.42 -1.69 6.54
C GLN A 104 6.53 -1.45 5.32
N VAL A 105 6.39 -0.20 4.84
CA VAL A 105 5.71 0.08 3.56
C VAL A 105 6.47 -0.55 2.37
N LYS A 106 7.80 -0.54 2.40
CA LYS A 106 8.65 -1.20 1.37
C LYS A 106 8.46 -2.73 1.34
N LYS A 107 8.03 -3.36 2.45
CA LYS A 107 7.59 -4.77 2.50
C LYS A 107 6.17 -4.94 1.93
N PHE A 108 5.25 -4.04 2.27
CA PHE A 108 3.86 -4.05 1.81
C PHE A 108 3.73 -4.05 0.27
N ILE A 109 4.44 -3.16 -0.42
CA ILE A 109 4.43 -3.11 -1.90
C ILE A 109 4.81 -4.46 -2.54
N LYS A 110 5.65 -5.27 -1.87
CA LYS A 110 5.99 -6.63 -2.32
C LYS A 110 4.79 -7.58 -2.25
N ILE A 111 3.93 -7.44 -1.22
CA ILE A 111 2.67 -8.18 -1.14
C ILE A 111 1.71 -7.67 -2.21
N MET A 112 1.64 -6.35 -2.42
CA MET A 112 0.79 -5.72 -3.43
C MET A 112 1.10 -6.24 -4.85
N ARG A 113 2.36 -6.41 -5.23
CA ARG A 113 2.70 -7.02 -6.53
C ARG A 113 2.43 -8.52 -6.59
N GLU A 114 2.47 -9.23 -5.46
CA GLU A 114 2.19 -10.67 -5.39
C GLU A 114 0.71 -11.01 -5.57
N VAL A 115 -0.20 -10.28 -4.90
CA VAL A 115 -1.65 -10.55 -5.02
C VAL A 115 -2.17 -10.38 -6.46
N GLN A 116 -1.57 -9.49 -7.26
CA GLN A 116 -1.96 -9.30 -8.67
C GLN A 116 -1.75 -10.59 -9.47
N ARG A 117 -0.58 -11.23 -9.33
CA ARG A 117 -0.26 -12.48 -10.02
C ARG A 117 -0.93 -13.72 -9.41
N LYS A 118 -1.23 -13.72 -8.12
CA LYS A 118 -1.93 -14.83 -7.44
C LYS A 118 -3.42 -14.89 -7.79
N GLU A 119 -4.04 -13.75 -8.11
CA GLU A 119 -5.41 -13.71 -8.66
C GLU A 119 -5.48 -14.16 -10.13
N ASP A 120 -4.45 -13.87 -10.93
CA ASP A 120 -4.35 -14.33 -12.33
C ASP A 120 -3.77 -15.76 -12.45
N GLY A 121 -3.09 -16.24 -11.41
CA GLY A 121 -2.34 -17.50 -11.35
C GLY A 121 -1.11 -17.56 -12.27
N SER A 122 -0.46 -16.43 -12.52
CA SER A 122 0.79 -16.35 -13.30
C SER A 122 1.99 -16.79 -12.44
N LEU A 123 2.85 -17.66 -13.00
CA LEU A 123 3.99 -18.26 -12.31
C LEU A 123 5.25 -17.38 -12.38
N GLU A 124 6.04 -17.38 -11.30
CA GLU A 124 7.31 -16.66 -11.16
C GLU A 124 8.53 -17.57 -11.35
N HIS A 125 9.60 -17.03 -11.95
CA HIS A 125 10.78 -17.80 -12.40
C HIS A 125 12.14 -17.19 -11.99
N HIS A 126 12.15 -16.11 -11.20
CA HIS A 126 13.35 -15.33 -10.87
C HIS A 126 14.21 -15.93 -9.74
N HIS A 127 13.68 -16.86 -8.94
CA HIS A 127 14.37 -17.42 -7.77
C HIS A 127 15.69 -18.12 -8.13
N HIS A 128 16.77 -17.73 -7.43
CA HIS A 128 18.11 -18.30 -7.56
C HIS A 128 18.93 -18.13 -6.27
N HIS A 129 19.87 -19.04 -6.02
CA HIS A 129 20.82 -18.99 -4.90
C HIS A 129 22.12 -19.72 -5.26
N HIS A 130 23.27 -19.21 -4.80
CA HIS A 130 24.63 -19.73 -5.05
C HIS A 130 25.46 -19.78 -3.75
N GLY A 1 12.23 15.53 11.35
CA GLY A 1 11.44 15.47 10.10
C GLY A 1 11.81 14.22 9.29
N ASP A 2 10.86 13.29 9.13
CA ASP A 2 11.10 11.97 8.52
C ASP A 2 10.95 11.92 6.99
N GLU A 3 10.68 13.07 6.34
CA GLU A 3 10.41 13.20 4.89
C GLU A 3 11.54 12.65 4.02
N ARG A 4 12.78 12.75 4.53
CA ARG A 4 14.01 12.22 3.91
C ARG A 4 13.97 10.68 3.79
N LYS A 5 13.46 10.00 4.82
CA LYS A 5 13.20 8.54 4.83
C LYS A 5 11.90 8.19 4.09
N LEU A 6 10.91 9.06 4.13
CA LEU A 6 9.64 8.91 3.41
C LEU A 6 9.85 8.92 1.88
N GLU A 7 10.89 9.58 1.38
CA GLU A 7 11.27 9.51 -0.03
C GLU A 7 11.67 8.08 -0.47
N GLU A 8 12.22 7.27 0.44
CA GLU A 8 12.65 5.89 0.15
C GLU A 8 11.46 4.92 0.01
N VAL A 9 10.40 5.09 0.79
CA VAL A 9 9.14 4.34 0.58
C VAL A 9 8.44 4.82 -0.69
N THR A 10 8.47 6.13 -0.97
CA THR A 10 7.84 6.73 -2.14
C THR A 10 8.46 6.24 -3.46
N GLU A 11 9.75 5.87 -3.47
CA GLU A 11 10.39 5.22 -4.59
C GLU A 11 9.73 3.88 -4.94
N GLU A 12 9.25 3.09 -3.96
CA GLU A 12 8.48 1.89 -4.26
C GLU A 12 7.12 2.20 -4.90
N MET A 13 6.52 3.37 -4.65
CA MET A 13 5.28 3.78 -5.31
C MET A 13 5.52 4.15 -6.77
N ARG A 14 6.65 4.81 -7.07
CA ARG A 14 7.10 5.09 -8.45
C ARG A 14 7.34 3.78 -9.21
N LYS A 15 8.07 2.87 -8.58
CA LYS A 15 8.49 1.57 -9.13
C LYS A 15 7.33 0.57 -9.27
N MET A 16 6.35 0.60 -8.37
CA MET A 16 5.11 -0.18 -8.50
C MET A 16 4.20 0.36 -9.60
N ALA A 17 3.99 1.68 -9.68
CA ALA A 17 3.06 2.29 -10.64
C ALA A 17 3.44 2.02 -12.10
N GLU A 18 4.73 2.01 -12.44
CA GLU A 18 5.22 1.60 -13.76
C GLU A 18 5.17 0.07 -14.00
N ASN A 19 5.24 -0.74 -12.95
CA ASN A 19 5.10 -2.21 -13.03
C ASN A 19 3.63 -2.64 -13.23
N MET A 20 2.68 -1.95 -12.60
CA MET A 20 1.24 -2.26 -12.63
C MET A 20 0.48 -1.56 -13.76
N ASP A 21 1.18 -0.79 -14.61
CA ASP A 21 0.59 0.09 -15.61
C ASP A 21 -0.33 -0.63 -16.62
N GLY A 22 -1.47 -0.01 -16.94
CA GLY A 22 -2.49 -0.51 -17.88
C GLY A 22 -3.64 -1.29 -17.22
N GLN A 23 -3.60 -1.50 -15.90
CA GLN A 23 -4.72 -2.07 -15.13
C GLN A 23 -5.77 -1.01 -14.80
N ASP A 24 -7.01 -1.46 -14.54
CA ASP A 24 -8.11 -0.56 -14.18
C ASP A 24 -7.93 0.00 -12.76
N PRO A 25 -8.17 1.30 -12.52
CA PRO A 25 -7.93 1.92 -11.22
C PRO A 25 -8.79 1.30 -10.11
N GLU A 26 -9.97 0.77 -10.41
CA GLU A 26 -10.86 0.17 -9.39
C GLU A 26 -10.35 -1.20 -8.94
N LYS A 27 -9.64 -1.93 -9.81
CA LYS A 27 -8.91 -3.14 -9.45
C LYS A 27 -7.75 -2.80 -8.53
N VAL A 28 -7.01 -1.72 -8.82
CA VAL A 28 -5.88 -1.27 -8.00
C VAL A 28 -6.31 -0.98 -6.56
N LYS A 29 -7.47 -0.35 -6.34
CA LYS A 29 -8.02 -0.17 -4.98
C LYS A 29 -8.22 -1.50 -4.26
N GLU A 30 -8.78 -2.50 -4.93
CA GLU A 30 -9.05 -3.83 -4.36
C GLU A 30 -7.77 -4.66 -4.10
N ILE A 31 -6.76 -4.55 -4.96
CA ILE A 31 -5.41 -5.11 -4.77
C ILE A 31 -4.76 -4.48 -3.54
N VAL A 32 -4.75 -3.15 -3.43
CA VAL A 32 -4.18 -2.43 -2.27
C VAL A 32 -4.97 -2.77 -0.99
N ARG A 33 -6.30 -2.87 -1.07
CA ARG A 33 -7.17 -3.24 0.07
C ARG A 33 -6.68 -4.52 0.75
N ARG A 34 -6.46 -5.60 -0.01
CA ARG A 34 -5.99 -6.90 0.53
C ARG A 34 -4.49 -6.90 0.87
N ALA A 35 -3.70 -6.11 0.15
CA ALA A 35 -2.27 -5.96 0.39
C ALA A 35 -1.95 -5.21 1.71
N LEU A 36 -2.64 -4.11 2.00
CA LEU A 36 -2.45 -3.33 3.23
C LEU A 36 -3.01 -4.11 4.45
N GLN A 37 -4.10 -4.84 4.20
CA GLN A 37 -4.77 -5.75 5.12
C GLN A 37 -3.92 -6.97 5.51
N GLN A 38 -3.05 -7.46 4.61
CA GLN A 38 -2.19 -8.62 4.88
C GLN A 38 -1.22 -8.33 6.02
N MET A 39 -0.67 -7.11 6.11
CA MET A 39 0.17 -6.69 7.23
C MET A 39 -0.54 -6.82 8.60
N ALA A 40 -1.85 -6.58 8.69
CA ALA A 40 -2.64 -6.81 9.90
C ALA A 40 -2.93 -8.30 10.17
N ASN A 41 -3.01 -9.11 9.12
CA ASN A 41 -3.12 -10.57 9.26
C ASN A 41 -1.78 -11.21 9.71
N ASP A 42 -0.66 -10.61 9.31
CA ASP A 42 0.70 -11.03 9.67
C ASP A 42 1.21 -10.45 11.01
N ASN A 43 0.79 -9.24 11.39
CA ASN A 43 1.31 -8.51 12.58
C ASN A 43 0.18 -7.91 13.45
N PRO A 44 0.21 -8.15 14.79
CA PRO A 44 -0.81 -7.63 15.70
C PRO A 44 -0.72 -6.11 15.93
N GLU A 45 0.46 -5.52 15.72
CA GLU A 45 0.71 -4.07 15.85
C GLU A 45 0.00 -3.23 14.77
N VAL A 46 -0.25 -3.81 13.58
CA VAL A 46 -1.03 -3.18 12.51
C VAL A 46 -2.52 -3.37 12.78
N SER A 47 -2.94 -4.61 13.06
CA SER A 47 -4.35 -4.92 13.35
C SER A 47 -4.91 -4.19 14.58
N GLU A 48 -4.10 -3.92 15.61
CA GLU A 48 -4.56 -3.10 16.74
C GLU A 48 -4.77 -1.62 16.34
N GLN A 49 -4.05 -1.12 15.32
CA GLN A 49 -4.28 0.23 14.81
C GLN A 49 -5.51 0.29 13.89
N LEU A 50 -5.78 -0.74 13.09
CA LEU A 50 -7.04 -0.85 12.34
C LEU A 50 -8.27 -0.72 13.26
N ARG A 51 -8.22 -1.33 14.45
CA ARG A 51 -9.26 -1.19 15.50
C ARG A 51 -9.39 0.25 16.00
N GLU A 52 -8.30 0.98 16.22
CA GLU A 52 -8.39 2.39 16.65
C GLU A 52 -9.10 3.27 15.62
N LEU A 53 -8.76 3.12 14.33
CA LEU A 53 -9.40 3.90 13.25
C LEU A 53 -10.89 3.55 13.13
N ALA A 54 -11.21 2.25 13.11
CA ALA A 54 -12.59 1.78 13.02
C ALA A 54 -13.46 2.20 14.22
N LYS A 55 -12.92 2.15 15.45
CA LYS A 55 -13.63 2.63 16.67
C LYS A 55 -13.88 4.15 16.65
N ARG A 56 -12.96 4.94 16.11
CA ARG A 56 -13.13 6.40 15.93
C ARG A 56 -14.19 6.73 14.87
N LYS A 57 -14.29 5.90 13.82
CA LYS A 57 -15.26 6.03 12.72
C LYS A 57 -16.62 5.36 12.98
N GLY A 58 -16.72 4.51 14.01
CA GLY A 58 -17.95 3.81 14.41
C GLY A 58 -18.25 2.55 13.56
N THR A 59 -17.21 1.89 13.06
CA THR A 59 -17.27 0.76 12.12
C THR A 59 -16.35 -0.42 12.53
N SER A 60 -16.17 -1.40 11.64
CA SER A 60 -15.32 -2.59 11.81
C SER A 60 -13.90 -2.40 11.22
N PRO A 61 -12.86 -3.05 11.76
CA PRO A 61 -11.47 -2.92 11.30
C PRO A 61 -11.23 -3.34 9.85
N SER A 62 -12.06 -4.24 9.30
CA SER A 62 -12.05 -4.61 7.87
C SER A 62 -12.60 -3.51 6.94
N GLU A 63 -13.43 -2.60 7.48
CA GLU A 63 -14.20 -1.63 6.69
C GLU A 63 -13.44 -0.33 6.42
N VAL A 64 -12.59 0.13 7.34
CA VAL A 64 -11.70 1.28 7.13
C VAL A 64 -10.69 1.06 6.00
N ILE A 65 -10.38 -0.20 5.69
CA ILE A 65 -9.38 -0.61 4.69
C ILE A 65 -9.66 -0.04 3.29
N LYS A 66 -10.93 0.12 2.91
CA LYS A 66 -11.33 0.73 1.63
C LYS A 66 -10.77 2.15 1.49
N ASP A 67 -10.76 2.91 2.59
CA ASP A 67 -10.25 4.27 2.65
C ASP A 67 -8.71 4.32 2.72
N LEU A 68 -8.10 3.46 3.54
CA LEU A 68 -6.64 3.29 3.63
C LEU A 68 -6.04 2.94 2.27
N ALA A 69 -6.75 2.15 1.47
CA ALA A 69 -6.29 1.74 0.14
C ALA A 69 -6.31 2.87 -0.89
N GLU A 70 -7.29 3.77 -0.79
CA GLU A 70 -7.37 4.94 -1.67
C GLU A 70 -6.20 5.90 -1.43
N GLN A 71 -5.65 5.99 -0.21
CA GLN A 71 -4.52 6.88 0.09
C GLN A 71 -3.25 6.40 -0.61
N VAL A 72 -3.05 5.09 -0.62
CA VAL A 72 -1.92 4.43 -1.27
C VAL A 72 -2.07 4.45 -2.79
N TRP A 73 -3.25 4.15 -3.34
CA TRP A 73 -3.44 4.20 -4.79
C TRP A 73 -3.19 5.62 -5.34
N ARG A 74 -3.75 6.65 -4.67
CA ARG A 74 -3.41 8.05 -4.95
C ARG A 74 -1.91 8.34 -4.89
N ALA A 75 -1.13 7.64 -4.05
CA ALA A 75 0.33 7.77 -4.03
C ALA A 75 0.98 7.21 -5.31
N MET A 76 0.57 6.01 -5.75
CA MET A 76 1.12 5.38 -6.96
C MET A 76 0.82 6.20 -8.22
N GLU A 77 -0.43 6.64 -8.46
CA GLU A 77 -0.74 7.43 -9.65
C GLU A 77 0.00 8.77 -9.68
N ARG A 78 0.14 9.46 -8.54
CA ARG A 78 0.94 10.69 -8.44
C ARG A 78 2.41 10.45 -8.73
N ALA A 79 2.96 9.39 -8.16
CA ALA A 79 4.32 8.93 -8.41
C ALA A 79 4.55 8.54 -9.89
N ARG A 80 3.51 8.07 -10.58
CA ARG A 80 3.57 7.70 -12.01
C ARG A 80 3.60 8.93 -12.90
N GLU A 81 2.85 9.96 -12.51
CA GLU A 81 2.83 11.25 -13.20
C GLU A 81 4.08 12.11 -12.89
N GLY A 82 4.93 11.64 -11.97
CA GLY A 82 6.23 12.22 -11.64
C GLY A 82 6.19 13.14 -10.42
N ASP A 83 5.10 13.09 -9.65
CA ASP A 83 4.85 13.96 -8.50
C ASP A 83 5.20 13.23 -7.20
N LYS A 84 6.52 13.04 -7.01
CA LYS A 84 7.11 12.33 -5.87
C LYS A 84 6.74 13.01 -4.54
N ASP A 85 6.59 14.33 -4.53
CA ASP A 85 6.28 15.07 -3.30
C ASP A 85 4.81 14.94 -2.86
N THR A 86 3.85 14.91 -3.79
CA THR A 86 2.46 14.56 -3.44
C THR A 86 2.33 13.08 -3.13
N ALA A 87 3.07 12.20 -3.81
CA ALA A 87 3.12 10.78 -3.47
C ALA A 87 3.63 10.57 -2.03
N ARG A 88 4.65 11.31 -1.60
CA ARG A 88 5.10 11.38 -0.19
C ARG A 88 3.98 11.81 0.74
N GLU A 89 3.27 12.90 0.42
CA GLU A 89 2.19 13.43 1.27
C GLU A 89 1.00 12.46 1.38
N LEU A 90 0.76 11.68 0.33
CA LEU A 90 -0.20 10.57 0.34
C LEU A 90 0.24 9.41 1.26
N ILE A 91 1.49 8.95 1.17
CA ILE A 91 1.98 7.86 2.05
C ILE A 91 2.12 8.33 3.49
N ARG A 92 2.51 9.58 3.76
CA ARG A 92 2.75 10.02 5.14
C ARG A 92 1.48 9.90 5.98
N LYS A 93 0.31 10.11 5.37
CA LYS A 93 -0.99 9.91 5.99
C LYS A 93 -1.28 8.43 6.26
N PHE A 94 -0.93 7.57 5.30
CA PHE A 94 -1.16 6.12 5.36
C PHE A 94 -0.25 5.42 6.39
N ALA A 95 1.06 5.64 6.32
CA ALA A 95 1.99 5.11 7.30
C ALA A 95 1.70 5.65 8.72
N ASP A 96 1.27 6.92 8.83
CA ASP A 96 0.87 7.51 10.12
C ASP A 96 -0.44 6.91 10.67
N ASP A 97 -1.43 6.67 9.80
CA ASP A 97 -2.73 6.10 10.17
C ASP A 97 -2.59 4.70 10.77
N LEU A 98 -1.71 3.86 10.20
CA LEU A 98 -1.40 2.50 10.68
C LEU A 98 -0.26 2.47 11.70
N GLY A 99 0.38 3.62 11.97
CA GLY A 99 1.45 3.75 12.97
C GLY A 99 2.73 2.97 12.65
N ILE A 100 3.02 2.81 11.36
CA ILE A 100 4.13 2.00 10.80
C ILE A 100 5.28 2.86 10.26
N SER A 101 6.45 2.23 10.05
CA SER A 101 7.63 2.88 9.47
C SER A 101 7.61 2.85 7.93
N PRO A 102 8.32 3.77 7.23
CA PRO A 102 8.49 3.66 5.78
C PRO A 102 9.16 2.34 5.36
N GLU A 103 10.10 1.83 6.17
CA GLU A 103 10.77 0.55 5.94
C GLU A 103 9.80 -0.65 6.00
N GLN A 104 8.74 -0.55 6.82
CA GLN A 104 7.66 -1.53 6.90
C GLN A 104 6.71 -1.43 5.69
N VAL A 105 6.47 -0.24 5.15
CA VAL A 105 5.67 -0.04 3.91
C VAL A 105 6.41 -0.57 2.66
N LYS A 106 7.75 -0.53 2.63
CA LYS A 106 8.57 -1.19 1.59
C LYS A 106 8.33 -2.72 1.53
N LYS A 107 7.84 -3.35 2.61
CA LYS A 107 7.37 -4.76 2.61
C LYS A 107 5.94 -4.91 2.07
N PHE A 108 5.06 -3.95 2.37
CA PHE A 108 3.67 -3.95 1.89
C PHE A 108 3.56 -3.93 0.36
N ILE A 109 4.31 -3.04 -0.31
CA ILE A 109 4.36 -2.99 -1.79
C ILE A 109 4.73 -4.35 -2.41
N LYS A 110 5.57 -5.14 -1.72
CA LYS A 110 5.96 -6.48 -2.15
C LYS A 110 4.78 -7.46 -2.09
N ILE A 111 3.82 -7.27 -1.19
CA ILE A 111 2.55 -8.03 -1.19
C ILE A 111 1.65 -7.51 -2.32
N MET A 112 1.59 -6.20 -2.55
CA MET A 112 0.78 -5.58 -3.60
C MET A 112 1.11 -6.12 -5.01
N ARG A 113 2.38 -6.33 -5.35
CA ARG A 113 2.74 -7.01 -6.61
C ARG A 113 2.48 -8.54 -6.60
N GLU A 114 2.54 -9.19 -5.44
CA GLU A 114 2.32 -10.64 -5.33
C GLU A 114 0.83 -11.05 -5.44
N VAL A 115 -0.12 -10.22 -4.96
CA VAL A 115 -1.57 -10.47 -5.18
C VAL A 115 -2.03 -10.13 -6.60
N GLN A 116 -1.38 -9.18 -7.30
CA GLN A 116 -1.78 -8.75 -8.66
C GLN A 116 -1.89 -9.90 -9.66
N ARG A 117 -1.02 -10.91 -9.56
CA ARG A 117 -1.07 -12.08 -10.46
C ARG A 117 -2.32 -12.93 -10.31
N LYS A 118 -2.98 -12.94 -9.14
CA LYS A 118 -4.18 -13.74 -8.84
C LYS A 118 -5.38 -13.37 -9.71
N GLU A 119 -5.40 -12.14 -10.25
CA GLU A 119 -6.39 -11.67 -11.22
C GLU A 119 -6.31 -12.44 -12.56
N ASP A 120 -5.14 -12.96 -12.92
CA ASP A 120 -4.86 -13.80 -14.10
C ASP A 120 -4.35 -15.21 -13.72
N GLY A 121 -4.40 -15.58 -12.43
CA GLY A 121 -3.77 -16.76 -11.85
C GLY A 121 -2.24 -16.61 -11.68
N SER A 122 -1.54 -16.32 -12.78
CA SER A 122 -0.06 -16.21 -12.88
C SER A 122 0.39 -15.08 -13.81
N LEU A 123 1.65 -14.65 -13.68
CA LEU A 123 2.35 -13.71 -14.59
C LEU A 123 3.69 -14.30 -15.06
N GLU A 124 4.18 -13.84 -16.22
CA GLU A 124 5.35 -14.39 -16.92
C GLU A 124 6.53 -13.39 -16.96
N HIS A 125 7.24 -13.24 -15.84
CA HIS A 125 8.46 -12.42 -15.76
C HIS A 125 9.61 -13.08 -16.54
N HIS A 126 10.17 -12.38 -17.54
CA HIS A 126 11.20 -12.90 -18.45
C HIS A 126 12.15 -11.81 -18.98
N HIS A 127 13.35 -12.22 -19.40
CA HIS A 127 14.43 -11.41 -19.98
C HIS A 127 14.81 -10.16 -19.14
N HIS A 128 15.71 -10.35 -18.17
CA HIS A 128 16.22 -9.31 -17.27
C HIS A 128 17.76 -9.30 -17.24
N HIS A 129 18.37 -8.12 -17.36
CA HIS A 129 19.83 -7.91 -17.32
C HIS A 129 20.24 -6.62 -16.58
N HIS A 130 19.58 -5.50 -16.89
CA HIS A 130 19.83 -4.16 -16.33
C HIS A 130 18.52 -3.41 -16.01
N GLY A 1 14.23 12.55 12.09
CA GLY A 1 14.11 13.18 10.75
C GLY A 1 14.12 12.11 9.67
N ASP A 2 12.94 11.79 9.12
CA ASP A 2 12.72 10.62 8.25
C ASP A 2 12.09 10.96 6.88
N GLU A 3 11.95 12.24 6.54
CA GLU A 3 11.34 12.67 5.26
C GLU A 3 12.18 12.26 4.04
N ARG A 4 13.50 12.22 4.21
CA ARG A 4 14.46 11.70 3.22
C ARG A 4 14.40 10.18 3.07
N LYS A 5 14.07 9.45 4.16
CA LYS A 5 13.78 8.00 4.14
C LYS A 5 12.44 7.71 3.46
N LEU A 6 11.45 8.60 3.61
CA LEU A 6 10.16 8.53 2.92
C LEU A 6 10.30 8.54 1.39
N GLU A 7 11.34 9.20 0.86
CA GLU A 7 11.63 9.21 -0.58
C GLU A 7 11.95 7.81 -1.12
N GLU A 8 12.54 6.93 -0.29
CA GLU A 8 12.78 5.52 -0.63
C GLU A 8 11.48 4.69 -0.63
N VAL A 9 10.49 5.06 0.19
CA VAL A 9 9.14 4.50 0.16
C VAL A 9 8.41 4.94 -1.12
N THR A 10 8.57 6.22 -1.47
CA THR A 10 7.97 6.83 -2.66
C THR A 10 8.55 6.22 -3.94
N GLU A 11 9.82 5.78 -3.91
CA GLU A 11 10.42 4.97 -4.97
C GLU A 11 9.67 3.64 -5.18
N GLU A 12 9.22 2.93 -4.15
CA GLU A 12 8.39 1.74 -4.36
C GLU A 12 7.04 2.08 -5.01
N MET A 13 6.45 3.24 -4.72
CA MET A 13 5.18 3.65 -5.32
C MET A 13 5.34 3.92 -6.83
N ARG A 14 6.48 4.48 -7.24
CA ARG A 14 6.84 4.65 -8.66
C ARG A 14 7.04 3.30 -9.34
N LYS A 15 7.78 2.40 -8.70
CA LYS A 15 8.09 1.06 -9.24
C LYS A 15 6.85 0.17 -9.36
N MET A 16 5.93 0.23 -8.40
CA MET A 16 4.64 -0.46 -8.49
C MET A 16 3.77 0.11 -9.60
N ALA A 17 3.63 1.44 -9.67
CA ALA A 17 2.80 2.10 -10.66
C ALA A 17 3.25 1.87 -12.12
N GLU A 18 4.57 1.82 -12.39
CA GLU A 18 5.09 1.46 -13.72
C GLU A 18 4.97 -0.06 -14.03
N ASN A 19 4.98 -0.92 -13.00
CA ASN A 19 4.76 -2.36 -13.16
C ASN A 19 3.28 -2.71 -13.42
N MET A 20 2.33 -1.98 -12.83
CA MET A 20 0.89 -2.24 -12.93
C MET A 20 0.18 -1.40 -14.01
N ASP A 21 0.93 -0.59 -14.77
CA ASP A 21 0.41 0.43 -15.69
C ASP A 21 -0.53 -0.16 -16.75
N GLY A 22 -1.66 0.52 -17.01
CA GLY A 22 -2.67 0.14 -18.00
C GLY A 22 -3.81 -0.75 -17.49
N GLN A 23 -3.81 -1.16 -16.21
CA GLN A 23 -4.96 -1.82 -15.58
C GLN A 23 -6.05 -0.82 -15.15
N ASP A 24 -7.20 -1.33 -14.71
CA ASP A 24 -8.31 -0.50 -14.25
C ASP A 24 -8.05 0.06 -12.83
N PRO A 25 -8.21 1.38 -12.60
CA PRO A 25 -7.83 2.01 -11.32
C PRO A 25 -8.67 1.50 -10.13
N GLU A 26 -9.90 1.07 -10.37
CA GLU A 26 -10.78 0.53 -9.31
C GLU A 26 -10.31 -0.84 -8.81
N LYS A 27 -9.61 -1.60 -9.67
CA LYS A 27 -8.96 -2.86 -9.31
C LYS A 27 -7.74 -2.59 -8.44
N VAL A 28 -6.97 -1.53 -8.74
CA VAL A 28 -5.82 -1.12 -7.93
C VAL A 28 -6.24 -0.87 -6.48
N LYS A 29 -7.34 -0.15 -6.26
CA LYS A 29 -7.88 0.08 -4.90
C LYS A 29 -8.15 -1.24 -4.17
N GLU A 30 -8.75 -2.23 -4.83
CA GLU A 30 -9.07 -3.55 -4.25
C GLU A 30 -7.85 -4.48 -4.08
N ILE A 31 -6.82 -4.34 -4.91
CA ILE A 31 -5.53 -5.03 -4.75
C ILE A 31 -4.78 -4.45 -3.54
N VAL A 32 -4.71 -3.12 -3.42
CA VAL A 32 -4.12 -2.42 -2.26
C VAL A 32 -4.91 -2.75 -0.99
N ARG A 33 -6.24 -2.80 -1.05
CA ARG A 33 -7.12 -3.10 0.10
C ARG A 33 -6.69 -4.40 0.76
N ARG A 34 -6.54 -5.50 0.02
CA ARG A 34 -6.09 -6.80 0.58
C ARG A 34 -4.59 -6.85 0.89
N ALA A 35 -3.77 -6.12 0.14
CA ALA A 35 -2.32 -6.02 0.36
C ALA A 35 -1.96 -5.28 1.67
N LEU A 36 -2.63 -4.16 1.98
CA LEU A 36 -2.41 -3.39 3.22
C LEU A 36 -2.99 -4.14 4.44
N GLN A 37 -4.09 -4.84 4.20
CA GLN A 37 -4.79 -5.73 5.13
C GLN A 37 -3.96 -6.96 5.53
N GLN A 38 -3.12 -7.49 4.63
CA GLN A 38 -2.29 -8.66 4.88
C GLN A 38 -1.26 -8.36 5.98
N MET A 39 -0.71 -7.14 6.04
CA MET A 39 0.15 -6.72 7.13
C MET A 39 -0.51 -6.80 8.52
N ALA A 40 -1.82 -6.57 8.64
CA ALA A 40 -2.56 -6.79 9.88
C ALA A 40 -2.85 -8.27 10.18
N ASN A 41 -2.99 -9.09 9.14
CA ASN A 41 -3.11 -10.54 9.28
C ASN A 41 -1.77 -11.19 9.72
N ASP A 42 -0.64 -10.60 9.31
CA ASP A 42 0.72 -11.04 9.66
C ASP A 42 1.27 -10.42 10.97
N ASN A 43 0.89 -9.18 11.30
CA ASN A 43 1.39 -8.41 12.45
C ASN A 43 0.27 -7.80 13.30
N PRO A 44 0.26 -8.01 14.64
CA PRO A 44 -0.78 -7.47 15.52
C PRO A 44 -0.70 -5.94 15.68
N GLU A 45 0.48 -5.34 15.49
CA GLU A 45 0.71 -3.88 15.66
C GLU A 45 -0.04 -3.03 14.62
N VAL A 46 -0.27 -3.57 13.42
CA VAL A 46 -1.07 -2.95 12.36
C VAL A 46 -2.56 -3.16 12.66
N SER A 47 -2.93 -4.41 12.95
CA SER A 47 -4.31 -4.81 13.27
C SER A 47 -4.92 -4.07 14.47
N GLU A 48 -4.13 -3.81 15.53
CA GLU A 48 -4.62 -3.03 16.67
C GLU A 48 -4.90 -1.56 16.29
N GLN A 49 -4.19 -1.02 15.29
CA GLN A 49 -4.47 0.32 14.77
C GLN A 49 -5.69 0.32 13.84
N LEU A 50 -5.91 -0.73 13.02
CA LEU A 50 -7.15 -0.88 12.24
C LEU A 50 -8.39 -0.78 13.14
N ARG A 51 -8.35 -1.42 14.31
CA ARG A 51 -9.39 -1.36 15.33
C ARG A 51 -9.59 0.05 15.91
N GLU A 52 -8.52 0.80 16.17
CA GLU A 52 -8.65 2.19 16.67
C GLU A 52 -9.35 3.11 15.68
N LEU A 53 -9.06 3.00 14.38
CA LEU A 53 -9.71 3.81 13.36
C LEU A 53 -11.19 3.42 13.22
N ALA A 54 -11.48 2.12 13.19
CA ALA A 54 -12.85 1.60 13.17
C ALA A 54 -13.68 2.05 14.39
N LYS A 55 -13.10 2.01 15.60
CA LYS A 55 -13.72 2.49 16.85
C LYS A 55 -13.99 4.01 16.85
N ARG A 56 -13.15 4.81 16.18
CA ARG A 56 -13.33 6.27 16.00
C ARG A 56 -14.43 6.56 14.96
N LYS A 57 -14.49 5.77 13.88
CA LYS A 57 -15.46 5.92 12.77
C LYS A 57 -16.83 5.27 13.04
N GLY A 58 -16.92 4.39 14.04
CA GLY A 58 -18.15 3.67 14.40
C GLY A 58 -18.46 2.48 13.47
N THR A 59 -17.42 1.85 12.93
CA THR A 59 -17.49 0.77 11.92
C THR A 59 -16.61 -0.43 12.29
N SER A 60 -16.38 -1.36 11.36
CA SER A 60 -15.50 -2.53 11.49
C SER A 60 -14.09 -2.27 10.91
N PRO A 61 -13.03 -2.92 11.43
CA PRO A 61 -11.65 -2.74 10.95
C PRO A 61 -11.45 -3.14 9.49
N SER A 62 -12.25 -4.07 8.96
CA SER A 62 -12.32 -4.42 7.53
C SER A 62 -12.81 -3.29 6.63
N GLU A 63 -13.71 -2.45 7.14
CA GLU A 63 -14.31 -1.32 6.42
C GLU A 63 -13.38 -0.09 6.34
N VAL A 64 -12.54 0.13 7.36
CA VAL A 64 -11.46 1.13 7.34
C VAL A 64 -10.51 0.95 6.15
N ILE A 65 -10.25 -0.29 5.76
CA ILE A 65 -9.24 -0.65 4.74
C ILE A 65 -9.52 -0.04 3.37
N LYS A 66 -10.80 0.05 2.97
CA LYS A 66 -11.20 0.64 1.68
C LYS A 66 -10.64 2.07 1.55
N ASP A 67 -10.69 2.84 2.63
CA ASP A 67 -10.22 4.23 2.71
C ASP A 67 -8.69 4.34 2.78
N LEU A 68 -8.04 3.46 3.55
CA LEU A 68 -6.58 3.32 3.66
C LEU A 68 -5.95 2.97 2.31
N ALA A 69 -6.65 2.19 1.50
CA ALA A 69 -6.20 1.77 0.17
C ALA A 69 -6.25 2.90 -0.86
N GLU A 70 -7.23 3.81 -0.74
CA GLU A 70 -7.31 4.99 -1.61
C GLU A 70 -6.07 5.89 -1.44
N GLN A 71 -5.51 5.98 -0.24
CA GLN A 71 -4.38 6.89 0.05
C GLN A 71 -3.11 6.41 -0.65
N VAL A 72 -2.91 5.10 -0.63
CA VAL A 72 -1.79 4.43 -1.29
C VAL A 72 -1.93 4.46 -2.81
N TRP A 73 -3.12 4.15 -3.36
CA TRP A 73 -3.33 4.24 -4.80
C TRP A 73 -3.10 5.67 -5.32
N ARG A 74 -3.63 6.68 -4.62
CA ARG A 74 -3.32 8.09 -4.91
C ARG A 74 -1.82 8.38 -4.87
N ALA A 75 -1.04 7.77 -3.98
CA ALA A 75 0.43 7.92 -3.98
C ALA A 75 1.08 7.29 -5.23
N MET A 76 0.65 6.08 -5.64
CA MET A 76 1.16 5.42 -6.84
C MET A 76 0.89 6.23 -8.12
N GLU A 77 -0.36 6.64 -8.38
CA GLU A 77 -0.68 7.41 -9.60
C GLU A 77 -0.01 8.78 -9.61
N ARG A 78 0.11 9.45 -8.46
CA ARG A 78 0.80 10.74 -8.36
C ARG A 78 2.28 10.64 -8.69
N ALA A 79 2.98 9.67 -8.10
CA ALA A 79 4.40 9.47 -8.35
C ALA A 79 4.68 9.06 -9.82
N ARG A 80 3.69 8.44 -10.47
CA ARG A 80 3.75 8.00 -11.87
C ARG A 80 3.48 9.14 -12.86
N GLU A 81 2.70 10.13 -12.43
CA GLU A 81 2.50 11.42 -13.15
C GLU A 81 3.67 12.40 -12.94
N GLY A 82 4.60 12.08 -12.02
CA GLY A 82 5.79 12.88 -11.70
C GLY A 82 5.62 13.74 -10.44
N ASP A 83 4.54 13.56 -9.69
CA ASP A 83 4.20 14.31 -8.48
C ASP A 83 4.69 13.53 -7.24
N LYS A 84 6.02 13.43 -7.14
CA LYS A 84 6.75 12.71 -6.09
C LYS A 84 6.46 13.28 -4.71
N ASP A 85 6.33 14.59 -4.64
CA ASP A 85 6.22 15.34 -3.39
C ASP A 85 4.83 15.24 -2.75
N THR A 86 3.74 15.16 -3.55
CA THR A 86 2.42 14.82 -3.02
C THR A 86 2.32 13.32 -2.76
N ALA A 87 2.96 12.46 -3.57
CA ALA A 87 2.98 11.02 -3.33
C ALA A 87 3.64 10.66 -1.98
N ARG A 88 4.75 11.31 -1.63
CA ARG A 88 5.39 11.21 -0.30
C ARG A 88 4.43 11.55 0.84
N GLU A 89 3.68 12.64 0.71
CA GLU A 89 2.73 13.10 1.74
C GLU A 89 1.48 12.20 1.83
N LEU A 90 1.04 11.65 0.69
CA LEU A 90 -0.03 10.65 0.63
C LEU A 90 0.34 9.34 1.34
N ILE A 91 1.61 8.92 1.27
CA ILE A 91 2.10 7.82 2.12
C ILE A 91 2.25 8.29 3.57
N ARG A 92 2.70 9.52 3.83
CA ARG A 92 2.90 9.99 5.22
C ARG A 92 1.60 9.94 6.01
N LYS A 93 0.44 10.13 5.37
CA LYS A 93 -0.89 9.93 5.96
C LYS A 93 -1.18 8.45 6.21
N PHE A 94 -0.83 7.58 5.28
CA PHE A 94 -1.08 6.13 5.32
C PHE A 94 -0.23 5.41 6.37
N ALA A 95 1.09 5.59 6.34
CA ALA A 95 1.97 5.01 7.35
C ALA A 95 1.66 5.55 8.76
N ASP A 96 1.26 6.82 8.87
CA ASP A 96 0.84 7.43 10.14
C ASP A 96 -0.50 6.89 10.66
N ASP A 97 -1.48 6.70 9.77
CA ASP A 97 -2.80 6.16 10.11
C ASP A 97 -2.71 4.75 10.71
N LEU A 98 -1.82 3.89 10.18
CA LEU A 98 -1.54 2.55 10.66
C LEU A 98 -0.46 2.50 11.76
N GLY A 99 0.16 3.64 12.07
CA GLY A 99 1.17 3.77 13.13
C GLY A 99 2.44 2.94 12.87
N ILE A 100 2.79 2.74 11.61
CA ILE A 100 3.91 1.90 11.15
C ILE A 100 5.14 2.73 10.77
N SER A 101 6.30 2.07 10.68
CA SER A 101 7.52 2.67 10.13
C SER A 101 7.43 2.83 8.60
N PRO A 102 8.16 3.80 8.01
CA PRO A 102 8.29 3.88 6.56
C PRO A 102 8.92 2.60 5.96
N GLU A 103 9.77 1.92 6.74
CA GLU A 103 10.42 0.66 6.33
C GLU A 103 9.44 -0.53 6.26
N GLN A 104 8.36 -0.53 7.04
CA GLN A 104 7.29 -1.53 6.93
C GLN A 104 6.51 -1.40 5.62
N VAL A 105 6.30 -0.19 5.11
CA VAL A 105 5.62 0.04 3.81
C VAL A 105 6.40 -0.59 2.64
N LYS A 106 7.74 -0.59 2.68
CA LYS A 106 8.60 -1.26 1.70
C LYS A 106 8.30 -2.77 1.59
N LYS A 107 7.84 -3.41 2.68
CA LYS A 107 7.39 -4.83 2.71
C LYS A 107 5.96 -4.99 2.17
N PHE A 108 5.07 -4.05 2.47
CA PHE A 108 3.70 -4.03 1.95
C PHE A 108 3.64 -4.03 0.42
N ILE A 109 4.39 -3.15 -0.24
CA ILE A 109 4.43 -3.12 -1.71
C ILE A 109 4.86 -4.45 -2.33
N LYS A 110 5.73 -5.21 -1.63
CA LYS A 110 6.11 -6.56 -2.05
C LYS A 110 4.96 -7.56 -1.96
N ILE A 111 4.04 -7.40 -1.01
CA ILE A 111 2.80 -8.17 -0.96
C ILE A 111 1.89 -7.73 -2.11
N MET A 112 1.80 -6.42 -2.39
CA MET A 112 0.98 -5.88 -3.48
C MET A 112 1.34 -6.54 -4.82
N ARG A 113 2.63 -6.61 -5.18
CA ARG A 113 3.05 -7.28 -6.43
C ARG A 113 2.82 -8.79 -6.43
N GLU A 114 2.86 -9.45 -5.27
CA GLU A 114 2.61 -10.90 -5.18
C GLU A 114 1.11 -11.21 -5.34
N VAL A 115 0.24 -10.43 -4.71
CA VAL A 115 -1.21 -10.59 -4.82
C VAL A 115 -1.78 -10.10 -6.16
N GLN A 116 -1.13 -9.14 -6.84
CA GLN A 116 -1.44 -8.75 -8.22
C GLN A 116 -1.43 -9.96 -9.18
N ARG A 117 -0.36 -10.77 -9.16
CA ARG A 117 -0.24 -11.95 -10.04
C ARG A 117 -1.12 -13.12 -9.64
N LYS A 118 -1.50 -13.21 -8.37
CA LYS A 118 -2.45 -14.21 -7.82
C LYS A 118 -3.84 -14.15 -8.46
N GLU A 119 -4.21 -13.00 -9.04
CA GLU A 119 -5.43 -12.82 -9.84
C GLU A 119 -5.42 -13.66 -11.13
N ASP A 120 -4.24 -13.94 -11.68
CA ASP A 120 -4.04 -14.73 -12.91
C ASP A 120 -3.39 -16.10 -12.62
N GLY A 121 -2.73 -16.26 -11.48
CA GLY A 121 -2.06 -17.49 -11.02
C GLY A 121 -0.76 -17.87 -11.76
N SER A 122 -0.55 -17.36 -12.98
CA SER A 122 0.55 -17.71 -13.89
C SER A 122 1.27 -16.46 -14.40
N LEU A 123 2.28 -16.00 -13.63
CA LEU A 123 3.17 -14.88 -13.98
C LEU A 123 4.59 -15.12 -13.46
N GLU A 124 5.04 -16.32 -13.76
CA GLU A 124 6.42 -16.82 -13.64
C GLU A 124 7.23 -16.56 -14.92
N HIS A 125 8.57 -16.65 -14.82
CA HIS A 125 9.53 -16.27 -15.87
C HIS A 125 9.29 -14.80 -16.37
N HIS A 126 9.88 -14.41 -17.51
CA HIS A 126 9.74 -13.13 -18.22
C HIS A 126 10.33 -11.90 -17.49
N HIS A 127 10.01 -11.73 -16.20
CA HIS A 127 10.63 -10.78 -15.29
C HIS A 127 11.91 -11.40 -14.72
N HIS A 128 13.06 -11.06 -15.30
CA HIS A 128 14.36 -11.66 -14.95
C HIS A 128 14.88 -11.19 -13.58
N HIS A 129 15.86 -11.92 -13.02
CA HIS A 129 16.34 -11.78 -11.64
C HIS A 129 15.22 -11.99 -10.59
N HIS A 130 14.36 -12.98 -10.84
CA HIS A 130 13.24 -13.41 -9.99
C HIS A 130 13.73 -14.09 -8.69
N GLY A 1 15.30 15.20 10.40
CA GLY A 1 14.05 15.09 9.61
C GLY A 1 13.70 13.65 9.30
N ASP A 2 12.62 13.46 8.52
CA ASP A 2 12.10 12.13 8.12
C ASP A 2 11.57 12.07 6.67
N GLU A 3 11.44 13.22 6.01
CA GLU A 3 11.05 13.38 4.60
C GLU A 3 12.04 12.68 3.68
N ARG A 4 13.32 12.80 4.06
CA ARG A 4 14.50 12.18 3.45
C ARG A 4 14.38 10.65 3.40
N LYS A 5 13.89 10.03 4.48
CA LYS A 5 13.61 8.60 4.58
C LYS A 5 12.34 8.20 3.81
N LEU A 6 11.33 9.08 3.80
CA LEU A 6 10.07 8.90 3.06
C LEU A 6 10.27 8.82 1.53
N GLU A 7 11.33 9.43 0.98
CA GLU A 7 11.69 9.24 -0.43
C GLU A 7 11.97 7.77 -0.79
N GLU A 8 12.48 6.95 0.13
CA GLU A 8 12.80 5.54 -0.14
C GLU A 8 11.55 4.67 -0.32
N VAL A 9 10.50 4.92 0.47
CA VAL A 9 9.20 4.26 0.30
C VAL A 9 8.44 4.82 -0.91
N THR A 10 8.55 6.14 -1.16
CA THR A 10 7.96 6.78 -2.35
C THR A 10 8.58 6.22 -3.64
N GLU A 11 9.86 5.82 -3.61
CA GLU A 11 10.51 5.09 -4.69
C GLU A 11 9.77 3.80 -5.07
N GLU A 12 9.24 3.04 -4.10
CA GLU A 12 8.45 1.85 -4.40
C GLU A 12 7.09 2.17 -5.03
N MET A 13 6.50 3.34 -4.73
CA MET A 13 5.24 3.76 -5.36
C MET A 13 5.44 4.06 -6.85
N ARG A 14 6.61 4.58 -7.23
CA ARG A 14 7.00 4.77 -8.65
C ARG A 14 7.13 3.43 -9.36
N LYS A 15 7.91 2.52 -8.76
CA LYS A 15 8.21 1.17 -9.27
C LYS A 15 6.94 0.33 -9.41
N MET A 16 6.05 0.38 -8.41
CA MET A 16 4.77 -0.32 -8.44
C MET A 16 3.83 0.26 -9.50
N ALA A 17 3.68 1.58 -9.56
CA ALA A 17 2.75 2.23 -10.47
C ALA A 17 3.09 1.98 -11.95
N GLU A 18 4.36 2.05 -12.34
CA GLU A 18 4.79 1.72 -13.72
C GLU A 18 4.75 0.22 -14.02
N ASN A 19 4.90 -0.64 -13.01
CA ASN A 19 4.78 -2.10 -13.15
C ASN A 19 3.31 -2.53 -13.34
N MET A 20 2.36 -1.86 -12.67
CA MET A 20 0.92 -2.15 -12.77
C MET A 20 0.19 -1.44 -13.93
N ASP A 21 0.86 -0.52 -14.62
CA ASP A 21 0.27 0.34 -15.67
C ASP A 21 -0.45 -0.46 -16.78
N GLY A 22 -1.58 0.08 -17.24
CA GLY A 22 -2.47 -0.53 -18.25
C GLY A 22 -3.65 -1.32 -17.69
N GLN A 23 -3.70 -1.61 -16.38
CA GLN A 23 -4.88 -2.19 -15.71
C GLN A 23 -5.87 -1.11 -15.25
N ASP A 24 -7.06 -1.53 -14.82
CA ASP A 24 -8.13 -0.62 -14.42
C ASP A 24 -7.86 0.01 -13.04
N PRO A 25 -8.04 1.34 -12.86
CA PRO A 25 -7.73 2.03 -11.60
C PRO A 25 -8.63 1.59 -10.45
N GLU A 26 -9.86 1.14 -10.74
CA GLU A 26 -10.81 0.66 -9.74
C GLU A 26 -10.35 -0.67 -9.11
N LYS A 27 -9.62 -1.49 -9.88
CA LYS A 27 -9.07 -2.78 -9.43
C LYS A 27 -7.92 -2.57 -8.47
N VAL A 28 -7.09 -1.55 -8.72
CA VAL A 28 -5.98 -1.16 -7.83
C VAL A 28 -6.48 -0.93 -6.41
N LYS A 29 -7.61 -0.24 -6.25
CA LYS A 29 -8.24 0.03 -4.93
C LYS A 29 -8.62 -1.24 -4.17
N GLU A 30 -8.93 -2.33 -4.87
CA GLU A 30 -9.22 -3.67 -4.30
C GLU A 30 -7.97 -4.53 -4.05
N ILE A 31 -6.92 -4.38 -4.85
CA ILE A 31 -5.62 -5.07 -4.71
C ILE A 31 -4.82 -4.48 -3.54
N VAL A 32 -4.76 -3.16 -3.42
CA VAL A 32 -4.13 -2.45 -2.29
C VAL A 32 -4.87 -2.80 -1.00
N ARG A 33 -6.20 -2.93 -1.06
CA ARG A 33 -7.07 -3.29 0.09
C ARG A 33 -6.55 -4.53 0.80
N ARG A 34 -6.41 -5.64 0.06
CA ARG A 34 -5.95 -6.93 0.60
C ARG A 34 -4.44 -6.94 0.90
N ALA A 35 -3.66 -6.17 0.15
CA ALA A 35 -2.22 -6.02 0.36
C ALA A 35 -1.89 -5.28 1.67
N LEU A 36 -2.57 -4.17 1.98
CA LEU A 36 -2.36 -3.40 3.22
C LEU A 36 -2.92 -4.16 4.44
N GLN A 37 -4.02 -4.88 4.21
CA GLN A 37 -4.71 -5.76 5.15
C GLN A 37 -3.88 -6.98 5.57
N GLN A 38 -3.02 -7.50 4.69
CA GLN A 38 -2.18 -8.67 4.96
C GLN A 38 -1.21 -8.39 6.11
N MET A 39 -0.65 -7.17 6.19
CA MET A 39 0.19 -6.76 7.31
C MET A 39 -0.50 -6.88 8.68
N ALA A 40 -1.81 -6.63 8.77
CA ALA A 40 -2.58 -6.85 10.00
C ALA A 40 -2.90 -8.32 10.28
N ASN A 41 -3.02 -9.13 9.22
CA ASN A 41 -3.17 -10.58 9.35
C ASN A 41 -1.86 -11.26 9.81
N ASP A 42 -0.71 -10.71 9.42
CA ASP A 42 0.63 -11.16 9.80
C ASP A 42 1.12 -10.57 11.14
N ASN A 43 0.73 -9.34 11.49
CA ASN A 43 1.20 -8.61 12.67
C ASN A 43 0.05 -7.97 13.49
N PRO A 44 -0.04 -8.24 14.80
CA PRO A 44 -1.09 -7.68 15.65
C PRO A 44 -0.94 -6.16 15.87
N GLU A 45 0.27 -5.62 15.78
CA GLU A 45 0.57 -4.18 15.94
C GLU A 45 -0.09 -3.28 14.87
N VAL A 46 -0.30 -3.80 13.66
CA VAL A 46 -1.04 -3.11 12.60
C VAL A 46 -2.54 -3.25 12.85
N SER A 47 -2.99 -4.48 13.11
CA SER A 47 -4.41 -4.82 13.38
C SER A 47 -5.00 -4.09 14.58
N GLU A 48 -4.24 -3.87 15.65
CA GLU A 48 -4.73 -3.09 16.80
C GLU A 48 -4.91 -1.60 16.45
N GLN A 49 -4.17 -1.09 15.46
CA GLN A 49 -4.39 0.26 14.93
C GLN A 49 -5.58 0.30 13.96
N LEU A 50 -5.79 -0.72 13.11
CA LEU A 50 -7.03 -0.84 12.32
C LEU A 50 -8.29 -0.75 13.21
N ARG A 51 -8.26 -1.37 14.39
CA ARG A 51 -9.32 -1.29 15.42
C ARG A 51 -9.50 0.12 16.00
N GLU A 52 -8.42 0.87 16.24
CA GLU A 52 -8.51 2.28 16.65
C GLU A 52 -9.23 3.14 15.61
N LEU A 53 -8.86 3.00 14.33
CA LEU A 53 -9.49 3.76 13.25
C LEU A 53 -10.97 3.39 13.09
N ALA A 54 -11.28 2.10 13.14
CA ALA A 54 -12.66 1.59 13.13
C ALA A 54 -13.50 2.15 14.28
N LYS A 55 -13.00 2.12 15.52
CA LYS A 55 -13.68 2.70 16.69
C LYS A 55 -13.88 4.22 16.57
N ARG A 56 -12.93 4.94 15.98
CA ARG A 56 -13.00 6.40 15.76
C ARG A 56 -13.95 6.78 14.62
N LYS A 57 -14.07 5.94 13.58
CA LYS A 57 -14.98 6.13 12.43
C LYS A 57 -16.38 5.53 12.64
N GLY A 58 -16.57 4.68 13.65
CA GLY A 58 -17.85 4.04 14.00
C GLY A 58 -18.18 2.83 13.12
N THR A 59 -17.15 2.10 12.67
CA THR A 59 -17.23 0.99 11.71
C THR A 59 -16.41 -0.24 12.18
N SER A 60 -16.14 -1.20 11.28
CA SER A 60 -15.31 -2.39 11.50
C SER A 60 -13.87 -2.23 10.96
N PRO A 61 -12.86 -2.92 11.52
CA PRO A 61 -11.46 -2.84 11.08
C PRO A 61 -11.24 -3.30 9.62
N SER A 62 -12.09 -4.19 9.11
CA SER A 62 -12.16 -4.58 7.69
C SER A 62 -12.71 -3.47 6.77
N GLU A 63 -13.61 -2.64 7.28
CA GLU A 63 -14.23 -1.52 6.56
C GLU A 63 -13.32 -0.29 6.48
N VAL A 64 -12.45 -0.08 7.48
CA VAL A 64 -11.37 0.94 7.45
C VAL A 64 -10.49 0.79 6.20
N ILE A 65 -10.24 -0.44 5.75
CA ILE A 65 -9.29 -0.78 4.69
C ILE A 65 -9.62 -0.12 3.35
N LYS A 66 -10.90 0.05 3.02
CA LYS A 66 -11.34 0.72 1.78
C LYS A 66 -10.76 2.14 1.67
N ASP A 67 -10.71 2.85 2.79
CA ASP A 67 -10.20 4.23 2.91
C ASP A 67 -8.67 4.28 2.86
N LEU A 68 -8.02 3.35 3.58
CA LEU A 68 -6.56 3.19 3.64
C LEU A 68 -5.98 2.87 2.26
N ALA A 69 -6.70 2.07 1.48
CA ALA A 69 -6.26 1.67 0.14
C ALA A 69 -6.33 2.81 -0.88
N GLU A 70 -7.30 3.70 -0.75
CA GLU A 70 -7.40 4.89 -1.61
C GLU A 70 -6.22 5.85 -1.41
N GLN A 71 -5.63 5.91 -0.20
CA GLN A 71 -4.49 6.80 0.08
C GLN A 71 -3.25 6.34 -0.69
N VAL A 72 -3.01 5.02 -0.68
CA VAL A 72 -1.89 4.37 -1.35
C VAL A 72 -2.06 4.38 -2.87
N TRP A 73 -3.27 4.16 -3.39
CA TRP A 73 -3.50 4.25 -4.84
C TRP A 73 -3.26 5.68 -5.35
N ARG A 74 -3.81 6.69 -4.66
CA ARG A 74 -3.50 8.10 -4.95
C ARG A 74 -1.99 8.39 -4.90
N ALA A 75 -1.23 7.77 -3.99
CA ALA A 75 0.23 7.92 -3.93
C ALA A 75 0.92 7.29 -5.16
N MET A 76 0.47 6.12 -5.61
CA MET A 76 1.00 5.46 -6.82
C MET A 76 0.73 6.26 -8.10
N GLU A 77 -0.50 6.71 -8.36
CA GLU A 77 -0.79 7.49 -9.58
C GLU A 77 -0.05 8.85 -9.59
N ARG A 78 0.10 9.49 -8.43
CA ARG A 78 0.92 10.70 -8.30
C ARG A 78 2.40 10.45 -8.60
N ALA A 79 2.95 9.37 -8.07
CA ALA A 79 4.32 8.97 -8.36
C ALA A 79 4.52 8.59 -9.84
N ARG A 80 3.46 8.18 -10.55
CA ARG A 80 3.53 7.84 -11.98
C ARG A 80 3.46 9.09 -12.86
N GLU A 81 2.75 10.11 -12.38
CA GLU A 81 2.69 11.43 -13.01
C GLU A 81 3.94 12.29 -12.75
N GLY A 82 4.86 11.80 -11.90
CA GLY A 82 6.15 12.41 -11.59
C GLY A 82 6.09 13.35 -10.39
N ASP A 83 5.03 13.24 -9.58
CA ASP A 83 4.74 14.10 -8.43
C ASP A 83 5.11 13.39 -7.13
N LYS A 84 6.43 13.28 -6.92
CA LYS A 84 7.01 12.61 -5.76
C LYS A 84 6.55 13.27 -4.45
N ASP A 85 6.42 14.59 -4.43
CA ASP A 85 6.08 15.32 -3.20
C ASP A 85 4.65 15.07 -2.73
N THR A 86 3.64 15.09 -3.62
CA THR A 86 2.27 14.71 -3.21
C THR A 86 2.18 13.22 -2.93
N ALA A 87 2.89 12.36 -3.68
CA ALA A 87 2.95 10.92 -3.40
C ALA A 87 3.52 10.66 -1.99
N ARG A 88 4.61 11.33 -1.61
CA ARG A 88 5.22 11.28 -0.29
C ARG A 88 4.26 11.74 0.80
N GLU A 89 3.57 12.86 0.60
CA GLU A 89 2.55 13.38 1.53
C GLU A 89 1.34 12.43 1.66
N LEU A 90 0.96 11.74 0.58
CA LEU A 90 -0.12 10.76 0.58
C LEU A 90 0.25 9.46 1.35
N ILE A 91 1.51 9.03 1.31
CA ILE A 91 2.01 7.95 2.18
C ILE A 91 2.13 8.43 3.62
N ARG A 92 2.50 9.70 3.88
CA ARG A 92 2.68 10.21 5.25
C ARG A 92 1.47 9.89 6.12
N LYS A 93 0.25 10.02 5.55
CA LYS A 93 -1.00 9.74 6.28
C LYS A 93 -1.30 8.26 6.40
N PHE A 94 -0.93 7.46 5.41
CA PHE A 94 -1.12 6.01 5.40
C PHE A 94 -0.22 5.31 6.42
N ALA A 95 1.09 5.60 6.39
CA ALA A 95 2.03 5.10 7.39
C ALA A 95 1.67 5.60 8.81
N ASP A 96 1.22 6.85 8.94
CA ASP A 96 0.77 7.46 10.20
C ASP A 96 -0.50 6.82 10.77
N ASP A 97 -1.50 6.58 9.91
CA ASP A 97 -2.80 6.03 10.28
C ASP A 97 -2.66 4.64 10.93
N LEU A 98 -1.78 3.78 10.40
CA LEU A 98 -1.51 2.42 10.90
C LEU A 98 -0.33 2.39 11.88
N GLY A 99 0.34 3.53 12.11
CA GLY A 99 1.44 3.66 13.08
C GLY A 99 2.70 2.85 12.71
N ILE A 100 2.94 2.69 11.40
CA ILE A 100 4.03 1.87 10.82
C ILE A 100 5.16 2.74 10.26
N SER A 101 6.33 2.14 10.05
CA SER A 101 7.51 2.83 9.48
C SER A 101 7.46 2.83 7.94
N PRO A 102 8.13 3.77 7.24
CA PRO A 102 8.30 3.72 5.79
C PRO A 102 9.02 2.44 5.34
N GLU A 103 9.91 1.87 6.17
CA GLU A 103 10.58 0.58 5.92
C GLU A 103 9.56 -0.58 5.92
N GLN A 104 8.53 -0.53 6.78
CA GLN A 104 7.45 -1.51 6.84
C GLN A 104 6.48 -1.36 5.65
N VAL A 105 6.23 -0.13 5.18
CA VAL A 105 5.50 0.09 3.91
C VAL A 105 6.29 -0.46 2.70
N LYS A 106 7.62 -0.33 2.72
CA LYS A 106 8.54 -0.92 1.73
C LYS A 106 8.43 -2.45 1.66
N LYS A 107 7.94 -3.12 2.72
CA LYS A 107 7.57 -4.55 2.73
C LYS A 107 6.14 -4.79 2.20
N PHE A 108 5.18 -3.91 2.51
CA PHE A 108 3.80 -3.99 2.00
C PHE A 108 3.71 -4.00 0.46
N ILE A 109 4.43 -3.10 -0.22
CA ILE A 109 4.46 -3.07 -1.69
C ILE A 109 4.86 -4.45 -2.29
N LYS A 110 5.70 -5.22 -1.58
CA LYS A 110 6.13 -6.57 -2.01
C LYS A 110 4.99 -7.59 -1.94
N ILE A 111 4.01 -7.39 -1.06
CA ILE A 111 2.74 -8.15 -1.05
C ILE A 111 1.83 -7.65 -2.17
N MET A 112 1.76 -6.34 -2.41
CA MET A 112 0.93 -5.74 -3.46
C MET A 112 1.26 -6.30 -4.86
N ARG A 113 2.53 -6.50 -5.20
CA ARG A 113 2.89 -7.17 -6.47
C ARG A 113 2.56 -8.67 -6.52
N GLU A 114 2.53 -9.36 -5.37
CA GLU A 114 2.18 -10.79 -5.28
C GLU A 114 0.67 -11.03 -5.49
N VAL A 115 -0.20 -10.20 -4.93
CA VAL A 115 -1.66 -10.33 -5.16
C VAL A 115 -2.07 -9.99 -6.59
N GLN A 116 -1.34 -9.12 -7.29
CA GLN A 116 -1.62 -8.80 -8.69
C GLN A 116 -1.50 -10.03 -9.59
N ARG A 117 -0.45 -10.85 -9.39
CA ARG A 117 -0.25 -12.11 -10.14
C ARG A 117 -1.19 -13.25 -9.71
N LYS A 118 -1.83 -13.17 -8.54
CA LYS A 118 -2.88 -14.13 -8.13
C LYS A 118 -4.17 -13.98 -8.96
N GLU A 119 -4.49 -12.78 -9.45
CA GLU A 119 -5.66 -12.56 -10.31
C GLU A 119 -5.45 -13.06 -11.75
N ASP A 120 -4.22 -12.98 -12.27
CA ASP A 120 -3.85 -13.50 -13.60
C ASP A 120 -3.39 -14.98 -13.56
N GLY A 121 -2.99 -15.47 -12.38
CA GLY A 121 -2.42 -16.80 -12.16
C GLY A 121 -1.03 -16.99 -12.79
N SER A 122 -0.17 -15.96 -12.72
CA SER A 122 1.16 -15.91 -13.37
C SER A 122 2.25 -16.75 -12.65
N LEU A 123 1.84 -17.69 -11.80
CA LEU A 123 2.67 -18.45 -10.85
C LEU A 123 2.34 -19.95 -10.78
N GLU A 124 3.32 -20.77 -10.40
CA GLU A 124 3.17 -22.22 -10.18
C GLU A 124 3.60 -22.62 -8.76
N HIS A 125 4.91 -22.55 -8.47
CA HIS A 125 5.61 -22.91 -7.23
C HIS A 125 5.46 -24.36 -6.70
N HIS A 126 4.32 -25.02 -6.92
CA HIS A 126 4.06 -26.42 -6.56
C HIS A 126 4.76 -27.40 -7.51
N HIS A 127 5.08 -28.61 -7.02
CA HIS A 127 5.79 -29.66 -7.75
C HIS A 127 5.33 -31.08 -7.35
N HIS A 128 5.71 -32.09 -8.16
CA HIS A 128 5.27 -33.50 -8.09
C HIS A 128 3.78 -33.73 -8.38
N HIS A 129 3.42 -34.98 -8.72
CA HIS A 129 2.08 -35.37 -9.18
C HIS A 129 1.07 -35.65 -8.04
N HIS A 130 1.57 -35.98 -6.85
CA HIS A 130 0.78 -36.36 -5.67
C HIS A 130 1.39 -35.80 -4.36
N GLY A 1 16.29 15.12 8.15
CA GLY A 1 15.51 14.32 9.12
C GLY A 1 14.66 13.26 8.43
N ASP A 2 13.56 12.86 9.07
CA ASP A 2 12.74 11.68 8.69
C ASP A 2 12.06 11.77 7.32
N GLU A 3 11.85 12.98 6.84
CA GLU A 3 11.35 13.26 5.50
C GLU A 3 12.23 12.72 4.38
N ARG A 4 13.55 12.70 4.59
CA ARG A 4 14.54 12.13 3.67
C ARG A 4 14.47 10.59 3.66
N LYS A 5 14.03 9.99 4.78
CA LYS A 5 13.73 8.55 4.87
C LYS A 5 12.42 8.20 4.16
N LEU A 6 11.41 9.08 4.26
CA LEU A 6 10.14 8.93 3.52
C LEU A 6 10.35 9.01 1.99
N GLU A 7 11.35 9.76 1.52
CA GLU A 7 11.67 9.87 0.09
C GLU A 7 11.93 8.51 -0.56
N GLU A 8 12.59 7.60 0.16
CA GLU A 8 12.87 6.24 -0.31
C GLU A 8 11.61 5.36 -0.38
N VAL A 9 10.57 5.68 0.40
CA VAL A 9 9.27 4.97 0.34
C VAL A 9 8.55 5.27 -0.97
N THR A 10 8.66 6.51 -1.46
CA THR A 10 8.11 6.89 -2.77
C THR A 10 8.67 6.07 -3.94
N GLU A 11 9.88 5.52 -3.81
CA GLU A 11 10.51 4.70 -4.85
C GLU A 11 9.71 3.43 -5.18
N GLU A 12 9.14 2.72 -4.20
CA GLU A 12 8.31 1.56 -4.52
C GLU A 12 6.97 1.94 -5.16
N MET A 13 6.37 3.06 -4.75
CA MET A 13 5.13 3.57 -5.33
C MET A 13 5.28 3.85 -6.84
N ARG A 14 6.45 4.35 -7.27
CA ARG A 14 6.79 4.49 -8.70
C ARG A 14 6.86 3.13 -9.40
N LYS A 15 7.65 2.22 -8.85
CA LYS A 15 7.92 0.88 -9.41
C LYS A 15 6.66 0.01 -9.49
N MET A 16 5.80 0.08 -8.47
CA MET A 16 4.51 -0.63 -8.46
C MET A 16 3.53 -0.02 -9.48
N ALA A 17 3.43 1.30 -9.54
CA ALA A 17 2.55 2.00 -10.48
C ALA A 17 2.88 1.70 -11.94
N GLU A 18 4.16 1.66 -12.33
CA GLU A 18 4.58 1.27 -13.68
C GLU A 18 4.47 -0.25 -13.94
N ASN A 19 4.58 -1.10 -12.90
CA ASN A 19 4.30 -2.53 -13.02
C ASN A 19 2.81 -2.82 -13.29
N MET A 20 1.91 -1.97 -12.77
CA MET A 20 0.45 -2.09 -12.96
C MET A 20 -0.15 -1.18 -14.04
N ASP A 21 0.68 -0.42 -14.77
CA ASP A 21 0.20 0.54 -15.77
C ASP A 21 -0.68 -0.11 -16.85
N GLY A 22 -1.83 0.50 -17.13
CA GLY A 22 -2.84 0.00 -18.07
C GLY A 22 -3.98 -0.84 -17.45
N GLN A 23 -3.94 -1.19 -16.15
CA GLN A 23 -5.08 -1.79 -15.46
C GLN A 23 -6.11 -0.74 -15.00
N ASP A 24 -7.28 -1.20 -14.55
CA ASP A 24 -8.35 -0.32 -14.08
C ASP A 24 -8.07 0.25 -12.68
N PRO A 25 -8.30 1.55 -12.42
CA PRO A 25 -8.00 2.18 -11.13
C PRO A 25 -8.83 1.61 -9.98
N GLU A 26 -10.03 1.09 -10.23
CA GLU A 26 -10.90 0.52 -9.20
C GLU A 26 -10.37 -0.83 -8.70
N LYS A 27 -9.71 -1.60 -9.59
CA LYS A 27 -9.02 -2.83 -9.20
C LYS A 27 -7.87 -2.54 -8.25
N VAL A 28 -7.12 -1.46 -8.50
CA VAL A 28 -5.97 -1.07 -7.66
C VAL A 28 -6.40 -0.91 -6.20
N LYS A 29 -7.52 -0.22 -5.95
CA LYS A 29 -8.05 -0.04 -4.58
C LYS A 29 -8.30 -1.39 -3.89
N GLU A 30 -8.84 -2.38 -4.60
CA GLU A 30 -9.14 -3.73 -4.08
C GLU A 30 -7.89 -4.59 -3.88
N ILE A 31 -6.89 -4.48 -4.75
CA ILE A 31 -5.57 -5.13 -4.63
C ILE A 31 -4.80 -4.54 -3.43
N VAL A 32 -4.74 -3.21 -3.34
CA VAL A 32 -4.07 -2.50 -2.23
C VAL A 32 -4.78 -2.81 -0.91
N ARG A 33 -6.13 -2.88 -0.90
CA ARG A 33 -6.93 -3.23 0.27
C ARG A 33 -6.44 -4.53 0.91
N ARG A 34 -6.35 -5.62 0.15
CA ARG A 34 -5.91 -6.94 0.68
C ARG A 34 -4.40 -6.99 0.96
N ALA A 35 -3.61 -6.20 0.23
CA ALA A 35 -2.17 -6.07 0.44
C ALA A 35 -1.82 -5.31 1.74
N LEU A 36 -2.50 -4.20 2.05
CA LEU A 36 -2.27 -3.42 3.28
C LEU A 36 -2.83 -4.17 4.50
N GLN A 37 -3.94 -4.86 4.30
CA GLN A 37 -4.61 -5.76 5.24
C GLN A 37 -3.74 -6.95 5.66
N GLN A 38 -2.88 -7.44 4.77
CA GLN A 38 -1.99 -8.59 5.06
C GLN A 38 -1.05 -8.28 6.23
N MET A 39 -0.52 -7.07 6.30
CA MET A 39 0.31 -6.63 7.43
C MET A 39 -0.39 -6.71 8.79
N ALA A 40 -1.71 -6.51 8.86
CA ALA A 40 -2.50 -6.77 10.07
C ALA A 40 -2.74 -8.26 10.35
N ASN A 41 -2.79 -9.08 9.29
CA ASN A 41 -2.86 -10.54 9.44
C ASN A 41 -1.51 -11.14 9.87
N ASP A 42 -0.38 -10.52 9.50
CA ASP A 42 0.97 -10.88 9.95
C ASP A 42 1.33 -10.31 11.34
N ASN A 43 0.95 -9.06 11.62
CA ASN A 43 1.37 -8.32 12.82
C ASN A 43 0.18 -7.74 13.60
N PRO A 44 0.07 -7.99 14.93
CA PRO A 44 -1.02 -7.48 15.75
C PRO A 44 -0.96 -5.95 15.96
N GLU A 45 0.23 -5.35 15.89
CA GLU A 45 0.43 -3.90 16.06
C GLU A 45 -0.19 -3.04 14.94
N VAL A 46 -0.33 -3.60 13.74
CA VAL A 46 -1.05 -2.98 12.61
C VAL A 46 -2.55 -3.18 12.80
N SER A 47 -2.97 -4.41 13.09
CA SER A 47 -4.36 -4.81 13.31
C SER A 47 -5.04 -4.05 14.47
N GLU A 48 -4.33 -3.76 15.56
CA GLU A 48 -4.89 -2.95 16.65
C GLU A 48 -5.11 -1.49 16.22
N GLN A 49 -4.30 -0.97 15.27
CA GLN A 49 -4.51 0.36 14.72
C GLN A 49 -5.69 0.40 13.75
N LEU A 50 -5.91 -0.66 12.94
CA LEU A 50 -7.13 -0.81 12.14
C LEU A 50 -8.41 -0.66 13.00
N ARG A 51 -8.40 -1.30 14.18
CA ARG A 51 -9.49 -1.23 15.18
C ARG A 51 -9.68 0.18 15.74
N GLU A 52 -8.62 0.94 16.02
CA GLU A 52 -8.76 2.32 16.52
C GLU A 52 -9.51 3.22 15.52
N LEU A 53 -9.19 3.12 14.22
CA LEU A 53 -9.83 3.93 13.18
C LEU A 53 -11.29 3.51 12.99
N ALA A 54 -11.55 2.20 12.91
CA ALA A 54 -12.89 1.66 12.75
C ALA A 54 -13.84 1.97 13.92
N LYS A 55 -13.36 1.87 15.17
CA LYS A 55 -14.12 2.24 16.38
C LYS A 55 -14.48 3.74 16.42
N ARG A 56 -13.59 4.63 15.95
CA ARG A 56 -13.87 6.08 15.86
C ARG A 56 -14.92 6.40 14.79
N LYS A 57 -14.94 5.64 13.70
CA LYS A 57 -15.90 5.76 12.58
C LYS A 57 -17.21 5.01 12.79
N GLY A 58 -17.27 4.08 13.76
CA GLY A 58 -18.46 3.29 14.10
C GLY A 58 -18.67 2.09 13.16
N THR A 59 -17.58 1.54 12.63
CA THR A 59 -17.56 0.48 11.60
C THR A 59 -16.60 -0.67 11.97
N SER A 60 -16.40 -1.62 11.06
CA SER A 60 -15.49 -2.78 11.20
C SER A 60 -14.06 -2.47 10.73
N PRO A 61 -13.03 -3.12 11.30
CA PRO A 61 -11.62 -2.94 10.91
C PRO A 61 -11.34 -3.30 9.44
N SER A 62 -12.16 -4.15 8.82
CA SER A 62 -12.18 -4.47 7.39
C SER A 62 -12.65 -3.33 6.48
N GLU A 63 -13.52 -2.45 7.00
CA GLU A 63 -14.18 -1.39 6.23
C GLU A 63 -13.31 -0.14 6.05
N VAL A 64 -12.51 0.26 7.06
CA VAL A 64 -11.54 1.36 6.93
C VAL A 64 -10.42 1.07 5.92
N ILE A 65 -10.21 -0.20 5.56
CA ILE A 65 -9.19 -0.61 4.58
C ILE A 65 -9.43 0.00 3.20
N LYS A 66 -10.68 0.18 2.78
CA LYS A 66 -11.03 0.85 1.51
C LYS A 66 -10.49 2.28 1.46
N ASP A 67 -10.56 3.00 2.58
CA ASP A 67 -10.04 4.36 2.73
C ASP A 67 -8.51 4.41 2.83
N LEU A 68 -7.90 3.47 3.57
CA LEU A 68 -6.44 3.30 3.69
C LEU A 68 -5.80 2.97 2.34
N ALA A 69 -6.47 2.15 1.52
CA ALA A 69 -6.01 1.75 0.20
C ALA A 69 -6.04 2.87 -0.83
N GLU A 70 -7.03 3.77 -0.74
CA GLU A 70 -7.06 4.97 -1.58
C GLU A 70 -5.83 5.86 -1.34
N GLN A 71 -5.29 5.93 -0.12
CA GLN A 71 -4.13 6.80 0.16
C GLN A 71 -2.90 6.28 -0.57
N VAL A 72 -2.70 4.96 -0.55
CA VAL A 72 -1.62 4.31 -1.29
C VAL A 72 -1.84 4.38 -2.80
N TRP A 73 -3.06 4.15 -3.29
CA TRP A 73 -3.32 4.21 -4.73
C TRP A 73 -3.10 5.62 -5.28
N ARG A 74 -3.62 6.64 -4.61
CA ARG A 74 -3.36 8.03 -5.01
C ARG A 74 -1.88 8.40 -4.91
N ALA A 75 -1.10 7.84 -3.97
CA ALA A 75 0.36 7.98 -3.97
C ALA A 75 1.03 7.31 -5.18
N MET A 76 0.53 6.15 -5.64
CA MET A 76 1.05 5.43 -6.80
C MET A 76 0.80 6.19 -8.11
N GLU A 77 -0.43 6.62 -8.40
CA GLU A 77 -0.72 7.39 -9.62
C GLU A 77 -0.03 8.76 -9.65
N ARG A 78 0.08 9.43 -8.49
CA ARG A 78 0.87 10.66 -8.37
C ARG A 78 2.35 10.46 -8.67
N ALA A 79 2.95 9.43 -8.09
CA ALA A 79 4.34 9.07 -8.36
C ALA A 79 4.55 8.63 -9.82
N ARG A 80 3.50 8.16 -10.51
CA ARG A 80 3.59 7.76 -11.92
C ARG A 80 3.57 8.97 -12.85
N GLU A 81 2.84 10.02 -12.45
CA GLU A 81 2.84 11.32 -13.14
C GLU A 81 4.07 12.19 -12.78
N GLY A 82 4.88 11.75 -11.82
CA GLY A 82 6.14 12.39 -11.41
C GLY A 82 5.96 13.39 -10.26
N ASP A 83 4.83 13.32 -9.55
CA ASP A 83 4.43 14.24 -8.49
C ASP A 83 4.88 13.69 -7.14
N LYS A 84 6.20 13.68 -6.94
CA LYS A 84 6.86 13.20 -5.72
C LYS A 84 6.44 14.04 -4.52
N ASP A 85 6.27 15.35 -4.72
CA ASP A 85 5.81 16.31 -3.71
C ASP A 85 4.47 15.92 -3.09
N THR A 86 3.48 15.49 -3.90
CA THR A 86 2.24 14.95 -3.36
C THR A 86 2.43 13.52 -2.86
N ALA A 87 3.03 12.62 -3.64
CA ALA A 87 3.12 11.20 -3.31
C ALA A 87 3.81 10.92 -1.96
N ARG A 88 4.86 11.69 -1.63
CA ARG A 88 5.57 11.70 -0.35
C ARG A 88 4.62 11.98 0.83
N GLU A 89 3.82 13.03 0.68
CA GLU A 89 2.83 13.46 1.69
C GLU A 89 1.67 12.46 1.80
N LEU A 90 1.34 11.83 0.68
CA LEU A 90 0.21 10.92 0.52
C LEU A 90 0.50 9.53 1.14
N ILE A 91 1.75 9.05 1.08
CA ILE A 91 2.18 7.89 1.88
C ILE A 91 2.31 8.27 3.34
N ARG A 92 2.88 9.44 3.69
CA ARG A 92 3.20 9.70 5.10
C ARG A 92 1.95 9.64 5.98
N LYS A 93 0.78 9.99 5.42
CA LYS A 93 -0.52 9.88 6.10
C LYS A 93 -1.01 8.44 6.24
N PHE A 94 -0.68 7.57 5.28
CA PHE A 94 -0.93 6.12 5.32
C PHE A 94 -0.03 5.40 6.33
N ALA A 95 1.28 5.59 6.24
CA ALA A 95 2.19 5.02 7.24
C ALA A 95 1.88 5.54 8.65
N ASP A 96 1.45 6.80 8.77
CA ASP A 96 0.99 7.41 10.02
C ASP A 96 -0.33 6.81 10.54
N ASP A 97 -1.30 6.57 9.65
CA ASP A 97 -2.61 6.01 10.03
C ASP A 97 -2.51 4.62 10.64
N LEU A 98 -1.59 3.78 10.15
CA LEU A 98 -1.31 2.44 10.68
C LEU A 98 -0.19 2.44 11.74
N GLY A 99 0.46 3.58 11.97
CA GLY A 99 1.55 3.70 12.95
C GLY A 99 2.79 2.86 12.62
N ILE A 100 3.10 2.68 11.34
CA ILE A 100 4.17 1.80 10.82
C ILE A 100 5.43 2.58 10.41
N SER A 101 6.54 1.88 10.30
CA SER A 101 7.83 2.45 9.86
C SER A 101 7.87 2.65 8.34
N PRO A 102 8.64 3.63 7.81
CA PRO A 102 8.78 3.84 6.37
C PRO A 102 9.34 2.60 5.65
N GLU A 103 10.30 1.90 6.27
CA GLU A 103 10.85 0.63 5.77
C GLU A 103 9.93 -0.59 5.93
N GLN A 104 8.84 -0.48 6.70
CA GLN A 104 7.77 -1.49 6.75
C GLN A 104 6.86 -1.43 5.50
N VAL A 105 6.60 -0.23 4.97
CA VAL A 105 5.87 -0.05 3.69
C VAL A 105 6.59 -0.74 2.53
N LYS A 106 7.94 -0.77 2.54
CA LYS A 106 8.76 -1.50 1.55
C LYS A 106 8.43 -3.00 1.50
N LYS A 107 7.97 -3.59 2.62
CA LYS A 107 7.49 -4.99 2.69
C LYS A 107 6.05 -5.15 2.20
N PHE A 108 5.19 -4.17 2.48
CA PHE A 108 3.79 -4.17 2.02
C PHE A 108 3.68 -4.24 0.49
N ILE A 109 4.41 -3.39 -0.23
CA ILE A 109 4.41 -3.39 -1.71
C ILE A 109 4.81 -4.76 -2.29
N LYS A 110 5.68 -5.49 -1.58
CA LYS A 110 6.11 -6.85 -1.96
C LYS A 110 4.94 -7.86 -1.90
N ILE A 111 3.95 -7.63 -1.04
CA ILE A 111 2.68 -8.39 -1.03
C ILE A 111 1.76 -7.91 -2.17
N MET A 112 1.73 -6.61 -2.47
CA MET A 112 0.90 -6.05 -3.55
C MET A 112 1.19 -6.71 -4.91
N ARG A 113 2.48 -6.83 -5.28
CA ARG A 113 2.88 -7.49 -6.54
C ARG A 113 2.57 -8.99 -6.58
N GLU A 114 2.41 -9.64 -5.43
CA GLU A 114 1.91 -11.02 -5.35
C GLU A 114 0.41 -11.08 -5.64
N VAL A 115 -0.42 -10.31 -4.91
CA VAL A 115 -1.89 -10.37 -5.09
C VAL A 115 -2.36 -9.87 -6.45
N GLN A 116 -1.61 -8.97 -7.10
CA GLN A 116 -1.91 -8.47 -8.45
C GLN A 116 -2.09 -9.61 -9.46
N ARG A 117 -1.18 -10.59 -9.45
CA ARG A 117 -1.13 -11.71 -10.41
C ARG A 117 -1.77 -13.01 -9.91
N LYS A 118 -1.84 -13.22 -8.60
CA LYS A 118 -2.21 -14.51 -7.96
C LYS A 118 -3.65 -14.96 -8.25
N GLU A 119 -4.52 -14.02 -8.57
CA GLU A 119 -5.87 -14.30 -9.09
C GLU A 119 -5.87 -15.06 -10.42
N ASP A 120 -4.80 -14.90 -11.22
CA ASP A 120 -4.51 -15.59 -12.48
C ASP A 120 -3.29 -16.54 -12.38
N GLY A 121 -2.77 -16.76 -11.17
CA GLY A 121 -1.52 -17.48 -10.91
C GLY A 121 -0.28 -16.57 -11.05
N SER A 122 0.33 -16.58 -12.23
CA SER A 122 1.48 -15.72 -12.59
C SER A 122 1.45 -15.29 -14.05
N LEU A 123 1.94 -14.08 -14.33
CA LEU A 123 2.10 -13.48 -15.66
C LEU A 123 3.30 -12.53 -15.70
N GLU A 124 3.98 -12.48 -16.85
CA GLU A 124 5.05 -11.52 -17.18
C GLU A 124 5.08 -11.25 -18.70
N HIS A 125 5.37 -10.00 -19.10
CA HIS A 125 5.42 -9.57 -20.50
C HIS A 125 6.27 -8.30 -20.68
N HIS A 126 6.63 -7.99 -21.94
CA HIS A 126 7.27 -6.72 -22.37
C HIS A 126 8.59 -6.39 -21.64
N HIS A 127 9.40 -7.40 -21.31
CA HIS A 127 10.74 -7.25 -20.71
C HIS A 127 11.81 -6.89 -21.78
N HIS A 128 11.47 -5.96 -22.68
CA HIS A 128 12.24 -5.62 -23.88
C HIS A 128 13.26 -4.48 -23.66
N HIS A 129 13.24 -3.83 -22.49
CA HIS A 129 14.08 -2.69 -22.12
C HIS A 129 14.51 -2.76 -20.64
N HIS A 130 15.66 -2.14 -20.32
CA HIS A 130 16.32 -2.13 -19.00
C HIS A 130 16.49 -3.54 -18.38
N GLY A 1 15.20 14.51 10.65
CA GLY A 1 13.97 14.54 9.83
C GLY A 1 13.86 13.31 8.94
N ASP A 2 12.78 12.54 9.07
CA ASP A 2 12.62 11.22 8.40
C ASP A 2 12.05 11.32 6.96
N GLU A 3 11.83 12.52 6.44
CA GLU A 3 11.24 12.75 5.11
C GLU A 3 12.15 12.24 3.98
N ARG A 4 13.47 12.29 4.18
CA ARG A 4 14.47 11.68 3.29
C ARG A 4 14.42 10.14 3.27
N LYS A 5 14.06 9.51 4.39
CA LYS A 5 13.78 8.06 4.46
C LYS A 5 12.43 7.72 3.81
N LEU A 6 11.43 8.59 3.94
CA LEU A 6 10.14 8.46 3.25
C LEU A 6 10.30 8.56 1.72
N GLU A 7 11.18 9.44 1.23
CA GLU A 7 11.44 9.58 -0.22
C GLU A 7 11.92 8.27 -0.87
N GLU A 8 12.62 7.40 -0.12
CA GLU A 8 13.00 6.05 -0.55
C GLU A 8 11.80 5.07 -0.62
N VAL A 9 10.72 5.33 0.14
CA VAL A 9 9.43 4.63 0.01
C VAL A 9 8.76 5.02 -1.30
N THR A 10 8.77 6.31 -1.63
CA THR A 10 8.09 6.87 -2.82
C THR A 10 8.61 6.26 -4.12
N GLU A 11 9.88 5.85 -4.18
CA GLU A 11 10.41 5.07 -5.29
C GLU A 11 9.63 3.76 -5.51
N GLU A 12 9.25 3.02 -4.46
CA GLU A 12 8.43 1.81 -4.65
C GLU A 12 7.04 2.13 -5.22
N MET A 13 6.47 3.30 -4.92
CA MET A 13 5.19 3.72 -5.48
C MET A 13 5.30 4.01 -6.98
N ARG A 14 6.45 4.56 -7.44
CA ARG A 14 6.77 4.73 -8.87
C ARG A 14 6.93 3.39 -9.57
N LYS A 15 7.75 2.49 -8.99
CA LYS A 15 8.06 1.17 -9.57
C LYS A 15 6.84 0.26 -9.61
N MET A 16 5.97 0.29 -8.60
CA MET A 16 4.69 -0.43 -8.63
C MET A 16 3.73 0.17 -9.65
N ALA A 17 3.57 1.50 -9.70
CA ALA A 17 2.63 2.16 -10.61
C ALA A 17 2.95 1.90 -12.09
N GLU A 18 4.23 1.92 -12.50
CA GLU A 18 4.63 1.56 -13.87
C GLU A 18 4.52 0.05 -14.16
N ASN A 19 4.64 -0.82 -13.14
CA ASN A 19 4.43 -2.27 -13.29
C ASN A 19 2.94 -2.61 -13.47
N MET A 20 2.03 -1.88 -12.82
CA MET A 20 0.57 -2.10 -12.91
C MET A 20 -0.12 -1.28 -14.01
N ASP A 21 0.61 -0.47 -14.78
CA ASP A 21 0.05 0.42 -15.81
C ASP A 21 -0.81 -0.33 -16.86
N GLY A 22 -1.96 0.25 -17.22
CA GLY A 22 -2.92 -0.30 -18.18
C GLY A 22 -4.08 -1.13 -17.58
N GLN A 23 -4.09 -1.40 -16.27
CA GLN A 23 -5.23 -2.02 -15.57
C GLN A 23 -6.29 -0.98 -15.17
N ASP A 24 -7.44 -1.46 -14.66
CA ASP A 24 -8.51 -0.60 -14.17
C ASP A 24 -8.14 0.04 -12.82
N PRO A 25 -8.22 1.38 -12.66
CA PRO A 25 -7.82 2.09 -11.44
C PRO A 25 -8.66 1.70 -10.21
N GLU A 26 -9.91 1.26 -10.44
CA GLU A 26 -10.79 0.77 -9.38
C GLU A 26 -10.27 -0.52 -8.73
N LYS A 27 -9.59 -1.37 -9.53
CA LYS A 27 -9.02 -2.65 -9.10
C LYS A 27 -7.75 -2.47 -8.30
N VAL A 28 -6.97 -1.43 -8.61
CA VAL A 28 -5.81 -1.05 -7.79
C VAL A 28 -6.22 -0.86 -6.33
N LYS A 29 -7.36 -0.19 -6.09
CA LYS A 29 -7.95 -0.06 -4.75
C LYS A 29 -8.18 -1.44 -4.09
N GLU A 30 -8.73 -2.40 -4.82
CA GLU A 30 -9.03 -3.77 -4.33
C GLU A 30 -7.78 -4.63 -4.05
N ILE A 31 -6.71 -4.40 -4.81
CA ILE A 31 -5.40 -5.06 -4.66
C ILE A 31 -4.64 -4.44 -3.47
N VAL A 32 -4.61 -3.10 -3.36
CA VAL A 32 -4.02 -2.40 -2.21
C VAL A 32 -4.81 -2.73 -0.94
N ARG A 33 -6.14 -2.84 -1.01
CA ARG A 33 -7.02 -3.20 0.11
C ARG A 33 -6.52 -4.48 0.79
N ARG A 34 -6.36 -5.56 0.03
CA ARG A 34 -5.89 -6.87 0.56
C ARG A 34 -4.40 -6.88 0.90
N ALA A 35 -3.58 -6.10 0.21
CA ALA A 35 -2.15 -5.96 0.46
C ALA A 35 -1.85 -5.21 1.78
N LEU A 36 -2.55 -4.11 2.06
CA LEU A 36 -2.40 -3.35 3.31
C LEU A 36 -3.01 -4.12 4.49
N GLN A 37 -4.09 -4.85 4.21
CA GLN A 37 -4.79 -5.74 5.12
C GLN A 37 -3.93 -6.94 5.55
N GLN A 38 -3.07 -7.44 4.67
CA GLN A 38 -2.18 -8.58 4.96
C GLN A 38 -1.22 -8.26 6.11
N MET A 39 -0.73 -7.02 6.20
CA MET A 39 0.08 -6.52 7.31
C MET A 39 -0.61 -6.73 8.67
N ALA A 40 -1.94 -6.58 8.77
CA ALA A 40 -2.71 -6.84 9.99
C ALA A 40 -2.97 -8.34 10.23
N ASN A 41 -3.06 -9.12 9.15
CA ASN A 41 -3.18 -10.58 9.23
C ASN A 41 -1.87 -11.23 9.71
N ASP A 42 -0.72 -10.63 9.36
CA ASP A 42 0.62 -11.07 9.73
C ASP A 42 1.12 -10.49 11.07
N ASN A 43 0.73 -9.26 11.43
CA ASN A 43 1.22 -8.53 12.60
C ASN A 43 0.05 -7.95 13.45
N PRO A 44 -0.06 -8.29 14.75
CA PRO A 44 -1.12 -7.79 15.61
C PRO A 44 -0.97 -6.30 15.96
N GLU A 45 0.24 -5.73 15.86
CA GLU A 45 0.50 -4.30 16.07
C GLU A 45 -0.10 -3.41 14.96
N VAL A 46 -0.25 -3.94 13.74
CA VAL A 46 -0.99 -3.28 12.65
C VAL A 46 -2.49 -3.48 12.87
N SER A 47 -2.90 -4.73 13.16
CA SER A 47 -4.32 -5.06 13.35
C SER A 47 -4.95 -4.26 14.48
N GLU A 48 -4.27 -4.06 15.62
CA GLU A 48 -4.84 -3.28 16.74
C GLU A 48 -5.09 -1.81 16.35
N GLN A 49 -4.33 -1.28 15.38
CA GLN A 49 -4.54 0.07 14.87
C GLN A 49 -5.74 0.16 13.91
N LEU A 50 -6.02 -0.88 13.11
CA LEU A 50 -7.23 -0.92 12.27
C LEU A 50 -8.50 -0.74 13.12
N ARG A 51 -8.48 -1.27 14.35
CA ARG A 51 -9.55 -1.16 15.33
C ARG A 51 -9.68 0.25 15.94
N GLU A 52 -8.59 0.96 16.15
CA GLU A 52 -8.64 2.37 16.56
C GLU A 52 -9.31 3.24 15.48
N LEU A 53 -8.96 3.01 14.21
CA LEU A 53 -9.57 3.74 13.09
C LEU A 53 -11.05 3.38 12.92
N ALA A 54 -11.39 2.08 12.99
CA ALA A 54 -12.77 1.61 12.99
C ALA A 54 -13.63 2.23 14.10
N LYS A 55 -13.13 2.30 15.34
CA LYS A 55 -13.81 2.95 16.48
C LYS A 55 -13.96 4.46 16.31
N ARG A 56 -12.98 5.14 15.68
CA ARG A 56 -13.07 6.59 15.35
C ARG A 56 -14.05 6.87 14.20
N LYS A 57 -14.16 5.96 13.23
CA LYS A 57 -15.06 6.08 12.06
C LYS A 57 -16.47 5.51 12.32
N GLY A 58 -16.66 4.76 13.40
CA GLY A 58 -17.96 4.18 13.80
C GLY A 58 -18.34 2.92 13.01
N THR A 59 -17.33 2.15 12.60
CA THR A 59 -17.43 1.02 11.65
C THR A 59 -16.59 -0.20 12.11
N SER A 60 -16.34 -1.15 11.20
CA SER A 60 -15.53 -2.36 11.40
C SER A 60 -14.11 -2.22 10.80
N PRO A 61 -13.09 -2.90 11.34
CA PRO A 61 -11.69 -2.81 10.88
C PRO A 61 -11.47 -3.25 9.43
N SER A 62 -12.31 -4.13 8.87
CA SER A 62 -12.28 -4.47 7.43
C SER A 62 -12.77 -3.33 6.54
N GLU A 63 -13.65 -2.48 7.06
CA GLU A 63 -14.29 -1.39 6.34
C GLU A 63 -13.39 -0.15 6.23
N VAL A 64 -12.54 0.07 7.25
CA VAL A 64 -11.44 1.06 7.26
C VAL A 64 -10.52 0.91 6.04
N ILE A 65 -10.30 -0.33 5.60
CA ILE A 65 -9.30 -0.69 4.59
C ILE A 65 -9.54 -0.03 3.23
N LYS A 66 -10.80 0.16 2.83
CA LYS A 66 -11.15 0.84 1.56
C LYS A 66 -10.60 2.27 1.52
N ASP A 67 -10.63 2.95 2.66
CA ASP A 67 -10.15 4.32 2.85
C ASP A 67 -8.62 4.39 2.90
N LEU A 68 -7.99 3.45 3.60
CA LEU A 68 -6.54 3.27 3.69
C LEU A 68 -5.92 2.96 2.33
N ALA A 69 -6.63 2.16 1.51
CA ALA A 69 -6.16 1.76 0.19
C ALA A 69 -6.22 2.91 -0.83
N GLU A 70 -7.20 3.79 -0.71
CA GLU A 70 -7.29 4.99 -1.55
C GLU A 70 -6.06 5.90 -1.35
N GLN A 71 -5.49 5.97 -0.15
CA GLN A 71 -4.36 6.88 0.13
C GLN A 71 -3.10 6.40 -0.61
N VAL A 72 -2.87 5.08 -0.56
CA VAL A 72 -1.76 4.43 -1.25
C VAL A 72 -1.95 4.45 -2.77
N TRP A 73 -3.16 4.21 -3.27
CA TRP A 73 -3.42 4.32 -4.72
C TRP A 73 -3.19 5.74 -5.25
N ARG A 74 -3.74 6.77 -4.57
CA ARG A 74 -3.39 8.18 -4.87
C ARG A 74 -1.88 8.42 -4.86
N ALA A 75 -1.11 7.80 -3.93
CA ALA A 75 0.34 7.94 -3.90
C ALA A 75 1.00 7.32 -5.15
N MET A 76 0.54 6.15 -5.60
CA MET A 76 1.02 5.49 -6.81
C MET A 76 0.72 6.30 -8.08
N GLU A 77 -0.53 6.74 -8.31
CA GLU A 77 -0.85 7.51 -9.52
C GLU A 77 -0.18 8.89 -9.54
N ARG A 78 -0.09 9.59 -8.40
CA ARG A 78 0.69 10.83 -8.29
C ARG A 78 2.17 10.63 -8.60
N ALA A 79 2.77 9.57 -8.07
CA ALA A 79 4.16 9.23 -8.35
C ALA A 79 4.39 8.88 -9.83
N ARG A 80 3.36 8.37 -10.52
CA ARG A 80 3.42 8.03 -11.95
C ARG A 80 3.27 9.29 -12.84
N GLU A 81 2.53 10.28 -12.35
CA GLU A 81 2.41 11.61 -12.99
C GLU A 81 3.64 12.50 -12.73
N GLY A 82 4.57 12.06 -11.87
CA GLY A 82 5.85 12.71 -11.58
C GLY A 82 5.84 13.54 -10.29
N ASP A 83 4.80 13.41 -9.47
CA ASP A 83 4.60 14.18 -8.25
C ASP A 83 5.02 13.38 -7.01
N LYS A 84 6.34 13.30 -6.82
CA LYS A 84 7.00 12.59 -5.72
C LYS A 84 6.70 13.24 -4.36
N ASP A 85 6.43 14.54 -4.35
CA ASP A 85 6.17 15.32 -3.14
C ASP A 85 4.74 15.10 -2.57
N THR A 86 3.70 15.11 -3.41
CA THR A 86 2.36 14.73 -2.94
C THR A 86 2.28 13.21 -2.72
N ALA A 87 2.94 12.39 -3.52
CA ALA A 87 3.01 10.94 -3.27
C ALA A 87 3.63 10.62 -1.89
N ARG A 88 4.72 11.30 -1.50
CA ARG A 88 5.30 11.21 -0.16
C ARG A 88 4.29 11.59 0.94
N GLU A 89 3.59 12.71 0.79
CA GLU A 89 2.62 13.18 1.80
C GLU A 89 1.39 12.26 1.90
N LEU A 90 0.98 11.66 0.79
CA LEU A 90 -0.09 10.66 0.74
C LEU A 90 0.29 9.35 1.45
N ILE A 91 1.54 8.91 1.38
CA ILE A 91 2.04 7.81 2.24
C ILE A 91 2.18 8.26 3.68
N ARG A 92 2.62 9.50 3.95
CA ARG A 92 2.89 9.95 5.32
C ARG A 92 1.65 9.81 6.20
N LYS A 93 0.43 10.00 5.66
CA LYS A 93 -0.82 9.73 6.37
C LYS A 93 -1.17 8.24 6.48
N PHE A 94 -0.83 7.45 5.47
CA PHE A 94 -1.07 6.00 5.45
C PHE A 94 -0.19 5.26 6.47
N ALA A 95 1.13 5.49 6.47
CA ALA A 95 2.01 4.92 7.47
C ALA A 95 1.68 5.42 8.89
N ASP A 96 1.26 6.68 9.02
CA ASP A 96 0.80 7.30 10.27
C ASP A 96 -0.50 6.65 10.80
N ASP A 97 -1.43 6.34 9.89
CA ASP A 97 -2.75 5.81 10.22
C ASP A 97 -2.64 4.41 10.83
N LEU A 98 -1.75 3.55 10.32
CA LEU A 98 -1.46 2.21 10.83
C LEU A 98 -0.34 2.19 11.89
N GLY A 99 0.30 3.34 12.14
CA GLY A 99 1.37 3.48 13.14
C GLY A 99 2.64 2.70 12.81
N ILE A 100 2.97 2.60 11.52
CA ILE A 100 4.10 1.81 10.98
C ILE A 100 5.26 2.70 10.51
N SER A 101 6.43 2.08 10.35
CA SER A 101 7.66 2.69 9.83
C SER A 101 7.64 2.80 8.30
N PRO A 102 8.40 3.73 7.67
CA PRO A 102 8.53 3.78 6.20
C PRO A 102 8.98 2.44 5.59
N GLU A 103 9.87 1.70 6.27
CA GLU A 103 10.35 0.39 5.83
C GLU A 103 9.26 -0.72 5.86
N GLN A 104 8.25 -0.62 6.73
CA GLN A 104 7.07 -1.51 6.67
C GLN A 104 6.27 -1.27 5.38
N VAL A 105 6.25 -0.04 4.86
CA VAL A 105 5.60 0.27 3.57
C VAL A 105 6.43 -0.30 2.41
N LYS A 106 7.76 -0.17 2.46
CA LYS A 106 8.68 -0.80 1.47
C LYS A 106 8.58 -2.33 1.45
N LYS A 107 8.16 -2.97 2.55
CA LYS A 107 7.79 -4.39 2.64
C LYS A 107 6.38 -4.68 2.08
N PHE A 108 5.41 -3.81 2.38
CA PHE A 108 4.01 -3.93 1.92
C PHE A 108 3.87 -3.93 0.40
N ILE A 109 4.54 -3.02 -0.31
CA ILE A 109 4.54 -3.02 -1.78
C ILE A 109 4.96 -4.40 -2.37
N LYS A 110 5.84 -5.14 -1.67
CA LYS A 110 6.27 -6.48 -2.05
C LYS A 110 5.14 -7.51 -1.96
N ILE A 111 4.18 -7.30 -1.07
CA ILE A 111 2.91 -8.06 -1.01
C ILE A 111 1.95 -7.60 -2.11
N MET A 112 1.89 -6.29 -2.39
CA MET A 112 1.03 -5.73 -3.45
C MET A 112 1.32 -6.34 -4.83
N ARG A 113 2.58 -6.58 -5.19
CA ARG A 113 2.89 -7.32 -6.43
C ARG A 113 2.58 -8.83 -6.35
N GLU A 114 2.66 -9.44 -5.18
CA GLU A 114 2.34 -10.86 -4.99
C GLU A 114 0.84 -11.15 -5.10
N VAL A 115 -0.03 -10.30 -4.56
CA VAL A 115 -1.49 -10.46 -4.74
C VAL A 115 -1.92 -10.25 -6.21
N GLN A 116 -1.21 -9.40 -6.95
CA GLN A 116 -1.43 -9.22 -8.40
C GLN A 116 -1.06 -10.51 -9.16
N ARG A 117 0.05 -11.16 -8.78
CA ARG A 117 0.45 -12.47 -9.34
C ARG A 117 -0.54 -13.57 -8.96
N LYS A 118 -1.14 -13.53 -7.76
CA LYS A 118 -2.01 -14.60 -7.23
C LYS A 118 -3.32 -14.72 -8.00
N GLU A 119 -3.85 -13.60 -8.49
CA GLU A 119 -5.08 -13.54 -9.30
C GLU A 119 -4.84 -13.99 -10.76
N ASP A 120 -3.65 -13.73 -11.31
CA ASP A 120 -3.24 -14.24 -12.62
C ASP A 120 -2.74 -15.71 -12.56
N GLY A 121 -2.24 -16.12 -11.39
CA GLY A 121 -1.60 -17.40 -11.09
C GLY A 121 -0.43 -17.74 -12.03
N SER A 122 0.75 -17.19 -11.76
CA SER A 122 1.99 -17.50 -12.50
C SER A 122 2.38 -19.00 -12.42
N LEU A 123 3.12 -19.47 -13.43
CA LEU A 123 3.42 -20.90 -13.63
C LEU A 123 4.18 -21.56 -12.46
N GLU A 124 3.93 -22.85 -12.26
CA GLU A 124 4.59 -23.67 -11.23
C GLU A 124 6.09 -23.83 -11.51
N HIS A 125 6.90 -23.72 -10.45
CA HIS A 125 8.37 -23.70 -10.50
C HIS A 125 8.96 -24.24 -9.18
N HIS A 126 10.22 -24.68 -9.20
CA HIS A 126 10.96 -25.04 -7.99
C HIS A 126 11.20 -23.79 -7.12
N HIS A 127 10.77 -23.85 -5.85
CA HIS A 127 10.76 -22.70 -4.94
C HIS A 127 11.20 -23.13 -3.53
N HIS A 128 12.26 -22.52 -3.01
CA HIS A 128 12.84 -22.83 -1.68
C HIS A 128 13.57 -21.61 -1.09
N HIS A 129 13.34 -21.35 0.19
CA HIS A 129 14.04 -20.33 1.00
C HIS A 129 14.26 -20.86 2.44
N HIS A 130 15.44 -20.61 3.00
CA HIS A 130 15.86 -21.03 4.35
C HIS A 130 16.84 -20.03 4.99
N GLY A 1 15.37 13.74 11.03
CA GLY A 1 14.20 13.99 10.17
C GLY A 1 13.95 12.81 9.24
N ASP A 2 12.70 12.33 9.15
CA ASP A 2 12.32 11.13 8.39
C ASP A 2 11.95 11.41 6.92
N GLU A 3 12.02 12.68 6.48
CA GLU A 3 11.64 13.14 5.14
C GLU A 3 12.45 12.45 4.03
N ARG A 4 13.74 12.18 4.31
CA ARG A 4 14.68 11.46 3.45
C ARG A 4 14.31 9.98 3.30
N LYS A 5 13.90 9.32 4.39
CA LYS A 5 13.40 7.93 4.39
C LYS A 5 12.11 7.81 3.57
N LEU A 6 11.28 8.85 3.62
CA LEU A 6 10.01 8.91 2.90
C LEU A 6 10.20 8.93 1.37
N GLU A 7 11.30 9.49 0.85
CA GLU A 7 11.60 9.43 -0.59
C GLU A 7 11.95 8.00 -1.05
N GLU A 8 12.53 7.16 -0.17
CA GLU A 8 12.88 5.78 -0.49
C GLU A 8 11.64 4.86 -0.58
N VAL A 9 10.67 5.02 0.35
CA VAL A 9 9.37 4.35 0.24
C VAL A 9 8.56 4.88 -0.96
N THR A 10 8.65 6.18 -1.25
CA THR A 10 8.02 6.77 -2.44
C THR A 10 8.62 6.23 -3.73
N GLU A 11 9.90 5.85 -3.76
CA GLU A 11 10.50 5.13 -4.88
C GLU A 11 9.82 3.76 -5.12
N GLU A 12 9.35 3.05 -4.09
CA GLU A 12 8.51 1.88 -4.33
C GLU A 12 7.18 2.24 -4.97
N MET A 13 6.58 3.40 -4.68
CA MET A 13 5.31 3.82 -5.33
C MET A 13 5.52 4.16 -6.81
N ARG A 14 6.69 4.72 -7.17
CA ARG A 14 7.12 4.90 -8.57
C ARG A 14 7.26 3.55 -9.27
N LYS A 15 8.04 2.63 -8.67
CA LYS A 15 8.32 1.29 -9.19
C LYS A 15 7.07 0.42 -9.32
N MET A 16 6.14 0.50 -8.38
CA MET A 16 4.95 -0.33 -8.39
C MET A 16 3.96 0.15 -9.44
N ALA A 17 3.73 1.47 -9.56
CA ALA A 17 2.81 2.02 -10.55
C ALA A 17 3.28 1.81 -12.00
N GLU A 18 4.60 1.84 -12.26
CA GLU A 18 5.16 1.48 -13.57
C GLU A 18 5.16 -0.04 -13.85
N ASN A 19 5.12 -0.89 -12.80
CA ASN A 19 4.93 -2.35 -12.93
C ASN A 19 3.45 -2.73 -13.16
N MET A 20 2.50 -2.09 -12.48
CA MET A 20 1.06 -2.38 -12.57
C MET A 20 0.34 -1.64 -13.72
N ASP A 21 1.10 -0.93 -14.56
CA ASP A 21 0.62 0.01 -15.58
C ASP A 21 -0.41 -0.60 -16.55
N GLY A 22 -1.47 0.16 -16.84
CA GLY A 22 -2.54 -0.19 -17.80
C GLY A 22 -3.72 -0.96 -17.20
N GLN A 23 -3.72 -1.25 -15.89
CA GLN A 23 -4.85 -1.86 -15.19
C GLN A 23 -5.91 -0.82 -14.79
N ASP A 24 -7.13 -1.28 -14.52
CA ASP A 24 -8.26 -0.43 -14.16
C ASP A 24 -8.11 0.11 -12.73
N PRO A 25 -8.27 1.43 -12.49
CA PRO A 25 -7.96 2.04 -11.19
C PRO A 25 -8.83 1.50 -10.05
N GLU A 26 -10.06 1.06 -10.34
CA GLU A 26 -10.98 0.49 -9.36
C GLU A 26 -10.52 -0.90 -8.86
N LYS A 27 -9.75 -1.61 -9.68
CA LYS A 27 -9.09 -2.88 -9.33
C LYS A 27 -7.89 -2.58 -8.45
N VAL A 28 -7.12 -1.54 -8.79
CA VAL A 28 -5.94 -1.09 -8.03
C VAL A 28 -6.30 -0.77 -6.59
N LYS A 29 -7.43 -0.08 -6.33
CA LYS A 29 -7.93 0.14 -4.97
C LYS A 29 -8.14 -1.17 -4.21
N GLU A 30 -8.73 -2.17 -4.85
CA GLU A 30 -8.99 -3.49 -4.24
C GLU A 30 -7.76 -4.39 -4.07
N ILE A 31 -6.76 -4.27 -4.95
CA ILE A 31 -5.45 -4.92 -4.81
C ILE A 31 -4.71 -4.31 -3.60
N VAL A 32 -4.69 -2.98 -3.47
CA VAL A 32 -4.11 -2.28 -2.31
C VAL A 32 -4.88 -2.62 -1.03
N ARG A 33 -6.22 -2.68 -1.08
CA ARG A 33 -7.08 -2.99 0.09
C ARG A 33 -6.66 -4.30 0.74
N ARG A 34 -6.50 -5.38 -0.01
CA ARG A 34 -6.06 -6.69 0.53
C ARG A 34 -4.55 -6.76 0.84
N ALA A 35 -3.74 -5.99 0.11
CA ALA A 35 -2.29 -5.88 0.36
C ALA A 35 -1.94 -5.13 1.66
N LEU A 36 -2.60 -4.00 1.96
CA LEU A 36 -2.37 -3.22 3.19
C LEU A 36 -2.92 -3.98 4.41
N GLN A 37 -4.02 -4.70 4.18
CA GLN A 37 -4.68 -5.60 5.12
C GLN A 37 -3.82 -6.78 5.53
N GLN A 38 -2.97 -7.30 4.64
CA GLN A 38 -2.11 -8.45 4.92
C GLN A 38 -1.11 -8.16 6.05
N MET A 39 -0.57 -6.95 6.13
CA MET A 39 0.26 -6.52 7.26
C MET A 39 -0.41 -6.69 8.63
N ALA A 40 -1.74 -6.52 8.74
CA ALA A 40 -2.50 -6.75 9.96
C ALA A 40 -2.79 -8.24 10.23
N ASN A 41 -2.93 -9.02 9.16
CA ASN A 41 -3.04 -10.47 9.26
C ASN A 41 -1.72 -11.11 9.72
N ASP A 42 -0.58 -10.51 9.34
CA ASP A 42 0.78 -10.92 9.70
C ASP A 42 1.25 -10.35 11.06
N ASN A 43 0.83 -9.13 11.44
CA ASN A 43 1.29 -8.43 12.65
C ASN A 43 0.13 -7.83 13.48
N PRO A 44 0.05 -8.10 14.79
CA PRO A 44 -1.03 -7.58 15.65
C PRO A 44 -0.94 -6.07 15.87
N GLU A 45 0.26 -5.48 15.80
CA GLU A 45 0.48 -4.03 16.00
C GLU A 45 -0.15 -3.14 14.93
N VAL A 46 -0.31 -3.66 13.71
CA VAL A 46 -1.04 -3.00 12.61
C VAL A 46 -2.54 -3.17 12.83
N SER A 47 -2.96 -4.42 13.09
CA SER A 47 -4.36 -4.81 13.31
C SER A 47 -5.02 -4.08 14.50
N GLU A 48 -4.29 -3.84 15.59
CA GLU A 48 -4.82 -3.06 16.72
C GLU A 48 -5.03 -1.59 16.34
N GLN A 49 -4.26 -1.06 15.39
CA GLN A 49 -4.49 0.30 14.87
C GLN A 49 -5.67 0.32 13.89
N LEU A 50 -5.85 -0.69 13.04
CA LEU A 50 -7.07 -0.85 12.23
C LEU A 50 -8.34 -0.80 13.10
N ARG A 51 -8.31 -1.48 14.26
CA ARG A 51 -9.38 -1.46 15.27
C ARG A 51 -9.59 -0.08 15.90
N GLU A 52 -8.55 0.70 16.18
CA GLU A 52 -8.69 2.07 16.69
C GLU A 52 -9.45 2.97 15.72
N LEU A 53 -9.13 2.91 14.42
CA LEU A 53 -9.81 3.72 13.40
C LEU A 53 -11.28 3.30 13.23
N ALA A 54 -11.53 1.98 13.14
CA ALA A 54 -12.87 1.44 13.01
C ALA A 54 -13.77 1.73 14.21
N LYS A 55 -13.25 1.63 15.45
CA LYS A 55 -13.99 1.98 16.68
C LYS A 55 -14.30 3.48 16.81
N ARG A 56 -13.47 4.37 16.23
CA ARG A 56 -13.71 5.82 16.17
C ARG A 56 -14.82 6.15 15.16
N LYS A 57 -14.86 5.40 14.04
CA LYS A 57 -15.87 5.53 12.96
C LYS A 57 -17.18 4.76 13.23
N GLY A 58 -17.20 3.84 14.18
CA GLY A 58 -18.36 3.01 14.53
C GLY A 58 -18.61 1.85 13.57
N THR A 59 -17.52 1.30 13.00
CA THR A 59 -17.53 0.26 11.95
C THR A 59 -16.56 -0.90 12.27
N SER A 60 -16.38 -1.84 11.34
CA SER A 60 -15.48 -2.99 11.42
C SER A 60 -14.05 -2.66 10.96
N PRO A 61 -13.00 -3.33 11.50
CA PRO A 61 -11.60 -3.11 11.11
C PRO A 61 -11.31 -3.44 9.64
N SER A 62 -12.12 -4.29 9.01
CA SER A 62 -12.10 -4.59 7.57
C SER A 62 -12.61 -3.45 6.68
N GLU A 63 -13.52 -2.63 7.21
CA GLU A 63 -14.23 -1.58 6.46
C GLU A 63 -13.40 -0.29 6.27
N VAL A 64 -12.59 0.11 7.25
CA VAL A 64 -11.69 1.27 7.13
C VAL A 64 -10.62 1.10 6.04
N ILE A 65 -10.29 -0.16 5.70
CA ILE A 65 -9.24 -0.54 4.74
C ILE A 65 -9.49 0.03 3.34
N LYS A 66 -10.76 0.14 2.92
CA LYS A 66 -11.14 0.75 1.64
C LYS A 66 -10.61 2.18 1.52
N ASP A 67 -10.67 2.95 2.61
CA ASP A 67 -10.19 4.34 2.66
C ASP A 67 -8.66 4.45 2.77
N LEU A 68 -8.03 3.55 3.53
CA LEU A 68 -6.57 3.39 3.64
C LEU A 68 -5.96 3.09 2.26
N ALA A 69 -6.66 2.29 1.46
CA ALA A 69 -6.20 1.90 0.14
C ALA A 69 -6.26 3.04 -0.89
N GLU A 70 -7.25 3.92 -0.77
CA GLU A 70 -7.37 5.11 -1.61
C GLU A 70 -6.13 6.01 -1.46
N GLN A 71 -5.56 6.11 -0.25
CA GLN A 71 -4.42 7.01 0.04
C GLN A 71 -3.15 6.53 -0.68
N VAL A 72 -2.90 5.22 -0.58
CA VAL A 72 -1.78 4.57 -1.25
C VAL A 72 -1.95 4.58 -2.77
N TRP A 73 -3.17 4.41 -3.28
CA TRP A 73 -3.40 4.49 -4.72
C TRP A 73 -3.13 5.89 -5.26
N ARG A 74 -3.62 6.95 -4.58
CA ARG A 74 -3.23 8.34 -4.91
C ARG A 74 -1.70 8.51 -4.89
N ALA A 75 -0.98 7.92 -3.93
CA ALA A 75 0.49 8.00 -3.91
C ALA A 75 1.13 7.32 -5.13
N MET A 76 0.62 6.16 -5.55
CA MET A 76 1.07 5.47 -6.76
C MET A 76 0.80 6.28 -8.04
N GLU A 77 -0.43 6.74 -8.29
CA GLU A 77 -0.73 7.49 -9.52
C GLU A 77 -0.04 8.87 -9.57
N ARG A 78 0.14 9.53 -8.42
CA ARG A 78 0.98 10.73 -8.33
C ARG A 78 2.43 10.49 -8.72
N ALA A 79 3.04 9.46 -8.16
CA ALA A 79 4.40 9.05 -8.47
C ALA A 79 4.56 8.61 -9.93
N ARG A 80 3.46 8.18 -10.57
CA ARG A 80 3.42 7.69 -11.95
C ARG A 80 3.25 8.82 -12.96
N GLU A 81 2.61 9.91 -12.55
CA GLU A 81 2.57 11.17 -13.31
C GLU A 81 3.85 12.02 -13.09
N GLY A 82 4.70 11.63 -12.13
CA GLY A 82 6.00 12.23 -11.85
C GLY A 82 6.02 13.17 -10.63
N ASP A 83 4.97 13.16 -9.81
CA ASP A 83 4.79 14.02 -8.65
C ASP A 83 5.19 13.28 -7.36
N LYS A 84 6.51 13.08 -7.23
CA LYS A 84 7.15 12.38 -6.11
C LYS A 84 6.87 13.07 -4.77
N ASP A 85 6.74 14.39 -4.75
CA ASP A 85 6.50 15.15 -3.53
C ASP A 85 5.05 15.08 -3.02
N THR A 86 4.03 15.06 -3.89
CA THR A 86 2.66 14.76 -3.44
C THR A 86 2.54 13.29 -3.05
N ALA A 87 3.21 12.38 -3.76
CA ALA A 87 3.25 10.96 -3.41
C ALA A 87 3.87 10.74 -2.01
N ARG A 88 4.97 11.42 -1.70
CA ARG A 88 5.59 11.46 -0.36
C ARG A 88 4.60 11.96 0.70
N GLU A 89 3.89 13.07 0.43
CA GLU A 89 2.91 13.61 1.39
C GLU A 89 1.72 12.66 1.61
N LEU A 90 1.31 11.94 0.57
CA LEU A 90 0.20 10.99 0.59
C LEU A 90 0.51 9.70 1.36
N ILE A 91 1.73 9.17 1.29
CA ILE A 91 2.16 8.05 2.14
C ILE A 91 2.26 8.49 3.59
N ARG A 92 2.69 9.74 3.87
CA ARG A 92 2.86 10.21 5.24
C ARG A 92 1.59 9.99 6.07
N LYS A 93 0.39 10.15 5.46
CA LYS A 93 -0.88 9.91 6.15
C LYS A 93 -1.22 8.42 6.29
N PHE A 94 -0.86 7.61 5.31
CA PHE A 94 -1.10 6.15 5.33
C PHE A 94 -0.23 5.46 6.38
N ALA A 95 1.09 5.72 6.37
CA ALA A 95 2.00 5.22 7.38
C ALA A 95 1.63 5.72 8.79
N ASP A 96 1.17 6.98 8.91
CA ASP A 96 0.69 7.60 10.15
C ASP A 96 -0.58 6.93 10.71
N ASP A 97 -1.57 6.68 9.85
CA ASP A 97 -2.86 6.13 10.23
C ASP A 97 -2.74 4.74 10.88
N LEU A 98 -1.83 3.90 10.38
CA LEU A 98 -1.55 2.54 10.86
C LEU A 98 -0.37 2.51 11.86
N GLY A 99 0.30 3.65 12.08
CA GLY A 99 1.41 3.79 13.03
C GLY A 99 2.66 2.97 12.65
N ILE A 100 2.91 2.82 11.35
CA ILE A 100 3.98 2.01 10.76
C ILE A 100 5.14 2.85 10.22
N SER A 101 6.30 2.21 10.03
CA SER A 101 7.54 2.86 9.55
C SER A 101 7.65 2.80 8.02
N PRO A 102 8.34 3.73 7.34
CA PRO A 102 8.47 3.70 5.87
C PRO A 102 9.13 2.41 5.35
N GLU A 103 10.09 1.82 6.07
CA GLU A 103 10.66 0.51 5.75
C GLU A 103 9.67 -0.67 5.91
N GLN A 104 8.62 -0.52 6.72
CA GLN A 104 7.51 -1.48 6.80
C GLN A 104 6.57 -1.32 5.59
N VAL A 105 6.36 -0.10 5.09
CA VAL A 105 5.65 0.15 3.82
C VAL A 105 6.41 -0.41 2.61
N LYS A 106 7.75 -0.36 2.61
CA LYS A 106 8.61 -1.06 1.61
C LYS A 106 8.37 -2.58 1.58
N LYS A 107 7.88 -3.19 2.67
CA LYS A 107 7.43 -4.60 2.72
C LYS A 107 6.01 -4.78 2.20
N PHE A 108 5.09 -3.85 2.49
CA PHE A 108 3.72 -3.87 1.98
C PHE A 108 3.62 -3.89 0.45
N ILE A 109 4.34 -2.98 -0.23
CA ILE A 109 4.37 -2.93 -1.70
C ILE A 109 4.73 -4.29 -2.32
N LYS A 110 5.58 -5.07 -1.64
CA LYS A 110 6.01 -6.42 -2.05
C LYS A 110 4.86 -7.44 -2.05
N ILE A 111 3.86 -7.27 -1.20
CA ILE A 111 2.60 -8.05 -1.24
C ILE A 111 1.69 -7.51 -2.35
N MET A 112 1.62 -6.19 -2.52
CA MET A 112 0.75 -5.51 -3.49
C MET A 112 1.07 -5.91 -4.94
N ARG A 113 2.34 -6.10 -5.31
CA ARG A 113 2.67 -6.69 -6.63
C ARG A 113 2.33 -8.18 -6.75
N GLU A 114 2.39 -8.94 -5.66
CA GLU A 114 2.24 -10.40 -5.68
C GLU A 114 0.78 -10.88 -5.62
N VAL A 115 -0.12 -10.17 -4.94
CA VAL A 115 -1.55 -10.56 -4.90
C VAL A 115 -2.26 -10.38 -6.26
N GLN A 116 -1.74 -9.49 -7.12
CA GLN A 116 -2.24 -9.29 -8.50
C GLN A 116 -2.22 -10.59 -9.32
N ARG A 117 -1.09 -11.33 -9.29
CA ARG A 117 -0.95 -12.61 -9.99
C ARG A 117 -1.70 -13.76 -9.33
N LYS A 118 -2.08 -13.62 -8.05
CA LYS A 118 -2.93 -14.57 -7.32
C LYS A 118 -4.41 -14.46 -7.72
N GLU A 119 -4.93 -13.24 -7.88
CA GLU A 119 -6.30 -13.00 -8.36
C GLU A 119 -6.53 -13.51 -9.79
N ASP A 120 -5.50 -13.48 -10.64
CA ASP A 120 -5.52 -13.99 -12.02
C ASP A 120 -4.83 -15.37 -12.20
N GLY A 121 -4.48 -16.05 -11.10
CA GLY A 121 -3.65 -17.26 -11.15
C GLY A 121 -3.55 -18.01 -9.81
N SER A 122 -2.52 -17.66 -9.03
CA SER A 122 -2.07 -18.35 -7.79
C SER A 122 -1.58 -19.79 -8.01
N LEU A 123 -1.12 -20.42 -6.92
CA LEU A 123 -0.68 -21.81 -6.81
C LEU A 123 -1.14 -22.40 -5.47
N GLU A 124 -1.44 -23.71 -5.45
CA GLU A 124 -2.06 -24.40 -4.32
C GLU A 124 -1.32 -25.71 -3.95
N HIS A 125 -1.22 -25.99 -2.65
CA HIS A 125 -0.58 -27.20 -2.11
C HIS A 125 -1.56 -28.40 -2.02
N HIS A 126 -1.02 -29.61 -1.89
CA HIS A 126 -1.79 -30.85 -1.67
C HIS A 126 -2.25 -30.96 -0.19
N HIS A 127 -3.01 -29.96 0.27
CA HIS A 127 -3.49 -29.80 1.65
C HIS A 127 -5.01 -29.59 1.64
N HIS A 128 -5.71 -30.22 2.58
CA HIS A 128 -7.18 -30.34 2.60
C HIS A 128 -7.82 -29.98 3.95
N HIS A 129 -7.25 -28.97 4.62
CA HIS A 129 -7.72 -28.47 5.93
C HIS A 129 -9.03 -27.64 5.84
N HIS A 130 -9.48 -27.30 4.62
CA HIS A 130 -10.64 -26.46 4.30
C HIS A 130 -11.43 -26.99 3.09
N GLY A 1 14.86 15.72 11.14
CA GLY A 1 14.18 15.73 9.83
C GLY A 1 13.96 14.33 9.30
N ASP A 2 12.74 14.01 8.85
CA ASP A 2 12.36 12.65 8.40
C ASP A 2 11.88 12.58 6.93
N GLU A 3 11.95 13.69 6.19
CA GLU A 3 11.47 13.81 4.80
C GLU A 3 12.20 12.85 3.84
N ARG A 4 13.50 12.62 4.08
CA ARG A 4 14.33 11.69 3.32
C ARG A 4 13.93 10.23 3.50
N LYS A 5 13.54 9.82 4.71
CA LYS A 5 13.03 8.46 4.97
C LYS A 5 11.72 8.20 4.23
N LEU A 6 10.89 9.23 4.06
CA LEU A 6 9.69 9.17 3.22
C LEU A 6 10.03 9.08 1.73
N GLU A 7 11.09 9.74 1.28
CA GLU A 7 11.55 9.66 -0.12
C GLU A 7 12.06 8.25 -0.46
N GLU A 8 12.67 7.54 0.50
CA GLU A 8 13.07 6.13 0.33
C GLU A 8 11.87 5.18 0.13
N VAL A 9 10.77 5.33 0.88
CA VAL A 9 9.55 4.52 0.67
C VAL A 9 8.79 4.92 -0.59
N THR A 10 8.76 6.22 -0.93
CA THR A 10 8.06 6.74 -2.11
C THR A 10 8.64 6.20 -3.41
N GLU A 11 9.92 5.81 -3.44
CA GLU A 11 10.50 5.08 -4.56
C GLU A 11 9.74 3.79 -4.91
N GLU A 12 9.21 3.04 -3.93
CA GLU A 12 8.42 1.85 -4.23
C GLU A 12 7.12 2.19 -4.96
N MET A 13 6.49 3.33 -4.66
CA MET A 13 5.24 3.74 -5.33
C MET A 13 5.49 4.09 -6.81
N ARG A 14 6.66 4.66 -7.14
CA ARG A 14 7.11 4.90 -8.52
C ARG A 14 7.31 3.56 -9.26
N LYS A 15 8.06 2.64 -8.62
CA LYS A 15 8.39 1.31 -9.17
C LYS A 15 7.17 0.41 -9.33
N MET A 16 6.20 0.46 -8.41
CA MET A 16 4.94 -0.28 -8.50
C MET A 16 4.02 0.31 -9.56
N ALA A 17 3.83 1.63 -9.59
CA ALA A 17 2.89 2.27 -10.52
C ALA A 17 3.28 2.08 -12.00
N GLU A 18 4.59 2.08 -12.33
CA GLU A 18 5.04 1.75 -13.69
C GLU A 18 4.92 0.25 -14.03
N ASN A 19 4.96 -0.63 -13.01
CA ASN A 19 4.70 -2.07 -13.18
C ASN A 19 3.22 -2.39 -13.40
N MET A 20 2.30 -1.62 -12.78
CA MET A 20 0.85 -1.79 -12.93
C MET A 20 0.17 -0.87 -13.98
N ASP A 21 0.96 -0.16 -14.80
CA ASP A 21 0.41 0.70 -15.84
C ASP A 21 -0.45 -0.08 -16.85
N GLY A 22 -1.66 0.43 -17.12
CA GLY A 22 -2.66 -0.20 -17.99
C GLY A 22 -3.73 -1.05 -17.28
N GLN A 23 -3.67 -1.18 -15.95
CA GLN A 23 -4.76 -1.77 -15.14
C GLN A 23 -5.96 -0.81 -15.02
N ASP A 24 -7.12 -1.34 -14.63
CA ASP A 24 -8.28 -0.51 -14.29
C ASP A 24 -8.07 0.14 -12.91
N PRO A 25 -8.19 1.47 -12.78
CA PRO A 25 -7.80 2.20 -11.57
C PRO A 25 -8.66 1.84 -10.35
N GLU A 26 -9.89 1.40 -10.57
CA GLU A 26 -10.82 0.97 -9.51
C GLU A 26 -10.42 -0.38 -8.91
N LYS A 27 -9.73 -1.23 -9.68
CA LYS A 27 -9.23 -2.55 -9.24
C LYS A 27 -8.00 -2.43 -8.38
N VAL A 28 -7.16 -1.44 -8.65
CA VAL A 28 -5.99 -1.12 -7.81
C VAL A 28 -6.42 -0.92 -6.36
N LYS A 29 -7.54 -0.21 -6.13
CA LYS A 29 -8.12 -0.04 -4.79
C LYS A 29 -8.41 -1.39 -4.10
N GLU A 30 -8.99 -2.36 -4.82
CA GLU A 30 -9.31 -3.70 -4.30
C GLU A 30 -8.07 -4.54 -4.00
N ILE A 31 -7.04 -4.44 -4.86
CA ILE A 31 -5.76 -5.14 -4.70
C ILE A 31 -5.00 -4.56 -3.49
N VAL A 32 -4.92 -3.23 -3.38
CA VAL A 32 -4.30 -2.52 -2.26
C VAL A 32 -5.07 -2.80 -0.97
N ARG A 33 -6.42 -2.87 -1.00
CA ARG A 33 -7.24 -3.18 0.17
C ARG A 33 -6.75 -4.46 0.85
N ARG A 34 -6.61 -5.57 0.11
CA ARG A 34 -6.19 -6.86 0.67
C ARG A 34 -4.68 -6.93 0.96
N ALA A 35 -3.88 -6.18 0.21
CA ALA A 35 -2.43 -6.05 0.44
C ALA A 35 -2.10 -5.27 1.72
N LEU A 36 -2.78 -4.15 1.99
CA LEU A 36 -2.57 -3.36 3.22
C LEU A 36 -3.15 -4.08 4.45
N GLN A 37 -4.25 -4.80 4.24
CA GLN A 37 -4.90 -5.68 5.20
C GLN A 37 -4.01 -6.87 5.60
N GLN A 38 -3.20 -7.38 4.68
CA GLN A 38 -2.32 -8.52 4.93
C GLN A 38 -1.28 -8.19 6.02
N MET A 39 -0.80 -6.95 6.08
CA MET A 39 0.07 -6.44 7.13
C MET A 39 -0.50 -6.64 8.53
N ALA A 40 -1.83 -6.54 8.71
CA ALA A 40 -2.52 -6.84 9.96
C ALA A 40 -2.70 -8.34 10.22
N ASN A 41 -2.82 -9.11 9.15
CA ASN A 41 -2.84 -10.58 9.24
C ASN A 41 -1.44 -11.15 9.62
N ASP A 42 -0.35 -10.50 9.20
CA ASP A 42 1.03 -10.83 9.57
C ASP A 42 1.45 -10.27 10.94
N ASN A 43 1.10 -9.01 11.24
CA ASN A 43 1.61 -8.26 12.40
C ASN A 43 0.47 -7.73 13.28
N PRO A 44 0.45 -8.02 14.60
CA PRO A 44 -0.61 -7.57 15.50
C PRO A 44 -0.61 -6.03 15.69
N GLU A 45 0.55 -5.39 15.57
CA GLU A 45 0.76 -3.94 15.73
C GLU A 45 0.00 -3.10 14.69
N VAL A 46 -0.24 -3.65 13.49
CA VAL A 46 -1.08 -3.03 12.46
C VAL A 46 -2.54 -3.27 12.80
N SER A 47 -2.91 -4.53 13.10
CA SER A 47 -4.29 -4.93 13.40
C SER A 47 -4.90 -4.19 14.59
N GLU A 48 -4.11 -3.88 15.62
CA GLU A 48 -4.61 -3.10 16.76
C GLU A 48 -4.86 -1.63 16.38
N GLN A 49 -4.13 -1.09 15.39
CA GLN A 49 -4.37 0.26 14.89
C GLN A 49 -5.58 0.33 13.94
N LEU A 50 -5.78 -0.68 13.07
CA LEU A 50 -7.01 -0.80 12.27
C LEU A 50 -8.28 -0.73 13.15
N ARG A 51 -8.25 -1.35 14.33
CA ARG A 51 -9.32 -1.29 15.34
C ARG A 51 -9.52 0.12 15.92
N GLU A 52 -8.46 0.89 16.18
CA GLU A 52 -8.61 2.29 16.64
C GLU A 52 -9.33 3.15 15.61
N LEU A 53 -8.99 3.03 14.32
CA LEU A 53 -9.64 3.79 13.25
C LEU A 53 -11.12 3.40 13.11
N ALA A 54 -11.42 2.11 13.08
CA ALA A 54 -12.79 1.60 13.01
C ALA A 54 -13.65 2.00 14.21
N LYS A 55 -13.12 1.95 15.44
CA LYS A 55 -13.82 2.39 16.65
C LYS A 55 -14.11 3.90 16.66
N ARG A 56 -13.19 4.73 16.15
CA ARG A 56 -13.40 6.19 15.99
C ARG A 56 -14.47 6.52 14.95
N LYS A 57 -14.55 5.72 13.87
CA LYS A 57 -15.51 5.87 12.76
C LYS A 57 -16.86 5.16 12.99
N GLY A 58 -16.95 4.28 13.99
CA GLY A 58 -18.17 3.53 14.34
C GLY A 58 -18.45 2.34 13.41
N THR A 59 -17.39 1.73 12.87
CA THR A 59 -17.42 0.67 11.85
C THR A 59 -16.51 -0.52 12.21
N SER A 60 -16.20 -1.39 11.25
CA SER A 60 -15.34 -2.58 11.39
C SER A 60 -13.88 -2.33 10.94
N PRO A 61 -12.90 -3.02 11.54
CA PRO A 61 -11.48 -2.95 11.14
C PRO A 61 -11.24 -3.41 9.69
N SER A 62 -12.11 -4.26 9.12
CA SER A 62 -12.08 -4.64 7.69
C SER A 62 -12.63 -3.57 6.75
N GLU A 63 -13.43 -2.64 7.26
CA GLU A 63 -14.23 -1.68 6.51
C GLU A 63 -13.51 -0.34 6.29
N VAL A 64 -12.70 0.13 7.26
CA VAL A 64 -11.81 1.29 7.10
C VAL A 64 -10.77 1.12 5.99
N ILE A 65 -10.44 -0.13 5.64
CA ILE A 65 -9.40 -0.52 4.68
C ILE A 65 -9.63 0.07 3.28
N LYS A 66 -10.90 0.22 2.86
CA LYS A 66 -11.27 0.88 1.59
C LYS A 66 -10.64 2.28 1.48
N ASP A 67 -10.65 3.05 2.57
CA ASP A 67 -10.10 4.40 2.64
C ASP A 67 -8.58 4.43 2.70
N LEU A 68 -7.98 3.52 3.48
CA LEU A 68 -6.53 3.30 3.59
C LEU A 68 -5.94 2.96 2.21
N ALA A 69 -6.68 2.18 1.41
CA ALA A 69 -6.25 1.76 0.08
C ALA A 69 -6.24 2.89 -0.95
N GLU A 70 -7.20 3.81 -0.86
CA GLU A 70 -7.24 4.99 -1.73
C GLU A 70 -6.03 5.91 -1.50
N GLN A 71 -5.47 5.97 -0.27
CA GLN A 71 -4.31 6.83 0.02
C GLN A 71 -3.06 6.31 -0.72
N VAL A 72 -2.88 4.99 -0.66
CA VAL A 72 -1.77 4.29 -1.33
C VAL A 72 -1.93 4.33 -2.84
N TRP A 73 -3.13 4.06 -3.39
CA TRP A 73 -3.37 4.15 -4.82
C TRP A 73 -3.11 5.56 -5.35
N ARG A 74 -3.63 6.60 -4.68
CA ARG A 74 -3.28 8.00 -5.00
C ARG A 74 -1.77 8.27 -4.93
N ALA A 75 -1.02 7.65 -4.01
CA ALA A 75 0.44 7.78 -3.99
C ALA A 75 1.10 7.13 -5.23
N MET A 76 0.59 6.00 -5.72
CA MET A 76 1.06 5.36 -6.95
C MET A 76 0.76 6.19 -8.21
N GLU A 77 -0.49 6.63 -8.43
CA GLU A 77 -0.82 7.42 -9.64
C GLU A 77 -0.13 8.79 -9.65
N ARG A 78 0.05 9.43 -8.50
CA ARG A 78 0.89 10.62 -8.37
C ARG A 78 2.33 10.37 -8.80
N ALA A 79 2.93 9.29 -8.32
CA ALA A 79 4.27 8.87 -8.70
C ALA A 79 4.37 8.46 -10.17
N ARG A 80 3.25 8.08 -10.80
CA ARG A 80 3.22 7.71 -12.24
C ARG A 80 3.09 8.92 -13.14
N GLU A 81 2.46 9.99 -12.63
CA GLU A 81 2.42 11.30 -13.30
C GLU A 81 3.70 12.14 -13.03
N GLY A 82 4.58 11.68 -12.13
CA GLY A 82 5.89 12.26 -11.83
C GLY A 82 5.89 13.17 -10.59
N ASP A 83 4.83 13.10 -9.78
CA ASP A 83 4.63 13.94 -8.61
C ASP A 83 5.04 13.20 -7.33
N LYS A 84 6.36 13.03 -7.17
CA LYS A 84 7.00 12.30 -6.07
C LYS A 84 6.71 12.98 -4.72
N ASP A 85 6.57 14.30 -4.72
CA ASP A 85 6.34 15.08 -3.51
C ASP A 85 4.90 14.97 -2.99
N THR A 86 3.88 14.92 -3.85
CA THR A 86 2.52 14.59 -3.39
C THR A 86 2.40 13.10 -3.06
N ALA A 87 3.11 12.22 -3.76
CA ALA A 87 3.19 10.80 -3.41
C ALA A 87 3.79 10.60 -2.00
N ARG A 88 4.85 11.35 -1.63
CA ARG A 88 5.39 11.40 -0.25
C ARG A 88 4.32 11.80 0.76
N GLU A 89 3.61 12.89 0.50
CA GLU A 89 2.54 13.40 1.38
C GLU A 89 1.37 12.39 1.50
N LEU A 90 1.08 11.63 0.44
CA LEU A 90 0.03 10.63 0.42
C LEU A 90 0.39 9.33 1.17
N ILE A 91 1.65 8.88 1.13
CA ILE A 91 2.11 7.78 2.01
C ILE A 91 2.21 8.25 3.44
N ARG A 92 2.69 9.47 3.73
CA ARG A 92 2.96 9.86 5.11
C ARG A 92 1.70 9.78 5.96
N LYS A 93 0.52 10.04 5.38
CA LYS A 93 -0.77 9.88 6.07
C LYS A 93 -1.14 8.40 6.30
N PHE A 94 -0.83 7.53 5.34
CA PHE A 94 -1.08 6.09 5.38
C PHE A 94 -0.19 5.38 6.40
N ALA A 95 1.13 5.61 6.32
CA ALA A 95 2.08 5.12 7.32
C ALA A 95 1.75 5.65 8.73
N ASP A 96 1.26 6.90 8.84
CA ASP A 96 0.86 7.50 10.11
C ASP A 96 -0.42 6.89 10.69
N ASP A 97 -1.43 6.65 9.83
CA ASP A 97 -2.72 6.09 10.24
C ASP A 97 -2.59 4.72 10.89
N LEU A 98 -1.70 3.86 10.38
CA LEU A 98 -1.43 2.51 10.89
C LEU A 98 -0.24 2.50 11.88
N GLY A 99 0.42 3.65 12.08
CA GLY A 99 1.50 3.82 13.06
C GLY A 99 2.77 3.03 12.72
N ILE A 100 3.06 2.85 11.43
CA ILE A 100 4.11 1.99 10.87
C ILE A 100 5.31 2.77 10.33
N SER A 101 6.43 2.08 10.14
CA SER A 101 7.67 2.60 9.55
C SER A 101 7.62 2.60 8.01
N PRO A 102 8.42 3.45 7.32
CA PRO A 102 8.60 3.35 5.86
C PRO A 102 9.15 1.98 5.43
N GLU A 103 9.89 1.29 6.29
CA GLU A 103 10.40 -0.08 6.04
C GLU A 103 9.26 -1.12 6.04
N GLN A 104 8.24 -0.96 6.89
CA GLN A 104 7.02 -1.79 6.86
C GLN A 104 6.23 -1.59 5.56
N VAL A 105 6.21 -0.37 5.02
CA VAL A 105 5.57 -0.04 3.73
C VAL A 105 6.36 -0.62 2.55
N LYS A 106 7.70 -0.56 2.57
CA LYS A 106 8.58 -1.28 1.62
C LYS A 106 8.35 -2.80 1.61
N LYS A 107 7.87 -3.36 2.74
CA LYS A 107 7.42 -4.76 2.89
C LYS A 107 6.03 -4.97 2.27
N PHE A 108 5.12 -4.03 2.47
CA PHE A 108 3.74 -4.09 1.96
C PHE A 108 3.65 -4.06 0.44
N ILE A 109 4.36 -3.16 -0.23
CA ILE A 109 4.39 -3.12 -1.70
C ILE A 109 4.80 -4.49 -2.31
N LYS A 110 5.66 -5.25 -1.61
CA LYS A 110 6.08 -6.60 -2.04
C LYS A 110 4.91 -7.60 -2.00
N ILE A 111 3.93 -7.40 -1.11
CA ILE A 111 2.67 -8.15 -1.09
C ILE A 111 1.74 -7.62 -2.19
N MET A 112 1.66 -6.30 -2.39
CA MET A 112 0.81 -5.70 -3.43
C MET A 112 1.14 -6.22 -4.84
N ARG A 113 2.42 -6.40 -5.19
CA ARG A 113 2.78 -7.04 -6.48
C ARG A 113 2.54 -8.56 -6.52
N GLU A 114 2.49 -9.23 -5.37
CA GLU A 114 2.12 -10.64 -5.29
C GLU A 114 0.61 -10.85 -5.51
N VAL A 115 -0.25 -10.05 -4.90
CA VAL A 115 -1.72 -10.17 -5.10
C VAL A 115 -2.08 -10.07 -6.59
N GLN A 116 -1.41 -9.18 -7.32
CA GLN A 116 -1.57 -8.99 -8.77
C GLN A 116 -1.31 -10.27 -9.58
N ARG A 117 -0.45 -11.19 -9.12
CA ARG A 117 -0.28 -12.52 -9.73
C ARG A 117 -1.20 -13.59 -9.13
N LYS A 118 -1.60 -13.43 -7.86
CA LYS A 118 -2.55 -14.29 -7.15
C LYS A 118 -3.95 -14.28 -7.77
N GLU A 119 -4.38 -13.15 -8.32
CA GLU A 119 -5.66 -13.03 -9.05
C GLU A 119 -5.70 -13.85 -10.36
N ASP A 120 -4.53 -14.04 -11.00
CA ASP A 120 -4.36 -14.94 -12.16
C ASP A 120 -3.90 -16.36 -11.75
N GLY A 121 -3.40 -16.51 -10.51
CA GLY A 121 -2.77 -17.73 -9.99
C GLY A 121 -1.45 -18.11 -10.67
N SER A 122 -0.70 -17.13 -11.18
CA SER A 122 0.55 -17.36 -11.91
C SER A 122 1.70 -17.76 -10.97
N LEU A 123 2.50 -18.75 -11.36
CA LEU A 123 3.66 -19.24 -10.61
C LEU A 123 4.97 -18.78 -11.26
N GLU A 124 5.74 -17.97 -10.53
CA GLU A 124 7.00 -17.36 -10.99
C GLU A 124 8.15 -17.54 -9.98
N HIS A 125 7.86 -17.46 -8.69
CA HIS A 125 8.83 -17.62 -7.59
C HIS A 125 8.15 -18.19 -6.33
N HIS A 126 8.85 -19.06 -5.60
CA HIS A 126 8.36 -19.74 -4.40
C HIS A 126 9.52 -20.30 -3.53
N HIS A 127 9.20 -20.78 -2.32
CA HIS A 127 10.13 -21.38 -1.34
C HIS A 127 11.30 -20.47 -0.89
N HIS A 128 11.16 -19.14 -1.01
CA HIS A 128 12.21 -18.16 -0.70
C HIS A 128 12.28 -17.79 0.80
N HIS A 129 12.36 -18.82 1.65
CA HIS A 129 12.32 -18.73 3.13
C HIS A 129 11.04 -18.06 3.69
N HIS A 130 10.97 -17.92 5.03
CA HIS A 130 9.88 -17.24 5.76
C HIS A 130 9.97 -15.71 5.62
#